data_7MJK
#
_entry.id   7MJK
#
_cell.length_a   1.00
_cell.length_b   1.00
_cell.length_c   1.00
_cell.angle_alpha   90.00
_cell.angle_beta   90.00
_cell.angle_gamma   90.00
#
_symmetry.space_group_name_H-M   'P 1'
#
loop_
_entity.id
_entity.type
_entity.pdbx_description
1 polymer 'Spike glycoprotein'
2 polymer 'Fab ab1 Heavy Chain'
3 polymer 'Fab ab1 Light Chain'
4 branched 2-acetamido-2-deoxy-beta-D-glucopyranose-(1-4)-2-acetamido-2-deoxy-beta-D-glucopyranose
5 non-polymer 2-acetamido-2-deoxy-beta-D-glucopyranose
#
loop_
_entity_poly.entity_id
_entity_poly.type
_entity_poly.pdbx_seq_one_letter_code
_entity_poly.pdbx_strand_id
1 'polypeptide(L)'
;MFVFLVLLPLVSSQCVNLTTRTQLPPAYTNSFTRGVYYPDKVFRSSVLHSTQDLFLPFFSNVTWFHAIHVSGTNGTKRFD
NPVLPFNDGVYFASTEKSNIIRGWIFGTTLDSKTQSLLIVNNATNVVIKVCEFQFCNDPFLGVYYHKNNKSWMESEFRVY
SSANNCTFEYVSQPFLMDLEGKQGNFKNLREFVFKNIDGYFKIYSKHTPINLVRDLPQGFSALEPLVDLPIGINITRFQT
LLALHRSYLTPGDSSSGWTAGAAAYYVGYLQPRTFLLKYNENGTITDAVDCALDPLSETKCTLKSFTVEKGIYQTSNFRV
QPTESIVRFPNITNLCPFGEVFNATRFASVYAWNRKRISNCVADYSVLYNSASFSTFKCYGVSPTKLNDLCFTNVYADSF
VIRGDEVRQIAPGQTGKIADYNYKLPDDFTGCVIAWNSNNLDSKVGGNYNYLYRLFRKSNLKPFERDISTEIYQAGSTPC
NGVEGFNCYFPLQSYGFQPTYGVGYQPYRVVVLSFELLHAPATVCGPKKSTNLVKNKCVNFNFNGLTGTGVLTESNKKFL
PFQQFGRDIADTTDAVRDPQTLEILDITPCSFGGVSVITPGTNTSNQVAVLYQDVNCTEVPVAIHADQLTPTWRVYSTGS
NVFQTRAGCLIGAEHVNNSYECDIPIGAGICASYQTQTNSPGSASSVASQSIIAYTMSLGAENSVAYSNNSIAIPTNFTI
SVTTEILPVSMTKTSVDCTMYICGDSTECSNLLLQYGSFCTQLNRALTGIAVEQDKNTQEVFAQVKQIYKTPPIKDFGGF
NFSQILPDPSKPSKRSPIEDLLFNKVTLADAGFIKQYGDCLGDIAARDLICAQKFNGLTVLPPLLTDEMIAQYTSALLAG
TITSGWTFGAGPALQIPFPMQMAYRFNGIGVTQNVLYENQKLIANQFNSAIGKIQDSLSSTPSALGKLQDVVNQNAQALN
TLVKQLSSNFGAISSVLNDILSRLDPPEAEVQIDRLITGRLQSLQTYVTQQLIRAAEIRASANLAATKMSECVLGQSKRV
DFCGKGYHLMSFPQSAPHGVVFLHVTYVPAQEKNFTTAPAICHDGKAHFPREGVFVSNGTHWFVTQRNFYEPQIITTDNT
FVSGNCDVVIGIVNNTVYDPLQPELDSFKEELDKYFKNHTSPDVDLGDISGINASVVNIQKEIDRLNEVAKNLNESLIDL
QELGKYEQGSGYIPEAPRDGQAYVRKDGEWVLLSTFLGRSLEVLFQGPGHHHHHHHHSAWSHPQFEKGGGSGGGGSGGSA
WSHPQFEK
;
A,B,C
2 'polypeptide(L)'
;EVQLVESGGGLVQPGGSLRLSCAASGFTVSSNYMSWVRQAPGKGLEWVSVIYSGGSTYYADSVKGRFTISRHNSKNTLYL
QMNSLRAEDTAVYYCARGYGDYYFDYWGQGTLVTVSSASTKGPSVFPLAPSSKSTSGGTAALGCLVKDYFPEPVTVSWNS
GALTSGVHTFPAVLQSSGLYSLSSVVTVPSSSLGTQTYICNVNHKPSNTKVDKKVEPKSCDKTSGQAGHHHHHHGDYKDD
DDKG
;
D,F,H
3 'polypeptide(L)'
;DVVMTQSPATLSLSPGEKATLSCRASQSVSSYLAWYQQKPGQPPKLLIYWASTRESGVPDRFSGSGSGTDFTLTISSLQA
EDVAVYYCQQYGSSPLTFGGGTKVEIKRTVAAPSVFIFPPSDEQLKSGTASVVCLLNNFYPREAKVQWKVDNALQSGNSQ
ESVTEQDSKDSTYSLSSTLTLSKADYEKHKVYACEVTHQGLSSPVTKSFNRGEC
;
E,G,I
#
loop_
_chem_comp.id
_chem_comp.type
_chem_comp.name
_chem_comp.formula
NAG D-saccharide, beta linking 2-acetamido-2-deoxy-beta-D-glucopyranose 'C8 H15 N O6'
#
# COMPACT_ATOMS: atom_id res chain seq x y z
N GLN A 14 -31.99 -18.96 47.95
CA GLN A 14 -32.10 -18.53 49.35
C GLN A 14 -31.00 -17.55 49.71
N CYS A 15 -31.37 -16.43 50.32
CA CYS A 15 -30.43 -15.43 50.78
C CYS A 15 -30.79 -15.04 52.21
N VAL A 16 -29.78 -14.72 53.01
CA VAL A 16 -29.97 -14.33 54.40
C VAL A 16 -29.15 -13.08 54.68
N ASN A 17 -29.82 -12.03 55.15
CA ASN A 17 -29.11 -10.86 55.67
C ASN A 17 -28.50 -11.20 57.04
N LEU A 18 -27.24 -10.85 57.23
CA LEU A 18 -26.59 -10.96 58.53
C LEU A 18 -26.63 -9.59 59.21
N THR A 19 -27.42 -9.49 60.27
CA THR A 19 -27.73 -8.20 60.89
C THR A 19 -27.16 -8.07 62.30
N THR A 20 -26.26 -8.97 62.69
CA THR A 20 -25.64 -8.92 64.01
C THR A 20 -24.15 -8.59 63.94
N ARG A 21 -23.73 -7.90 62.88
CA ARG A 21 -22.35 -7.48 62.73
C ARG A 21 -22.03 -6.31 63.64
N THR A 22 -20.74 -6.16 63.94
CA THR A 22 -20.24 -5.03 64.70
C THR A 22 -19.50 -4.09 63.75
N GLN A 23 -19.84 -2.81 63.79
CA GLN A 23 -19.25 -1.84 62.87
C GLN A 23 -17.82 -1.54 63.27
N LEU A 24 -16.91 -1.66 62.29
CA LEU A 24 -15.49 -1.44 62.52
C LEU A 24 -14.85 -1.17 61.16
N PRO A 25 -13.95 -0.19 61.05
CA PRO A 25 -13.27 0.03 59.77
C PRO A 25 -12.28 -1.10 59.50
N PRO A 26 -12.04 -1.43 58.23
CA PRO A 26 -11.05 -2.45 57.91
C PRO A 26 -9.64 -1.96 58.23
N ALA A 27 -8.75 -2.91 58.51
CA ALA A 27 -7.43 -2.54 58.96
C ALA A 27 -6.46 -2.48 57.79
N TYR A 28 -5.23 -2.06 58.06
CA TYR A 28 -4.17 -2.05 57.07
C TYR A 28 -2.89 -2.52 57.74
N THR A 29 -2.04 -3.19 56.98
CA THR A 29 -0.77 -3.65 57.52
C THR A 29 0.25 -3.70 56.37
N ASN A 30 1.43 -4.25 56.68
CA ASN A 30 2.57 -4.22 55.79
C ASN A 30 2.66 -5.50 54.99
N SER A 31 2.98 -5.37 53.71
CA SER A 31 3.13 -6.53 52.84
C SER A 31 4.45 -7.26 53.08
N PHE A 32 5.46 -6.54 53.58
CA PHE A 32 6.85 -7.01 53.74
C PHE A 32 7.34 -7.43 52.36
N THR A 33 7.82 -8.65 52.18
CA THR A 33 8.31 -9.11 50.88
C THR A 33 7.48 -10.29 50.38
N ARG A 34 6.17 -10.19 50.54
CA ARG A 34 5.24 -11.24 50.11
C ARG A 34 4.58 -10.86 48.80
N GLY A 35 3.97 -11.85 48.16
CA GLY A 35 3.26 -11.64 46.92
C GLY A 35 4.03 -11.96 45.67
N VAL A 36 5.25 -12.49 45.78
CA VAL A 36 6.05 -12.82 44.62
C VAL A 36 5.63 -14.18 44.10
N TYR A 37 5.35 -14.26 42.80
CA TYR A 37 4.98 -15.51 42.15
C TYR A 37 5.95 -15.77 41.01
N TYR A 38 5.94 -17.00 40.52
CA TYR A 38 6.78 -17.32 39.37
C TYR A 38 6.18 -16.67 38.13
N PRO A 39 6.91 -15.83 37.41
CA PRO A 39 6.30 -15.10 36.28
C PRO A 39 6.08 -15.96 35.05
N ASP A 40 6.77 -17.09 34.93
CA ASP A 40 6.64 -17.94 33.76
C ASP A 40 6.95 -19.38 34.16
N LYS A 41 6.89 -20.27 33.17
CA LYS A 41 7.08 -21.71 33.37
C LYS A 41 8.49 -22.16 33.04
N VAL A 42 9.45 -21.25 33.05
CA VAL A 42 10.80 -21.55 32.60
C VAL A 42 11.71 -21.79 33.79
N PHE A 43 12.45 -22.89 33.75
CA PHE A 43 13.45 -23.20 34.76
C PHE A 43 14.67 -22.29 34.61
N ARG A 44 15.11 -21.72 35.72
CA ARG A 44 16.31 -20.91 35.76
C ARG A 44 17.08 -21.28 37.02
N SER A 45 18.40 -21.42 36.91
CA SER A 45 19.19 -21.89 38.03
C SER A 45 20.42 -21.01 38.21
N SER A 46 20.65 -20.58 39.46
CA SER A 46 21.83 -19.81 39.89
C SER A 46 21.99 -18.52 39.08
N VAL A 47 20.89 -17.80 38.90
CA VAL A 47 20.87 -16.68 37.98
C VAL A 47 20.13 -15.53 38.68
N LEU A 48 20.36 -14.32 38.20
CA LEU A 48 19.61 -13.15 38.64
C LEU A 48 18.85 -12.61 37.43
N HIS A 49 17.52 -12.70 37.48
CA HIS A 49 16.67 -12.41 36.35
C HIS A 49 15.79 -11.20 36.63
N SER A 50 15.80 -10.24 35.72
CA SER A 50 14.99 -9.04 35.85
C SER A 50 13.74 -9.22 35.00
N THR A 51 12.58 -9.08 35.61
CA THR A 51 11.32 -9.28 34.91
C THR A 51 10.34 -8.15 35.22
N GLN A 52 9.55 -7.79 34.21
CA GLN A 52 8.57 -6.71 34.30
C GLN A 52 7.20 -7.35 34.16
N ASP A 53 6.42 -7.35 35.24
CA ASP A 53 5.14 -8.03 35.26
C ASP A 53 4.27 -7.38 36.32
N LEU A 54 3.04 -7.88 36.45
CA LEU A 54 2.09 -7.37 37.43
C LEU A 54 2.40 -8.01 38.78
N PHE A 55 3.09 -7.26 39.63
CA PHE A 55 3.60 -7.74 40.91
C PHE A 55 3.01 -6.95 42.06
N LEU A 56 3.06 -7.54 43.23
CA LEU A 56 2.67 -6.82 44.43
C LEU A 56 3.89 -6.08 44.98
N PRO A 57 3.79 -4.76 45.18
CA PRO A 57 4.95 -4.00 45.66
C PRO A 57 5.36 -4.37 47.08
N PHE A 58 6.67 -4.26 47.33
CA PHE A 58 7.21 -4.60 48.63
C PHE A 58 6.86 -3.52 49.64
N PHE A 59 6.56 -3.96 50.87
CA PHE A 59 6.22 -3.10 52.02
C PHE A 59 5.02 -2.21 51.71
N SER A 60 4.06 -2.75 50.96
CA SER A 60 2.90 -1.98 50.56
C SER A 60 1.81 -2.04 51.62
N ASN A 61 0.78 -1.23 51.41
CA ASN A 61 -0.34 -1.15 52.34
C ASN A 61 -1.36 -2.19 51.94
N VAL A 62 -1.39 -3.32 52.65
CA VAL A 62 -2.27 -4.43 52.33
C VAL A 62 -3.46 -4.41 53.30
N THR A 63 -4.67 -4.54 52.74
CA THR A 63 -5.89 -4.34 53.50
C THR A 63 -6.23 -5.61 54.28
N TRP A 64 -6.62 -5.44 55.54
CA TRP A 64 -6.77 -6.51 56.50
C TRP A 64 -8.25 -6.62 56.89
N PHE A 65 -8.80 -7.82 56.75
CA PHE A 65 -10.17 -8.13 57.11
C PHE A 65 -10.17 -9.29 58.10
N HIS A 66 -11.11 -9.25 59.04
CA HIS A 66 -11.17 -10.17 60.17
C HIS A 66 -12.45 -10.99 60.14
N ALA A 67 -12.39 -12.14 60.81
CA ALA A 67 -13.57 -12.93 61.15
C ALA A 67 -13.34 -13.41 62.57
N ILE A 68 -14.04 -12.80 63.52
CA ILE A 68 -13.79 -13.04 64.94
C ILE A 68 -15.07 -12.71 65.71
N HIS A 69 -15.26 -13.39 66.84
CA HIS A 69 -16.39 -13.10 67.71
C HIS A 69 -15.90 -12.98 69.15
N LYS A 77 -17.91 -9.44 67.26
CA LYS A 77 -18.57 -10.08 66.13
C LYS A 77 -18.18 -9.44 64.80
N ARG A 78 -17.15 -9.97 64.16
CA ARG A 78 -16.68 -9.46 62.88
C ARG A 78 -16.93 -10.50 61.79
N PHE A 79 -17.49 -10.04 60.67
CA PHE A 79 -17.73 -10.91 59.52
C PHE A 79 -17.57 -10.05 58.26
N ASP A 80 -16.37 -10.08 57.69
CA ASP A 80 -15.99 -9.13 56.65
C ASP A 80 -16.16 -9.78 55.28
N ASN A 81 -17.30 -9.51 54.65
CA ASN A 81 -17.55 -9.81 53.23
C ASN A 81 -17.95 -8.52 52.52
N PRO A 82 -17.00 -7.64 52.20
CA PRO A 82 -17.36 -6.41 51.48
C PRO A 82 -17.29 -6.60 49.98
N VAL A 83 -17.56 -5.54 49.22
CA VAL A 83 -17.42 -5.56 47.78
C VAL A 83 -16.08 -4.93 47.43
N LEU A 84 -15.17 -5.73 46.87
CA LEU A 84 -13.87 -5.14 46.60
C LEU A 84 -13.61 -5.08 45.11
N PRO A 85 -12.85 -4.09 44.64
CA PRO A 85 -12.43 -4.07 43.24
C PRO A 85 -11.40 -5.15 42.95
N PHE A 86 -11.34 -5.55 41.69
CA PHE A 86 -10.33 -6.51 41.24
C PHE A 86 -9.10 -5.81 40.70
N ASN A 87 -9.31 -4.77 39.91
CA ASN A 87 -8.29 -3.95 39.21
C ASN A 87 -7.48 -4.88 38.31
N ASP A 88 -6.15 -4.70 38.25
CA ASP A 88 -5.33 -5.51 37.35
C ASP A 88 -5.04 -6.90 37.89
N GLY A 89 -5.20 -7.12 39.19
CA GLY A 89 -4.94 -8.41 39.79
C GLY A 89 -5.00 -8.34 41.30
N VAL A 90 -5.18 -9.48 41.96
CA VAL A 90 -5.43 -9.49 43.40
C VAL A 90 -4.47 -10.48 44.05
N TYR A 91 -3.71 -10.01 45.03
CA TYR A 91 -3.01 -10.88 45.97
C TYR A 91 -3.91 -11.13 47.17
N PHE A 92 -4.13 -12.40 47.49
CA PHE A 92 -5.04 -12.79 48.57
C PHE A 92 -4.25 -13.63 49.56
N ALA A 93 -4.06 -13.12 50.77
CA ALA A 93 -3.37 -13.85 51.83
C ALA A 93 -4.39 -14.27 52.88
N SER A 94 -4.16 -15.41 53.51
CA SER A 94 -5.11 -15.96 54.46
C SER A 94 -4.38 -16.58 55.64
N THR A 95 -4.53 -15.98 56.82
CA THR A 95 -4.07 -16.59 58.06
C THR A 95 -5.28 -17.34 58.62
N GLU A 96 -5.25 -18.66 58.42
CA GLU A 96 -6.41 -19.53 58.54
C GLU A 96 -6.13 -20.68 59.49
N LYS A 97 -7.11 -20.94 60.36
CA LYS A 97 -7.23 -22.20 61.07
C LYS A 97 -8.69 -22.62 61.01
N SER A 98 -8.93 -23.93 61.06
CA SER A 98 -10.24 -24.59 61.12
C SER A 98 -11.15 -24.27 59.93
N ASN A 99 -10.60 -23.82 58.81
CA ASN A 99 -11.22 -23.85 57.47
C ASN A 99 -12.52 -23.04 57.38
N ILE A 100 -12.37 -21.72 57.51
CA ILE A 100 -13.52 -20.83 57.28
C ILE A 100 -13.56 -20.34 55.84
N ILE A 101 -12.42 -19.92 55.26
CA ILE A 101 -12.40 -19.40 53.90
C ILE A 101 -12.58 -20.53 52.91
N ARG A 102 -13.57 -20.40 52.02
CA ARG A 102 -13.97 -21.49 51.15
C ARG A 102 -13.90 -21.20 49.65
N GLY A 103 -13.92 -19.94 49.23
CA GLY A 103 -13.85 -19.68 47.81
C GLY A 103 -14.01 -18.21 47.47
N TRP A 104 -14.18 -17.95 46.18
CA TRP A 104 -14.24 -16.61 45.65
C TRP A 104 -15.30 -16.47 44.56
N ILE A 105 -15.74 -15.24 44.38
CA ILE A 105 -16.69 -14.82 43.36
C ILE A 105 -16.01 -13.76 42.51
N PHE A 106 -16.03 -13.92 41.19
CA PHE A 106 -15.48 -12.90 40.30
C PHE A 106 -16.54 -12.45 39.29
N GLY A 107 -16.49 -11.18 38.91
CA GLY A 107 -17.41 -10.69 37.90
C GLY A 107 -17.29 -9.20 37.73
N THR A 108 -18.32 -8.61 37.13
CA THR A 108 -18.41 -7.17 36.96
C THR A 108 -19.61 -6.58 37.68
N THR A 109 -20.80 -7.12 37.46
CA THR A 109 -22.01 -6.66 38.15
C THR A 109 -22.54 -7.66 39.16
N LEU A 110 -22.04 -8.90 39.14
CA LEU A 110 -22.35 -9.97 40.10
C LEU A 110 -23.84 -10.29 40.14
N ASP A 111 -24.48 -10.27 38.98
CA ASP A 111 -25.90 -10.60 38.85
C ASP A 111 -26.09 -11.37 37.54
N SER A 112 -27.35 -11.57 37.16
CA SER A 112 -27.66 -12.31 35.95
C SER A 112 -27.49 -11.49 34.68
N LYS A 113 -27.24 -10.18 34.79
CA LYS A 113 -27.01 -9.36 33.61
C LYS A 113 -25.70 -9.71 32.93
N THR A 114 -24.63 -9.88 33.71
CA THR A 114 -23.32 -10.27 33.20
C THR A 114 -23.02 -11.71 33.61
N GLN A 115 -21.86 -12.20 33.18
CA GLN A 115 -21.44 -13.57 33.41
C GLN A 115 -20.33 -13.59 34.45
N SER A 116 -20.46 -14.47 35.44
CA SER A 116 -19.63 -14.44 36.63
C SER A 116 -18.99 -15.80 36.89
N LEU A 117 -17.87 -15.76 37.60
CA LEU A 117 -17.05 -16.92 37.90
C LEU A 117 -17.21 -17.31 39.37
N LEU A 118 -17.39 -18.60 39.60
CA LEU A 118 -17.58 -19.21 40.91
C LEU A 118 -16.42 -20.15 41.15
N ILE A 119 -15.68 -19.94 42.23
CA ILE A 119 -14.75 -20.95 42.73
C ILE A 119 -15.14 -21.27 44.16
N VAL A 120 -15.48 -22.53 44.41
CA VAL A 120 -15.83 -22.95 45.76
C VAL A 120 -15.04 -24.20 46.12
N ASN A 121 -14.82 -24.36 47.43
CA ASN A 121 -14.23 -25.56 48.00
C ASN A 121 -15.13 -25.95 49.18
N ASN A 122 -16.13 -26.78 48.91
CA ASN A 122 -17.03 -27.24 49.96
C ASN A 122 -16.41 -28.47 50.62
N ALA A 123 -17.22 -29.23 51.39
CA ALA A 123 -16.72 -30.36 52.15
C ALA A 123 -16.25 -31.53 51.30
N THR A 124 -16.53 -31.54 50.00
CA THR A 124 -16.14 -32.65 49.13
C THR A 124 -15.11 -32.27 48.08
N ASN A 125 -15.35 -31.26 47.26
CA ASN A 125 -14.50 -31.02 46.11
C ASN A 125 -14.45 -29.53 45.78
N VAL A 126 -13.58 -29.20 44.84
CA VAL A 126 -13.38 -27.83 44.36
C VAL A 126 -14.08 -27.68 43.02
N VAL A 127 -14.98 -26.71 42.93
CA VAL A 127 -15.84 -26.51 41.77
C VAL A 127 -15.58 -25.12 41.21
N ILE A 128 -15.32 -25.05 39.91
CA ILE A 128 -15.19 -23.79 39.18
C ILE A 128 -16.28 -23.76 38.11
N LYS A 129 -17.14 -22.75 38.15
CA LYS A 129 -18.21 -22.62 37.18
C LYS A 129 -18.31 -21.19 36.67
N VAL A 130 -18.53 -21.03 35.37
CA VAL A 130 -18.71 -19.73 34.76
C VAL A 130 -20.17 -19.65 34.30
N CYS A 131 -21.01 -18.97 35.06
CA CYS A 131 -22.43 -18.96 34.78
C CYS A 131 -22.94 -17.55 35.05
N GLU A 132 -24.19 -17.28 34.70
CA GLU A 132 -24.82 -16.01 35.07
C GLU A 132 -25.61 -16.21 36.36
N PHE A 133 -24.89 -16.21 37.48
CA PHE A 133 -25.51 -16.39 38.79
C PHE A 133 -26.21 -15.11 39.23
N GLN A 134 -27.42 -15.25 39.75
CA GLN A 134 -28.06 -14.16 40.49
C GLN A 134 -27.62 -14.27 41.94
N PHE A 135 -26.53 -13.56 42.27
CA PHE A 135 -25.87 -13.68 43.56
C PHE A 135 -26.66 -13.01 44.67
N CYS A 136 -26.58 -13.59 45.87
CA CYS A 136 -27.09 -12.96 47.06
C CYS A 136 -26.22 -11.78 47.48
N ASN A 137 -26.80 -10.90 48.30
CA ASN A 137 -26.03 -9.78 48.84
C ASN A 137 -24.98 -10.25 49.83
N ASP A 138 -25.27 -11.33 50.57
CA ASP A 138 -24.33 -11.91 51.52
C ASP A 138 -24.20 -13.40 51.24
N PRO A 139 -23.32 -13.79 50.31
CA PRO A 139 -23.15 -15.21 50.00
C PRO A 139 -22.25 -15.89 51.02
N PHE A 140 -22.61 -17.10 51.41
CA PHE A 140 -21.95 -17.78 52.52
C PHE A 140 -22.16 -19.29 52.44
N LEU A 141 -21.29 -20.01 53.15
CA LEU A 141 -21.45 -21.40 53.51
C LEU A 141 -21.69 -21.51 55.02
N GLY A 142 -22.03 -22.71 55.47
CA GLY A 142 -22.30 -22.89 56.88
C GLY A 142 -21.94 -24.26 57.41
N VAL A 143 -21.45 -24.32 58.64
CA VAL A 143 -21.11 -25.58 59.31
C VAL A 143 -21.94 -25.68 60.58
N TYR A 144 -22.68 -26.78 60.70
CA TYR A 144 -23.50 -27.05 61.87
C TYR A 144 -22.71 -27.90 62.86
N TYR A 145 -22.74 -27.51 64.13
CA TYR A 145 -22.10 -28.30 65.18
C TYR A 145 -23.13 -28.85 66.17
N MET A 153 -20.65 -30.59 60.61
CA MET A 153 -21.16 -30.95 59.29
C MET A 153 -21.60 -29.70 58.52
N GLU A 154 -21.43 -29.75 57.20
CA GLU A 154 -21.80 -28.64 56.32
C GLU A 154 -23.19 -28.92 55.77
N SER A 155 -24.15 -28.06 56.11
CA SER A 155 -25.52 -28.23 55.64
C SER A 155 -26.16 -26.90 55.27
N GLU A 156 -25.37 -25.93 54.81
CA GLU A 156 -25.90 -24.61 54.50
C GLU A 156 -25.07 -23.98 53.39
N PHE A 157 -25.75 -23.57 52.32
CA PHE A 157 -25.10 -23.05 51.12
C PHE A 157 -26.02 -21.98 50.55
N ARG A 158 -25.65 -20.70 50.68
CA ARG A 158 -26.47 -19.62 50.14
C ARG A 158 -25.53 -18.66 49.41
N VAL A 159 -25.28 -18.93 48.14
CA VAL A 159 -24.42 -18.10 47.30
C VAL A 159 -25.19 -17.45 46.16
N TYR A 160 -25.97 -18.23 45.42
CA TYR A 160 -26.74 -17.71 44.30
C TYR A 160 -28.16 -18.27 44.35
N SER A 161 -29.06 -17.55 43.70
CA SER A 161 -30.44 -17.99 43.57
C SER A 161 -30.76 -18.65 42.23
N SER A 162 -29.93 -18.48 41.21
CA SER A 162 -30.19 -19.06 39.91
C SER A 162 -28.88 -19.20 39.14
N ALA A 163 -28.91 -20.04 38.10
CA ALA A 163 -27.78 -20.19 37.19
C ALA A 163 -28.32 -20.69 35.85
N ASN A 164 -28.37 -19.80 34.86
CA ASN A 164 -29.07 -20.08 33.59
C ASN A 164 -28.14 -20.48 32.45
N ASN A 165 -27.11 -19.69 32.16
CA ASN A 165 -26.26 -19.90 30.99
C ASN A 165 -24.83 -20.16 31.48
N CYS A 166 -24.41 -21.42 31.41
CA CYS A 166 -23.11 -21.85 31.88
C CYS A 166 -22.21 -22.25 30.73
N THR A 167 -20.99 -21.69 30.69
CA THR A 167 -20.04 -21.96 29.62
C THR A 167 -18.85 -22.82 30.04
N PHE A 168 -18.35 -22.68 31.26
CA PHE A 168 -17.16 -23.41 31.68
C PHE A 168 -17.40 -24.09 33.02
N GLU A 169 -17.09 -25.39 33.10
CA GLU A 169 -17.17 -26.13 34.36
C GLU A 169 -15.88 -26.91 34.56
N TYR A 170 -15.41 -26.96 35.80
CA TYR A 170 -14.12 -27.58 36.09
C TYR A 170 -14.11 -28.04 37.54
N VAL A 171 -14.22 -29.35 37.78
CA VAL A 171 -14.18 -29.93 39.10
C VAL A 171 -12.80 -30.55 39.31
N SER A 172 -12.11 -30.15 40.39
CA SER A 172 -10.72 -30.53 40.57
C SER A 172 -10.46 -30.88 42.04
N GLN A 173 -9.18 -31.06 42.35
CA GLN A 173 -8.72 -31.45 43.67
C GLN A 173 -8.87 -30.31 44.69
N PRO A 174 -8.90 -30.64 45.98
CA PRO A 174 -8.91 -29.59 47.03
C PRO A 174 -7.60 -28.79 47.04
N PHE A 175 -7.73 -27.47 46.84
CA PHE A 175 -6.57 -26.59 46.93
C PHE A 175 -6.05 -26.51 48.37
N LEU A 176 -6.95 -26.43 49.34
CA LEU A 176 -6.56 -26.20 50.73
C LEU A 176 -6.45 -27.51 51.50
N ASN A 185 -4.77 -19.70 67.76
CA ASN A 185 -3.55 -19.46 67.00
C ASN A 185 -3.71 -19.91 65.56
N PHE A 186 -3.41 -19.01 64.63
CA PHE A 186 -3.47 -19.35 63.21
C PHE A 186 -2.33 -20.27 62.84
N LYS A 187 -2.66 -21.38 62.15
CA LYS A 187 -1.69 -22.41 61.84
C LYS A 187 -1.33 -22.49 60.36
N ASN A 188 -2.19 -22.00 59.46
CA ASN A 188 -1.99 -22.17 58.04
C ASN A 188 -1.97 -20.82 57.34
N LEU A 189 -1.07 -20.67 56.38
CA LEU A 189 -0.98 -19.46 55.58
C LEU A 189 -1.23 -19.82 54.12
N ARG A 190 -2.21 -19.17 53.52
CA ARG A 190 -2.61 -19.42 52.15
C ARG A 190 -2.32 -18.16 51.34
N GLU A 191 -1.42 -18.25 50.36
CA GLU A 191 -1.26 -17.15 49.43
C GLU A 191 -1.77 -17.52 48.05
N PHE A 192 -2.52 -16.59 47.46
CA PHE A 192 -3.05 -16.75 46.12
C PHE A 192 -2.82 -15.47 45.34
N VAL A 193 -2.58 -15.61 44.05
CA VAL A 193 -2.51 -14.48 43.13
C VAL A 193 -3.50 -14.76 42.00
N PHE A 194 -4.46 -13.86 41.81
CA PHE A 194 -5.45 -13.98 40.75
C PHE A 194 -5.16 -12.92 39.71
N LYS A 195 -4.92 -13.34 38.48
CA LYS A 195 -4.69 -12.43 37.36
C LYS A 195 -5.60 -12.81 36.20
N ASN A 196 -5.96 -11.81 35.39
CA ASN A 196 -6.85 -12.03 34.25
C ASN A 196 -6.25 -11.27 33.07
N ILE A 197 -5.52 -11.99 32.21
CA ILE A 197 -4.92 -11.40 31.01
C ILE A 197 -5.28 -12.24 29.81
N ASP A 198 -5.81 -11.58 28.75
CA ASP A 198 -6.07 -12.18 27.43
C ASP A 198 -7.05 -13.35 27.51
N GLY A 199 -8.05 -13.21 28.36
CA GLY A 199 -9.00 -14.28 28.57
C GLY A 199 -8.49 -15.43 29.40
N TYR A 200 -7.33 -15.29 30.03
CA TYR A 200 -6.74 -16.34 30.84
C TYR A 200 -6.73 -15.90 32.29
N PHE A 201 -7.29 -16.75 33.15
CA PHE A 201 -7.32 -16.51 34.59
C PHE A 201 -6.19 -17.34 35.19
N LYS A 202 -5.13 -16.67 35.63
CA LYS A 202 -4.01 -17.33 36.26
C LYS A 202 -4.20 -17.29 37.77
N ILE A 203 -4.21 -18.47 38.39
CA ILE A 203 -4.25 -18.59 39.84
C ILE A 203 -2.93 -19.19 40.27
N TYR A 204 -2.22 -18.47 41.13
CA TYR A 204 -0.97 -18.90 41.73
C TYR A 204 -1.22 -19.16 43.21
N SER A 205 -0.60 -20.20 43.76
CA SER A 205 -0.89 -20.58 45.14
C SER A 205 0.39 -20.99 45.86
N LYS A 206 0.37 -20.80 47.18
CA LYS A 206 1.44 -21.27 48.05
C LYS A 206 0.87 -21.53 49.44
N HIS A 207 1.25 -22.66 50.02
CA HIS A 207 0.75 -23.11 51.31
C HIS A 207 1.91 -23.10 52.28
N THR A 208 1.73 -22.44 53.44
CA THR A 208 2.85 -22.25 54.35
C THR A 208 2.46 -22.63 55.76
N PRO A 209 3.20 -23.53 56.42
CA PRO A 209 2.98 -23.79 57.84
C PRO A 209 3.56 -22.67 58.68
N ILE A 210 2.71 -22.01 59.48
CA ILE A 210 3.11 -20.90 60.33
C ILE A 210 2.61 -21.14 61.74
N ASN A 211 3.14 -20.35 62.67
CA ASN A 211 2.70 -20.38 64.06
C ASN A 211 2.63 -18.97 64.65
N LEU A 212 2.39 -17.96 63.81
CA LEU A 212 2.32 -16.58 64.24
C LEU A 212 0.87 -16.21 64.50
N VAL A 213 0.66 -15.34 65.49
CA VAL A 213 -0.68 -15.20 66.07
C VAL A 213 -1.55 -14.29 65.22
N ARG A 214 -1.09 -13.08 64.92
CA ARG A 214 -2.02 -12.04 64.48
C ARG A 214 -1.79 -11.53 63.06
N ASP A 215 -0.54 -11.30 62.66
CA ASP A 215 -0.27 -10.53 61.46
C ASP A 215 0.39 -11.42 60.40
N LEU A 216 0.78 -10.81 59.30
CA LEU A 216 1.54 -11.51 58.26
C LEU A 216 2.96 -11.75 58.76
N PRO A 217 3.46 -12.99 58.67
CA PRO A 217 4.87 -13.25 58.99
C PRO A 217 5.79 -12.58 57.99
N GLN A 218 6.97 -12.21 58.46
CA GLN A 218 7.95 -11.50 57.66
C GLN A 218 8.93 -12.51 57.08
N GLY A 219 8.95 -12.61 55.77
CA GLY A 219 9.77 -13.60 55.09
C GLY A 219 9.50 -13.56 53.61
N PHE A 220 10.04 -14.56 52.90
CA PHE A 220 9.89 -14.62 51.45
C PHE A 220 9.46 -16.02 51.06
N SER A 221 8.49 -16.10 50.16
CA SER A 221 8.03 -17.38 49.64
C SER A 221 7.44 -17.15 48.25
N ALA A 222 8.08 -17.71 47.23
CA ALA A 222 7.63 -17.51 45.85
C ALA A 222 6.44 -18.42 45.56
N LEU A 223 5.41 -17.84 44.94
CA LEU A 223 4.15 -18.53 44.74
C LEU A 223 4.20 -19.35 43.45
N GLU A 224 4.01 -20.66 43.58
CA GLU A 224 3.94 -21.52 42.40
C GLU A 224 2.59 -21.36 41.69
N PRO A 225 2.57 -21.52 40.37
CA PRO A 225 1.30 -21.48 39.63
C PRO A 225 0.43 -22.68 39.94
N LEU A 226 -0.85 -22.41 40.23
CA LEU A 226 -1.80 -23.46 40.59
C LEU A 226 -2.62 -23.90 39.39
N VAL A 227 -3.29 -22.97 38.71
CA VAL A 227 -4.16 -23.34 37.60
C VAL A 227 -4.27 -22.17 36.62
N ASP A 228 -4.52 -22.49 35.36
CA ASP A 228 -4.84 -21.51 34.32
C ASP A 228 -6.20 -21.85 33.73
N LEU A 229 -7.15 -20.94 33.86
CA LEU A 229 -8.52 -21.18 33.45
C LEU A 229 -8.86 -20.32 32.25
N PRO A 230 -9.31 -20.90 31.15
CA PRO A 230 -9.70 -20.12 29.95
C PRO A 230 -11.13 -19.59 30.04
N ILE A 231 -11.37 -18.67 30.96
CA ILE A 231 -12.73 -18.23 31.22
C ILE A 231 -13.18 -17.15 30.24
N GLY A 232 -12.29 -16.24 29.84
CA GLY A 232 -12.59 -15.22 28.84
C GLY A 232 -13.69 -14.24 29.20
N ILE A 233 -13.75 -13.81 30.47
CA ILE A 233 -14.80 -12.90 30.91
C ILE A 233 -14.18 -11.66 31.53
N ASN A 234 -14.98 -10.59 31.55
CA ASN A 234 -14.59 -9.34 32.17
C ASN A 234 -14.78 -9.46 33.68
N ILE A 235 -13.74 -9.11 34.43
CA ILE A 235 -13.75 -9.16 35.89
C ILE A 235 -13.26 -7.82 36.43
N THR A 236 -14.11 -7.15 37.22
CA THR A 236 -13.70 -5.95 37.94
C THR A 236 -13.98 -5.99 39.43
N ARG A 237 -14.79 -6.95 39.91
CA ARG A 237 -15.17 -7.01 41.31
C ARG A 237 -15.12 -8.46 41.76
N PHE A 238 -14.80 -8.67 43.04
CA PHE A 238 -14.68 -10.01 43.57
C PHE A 238 -15.15 -10.05 45.02
N GLN A 239 -15.44 -11.26 45.48
CA GLN A 239 -16.05 -11.52 46.78
C GLN A 239 -15.32 -12.69 47.42
N THR A 240 -15.04 -12.57 48.71
CA THR A 240 -14.58 -13.71 49.51
C THR A 240 -15.77 -14.44 50.10
N LEU A 241 -15.72 -15.77 50.05
CA LEU A 241 -16.77 -16.62 50.61
C LEU A 241 -16.29 -17.20 51.93
N LEU A 242 -17.07 -17.00 52.98
CA LEU A 242 -16.75 -17.52 54.30
C LEU A 242 -17.79 -18.56 54.71
N ALA A 243 -17.58 -19.14 55.88
CA ALA A 243 -18.45 -20.15 56.44
C ALA A 243 -18.83 -19.77 57.85
N LEU A 244 -20.13 -19.86 58.15
CA LEU A 244 -20.65 -19.63 59.48
C LEU A 244 -20.46 -20.87 60.34
N HIS A 245 -20.52 -20.68 61.65
CA HIS A 245 -20.54 -21.78 62.60
C HIS A 245 -21.82 -21.68 63.42
N ARG A 246 -22.63 -22.74 63.40
CA ARG A 246 -23.91 -22.74 64.09
C ARG A 246 -23.89 -23.78 65.21
N SER A 247 -24.59 -23.46 66.30
CA SER A 247 -24.66 -24.37 67.44
C SER A 247 -26.05 -24.36 68.06
N GLY A 257 -28.50 -17.97 66.66
CA GLY A 257 -27.85 -17.16 65.66
C GLY A 257 -26.68 -17.86 65.01
N TRP A 258 -25.69 -17.07 64.58
CA TRP A 258 -24.50 -17.59 63.93
C TRP A 258 -23.26 -17.10 64.65
N THR A 259 -22.17 -17.85 64.49
CA THR A 259 -20.88 -17.49 65.06
C THR A 259 -19.82 -17.57 63.97
N ALA A 260 -18.91 -16.60 63.95
CA ALA A 260 -17.84 -16.54 62.97
C ALA A 260 -16.58 -17.15 63.57
N GLY A 261 -16.03 -18.16 62.89
CA GLY A 261 -14.78 -18.74 63.34
C GLY A 261 -13.61 -17.81 63.12
N ALA A 262 -12.54 -18.05 63.88
CA ALA A 262 -11.39 -17.15 63.89
C ALA A 262 -10.60 -17.32 62.60
N ALA A 263 -10.57 -16.26 61.79
CA ALA A 263 -9.85 -16.25 60.52
C ALA A 263 -9.47 -14.82 60.18
N ALA A 264 -8.48 -14.67 59.31
CA ALA A 264 -8.12 -13.32 58.89
C ALA A 264 -7.56 -13.39 57.48
N TYR A 265 -7.92 -12.41 56.65
CA TYR A 265 -7.39 -12.41 55.29
C TYR A 265 -6.99 -10.99 54.89
N TYR A 266 -6.18 -10.94 53.84
CA TYR A 266 -5.49 -9.73 53.41
C TYR A 266 -5.62 -9.61 51.90
N VAL A 267 -5.94 -8.41 51.43
CA VAL A 267 -6.12 -8.14 50.01
C VAL A 267 -5.13 -7.07 49.60
N GLY A 268 -4.30 -7.40 48.61
CA GLY A 268 -3.41 -6.44 48.00
C GLY A 268 -3.62 -6.41 46.50
N TYR A 269 -3.12 -5.35 45.89
CA TYR A 269 -3.37 -5.09 44.47
C TYR A 269 -2.06 -5.09 43.71
N LEU A 270 -2.06 -5.72 42.54
CA LEU A 270 -0.87 -5.83 41.72
C LEU A 270 -0.72 -4.61 40.85
N GLN A 271 0.52 -4.20 40.63
CA GLN A 271 0.89 -3.09 39.77
C GLN A 271 1.97 -3.55 38.80
N PRO A 272 2.01 -2.99 37.59
CA PRO A 272 3.07 -3.38 36.64
C PRO A 272 4.41 -2.77 37.04
N ARG A 273 5.37 -3.63 37.38
CA ARG A 273 6.67 -3.17 37.83
C ARG A 273 7.70 -4.24 37.58
N THR A 274 8.95 -3.92 37.87
CA THR A 274 10.09 -4.80 37.65
C THR A 274 10.61 -5.35 38.97
N PHE A 275 10.82 -6.66 39.02
CA PHE A 275 11.56 -7.30 40.10
C PHE A 275 12.83 -7.94 39.57
N LEU A 276 13.85 -7.94 40.42
CA LEU A 276 15.06 -8.73 40.21
C LEU A 276 14.97 -9.96 41.11
N LEU A 277 14.75 -11.11 40.49
CA LEU A 277 14.56 -12.38 41.18
C LEU A 277 15.86 -13.16 41.19
N LYS A 278 16.13 -13.86 42.29
CA LYS A 278 17.33 -14.68 42.42
C LYS A 278 16.92 -16.14 42.37
N TYR A 279 17.46 -16.88 41.42
CA TYR A 279 17.24 -18.32 41.29
C TYR A 279 18.46 -19.06 41.81
N ASN A 280 18.24 -19.98 42.74
CA ASN A 280 19.33 -20.71 43.38
C ASN A 280 19.76 -21.88 42.50
N GLU A 281 20.56 -22.79 43.05
CA GLU A 281 21.00 -23.97 42.31
C GLU A 281 19.89 -24.99 42.09
N ASN A 282 18.79 -24.89 42.84
CA ASN A 282 17.68 -25.82 42.72
C ASN A 282 16.51 -25.22 41.93
N GLY A 283 16.69 -24.05 41.33
CA GLY A 283 15.64 -23.46 40.53
C GLY A 283 14.52 -22.79 41.30
N THR A 284 14.72 -22.52 42.59
CA THR A 284 13.70 -21.90 43.42
C THR A 284 14.05 -20.44 43.64
N ILE A 285 13.06 -19.56 43.47
CA ILE A 285 13.25 -18.14 43.74
C ILE A 285 13.41 -17.95 45.25
N THR A 286 14.59 -17.52 45.68
CA THR A 286 14.90 -17.39 47.09
C THR A 286 14.93 -15.95 47.58
N ASP A 287 15.09 -14.97 46.70
CA ASP A 287 15.09 -13.57 47.11
C ASP A 287 14.67 -12.70 45.94
N ALA A 288 14.22 -11.49 46.26
CA ALA A 288 13.72 -10.59 45.23
C ALA A 288 14.06 -9.14 45.61
N VAL A 289 14.14 -8.31 44.57
CA VAL A 289 14.40 -6.88 44.70
C VAL A 289 13.33 -6.13 43.95
N ASP A 290 12.64 -5.21 44.63
CA ASP A 290 11.70 -4.31 43.99
C ASP A 290 12.49 -3.15 43.38
N CYS A 291 12.40 -3.00 42.06
CA CYS A 291 13.27 -2.08 41.33
C CYS A 291 12.88 -0.61 41.54
N ALA A 292 11.65 -0.34 41.97
CA ALA A 292 11.19 1.04 42.16
C ALA A 292 10.84 1.35 43.60
N LEU A 293 11.37 0.59 44.57
CA LEU A 293 11.05 0.84 45.96
C LEU A 293 11.86 2.00 46.53
N ASP A 294 13.18 1.85 46.56
CA ASP A 294 14.10 2.85 47.09
C ASP A 294 15.33 2.88 46.17
N PRO A 295 16.13 3.96 46.23
CA PRO A 295 17.32 4.04 45.36
C PRO A 295 18.36 2.94 45.57
N LEU A 296 18.43 2.32 46.74
CA LEU A 296 19.36 1.21 46.93
C LEU A 296 18.93 -0.01 46.11
N SER A 297 17.66 -0.37 46.19
CA SER A 297 17.16 -1.47 45.38
C SER A 297 17.07 -1.10 43.90
N GLU A 298 16.95 0.18 43.58
CA GLU A 298 17.04 0.59 42.18
C GLU A 298 18.46 0.47 41.65
N THR A 299 19.46 0.71 42.51
CA THR A 299 20.85 0.43 42.14
C THR A 299 21.10 -1.06 41.97
N LYS A 300 20.49 -1.88 42.82
CA LYS A 300 20.57 -3.32 42.67
C LYS A 300 19.90 -3.78 41.38
N CYS A 301 18.79 -3.14 41.02
CA CYS A 301 18.11 -3.40 39.76
C CYS A 301 18.97 -3.02 38.56
N THR A 302 19.68 -1.89 38.64
CA THR A 302 20.50 -1.44 37.53
C THR A 302 21.76 -2.30 37.37
N LEU A 303 22.41 -2.64 38.48
CA LEU A 303 23.65 -3.39 38.43
C LEU A 303 23.45 -4.89 38.24
N LYS A 304 22.19 -5.36 38.28
CA LYS A 304 21.82 -6.78 38.17
C LYS A 304 22.51 -7.63 39.24
N SER A 305 22.62 -7.08 40.45
CA SER A 305 23.28 -7.79 41.53
C SER A 305 22.60 -7.44 42.85
N PHE A 306 22.65 -8.40 43.79
CA PHE A 306 22.08 -8.19 45.12
C PHE A 306 23.08 -7.55 46.08
N THR A 307 24.34 -7.46 45.68
CA THR A 307 25.38 -6.80 46.46
C THR A 307 25.95 -5.67 45.62
N VAL A 308 26.11 -4.51 46.24
CA VAL A 308 26.57 -3.31 45.56
C VAL A 308 27.91 -2.92 46.15
N GLU A 309 28.93 -2.80 45.30
CA GLU A 309 30.23 -2.36 45.74
C GLU A 309 30.16 -0.87 46.07
N LYS A 310 31.08 -0.41 46.93
CA LYS A 310 31.16 0.99 47.29
C LYS A 310 31.49 1.86 46.08
N GLY A 311 30.72 2.91 45.89
CA GLY A 311 30.93 3.82 44.78
C GLY A 311 29.67 4.61 44.48
N ILE A 312 29.73 5.32 43.35
CA ILE A 312 28.62 6.12 42.85
C ILE A 312 28.14 5.48 41.54
N TYR A 313 26.82 5.31 41.43
CA TYR A 313 26.23 4.60 40.30
C TYR A 313 25.10 5.44 39.74
N GLN A 314 25.23 5.83 38.47
CA GLN A 314 24.15 6.55 37.80
C GLN A 314 23.05 5.56 37.49
N THR A 315 21.91 5.70 38.16
CA THR A 315 20.83 4.72 38.06
C THR A 315 19.63 5.19 37.28
N SER A 316 19.26 6.47 37.35
CA SER A 316 18.00 6.86 36.74
C SER A 316 18.12 8.26 36.17
N ASN A 317 16.98 8.87 35.86
CA ASN A 317 16.92 10.25 35.42
C ASN A 317 15.71 10.92 36.03
N PHE A 318 15.85 12.23 36.27
CA PHE A 318 14.78 13.05 36.81
C PHE A 318 14.53 14.18 35.83
N ARG A 319 13.33 14.22 35.27
CA ARG A 319 12.90 15.30 34.39
C ARG A 319 11.71 16.01 35.01
N VAL A 320 11.80 17.33 35.13
CA VAL A 320 10.67 18.13 35.60
C VAL A 320 9.55 18.01 34.57
N GLN A 321 8.32 17.82 35.06
CA GLN A 321 7.23 17.62 34.12
C GLN A 321 6.31 18.84 34.12
N PRO A 322 5.75 19.19 32.94
CA PRO A 322 4.90 20.38 32.85
C PRO A 322 3.67 20.36 33.76
N THR A 323 3.14 21.55 34.01
CA THR A 323 2.01 21.71 34.91
C THR A 323 0.81 22.39 34.25
N GLU A 324 1.04 23.50 33.54
CA GLU A 324 -0.03 24.19 32.84
C GLU A 324 0.28 24.27 31.35
N SER A 325 -0.73 24.69 30.58
CA SER A 325 -0.59 24.98 29.17
C SER A 325 -0.96 26.44 28.95
N ILE A 326 -0.03 27.20 28.36
CA ILE A 326 -0.23 28.63 28.11
C ILE A 326 -0.24 28.82 26.61
N VAL A 327 -1.39 29.18 26.05
CA VAL A 327 -1.52 29.30 24.59
C VAL A 327 -1.84 30.77 24.28
N ARG A 328 -0.82 31.62 24.33
CA ARG A 328 -1.02 33.05 24.12
C ARG A 328 -1.08 33.43 22.64
N PHE A 329 -2.08 34.22 22.28
CA PHE A 329 -2.33 34.68 20.92
C PHE A 329 -2.49 36.19 20.90
N PRO A 330 -2.40 36.83 19.71
CA PRO A 330 -2.63 38.28 19.60
C PRO A 330 -4.01 38.74 20.07
N ASN A 331 -4.12 40.05 20.33
CA ASN A 331 -5.38 40.65 20.76
C ASN A 331 -6.41 40.47 19.67
N ILE A 332 -7.61 40.03 20.05
CA ILE A 332 -8.65 39.76 19.06
C ILE A 332 -9.19 41.07 18.48
N THR A 333 -8.62 41.47 17.36
CA THR A 333 -8.88 42.73 16.69
C THR A 333 -9.42 42.46 15.29
N ASN A 334 -9.91 43.52 14.64
CA ASN A 334 -10.51 43.48 13.30
C ASN A 334 -11.52 42.35 13.14
N LEU A 335 -12.52 42.36 14.02
CA LEU A 335 -13.68 41.48 13.85
C LEU A 335 -14.43 41.79 12.56
N CYS A 336 -15.03 40.75 12.00
CA CYS A 336 -15.76 40.88 10.74
C CYS A 336 -17.03 41.68 10.96
N PRO A 337 -17.44 42.51 9.98
CA PRO A 337 -18.62 43.36 10.17
C PRO A 337 -19.93 42.62 9.95
N PHE A 338 -20.22 41.68 10.86
CA PHE A 338 -21.50 41.00 10.85
C PHE A 338 -22.63 41.88 11.36
N GLY A 339 -22.32 42.94 12.10
CA GLY A 339 -23.37 43.86 12.54
C GLY A 339 -23.97 44.66 11.40
N GLU A 340 -23.19 44.92 10.36
CA GLU A 340 -23.70 45.63 9.20
C GLU A 340 -24.46 44.72 8.24
N VAL A 341 -24.45 43.42 8.47
CA VAL A 341 -25.20 42.47 7.65
C VAL A 341 -26.46 42.00 8.36
N PHE A 342 -26.35 41.58 9.62
CA PHE A 342 -27.49 41.03 10.31
C PHE A 342 -28.38 42.13 10.89
N ASN A 343 -27.78 43.18 11.45
CA ASN A 343 -28.53 44.28 12.02
C ASN A 343 -28.68 45.44 11.04
N ALA A 344 -28.76 45.14 9.75
CA ALA A 344 -28.92 46.18 8.74
C ALA A 344 -30.33 46.78 8.81
N THR A 345 -30.42 48.08 8.53
CA THR A 345 -31.71 48.76 8.58
C THR A 345 -32.63 48.29 7.46
N ARG A 346 -32.11 48.29 6.23
CA ARG A 346 -32.89 47.93 5.04
C ARG A 346 -32.28 46.70 4.39
N PHE A 347 -33.06 45.62 4.30
CA PHE A 347 -32.65 44.44 3.58
C PHE A 347 -33.09 44.53 2.12
N ALA A 348 -32.65 43.57 1.32
CA ALA A 348 -32.98 43.50 -0.09
C ALA A 348 -34.15 42.55 -0.31
N SER A 349 -34.71 42.61 -1.51
CA SER A 349 -35.70 41.62 -1.91
C SER A 349 -34.98 40.39 -2.45
N VAL A 350 -35.72 39.27 -2.54
CA VAL A 350 -35.08 38.00 -2.84
C VAL A 350 -34.71 37.86 -4.31
N TYR A 351 -35.37 38.60 -5.21
CA TYR A 351 -34.96 38.55 -6.62
C TYR A 351 -33.68 39.34 -6.85
N ALA A 352 -33.38 40.31 -5.99
CA ALA A 352 -32.20 41.16 -6.06
C ALA A 352 -31.45 41.10 -4.74
N TRP A 353 -31.16 39.87 -4.29
CA TRP A 353 -30.61 39.62 -2.97
C TRP A 353 -29.22 40.24 -2.83
N ASN A 354 -28.94 40.79 -1.64
CA ASN A 354 -27.66 41.44 -1.45
C ASN A 354 -26.60 40.40 -1.15
N ARG A 355 -25.37 40.69 -1.58
CA ARG A 355 -24.24 39.83 -1.30
C ARG A 355 -23.09 40.67 -0.75
N LYS A 356 -22.62 40.31 0.43
CA LYS A 356 -21.51 40.98 1.08
C LYS A 356 -20.36 39.98 1.19
N ARG A 357 -19.20 40.38 0.70
CA ARG A 357 -18.04 39.49 0.65
C ARG A 357 -17.23 39.69 1.93
N ILE A 358 -17.47 38.82 2.92
CA ILE A 358 -16.75 38.85 4.19
C ILE A 358 -15.35 38.27 3.96
N SER A 359 -14.33 39.10 4.08
CA SER A 359 -12.95 38.67 3.87
C SER A 359 -12.03 39.57 4.66
N ASN A 360 -10.80 39.06 4.87
CA ASN A 360 -9.69 39.78 5.51
C ASN A 360 -10.05 40.23 6.93
N CYS A 361 -10.61 39.31 7.70
CA CYS A 361 -11.08 39.61 9.05
C CYS A 361 -11.23 38.29 9.80
N VAL A 362 -11.50 38.40 11.09
CA VAL A 362 -11.73 37.25 11.97
C VAL A 362 -13.18 37.29 12.44
N ALA A 363 -13.83 36.14 12.40
CA ALA A 363 -15.27 36.04 12.60
C ALA A 363 -15.56 35.23 13.85
N ASP A 364 -16.30 35.83 14.78
CA ASP A 364 -16.80 35.14 15.96
C ASP A 364 -18.16 34.56 15.60
N TYR A 365 -18.19 33.30 15.20
CA TYR A 365 -19.43 32.65 14.80
C TYR A 365 -20.31 32.30 16.00
N SER A 366 -19.75 32.14 17.19
CA SER A 366 -20.53 31.76 18.36
C SER A 366 -21.18 32.93 19.07
N VAL A 367 -21.10 34.15 18.52
CA VAL A 367 -22.07 35.17 18.93
C VAL A 367 -23.34 35.12 18.09
N LEU A 368 -23.31 34.36 16.98
CA LEU A 368 -24.51 34.08 16.20
C LEU A 368 -25.22 32.81 16.66
N TYR A 369 -24.46 31.73 16.86
CA TYR A 369 -25.05 30.46 17.26
C TYR A 369 -25.58 30.50 18.68
N ASN A 370 -25.08 31.41 19.52
CA ASN A 370 -25.62 31.59 20.86
C ASN A 370 -26.58 32.76 20.97
N SER A 371 -27.00 33.33 19.84
CA SER A 371 -28.00 34.39 19.85
C SER A 371 -29.40 33.80 19.87
N ALA A 372 -30.24 34.30 20.78
CA ALA A 372 -31.58 33.79 20.95
C ALA A 372 -32.55 34.23 19.86
N SER A 373 -32.16 35.20 19.03
CA SER A 373 -33.11 35.84 18.12
C SER A 373 -33.44 34.97 16.91
N PHE A 374 -32.50 34.14 16.47
CA PHE A 374 -32.61 33.46 15.20
C PHE A 374 -33.57 32.28 15.32
N SER A 375 -34.60 32.26 14.47
CA SER A 375 -35.55 31.15 14.48
C SER A 375 -34.98 29.91 13.81
N THR A 376 -34.21 30.09 12.74
CA THR A 376 -33.62 28.98 12.01
C THR A 376 -32.12 29.19 11.92
N PHE A 377 -31.35 28.17 12.28
CA PHE A 377 -29.89 28.19 12.17
C PHE A 377 -29.47 26.79 11.74
N LYS A 378 -29.30 26.60 10.44
CA LYS A 378 -29.04 25.29 9.86
C LYS A 378 -27.72 25.31 9.12
N CYS A 379 -26.70 24.67 9.68
CA CYS A 379 -25.41 24.52 9.01
C CYS A 379 -25.37 23.15 8.37
N TYR A 380 -25.04 23.11 7.08
CA TYR A 380 -25.19 21.88 6.29
C TYR A 380 -23.87 21.15 6.09
N GLY A 381 -22.88 21.80 5.49
CA GLY A 381 -21.62 21.14 5.23
C GLY A 381 -20.67 21.10 6.41
N VAL A 382 -20.97 21.83 7.47
CA VAL A 382 -20.03 22.07 8.56
C VAL A 382 -20.80 21.97 9.88
N SER A 383 -20.14 21.44 10.91
CA SER A 383 -20.71 21.46 12.24
C SER A 383 -20.78 22.90 12.75
N PRO A 384 -21.81 23.24 13.54
CA PRO A 384 -21.95 24.64 13.99
C PRO A 384 -20.86 25.07 14.96
N THR A 385 -20.54 24.23 15.94
CA THR A 385 -19.57 24.62 16.96
C THR A 385 -18.13 24.60 16.42
N LYS A 386 -17.89 23.93 15.30
CA LYS A 386 -16.56 23.84 14.72
C LYS A 386 -16.21 25.04 13.85
N LEU A 387 -17.08 26.05 13.78
CA LEU A 387 -16.83 27.20 12.91
C LEU A 387 -15.74 28.09 13.47
N ASN A 388 -15.60 28.15 14.80
CA ASN A 388 -14.56 28.98 15.41
C ASN A 388 -13.15 28.43 15.22
N ASP A 389 -13.01 27.19 14.75
CA ASP A 389 -11.71 26.56 14.54
C ASP A 389 -11.32 26.46 13.09
N LEU A 390 -12.27 26.17 12.21
CA LEU A 390 -11.99 26.09 10.77
C LEU A 390 -11.74 27.47 10.18
N CYS A 391 -10.76 27.53 9.28
CA CYS A 391 -10.38 28.76 8.59
C CYS A 391 -10.74 28.63 7.12
N PHE A 392 -11.48 29.61 6.60
CA PHE A 392 -11.96 29.61 5.22
C PHE A 392 -11.34 30.77 4.47
N THR A 393 -11.25 30.62 3.14
CA THR A 393 -10.65 31.67 2.31
C THR A 393 -11.50 32.94 2.30
N ASN A 394 -12.80 32.80 2.07
CA ASN A 394 -13.72 33.93 2.27
C ASN A 394 -15.14 33.42 2.50
N VAL A 395 -15.98 34.31 3.02
CA VAL A 395 -17.38 34.03 3.30
C VAL A 395 -18.22 34.95 2.42
N TYR A 396 -19.32 34.43 1.90
CA TYR A 396 -20.31 35.27 1.23
C TYR A 396 -21.59 35.30 2.07
N ALA A 397 -22.04 36.50 2.39
CA ALA A 397 -23.28 36.69 3.16
C ALA A 397 -24.34 37.17 2.17
N ASP A 398 -25.32 36.32 1.91
CA ASP A 398 -26.40 36.64 0.99
C ASP A 398 -27.65 36.92 1.81
N SER A 399 -28.13 38.16 1.76
CA SER A 399 -29.21 38.62 2.61
C SER A 399 -30.43 38.96 1.77
N PHE A 400 -31.60 38.55 2.25
CA PHE A 400 -32.88 38.84 1.60
C PHE A 400 -34.00 38.66 2.61
N VAL A 401 -35.23 38.89 2.14
CA VAL A 401 -36.44 38.76 2.95
C VAL A 401 -37.41 37.88 2.18
N ILE A 402 -37.93 36.83 2.85
CA ILE A 402 -38.92 35.96 2.23
C ILE A 402 -40.12 35.82 3.15
N ARG A 403 -41.06 34.96 2.78
CA ARG A 403 -42.18 34.61 3.64
C ARG A 403 -41.73 33.63 4.72
N GLY A 404 -42.61 33.40 5.69
CA GLY A 404 -42.33 32.43 6.72
C GLY A 404 -42.34 31.00 6.20
N ASP A 405 -43.23 30.71 5.25
CA ASP A 405 -43.37 29.36 4.74
C ASP A 405 -42.32 29.01 3.69
N GLU A 406 -41.56 29.99 3.22
CA GLU A 406 -40.54 29.76 2.20
C GLU A 406 -39.14 29.60 2.79
N VAL A 407 -39.02 29.56 4.12
CA VAL A 407 -37.72 29.41 4.76
C VAL A 407 -37.16 28.02 4.53
N ARG A 408 -38.03 27.01 4.41
CA ARG A 408 -37.60 25.63 4.19
C ARG A 408 -36.99 25.42 2.80
N GLN A 409 -37.27 26.31 1.85
CA GLN A 409 -36.68 26.20 0.51
C GLN A 409 -35.23 26.69 0.44
N ILE A 410 -34.73 27.37 1.47
CA ILE A 410 -33.32 27.79 1.50
C ILE A 410 -32.56 26.62 2.12
N ALA A 411 -32.25 25.64 1.28
CA ALA A 411 -31.63 24.39 1.70
C ALA A 411 -31.09 23.70 0.46
N PRO A 412 -30.06 22.86 0.60
CA PRO A 412 -29.55 22.12 -0.58
C PRO A 412 -30.58 21.10 -1.07
N GLY A 413 -30.85 21.16 -2.36
CA GLY A 413 -31.74 20.22 -3.02
C GLY A 413 -33.21 20.52 -2.89
N GLN A 414 -33.58 21.58 -2.18
CA GLN A 414 -34.99 21.97 -2.08
C GLN A 414 -35.41 22.68 -3.36
N THR A 415 -36.72 22.75 -3.56
CA THR A 415 -37.28 23.28 -4.81
C THR A 415 -38.54 24.08 -4.51
N GLY A 416 -38.65 25.25 -5.13
CA GLY A 416 -39.78 26.12 -4.87
C GLY A 416 -39.77 27.31 -5.81
N LYS A 417 -40.47 28.37 -5.39
CA LYS A 417 -40.33 29.65 -6.09
C LYS A 417 -38.95 30.24 -5.87
N ILE A 418 -38.52 30.28 -4.61
CA ILE A 418 -37.30 30.96 -4.22
C ILE A 418 -36.08 30.19 -4.72
N ALA A 419 -36.13 28.86 -4.63
CA ALA A 419 -35.01 28.04 -5.10
C ALA A 419 -34.86 28.09 -6.61
N ASP A 420 -35.98 28.10 -7.35
CA ASP A 420 -35.87 28.08 -8.80
C ASP A 420 -35.55 29.46 -9.37
N TYR A 421 -36.31 30.48 -9.00
CA TYR A 421 -36.23 31.75 -9.71
C TYR A 421 -35.63 32.90 -8.92
N ASN A 422 -35.33 32.71 -7.64
CA ASN A 422 -34.81 33.81 -6.83
C ASN A 422 -33.43 33.51 -6.26
N TYR A 423 -33.25 32.39 -5.55
CA TYR A 423 -32.00 32.10 -4.86
C TYR A 423 -31.80 30.60 -4.81
N LYS A 424 -30.84 30.09 -5.56
CA LYS A 424 -30.55 28.66 -5.63
C LYS A 424 -29.24 28.36 -4.94
N LEU A 425 -29.28 27.40 -4.00
CA LEU A 425 -28.15 26.79 -3.32
C LEU A 425 -27.71 25.52 -4.05
N PRO A 426 -26.42 25.25 -4.11
CA PRO A 426 -25.95 24.03 -4.78
C PRO A 426 -26.22 22.81 -3.90
N ASP A 427 -26.10 21.63 -4.53
CA ASP A 427 -26.34 20.39 -3.80
C ASP A 427 -25.20 20.08 -2.83
N ASP A 428 -24.00 20.54 -3.12
CA ASP A 428 -22.83 20.36 -2.26
C ASP A 428 -22.56 21.59 -1.40
N PHE A 429 -23.63 22.24 -0.94
CA PHE A 429 -23.51 23.53 -0.26
C PHE A 429 -22.94 23.35 1.14
N THR A 430 -21.80 23.99 1.40
CA THR A 430 -21.26 24.17 2.75
C THR A 430 -21.53 25.60 3.20
N GLY A 431 -21.99 25.74 4.43
CA GLY A 431 -22.42 27.03 4.92
C GLY A 431 -23.57 26.88 5.89
N CYS A 432 -24.08 28.02 6.35
CA CYS A 432 -25.15 28.07 7.34
C CYS A 432 -26.23 29.02 6.85
N VAL A 433 -27.47 28.55 6.88
CA VAL A 433 -28.65 29.37 6.62
C VAL A 433 -29.21 29.85 7.95
N ILE A 434 -29.29 31.17 8.11
CA ILE A 434 -29.81 31.79 9.32
C ILE A 434 -31.03 32.60 8.93
N ALA A 435 -32.14 32.39 9.64
CA ALA A 435 -33.37 33.11 9.37
C ALA A 435 -34.03 33.53 10.67
N TRP A 436 -34.63 34.71 10.67
CA TRP A 436 -35.37 35.15 11.85
C TRP A 436 -36.57 35.97 11.43
N ASN A 437 -37.60 35.95 12.28
CA ASN A 437 -38.83 36.66 12.01
C ASN A 437 -38.61 38.16 12.13
N SER A 438 -38.96 38.90 11.09
CA SER A 438 -38.86 40.35 11.11
C SER A 438 -40.21 41.00 10.85
N ASN A 439 -41.25 40.50 11.53
CA ASN A 439 -42.58 41.07 11.37
C ASN A 439 -42.71 42.46 11.97
N ASN A 440 -41.82 42.84 12.88
CA ASN A 440 -41.93 44.12 13.55
C ASN A 440 -41.17 45.18 12.76
N LEU A 441 -40.41 44.79 11.74
CA LEU A 441 -39.65 45.71 10.91
C LEU A 441 -40.18 45.82 9.49
N ASP A 442 -40.35 44.70 8.79
CA ASP A 442 -40.67 44.71 7.38
C ASP A 442 -42.17 44.71 7.08
N SER A 443 -43.02 44.82 8.11
CA SER A 443 -44.46 44.82 7.89
C SER A 443 -45.02 46.21 8.18
N LYS A 444 -46.07 46.57 7.44
CA LYS A 444 -46.67 47.90 7.51
C LYS A 444 -48.18 47.75 7.54
N VAL A 445 -48.85 48.67 8.23
CA VAL A 445 -50.30 48.62 8.34
C VAL A 445 -50.95 48.92 6.98
N GLY A 446 -50.35 49.82 6.20
CA GLY A 446 -50.90 50.16 4.89
C GLY A 446 -50.29 49.33 3.78
N GLY A 447 -49.63 48.23 4.13
CA GLY A 447 -48.95 47.40 3.17
C GLY A 447 -47.50 47.78 2.96
N ASN A 448 -46.61 46.79 2.96
CA ASN A 448 -45.20 47.01 2.64
C ASN A 448 -44.90 46.28 1.33
N TYR A 449 -45.10 46.99 0.22
CA TYR A 449 -44.88 46.44 -1.11
C TYR A 449 -43.46 46.69 -1.62
N ASN A 450 -42.50 46.89 -0.71
CA ASN A 450 -41.11 47.10 -1.10
C ASN A 450 -40.36 45.81 -1.34
N TYR A 451 -40.95 44.66 -1.01
CA TYR A 451 -40.29 43.37 -1.11
C TYR A 451 -40.96 42.56 -2.20
N LEU A 452 -40.18 42.13 -3.19
CA LEU A 452 -40.66 41.46 -4.38
C LEU A 452 -40.00 40.10 -4.51
N TYR A 453 -40.57 39.28 -5.40
CA TYR A 453 -40.01 37.98 -5.71
C TYR A 453 -40.36 37.63 -7.14
N ARG A 454 -39.44 36.94 -7.81
CA ARG A 454 -39.67 36.57 -9.19
C ARG A 454 -40.65 35.41 -9.25
N LEU A 455 -41.72 35.59 -10.02
CA LEU A 455 -42.73 34.56 -10.20
C LEU A 455 -42.55 33.80 -11.50
N PHE A 456 -42.15 34.49 -12.56
CA PHE A 456 -42.04 33.93 -13.89
C PHE A 456 -40.58 33.96 -14.36
N ARG A 457 -40.11 32.82 -14.85
CA ARG A 457 -38.82 32.74 -15.53
C ARG A 457 -38.85 31.56 -16.47
N LYS A 458 -38.11 31.69 -17.58
CA LYS A 458 -38.11 30.66 -18.61
C LYS A 458 -37.40 29.39 -18.16
N SER A 459 -36.48 29.49 -17.21
CA SER A 459 -35.71 28.35 -16.74
C SER A 459 -35.29 28.61 -15.30
N ASN A 460 -34.93 27.52 -14.61
CA ASN A 460 -34.46 27.63 -13.24
C ASN A 460 -33.09 28.29 -13.17
N LEU A 461 -32.82 28.98 -12.06
CA LEU A 461 -31.53 29.58 -11.85
C LEU A 461 -30.46 28.53 -11.57
N LYS A 462 -29.25 28.80 -12.04
CA LYS A 462 -28.09 28.05 -11.62
C LYS A 462 -27.73 28.45 -10.19
N PRO A 463 -27.02 27.60 -9.45
CA PRO A 463 -26.69 27.94 -8.05
C PRO A 463 -25.81 29.18 -7.94
N PHE A 464 -26.19 30.05 -6.99
CA PHE A 464 -25.62 31.39 -6.80
C PHE A 464 -25.63 32.21 -8.09
N GLU A 465 -26.80 32.29 -8.72
CA GLU A 465 -27.01 33.19 -9.86
C GLU A 465 -28.04 34.25 -9.46
N ARG A 466 -27.77 35.49 -9.85
CA ARG A 466 -28.64 36.62 -9.56
C ARG A 466 -29.25 37.13 -10.87
N ASP A 467 -30.57 37.35 -10.86
CA ASP A 467 -31.30 37.81 -12.04
C ASP A 467 -32.16 38.98 -11.61
N ILE A 468 -31.72 40.20 -11.93
CA ILE A 468 -32.42 41.42 -11.57
C ILE A 468 -33.13 42.06 -12.76
N SER A 469 -33.24 41.35 -13.88
CA SER A 469 -33.89 41.91 -15.06
C SER A 469 -35.41 41.99 -14.86
N THR A 470 -35.95 43.17 -15.16
CA THR A 470 -37.38 43.45 -14.98
C THR A 470 -38.11 43.52 -16.31
N GLU A 471 -37.56 42.91 -17.35
CA GLU A 471 -38.14 42.98 -18.68
C GLU A 471 -39.41 42.15 -18.75
N ILE A 472 -40.30 42.53 -19.68
CA ILE A 472 -41.66 41.98 -19.69
C ILE A 472 -41.60 40.53 -20.16
N TYR A 473 -42.23 39.65 -19.38
CA TYR A 473 -42.15 38.21 -19.59
C TYR A 473 -43.05 37.80 -20.74
N GLN A 474 -42.46 37.19 -21.77
CA GLN A 474 -43.25 36.73 -22.91
C GLN A 474 -43.81 35.36 -22.52
N ALA A 475 -45.08 35.35 -22.09
CA ALA A 475 -45.73 34.16 -21.61
C ALA A 475 -46.57 33.43 -22.66
N GLY A 476 -46.77 34.03 -23.83
CA GLY A 476 -47.63 33.44 -24.83
C GLY A 476 -46.97 33.26 -26.18
N SER A 477 -45.77 33.85 -26.32
CA SER A 477 -44.95 33.85 -27.54
C SER A 477 -45.72 34.42 -28.73
N THR A 478 -46.59 35.38 -28.45
CA THR A 478 -47.15 36.29 -29.44
C THR A 478 -46.10 37.36 -29.73
N PRO A 479 -46.30 38.24 -30.74
CA PRO A 479 -45.38 39.38 -30.88
C PRO A 479 -45.53 40.41 -29.77
N CYS A 480 -45.14 40.04 -28.55
CA CYS A 480 -45.28 40.89 -27.37
C CYS A 480 -44.12 41.88 -27.36
N ASN A 481 -44.29 42.98 -28.09
CA ASN A 481 -43.19 43.89 -28.39
C ASN A 481 -42.91 44.87 -27.25
N GLY A 482 -42.77 44.37 -26.02
CA GLY A 482 -42.45 45.17 -24.86
C GLY A 482 -43.64 45.63 -24.05
N VAL A 483 -44.78 45.90 -24.70
CA VAL A 483 -45.93 46.44 -23.97
C VAL A 483 -46.56 45.35 -23.11
N GLU A 484 -46.91 45.71 -21.88
CA GLU A 484 -47.57 44.79 -20.97
C GLU A 484 -49.05 44.65 -21.35
N GLY A 485 -49.66 43.53 -20.95
CA GLY A 485 -51.06 43.31 -21.23
C GLY A 485 -51.53 41.88 -21.04
N PHE A 486 -52.23 41.36 -22.04
CA PHE A 486 -52.66 39.97 -22.03
C PHE A 486 -51.54 39.10 -22.59
N ASN A 487 -51.28 37.97 -21.91
CA ASN A 487 -50.17 37.05 -22.18
C ASN A 487 -48.80 37.72 -22.13
N CYS A 488 -48.69 38.82 -21.38
CA CYS A 488 -47.43 39.57 -21.24
C CYS A 488 -47.42 40.01 -19.78
N TYR A 489 -46.74 39.25 -18.93
CA TYR A 489 -46.88 39.45 -17.49
C TYR A 489 -45.65 40.15 -16.92
N PHE A 490 -45.87 40.93 -15.87
CA PHE A 490 -44.74 41.44 -15.10
C PHE A 490 -44.16 40.31 -14.25
N PRO A 491 -42.84 40.07 -14.32
CA PRO A 491 -42.29 38.85 -13.71
C PRO A 491 -42.23 38.88 -12.19
N LEU A 492 -42.32 40.04 -11.57
CA LEU A 492 -42.11 40.20 -10.14
C LEU A 492 -43.43 40.44 -9.43
N GLN A 493 -43.71 39.63 -8.42
CA GLN A 493 -44.87 39.83 -7.55
C GLN A 493 -44.41 40.40 -6.22
N SER A 494 -45.26 41.22 -5.61
CA SER A 494 -44.94 41.87 -4.34
C SER A 494 -45.54 41.08 -3.18
N TYR A 495 -44.70 40.80 -2.18
CA TYR A 495 -45.20 40.37 -0.87
C TYR A 495 -45.89 41.52 -0.17
N GLY A 496 -47.22 41.47 -0.10
CA GLY A 496 -47.92 42.34 0.83
C GLY A 496 -47.63 41.89 2.25
N PHE A 497 -47.29 42.83 3.12
CA PHE A 497 -46.96 42.52 4.52
C PHE A 497 -47.78 43.39 5.46
N GLN A 498 -48.61 42.76 6.29
CA GLN A 498 -49.24 43.45 7.41
C GLN A 498 -48.75 42.83 8.73
N PRO A 499 -48.70 43.61 9.81
CA PRO A 499 -48.30 43.04 11.12
C PRO A 499 -49.32 42.10 11.74
N THR A 500 -50.55 42.08 11.24
CA THR A 500 -51.63 41.25 11.77
C THR A 500 -51.59 39.84 11.17
N TYR A 501 -50.62 39.58 10.30
CA TYR A 501 -50.48 38.30 9.62
C TYR A 501 -50.16 37.16 10.60
N GLY A 502 -50.53 35.95 10.19
CA GLY A 502 -50.13 34.75 10.90
C GLY A 502 -48.72 34.31 10.54
N VAL A 503 -48.23 33.33 11.31
CA VAL A 503 -46.91 32.77 11.04
C VAL A 503 -46.95 31.97 9.75
N GLY A 504 -45.93 32.17 8.91
CA GLY A 504 -45.90 31.63 7.57
C GLY A 504 -46.26 32.63 6.48
N TYR A 505 -46.91 33.73 6.84
CA TYR A 505 -47.08 34.88 5.97
C TYR A 505 -46.30 36.10 6.43
N GLN A 506 -45.73 36.04 7.63
CA GLN A 506 -44.93 37.14 8.15
C GLN A 506 -43.57 37.19 7.45
N PRO A 507 -42.95 38.38 7.37
CA PRO A 507 -41.63 38.47 6.74
C PRO A 507 -40.56 37.81 7.58
N TYR A 508 -39.60 37.19 6.91
CA TYR A 508 -38.47 36.52 7.55
C TYR A 508 -37.19 37.00 6.87
N ARG A 509 -36.29 37.57 7.65
CA ARG A 509 -34.98 37.97 7.12
C ARG A 509 -34.04 36.77 7.15
N VAL A 510 -33.43 36.49 5.99
CA VAL A 510 -32.55 35.35 5.82
C VAL A 510 -31.17 35.84 5.40
N VAL A 511 -30.15 35.38 6.12
CA VAL A 511 -28.76 35.56 5.75
C VAL A 511 -28.16 34.17 5.54
N VAL A 512 -27.60 33.95 4.36
CA VAL A 512 -26.99 32.68 3.98
C VAL A 512 -25.48 32.92 3.96
N LEU A 513 -24.77 32.27 4.88
CA LEU A 513 -23.31 32.36 4.93
C LEU A 513 -22.74 31.17 4.18
N SER A 514 -22.02 31.44 3.10
CA SER A 514 -21.38 30.40 2.29
C SER A 514 -19.88 30.56 2.49
N PHE A 515 -19.28 29.63 3.23
CA PHE A 515 -17.84 29.65 3.46
C PHE A 515 -17.17 28.93 2.30
N GLU A 516 -16.52 29.66 1.40
CA GLU A 516 -15.86 29.02 0.28
C GLU A 516 -14.35 29.18 0.40
N LEU A 517 -13.64 28.10 0.03
CA LEU A 517 -12.22 27.92 0.30
C LEU A 517 -11.51 27.63 -1.02
N LEU A 518 -11.09 28.68 -1.70
CA LEU A 518 -10.19 28.57 -2.83
C LEU A 518 -8.76 28.50 -2.34
N HIS A 519 -7.86 28.03 -3.20
CA HIS A 519 -6.48 27.79 -2.77
C HIS A 519 -5.63 29.07 -2.75
N ALA A 520 -6.26 30.23 -2.76
CA ALA A 520 -5.67 31.45 -2.26
C ALA A 520 -5.52 31.33 -0.75
N PRO A 521 -4.60 32.08 -0.13
CA PRO A 521 -4.43 32.04 1.33
C PRO A 521 -5.70 32.42 2.10
N ALA A 522 -6.02 31.62 3.11
CA ALA A 522 -7.23 31.81 3.88
C ALA A 522 -7.06 32.98 4.85
N THR A 523 -8.06 33.86 4.89
CA THR A 523 -8.01 35.04 5.75
C THR A 523 -9.19 35.18 6.67
N VAL A 524 -10.13 34.24 6.69
CA VAL A 524 -11.26 34.26 7.61
C VAL A 524 -11.09 33.11 8.58
N CYS A 525 -10.86 33.44 9.85
CA CYS A 525 -10.67 32.46 10.90
C CYS A 525 -11.54 32.85 12.09
N GLY A 526 -11.57 31.99 13.10
CA GLY A 526 -12.26 32.30 14.34
C GLY A 526 -11.41 33.10 15.30
N PRO A 527 -11.94 33.36 16.49
CA PRO A 527 -11.13 34.01 17.54
C PRO A 527 -10.12 33.03 18.11
N LYS A 528 -8.85 33.41 18.06
CA LYS A 528 -7.77 32.65 18.67
C LYS A 528 -7.79 32.86 20.18
N LYS A 529 -8.27 31.84 20.92
CA LYS A 529 -8.41 31.91 22.36
C LYS A 529 -7.06 32.14 23.05
N SER A 530 -7.06 32.95 24.11
CA SER A 530 -5.86 33.20 24.88
C SER A 530 -6.14 33.03 26.36
N THR A 531 -5.10 32.66 27.10
CA THR A 531 -5.17 32.44 28.54
C THR A 531 -4.06 33.23 29.21
N ASN A 532 -4.23 33.47 30.51
CA ASN A 532 -3.31 34.30 31.29
C ASN A 532 -1.90 33.72 31.30
N LEU A 533 -0.91 34.60 31.13
CA LEU A 533 0.48 34.20 31.07
C LEU A 533 1.00 33.84 32.45
N VAL A 534 1.60 32.65 32.57
CA VAL A 534 2.20 32.19 33.82
C VAL A 534 3.70 32.09 33.61
N LYS A 535 4.45 32.76 34.48
CA LYS A 535 5.91 32.78 34.39
C LYS A 535 6.54 31.94 35.50
N ASN A 536 7.84 31.68 35.32
CA ASN A 536 8.70 30.98 36.27
C ASN A 536 8.23 29.56 36.59
N LYS A 537 7.50 28.93 35.66
CA LYS A 537 7.05 27.56 35.86
C LYS A 537 7.23 26.77 34.57
N CYS A 538 7.48 25.48 34.71
CA CYS A 538 7.64 24.58 33.57
C CYS A 538 6.28 24.31 32.97
N VAL A 539 5.93 25.04 31.90
CA VAL A 539 4.63 24.96 31.26
C VAL A 539 4.81 24.61 29.79
N ASN A 540 3.71 24.15 29.17
CA ASN A 540 3.68 23.92 27.74
C ASN A 540 3.20 25.20 27.07
N PHE A 541 4.09 25.85 26.35
CA PHE A 541 3.78 27.13 25.72
C PHE A 541 3.42 26.91 24.25
N ASN A 542 2.45 27.68 23.78
CA ASN A 542 2.05 27.70 22.38
C ASN A 542 1.90 29.17 22.00
N PHE A 543 2.92 29.71 21.36
CA PHE A 543 3.00 31.12 21.00
C PHE A 543 2.99 31.20 19.47
N ASN A 544 1.84 31.59 18.91
CA ASN A 544 1.63 31.86 17.48
C ASN A 544 1.98 30.65 16.61
N GLY A 545 1.62 29.45 17.10
CA GLY A 545 1.92 28.24 16.37
C GLY A 545 3.25 27.60 16.73
N LEU A 546 4.09 28.28 17.50
CA LEU A 546 5.35 27.72 17.97
C LEU A 546 5.10 27.10 19.34
N THR A 547 5.19 25.78 19.43
CA THR A 547 4.87 25.06 20.65
C THR A 547 6.14 24.49 21.29
N GLY A 548 6.03 24.20 22.57
CA GLY A 548 7.15 23.59 23.28
C GLY A 548 6.85 23.50 24.76
N THR A 549 7.87 23.10 25.51
CA THR A 549 7.80 22.99 26.96
C THR A 549 8.99 23.74 27.56
N GLY A 550 8.74 24.58 28.54
CA GLY A 550 9.85 25.34 29.12
C GLY A 550 9.38 26.21 30.27
N VAL A 551 10.36 26.82 30.92
CA VAL A 551 10.14 27.84 31.94
C VAL A 551 10.30 29.21 31.28
N LEU A 552 9.26 30.03 31.38
CA LEU A 552 9.21 31.33 30.72
C LEU A 552 9.54 32.40 31.74
N THR A 553 10.73 32.99 31.63
CA THR A 553 11.18 34.02 32.55
C THR A 553 11.33 35.34 31.79
N GLU A 554 11.53 36.43 32.54
CA GLU A 554 11.75 37.72 31.92
C GLU A 554 13.12 37.77 31.24
N SER A 555 13.18 38.49 30.12
CA SER A 555 14.36 38.54 29.28
C SER A 555 14.88 39.95 29.15
N ASN A 556 16.21 40.09 29.11
CA ASN A 556 16.88 41.35 28.86
C ASN A 556 17.22 41.57 27.39
N LYS A 557 16.88 40.63 26.52
CA LYS A 557 17.12 40.78 25.09
C LYS A 557 16.10 41.74 24.49
N LYS A 558 16.58 42.82 23.89
CA LYS A 558 15.71 43.82 23.26
C LYS A 558 15.53 43.47 21.80
N PHE A 559 14.34 42.94 21.46
CA PHE A 559 14.04 42.57 20.09
C PHE A 559 13.81 43.81 19.23
N LEU A 560 14.07 43.67 17.94
CA LEU A 560 13.54 44.65 17.01
C LEU A 560 12.04 44.39 16.82
N PRO A 561 11.24 45.43 16.52
CA PRO A 561 9.77 45.28 16.56
C PRO A 561 9.18 44.30 15.55
N PHE A 562 9.89 43.95 14.49
CA PHE A 562 9.38 42.97 13.53
C PHE A 562 9.70 41.54 13.92
N GLN A 563 10.57 41.33 14.91
CA GLN A 563 11.02 40.00 15.28
C GLN A 563 10.18 39.46 16.43
N GLN A 564 9.92 38.15 16.39
CA GLN A 564 9.00 37.51 17.33
C GLN A 564 9.67 36.45 18.17
N PHE A 565 10.47 35.57 17.57
CA PHE A 565 11.11 34.49 18.30
C PHE A 565 12.62 34.70 18.29
N GLY A 566 13.31 33.94 19.13
CA GLY A 566 14.76 34.02 19.21
C GLY A 566 15.40 32.65 19.21
N ARG A 567 16.51 32.54 18.50
CA ARG A 567 17.25 31.30 18.34
C ARG A 567 18.70 31.54 18.72
N ASP A 568 19.32 30.49 19.25
CA ASP A 568 20.74 30.49 19.56
C ASP A 568 21.52 29.97 18.35
N ILE A 569 22.79 29.60 18.56
CA ILE A 569 23.62 29.03 17.51
C ILE A 569 23.05 27.69 17.06
N ALA A 570 22.59 26.88 17.99
CA ALA A 570 22.12 25.53 17.71
C ALA A 570 20.65 25.48 17.24
N ASP A 571 20.10 26.62 16.81
CA ASP A 571 18.76 26.74 16.21
C ASP A 571 17.64 26.27 17.14
N THR A 572 17.78 26.53 18.44
CA THR A 572 16.75 26.22 19.40
C THR A 572 16.12 27.51 19.90
N THR A 573 14.79 27.51 20.04
CA THR A 573 14.08 28.73 20.43
C THR A 573 14.32 29.00 21.91
N ASP A 574 15.13 30.01 22.21
CA ASP A 574 15.40 30.38 23.59
C ASP A 574 14.83 31.74 23.99
N ALA A 575 14.32 32.51 23.05
CA ALA A 575 13.69 33.79 23.34
C ALA A 575 12.44 33.94 22.49
N VAL A 576 11.44 34.64 23.03
CA VAL A 576 10.16 34.77 22.34
C VAL A 576 9.53 36.08 22.79
N ARG A 577 8.61 36.61 21.98
CA ARG A 577 7.84 37.78 22.32
C ARG A 577 6.39 37.38 22.56
N ASP A 578 5.84 37.83 23.67
CA ASP A 578 4.42 37.61 23.94
C ASP A 578 3.58 38.47 23.01
N PRO A 579 2.57 37.91 22.36
CA PRO A 579 1.79 38.70 21.40
C PRO A 579 0.81 39.65 22.05
N GLN A 580 0.32 39.31 23.25
CA GLN A 580 -0.62 40.18 23.94
C GLN A 580 0.06 41.46 24.42
N THR A 581 1.07 41.31 25.28
CA THR A 581 1.88 42.43 25.73
C THR A 581 3.28 42.25 25.15
N LEU A 582 3.77 43.27 24.46
CA LEU A 582 5.04 43.17 23.73
C LEU A 582 6.19 43.19 24.72
N GLU A 583 6.45 42.02 25.30
CA GLU A 583 7.55 41.80 26.21
C GLU A 583 8.29 40.54 25.79
N ILE A 584 9.57 40.48 26.17
CA ILE A 584 10.46 39.43 25.73
C ILE A 584 10.65 38.44 26.88
N LEU A 585 10.49 37.15 26.58
CA LEU A 585 10.59 36.09 27.57
C LEU A 585 11.66 35.10 27.13
N ASP A 586 12.54 34.76 28.06
CA ASP A 586 13.49 33.67 27.88
C ASP A 586 12.84 32.33 28.19
N ILE A 587 13.11 31.34 27.36
CA ILE A 587 12.55 30.01 27.52
C ILE A 587 13.62 29.03 27.99
N THR A 588 13.86 28.98 29.30
CA THR A 588 14.79 28.01 29.83
C THR A 588 14.20 26.62 29.70
N PRO A 589 14.98 25.60 29.31
CA PRO A 589 14.45 24.23 29.28
C PRO A 589 14.12 23.76 30.69
N CYS A 590 13.07 22.93 30.79
CA CYS A 590 12.69 22.37 32.08
C CYS A 590 13.83 21.47 32.57
N SER A 591 14.09 21.51 33.88
CA SER A 591 15.24 20.81 34.45
C SER A 591 15.18 19.31 34.25
N PHE A 592 16.31 18.76 33.82
CA PHE A 592 16.50 17.32 33.65
C PHE A 592 17.88 16.99 34.19
N GLY A 593 18.10 15.75 34.56
CA GLY A 593 19.37 15.40 35.15
C GLY A 593 19.45 13.94 35.53
N GLY A 594 20.68 13.47 35.62
CA GLY A 594 20.92 12.10 36.03
C GLY A 594 20.70 11.94 37.53
N VAL A 595 20.17 10.79 37.91
CA VAL A 595 19.98 10.42 39.30
C VAL A 595 21.01 9.36 39.61
N SER A 596 21.98 9.71 40.45
CA SER A 596 23.06 8.82 40.84
C SER A 596 22.92 8.46 42.31
N VAL A 597 23.26 7.22 42.65
CA VAL A 597 23.14 6.72 44.02
C VAL A 597 24.54 6.50 44.56
N ILE A 598 24.84 7.16 45.68
CA ILE A 598 26.14 7.07 46.34
C ILE A 598 25.96 6.17 47.55
N THR A 599 26.68 5.05 47.58
CA THR A 599 26.52 4.10 48.65
C THR A 599 27.88 3.51 49.01
N PRO A 600 28.05 3.08 50.25
CA PRO A 600 29.11 2.13 50.56
C PRO A 600 28.70 0.72 50.17
N GLY A 601 29.52 -0.27 50.52
CA GLY A 601 29.15 -1.64 50.26
C GLY A 601 27.94 -2.07 51.09
N THR A 602 27.13 -2.96 50.50
CA THR A 602 25.99 -3.51 51.22
C THR A 602 26.42 -4.44 52.35
N ASN A 603 27.65 -4.95 52.30
CA ASN A 603 28.24 -5.59 53.46
C ASN A 603 28.46 -4.61 54.59
N THR A 604 28.71 -3.34 54.27
CA THR A 604 28.94 -2.32 55.29
C THR A 604 27.63 -1.73 55.80
N SER A 605 26.84 -1.13 54.91
CA SER A 605 25.62 -0.45 55.31
C SER A 605 24.66 -0.37 54.14
N ASN A 606 23.40 -0.11 54.46
CA ASN A 606 22.35 0.07 53.46
C ASN A 606 21.99 1.54 53.25
N GLN A 607 22.71 2.45 53.90
CA GLN A 607 22.44 3.88 53.75
C GLN A 607 22.94 4.37 52.39
N VAL A 608 22.11 5.18 51.73
CA VAL A 608 22.46 5.72 50.42
C VAL A 608 22.25 7.23 50.43
N ALA A 609 22.85 7.89 49.46
CA ALA A 609 22.62 9.31 49.18
C ALA A 609 22.28 9.43 47.70
N VAL A 610 21.51 10.46 47.36
CA VAL A 610 21.04 10.64 45.99
C VAL A 610 21.59 11.95 45.45
N LEU A 611 22.24 11.89 44.30
CA LEU A 611 22.74 13.07 43.61
C LEU A 611 21.88 13.31 42.37
N TYR A 612 21.25 14.48 42.31
CA TYR A 612 20.53 14.93 41.13
C TYR A 612 21.45 15.88 40.39
N GLN A 613 21.96 15.43 39.24
CA GLN A 613 23.00 16.16 38.54
C GLN A 613 22.42 17.36 37.81
N ASP A 614 23.09 18.52 37.96
CA ASP A 614 22.72 19.80 37.35
C ASP A 614 21.29 20.23 37.70
N VAL A 615 20.84 19.88 38.91
CA VAL A 615 19.51 20.20 39.38
C VAL A 615 19.63 21.00 40.67
N ASN A 616 18.99 22.16 40.70
CA ASN A 616 18.99 22.97 41.91
C ASN A 616 18.17 22.29 43.00
N CYS A 617 18.53 22.55 44.26
CA CYS A 617 17.96 21.83 45.38
C CYS A 617 16.52 22.26 45.68
N THR A 618 16.07 23.38 45.13
CA THR A 618 14.69 23.84 45.29
C THR A 618 13.73 23.26 44.25
N GLU A 619 14.24 22.45 43.32
CA GLU A 619 13.42 21.91 42.24
C GLU A 619 13.30 20.39 42.30
N VAL A 620 13.49 19.79 43.47
CA VAL A 620 13.39 18.35 43.62
C VAL A 620 12.24 18.00 44.56
N ASN A 641 19.20 17.01 55.42
CA ASN A 641 20.45 16.61 54.78
C ASN A 641 20.42 16.89 53.29
N VAL A 642 20.21 18.15 52.94
CA VAL A 642 20.16 18.60 51.55
C VAL A 642 21.30 19.58 51.34
N PHE A 643 22.17 19.31 50.38
CA PHE A 643 23.36 20.11 50.15
C PHE A 643 23.46 20.43 48.67
N GLN A 644 23.85 21.66 48.35
CA GLN A 644 23.99 22.10 46.97
C GLN A 644 25.46 22.05 46.58
N THR A 645 25.78 21.26 45.56
CA THR A 645 27.11 21.18 44.99
C THR A 645 27.09 21.72 43.57
N ARG A 646 28.29 21.90 43.01
CA ARG A 646 28.39 22.24 41.60
C ARG A 646 28.05 21.06 40.71
N ALA A 647 28.19 19.84 41.20
CA ALA A 647 27.75 18.67 40.44
C ALA A 647 26.22 18.55 40.43
N GLY A 648 25.57 19.02 41.49
CA GLY A 648 24.12 18.93 41.57
C GLY A 648 23.68 18.98 43.02
N CYS A 649 22.44 18.55 43.24
CA CYS A 649 21.89 18.52 44.59
C CYS A 649 22.11 17.15 45.21
N LEU A 650 22.66 17.11 46.41
CA LEU A 650 22.97 15.88 47.10
C LEU A 650 22.08 15.78 48.34
N ILE A 651 21.23 14.75 48.37
CA ILE A 651 20.28 14.53 49.44
C ILE A 651 20.65 13.27 50.18
N GLY A 652 20.77 13.35 51.50
CA GLY A 652 21.10 12.22 52.33
C GLY A 652 22.53 12.18 52.82
N ALA A 653 23.32 13.20 52.53
CA ALA A 653 24.71 13.26 52.98
C ALA A 653 24.90 14.53 53.80
N GLU A 654 25.55 14.39 54.96
CA GLU A 654 25.80 15.52 55.84
C GLU A 654 27.11 16.20 55.43
N HIS A 655 27.01 17.46 55.01
CA HIS A 655 28.19 18.21 54.59
C HIS A 655 29.00 18.63 55.82
N VAL A 656 30.31 18.38 55.77
CA VAL A 656 31.19 18.71 56.88
C VAL A 656 32.25 19.68 56.38
N ASN A 657 32.84 20.43 57.31
CA ASN A 657 33.86 21.41 56.99
C ASN A 657 35.26 20.81 56.99
N ASN A 658 35.43 19.57 57.44
CA ASN A 658 36.73 18.93 57.44
C ASN A 658 37.05 18.36 56.06
N SER A 659 38.35 18.22 55.79
CA SER A 659 38.85 17.70 54.53
C SER A 659 39.52 16.36 54.77
N TYR A 660 39.11 15.34 54.01
CA TYR A 660 39.68 14.01 54.08
C TYR A 660 40.13 13.59 52.68
N GLU A 661 40.66 12.39 52.58
CA GLU A 661 40.95 11.81 51.28
C GLU A 661 39.66 11.38 50.59
N CYS A 662 39.69 11.35 49.26
CA CYS A 662 38.51 11.03 48.48
C CYS A 662 38.23 9.53 48.55
N ASP A 663 37.04 9.17 49.02
CA ASP A 663 36.60 7.78 49.07
C ASP A 663 35.67 7.45 47.90
N ILE A 664 34.56 8.16 47.80
CA ILE A 664 33.64 8.05 46.67
C ILE A 664 33.61 9.39 45.96
N PRO A 665 34.03 9.48 44.70
CA PRO A 665 34.06 10.78 44.03
C PRO A 665 32.67 11.26 43.65
N ILE A 666 32.36 12.49 44.01
CA ILE A 666 31.14 13.16 43.58
C ILE A 666 31.42 14.08 42.40
N GLY A 667 32.48 14.87 42.50
CA GLY A 667 32.84 15.78 41.42
C GLY A 667 32.96 17.20 41.91
N ALA A 668 33.66 18.03 41.13
CA ALA A 668 33.94 19.45 41.44
C ALA A 668 34.60 19.61 42.81
N GLY A 669 35.49 18.69 43.14
CA GLY A 669 36.17 18.70 44.41
C GLY A 669 35.39 18.10 45.56
N ILE A 670 34.17 17.64 45.33
CA ILE A 670 33.34 17.04 46.36
C ILE A 670 33.53 15.53 46.32
N CYS A 671 33.70 14.93 47.50
CA CYS A 671 33.78 13.48 47.65
C CYS A 671 32.91 13.06 48.81
N ALA A 672 32.50 11.80 48.80
CA ALA A 672 31.66 11.24 49.84
C ALA A 672 32.36 10.08 50.52
N SER A 673 32.03 9.88 51.79
CA SER A 673 32.61 8.79 52.57
C SER A 673 31.63 8.33 53.62
N TYR A 674 31.88 7.17 54.19
CA TYR A 674 31.05 6.59 55.23
C TYR A 674 31.82 6.55 56.54
N GLN A 675 31.22 7.11 57.59
CA GLN A 675 31.85 7.14 58.89
C GLN A 675 30.81 7.16 60.01
N SER A 691 27.22 7.21 59.27
CA SER A 691 26.46 7.95 58.28
C SER A 691 27.31 8.34 57.09
N ILE A 692 26.68 8.85 56.04
CA ILE A 692 27.36 9.26 54.81
C ILE A 692 27.63 10.76 54.91
N ILE A 693 28.89 11.14 54.77
CA ILE A 693 29.29 12.53 54.79
C ILE A 693 29.83 12.92 53.43
N ALA A 694 29.71 14.20 53.12
CA ALA A 694 30.22 14.78 51.88
C ALA A 694 31.11 15.95 52.24
N TYR A 695 32.20 16.11 51.51
CA TYR A 695 33.21 17.09 51.90
C TYR A 695 34.01 17.52 50.70
N THR A 696 34.69 18.65 50.85
CA THR A 696 35.73 19.03 49.90
C THR A 696 36.96 18.22 50.23
N MET A 697 37.53 17.58 49.22
CA MET A 697 38.58 16.61 49.49
C MET A 697 39.91 17.30 49.68
N SER A 698 40.90 16.53 50.13
CA SER A 698 42.23 17.00 50.42
C SER A 698 43.19 16.21 49.57
N LEU A 699 44.09 16.92 48.88
CA LEU A 699 45.04 16.27 47.99
C LEU A 699 46.05 15.43 48.77
N GLY A 700 46.56 15.97 49.87
CA GLY A 700 47.57 15.27 50.65
C GLY A 700 47.87 16.04 51.91
N ALA A 701 48.69 15.42 52.76
CA ALA A 701 49.23 16.11 53.91
C ALA A 701 50.26 17.13 53.46
N GLU A 702 50.20 18.34 54.02
CA GLU A 702 51.22 19.33 53.70
C GLU A 702 52.55 18.91 54.32
N ASN A 703 53.62 18.96 53.51
CA ASN A 703 54.96 18.62 53.98
C ASN A 703 55.87 19.79 53.63
N SER A 704 56.15 20.65 54.60
CA SER A 704 56.96 21.82 54.34
C SER A 704 58.42 21.39 54.36
N VAL A 705 59.09 21.47 53.22
CA VAL A 705 60.49 21.08 53.15
C VAL A 705 61.34 22.16 53.81
N ALA A 706 62.19 21.75 54.75
CA ALA A 706 63.05 22.68 55.50
C ALA A 706 64.21 23.13 54.62
N TYR A 707 63.90 24.01 53.68
CA TYR A 707 64.90 24.51 52.76
C TYR A 707 65.72 25.61 53.42
N SER A 708 67.03 25.54 53.22
CA SER A 708 67.93 26.66 53.45
C SER A 708 69.10 26.51 52.50
N ASN A 709 69.88 27.57 52.37
CA ASN A 709 70.88 27.64 51.30
C ASN A 709 72.16 26.88 51.61
N ASN A 710 72.29 26.29 52.80
CA ASN A 710 73.52 25.59 53.15
C ASN A 710 73.26 24.30 53.93
N SER A 711 72.05 23.75 53.88
CA SER A 711 71.72 22.53 54.58
C SER A 711 71.25 21.47 53.59
N ILE A 712 71.66 20.23 53.83
CA ILE A 712 71.28 19.11 52.98
C ILE A 712 70.78 17.99 53.88
N ALA A 713 69.95 17.11 53.31
CA ALA A 713 69.47 15.93 54.00
C ALA A 713 70.04 14.71 53.29
N ILE A 714 70.75 13.86 54.03
CA ILE A 714 71.42 12.69 53.49
C ILE A 714 70.79 11.46 54.11
N PRO A 715 70.39 10.45 53.33
CA PRO A 715 69.83 9.24 53.91
C PRO A 715 70.89 8.40 54.61
N THR A 716 70.50 7.83 55.76
CA THR A 716 71.38 6.94 56.49
C THR A 716 70.95 5.48 56.42
N ASN A 717 69.84 5.18 55.74
CA ASN A 717 69.32 3.82 55.68
C ASN A 717 68.49 3.69 54.40
N PHE A 718 67.98 2.48 54.18
CA PHE A 718 67.24 2.21 52.96
C PHE A 718 66.20 1.13 53.21
N THR A 719 65.22 1.09 52.31
CA THR A 719 64.18 0.08 52.30
C THR A 719 64.16 -0.56 50.92
N ILE A 720 64.22 -1.88 50.88
CA ILE A 720 64.05 -2.63 49.64
C ILE A 720 62.56 -2.85 49.46
N SER A 721 61.97 -2.14 48.51
CA SER A 721 60.52 -2.13 48.34
C SER A 721 60.15 -2.84 47.05
N VAL A 722 59.25 -3.82 47.15
CA VAL A 722 58.74 -4.54 46.00
C VAL A 722 57.30 -4.14 45.78
N THR A 723 57.00 -3.67 44.56
CA THR A 723 55.67 -3.22 44.21
C THR A 723 55.13 -4.02 43.03
N THR A 724 53.81 -4.12 42.94
CA THR A 724 53.16 -4.85 41.87
C THR A 724 52.70 -3.90 40.77
N GLU A 725 52.81 -4.35 39.52
CA GLU A 725 52.23 -3.62 38.40
C GLU A 725 51.55 -4.62 37.47
N ILE A 726 50.24 -4.48 37.33
CA ILE A 726 49.44 -5.41 36.53
C ILE A 726 49.13 -4.76 35.19
N LEU A 727 49.47 -5.44 34.11
CA LEU A 727 49.25 -4.92 32.76
C LEU A 727 48.54 -5.96 31.90
N PRO A 728 47.39 -5.64 31.33
CA PRO A 728 46.76 -6.59 30.39
C PRO A 728 47.55 -6.71 29.10
N VAL A 729 47.53 -7.90 28.52
CA VAL A 729 48.30 -8.23 27.33
C VAL A 729 47.41 -8.56 26.15
N SER A 730 46.45 -9.47 26.34
CA SER A 730 45.60 -9.93 25.26
C SER A 730 44.16 -10.02 25.74
N MET A 731 43.24 -10.21 24.80
CA MET A 731 41.85 -10.47 25.09
C MET A 731 41.49 -11.89 24.69
N THR A 732 40.23 -12.24 24.94
CA THR A 732 39.65 -13.47 24.40
C THR A 732 39.45 -13.32 22.90
N LYS A 733 39.99 -14.26 22.12
CA LYS A 733 39.85 -14.24 20.67
C LYS A 733 38.45 -14.71 20.31
N THR A 734 37.58 -13.78 19.95
CA THR A 734 36.21 -14.09 19.58
C THR A 734 36.02 -13.94 18.08
N SER A 735 35.32 -14.91 17.49
CA SER A 735 34.96 -14.86 16.08
C SER A 735 33.45 -15.05 15.95
N VAL A 736 32.83 -14.25 15.09
CA VAL A 736 31.39 -14.30 14.91
C VAL A 736 31.10 -14.64 13.45
N ASP A 737 30.40 -15.75 13.23
CA ASP A 737 29.88 -16.07 11.91
C ASP A 737 28.74 -15.10 11.61
N CYS A 738 29.00 -14.15 10.71
CA CYS A 738 28.06 -13.08 10.43
C CYS A 738 26.76 -13.60 9.80
N THR A 739 26.87 -14.53 8.85
CA THR A 739 25.70 -15.11 8.22
C THR A 739 24.87 -15.93 9.21
N MET A 740 25.53 -16.69 10.09
CA MET A 740 24.80 -17.48 11.07
C MET A 740 24.21 -16.60 12.17
N TYR A 741 24.91 -15.52 12.54
CA TYR A 741 24.38 -14.61 13.56
C TYR A 741 23.15 -13.87 13.05
N ILE A 742 23.20 -13.37 11.82
CA ILE A 742 22.05 -12.62 11.28
C ILE A 742 20.90 -13.56 10.95
N CYS A 743 21.20 -14.73 10.38
CA CYS A 743 20.16 -15.53 9.74
C CYS A 743 20.03 -16.96 10.26
N GLY A 744 21.08 -17.54 10.82
CA GLY A 744 20.97 -18.93 11.25
C GLY A 744 20.98 -19.86 10.04
N ASP A 745 19.96 -20.71 9.98
CA ASP A 745 19.83 -21.70 8.91
C ASP A 745 18.80 -21.31 7.86
N SER A 746 18.29 -20.08 7.91
CA SER A 746 17.26 -19.65 6.97
C SER A 746 17.90 -19.29 5.63
N THR A 747 17.46 -19.97 4.56
CA THR A 747 18.01 -19.71 3.24
C THR A 747 17.49 -18.41 2.64
N GLU A 748 16.23 -18.07 2.92
CA GLU A 748 15.66 -16.83 2.42
C GLU A 748 16.33 -15.62 3.04
N CYS A 749 16.66 -15.72 4.33
CA CYS A 749 17.38 -14.65 5.02
C CYS A 749 18.76 -14.45 4.43
N SER A 750 19.47 -15.53 4.09
CA SER A 750 20.80 -15.39 3.49
C SER A 750 20.71 -14.86 2.07
N ASN A 751 19.65 -15.23 1.33
CA ASN A 751 19.43 -14.68 0.00
C ASN A 751 19.16 -13.18 0.06
N LEU A 752 18.42 -12.73 1.06
CA LEU A 752 18.24 -11.29 1.22
C LEU A 752 19.49 -10.61 1.77
N LEU A 753 20.31 -11.34 2.53
CA LEU A 753 21.53 -10.78 3.10
C LEU A 753 22.60 -10.60 2.04
N LEU A 754 22.57 -11.42 0.98
CA LEU A 754 23.52 -11.25 -0.12
C LEU A 754 23.28 -9.98 -0.92
N GLN A 755 22.12 -9.32 -0.76
CA GLN A 755 21.87 -8.06 -1.44
C GLN A 755 22.68 -6.91 -0.84
N TYR A 756 23.13 -7.05 0.40
CA TYR A 756 23.92 -6.02 1.07
C TYR A 756 25.41 -6.12 0.79
N GLY A 757 25.87 -7.16 0.10
CA GLY A 757 27.24 -7.20 -0.34
C GLY A 757 28.18 -7.86 0.64
N SER A 758 29.36 -7.26 0.82
CA SER A 758 30.46 -7.86 1.58
C SER A 758 30.61 -7.26 2.97
N PHE A 759 29.49 -6.95 3.64
CA PHE A 759 29.57 -6.51 5.03
C PHE A 759 30.06 -7.62 5.93
N CYS A 760 29.57 -8.84 5.72
CA CYS A 760 29.96 -9.99 6.56
C CYS A 760 31.42 -10.32 6.39
N THR A 761 31.94 -10.19 5.16
CA THR A 761 33.37 -10.40 4.92
C THR A 761 34.21 -9.37 5.64
N GLN A 762 33.75 -8.11 5.67
CA GLN A 762 34.44 -7.07 6.42
C GLN A 762 34.48 -7.35 7.91
N LEU A 763 33.33 -7.77 8.47
CA LEU A 763 33.28 -8.03 9.91
C LEU A 763 34.12 -9.25 10.29
N ASN A 764 34.09 -10.31 9.47
CA ASN A 764 34.91 -11.48 9.74
C ASN A 764 36.39 -11.18 9.60
N ARG A 765 36.76 -10.34 8.63
CA ARG A 765 38.15 -9.95 8.45
C ARG A 765 38.65 -9.10 9.62
N ALA A 766 37.80 -8.19 10.12
CA ALA A 766 38.17 -7.37 11.27
C ALA A 766 38.34 -8.22 12.52
N LEU A 767 37.44 -9.19 12.74
CA LEU A 767 37.56 -10.06 13.90
C LEU A 767 38.78 -10.98 13.78
N THR A 768 39.10 -11.42 12.56
CA THR A 768 40.30 -12.23 12.35
C THR A 768 41.57 -11.42 12.61
N GLY A 769 41.56 -10.15 12.20
CA GLY A 769 42.69 -9.27 12.50
C GLY A 769 42.89 -9.04 13.99
N ILE A 770 41.79 -8.88 14.72
CA ILE A 770 41.85 -8.77 16.18
C ILE A 770 42.40 -10.06 16.80
N ALA A 771 41.93 -11.21 16.30
CA ALA A 771 42.33 -12.50 16.85
C ALA A 771 43.81 -12.78 16.63
N VAL A 772 44.34 -12.42 15.46
CA VAL A 772 45.79 -12.60 15.26
C VAL A 772 46.59 -11.51 15.96
N GLU A 773 45.98 -10.34 16.21
CA GLU A 773 46.69 -9.28 16.93
C GLU A 773 46.90 -9.65 18.40
N GLN A 774 45.96 -10.40 18.99
CA GLN A 774 46.14 -10.85 20.37
C GLN A 774 47.33 -11.81 20.50
N ASP A 775 47.47 -12.74 19.55
CA ASP A 775 48.61 -13.65 19.57
C ASP A 775 49.91 -12.91 19.30
N LYS A 776 49.88 -11.90 18.41
CA LYS A 776 51.06 -11.07 18.20
C LYS A 776 51.45 -10.31 19.45
N ASN A 777 50.47 -9.83 20.21
CA ASN A 777 50.73 -9.14 21.47
C ASN A 777 51.38 -10.08 22.49
N THR A 778 50.90 -11.32 22.58
CA THR A 778 51.48 -12.26 23.53
C THR A 778 52.90 -12.66 23.13
N GLN A 779 53.15 -12.81 21.81
CA GLN A 779 54.51 -13.03 21.32
C GLN A 779 55.43 -11.86 21.65
N GLU A 780 54.93 -10.63 21.48
CA GLU A 780 55.77 -9.46 21.71
C GLU A 780 56.07 -9.28 23.20
N VAL A 781 55.14 -9.63 24.07
CA VAL A 781 55.38 -9.46 25.50
C VAL A 781 56.28 -10.57 26.04
N PHE A 782 55.89 -11.83 25.83
CA PHE A 782 56.52 -12.92 26.58
C PHE A 782 57.65 -13.61 25.85
N ALA A 783 57.64 -13.65 24.52
CA ALA A 783 58.66 -14.39 23.77
C ALA A 783 59.76 -13.45 23.32
N GLN A 784 60.50 -12.94 24.29
CA GLN A 784 61.65 -12.08 24.01
C GLN A 784 62.98 -12.81 24.16
N VAL A 785 62.96 -14.09 24.52
CA VAL A 785 64.18 -14.89 24.63
C VAL A 785 64.00 -16.16 23.82
N LYS A 786 65.05 -16.53 23.08
CA LYS A 786 65.06 -17.77 22.32
C LYS A 786 65.77 -18.90 23.07
N GLN A 787 66.24 -18.65 24.28
CA GLN A 787 66.87 -19.67 25.11
C GLN A 787 66.03 -19.86 26.37
N ILE A 788 65.74 -21.12 26.70
CA ILE A 788 64.96 -21.45 27.88
C ILE A 788 65.95 -21.70 29.02
N TYR A 789 66.19 -20.67 29.82
CA TYR A 789 67.13 -20.75 30.93
C TYR A 789 66.48 -21.46 32.11
N LYS A 790 67.30 -22.18 32.87
CA LYS A 790 66.84 -22.90 34.05
C LYS A 790 67.72 -22.51 35.24
N THR A 791 67.10 -22.44 36.41
CA THR A 791 67.85 -22.19 37.63
C THR A 791 68.66 -23.43 38.02
N PRO A 792 69.77 -23.25 38.74
CA PRO A 792 70.49 -24.40 39.27
C PRO A 792 69.68 -25.11 40.34
N PRO A 793 69.89 -26.42 40.54
CA PRO A 793 69.15 -27.13 41.60
C PRO A 793 69.42 -26.64 43.01
N ILE A 794 70.62 -26.12 43.27
CA ILE A 794 70.94 -25.56 44.58
C ILE A 794 70.65 -24.07 44.56
N LYS A 795 69.77 -23.65 45.46
CA LYS A 795 69.31 -22.26 45.51
C LYS A 795 70.15 -21.45 46.50
N ASP A 796 71.44 -21.36 46.22
CA ASP A 796 72.38 -20.60 47.05
C ASP A 796 72.63 -19.26 46.37
N PHE A 797 71.82 -18.26 46.73
CA PHE A 797 71.93 -16.94 46.15
C PHE A 797 72.38 -15.89 47.16
N GLY A 798 73.14 -16.32 48.18
CA GLY A 798 73.61 -15.41 49.20
C GLY A 798 72.54 -14.84 50.11
N GLY A 799 71.57 -15.66 50.50
CA GLY A 799 70.50 -15.26 51.40
C GLY A 799 69.23 -14.82 50.71
N PHE A 800 69.26 -14.61 49.40
CA PHE A 800 68.08 -14.16 48.67
C PHE A 800 67.17 -15.34 48.40
N ASN A 801 65.90 -15.19 48.75
CA ASN A 801 64.89 -16.24 48.61
C ASN A 801 63.99 -15.88 47.44
N PHE A 802 63.89 -16.78 46.47
CA PHE A 802 63.05 -16.60 45.30
C PHE A 802 61.98 -17.68 45.18
N SER A 803 61.65 -18.36 46.28
CA SER A 803 60.74 -19.50 46.20
C SER A 803 59.32 -19.07 45.88
N GLN A 804 58.95 -17.84 46.22
CA GLN A 804 57.61 -17.36 45.91
C GLN A 804 57.46 -16.94 44.45
N ILE A 805 58.57 -16.77 43.72
CA ILE A 805 58.51 -16.39 42.31
C ILE A 805 59.05 -17.47 41.39
N LEU A 806 59.87 -18.39 41.88
CA LEU A 806 60.29 -19.52 41.06
C LEU A 806 59.18 -20.55 40.97
N PRO A 807 59.14 -21.36 39.90
CA PRO A 807 58.09 -22.38 39.77
C PRO A 807 58.15 -23.45 40.85
N ASP A 808 56.97 -23.89 41.27
CA ASP A 808 56.85 -24.92 42.28
C ASP A 808 56.90 -26.29 41.60
N PRO A 809 57.85 -27.16 41.95
CA PRO A 809 57.88 -28.50 41.34
C PRO A 809 56.70 -29.38 41.74
N SER A 810 56.08 -29.12 42.90
CA SER A 810 54.97 -29.94 43.36
C SER A 810 53.69 -29.66 42.59
N LYS A 811 53.58 -28.50 41.95
CA LYS A 811 52.35 -28.20 41.21
C LYS A 811 52.45 -28.74 39.78
N PRO A 812 51.39 -29.38 39.28
CA PRO A 812 51.42 -29.88 37.90
C PRO A 812 51.43 -28.78 36.85
N SER A 813 50.98 -27.57 37.19
CA SER A 813 50.97 -26.47 36.23
C SER A 813 52.33 -25.80 36.10
N LYS A 814 53.29 -26.18 36.95
CA LYS A 814 54.66 -25.63 36.99
C LYS A 814 54.67 -24.11 37.18
N ARG A 815 53.73 -23.61 37.96
CA ARG A 815 53.63 -22.18 38.24
C ARG A 815 54.28 -21.85 39.57
N SER A 816 54.62 -20.58 39.73
CA SER A 816 55.06 -20.04 41.01
C SER A 816 53.86 -19.93 41.94
N PRO A 817 54.09 -19.89 43.26
CA PRO A 817 52.97 -19.62 44.19
C PRO A 817 52.27 -18.30 43.94
N ILE A 818 53.03 -17.27 43.57
CA ILE A 818 52.42 -15.98 43.21
C ILE A 818 51.59 -16.12 41.94
N GLU A 819 52.12 -16.81 40.92
CA GLU A 819 51.37 -17.00 39.67
C GLU A 819 50.15 -17.89 39.88
N ASP A 820 50.27 -18.89 40.78
CA ASP A 820 49.13 -19.73 41.10
C ASP A 820 48.04 -18.93 41.80
N LEU A 821 48.44 -18.02 42.70
CA LEU A 821 47.46 -17.16 43.36
C LEU A 821 46.82 -16.18 42.37
N LEU A 822 47.61 -15.68 41.42
CA LEU A 822 47.07 -14.80 40.37
C LEU A 822 46.05 -15.53 39.49
N PHE A 823 46.34 -16.78 39.15
CA PHE A 823 45.39 -17.56 38.35
C PHE A 823 44.17 -17.96 39.16
N ASN A 824 44.30 -18.10 40.48
CA ASN A 824 43.12 -18.34 41.29
C ASN A 824 42.28 -17.10 41.49
N LYS A 825 42.88 -15.91 41.47
CA LYS A 825 42.12 -14.70 41.75
C LYS A 825 41.40 -14.13 40.53
N VAL A 826 41.62 -14.68 39.34
CA VAL A 826 40.97 -14.20 38.13
C VAL A 826 39.92 -15.23 37.71
N THR A 827 38.66 -14.80 37.67
CA THR A 827 37.56 -15.70 37.31
C THR A 827 36.86 -15.21 36.05
N ASN A 856 25.10 -19.17 18.66
CA ASN A 856 24.50 -18.34 17.63
C ASN A 856 25.57 -17.78 16.71
N GLY A 857 26.54 -18.62 16.35
CA GLY A 857 27.61 -18.23 15.45
C GLY A 857 28.83 -17.67 16.14
N LEU A 858 28.85 -17.64 17.47
CA LEU A 858 30.00 -17.15 18.22
C LEU A 858 30.92 -18.32 18.54
N THR A 859 32.22 -18.10 18.34
CA THR A 859 33.25 -19.07 18.67
C THR A 859 34.38 -18.36 19.41
N VAL A 860 35.03 -19.10 20.30
CA VAL A 860 36.20 -18.62 21.02
C VAL A 860 37.39 -19.41 20.53
N LEU A 861 38.31 -18.74 19.85
CA LEU A 861 39.54 -19.38 19.40
C LEU A 861 40.50 -19.48 20.55
N PRO A 862 41.13 -20.64 20.77
CA PRO A 862 42.11 -20.76 21.85
C PRO A 862 43.37 -19.97 21.50
N PRO A 863 44.06 -19.44 22.50
CA PRO A 863 45.33 -18.74 22.24
C PRO A 863 46.41 -19.69 21.78
N LEU A 864 47.34 -19.16 20.99
CA LEU A 864 48.45 -19.97 20.48
C LEU A 864 49.38 -20.42 21.61
N LEU A 865 49.66 -19.53 22.56
CA LEU A 865 50.44 -19.90 23.74
C LEU A 865 49.50 -20.24 24.89
N THR A 866 49.58 -21.47 25.36
CA THR A 866 48.84 -21.87 26.55
C THR A 866 49.48 -21.29 27.80
N ASP A 867 48.78 -21.45 28.92
CA ASP A 867 49.21 -20.81 30.17
C ASP A 867 50.48 -21.45 30.73
N GLU A 868 50.67 -22.75 30.53
CA GLU A 868 51.90 -23.38 31.00
C GLU A 868 53.11 -22.96 30.16
N MET A 869 52.92 -22.72 28.86
CA MET A 869 54.05 -22.24 28.06
C MET A 869 54.37 -20.77 28.34
N ILE A 870 53.36 -19.96 28.66
CA ILE A 870 53.61 -18.59 29.11
C ILE A 870 54.33 -18.61 30.45
N ALA A 871 53.94 -19.52 31.34
CA ALA A 871 54.64 -19.69 32.61
C ALA A 871 56.07 -20.18 32.40
N GLN A 872 56.28 -21.01 31.37
CA GLN A 872 57.64 -21.45 31.04
C GLN A 872 58.48 -20.29 30.52
N TYR A 873 57.88 -19.40 29.73
CA TYR A 873 58.57 -18.19 29.27
C TYR A 873 58.96 -17.30 30.44
N THR A 874 58.04 -17.09 31.39
CA THR A 874 58.34 -16.28 32.56
C THR A 874 59.40 -16.94 33.44
N SER A 875 59.36 -18.27 33.54
CA SER A 875 60.38 -18.99 34.30
C SER A 875 61.75 -18.86 33.66
N ALA A 876 61.81 -18.89 32.32
CA ALA A 876 63.07 -18.67 31.61
C ALA A 876 63.59 -17.26 31.83
N LEU A 877 62.69 -16.27 31.81
CA LEU A 877 63.10 -14.89 32.08
C LEU A 877 63.59 -14.71 33.51
N LEU A 878 62.93 -15.36 34.48
CA LEU A 878 63.36 -15.29 35.88
C LEU A 878 64.71 -15.95 36.06
N ALA A 879 64.92 -17.12 35.44
CA ALA A 879 66.20 -17.81 35.54
C ALA A 879 67.32 -17.00 34.90
N GLY A 880 67.02 -16.35 33.77
CA GLY A 880 68.02 -15.50 33.13
C GLY A 880 68.38 -14.28 33.97
N THR A 881 67.37 -13.61 34.54
CA THR A 881 67.68 -12.41 35.32
C THR A 881 68.24 -12.74 36.69
N ILE A 882 68.06 -13.96 37.18
CA ILE A 882 68.67 -14.33 38.46
C ILE A 882 70.11 -14.80 38.25
N THR A 883 70.33 -15.71 37.29
CA THR A 883 71.65 -16.29 37.15
C THR A 883 72.60 -15.44 36.32
N SER A 884 72.09 -14.53 35.49
CA SER A 884 72.95 -13.82 34.57
C SER A 884 72.78 -12.31 34.58
N GLY A 885 71.84 -11.78 35.34
CA GLY A 885 71.64 -10.33 35.37
C GLY A 885 70.99 -9.84 34.09
N TRP A 886 71.52 -8.76 33.54
CA TRP A 886 71.04 -8.21 32.29
C TRP A 886 71.84 -8.68 31.08
N THR A 887 72.77 -9.63 31.28
CA THR A 887 73.65 -10.04 30.19
C THR A 887 72.92 -10.91 29.18
N PHE A 888 71.93 -11.68 29.62
CA PHE A 888 71.19 -12.54 28.70
C PHE A 888 70.27 -11.75 27.77
N GLY A 889 69.87 -10.55 28.15
CA GLY A 889 69.07 -9.70 27.30
C GLY A 889 69.84 -8.98 26.21
N ALA A 890 71.16 -8.96 26.29
CA ALA A 890 71.99 -8.28 25.30
C ALA A 890 72.88 -9.23 24.51
N GLY A 891 72.83 -10.52 24.79
CA GLY A 891 73.65 -11.47 24.08
C GLY A 891 73.65 -12.82 24.76
N PRO A 892 74.82 -13.47 24.82
CA PRO A 892 74.92 -14.73 25.57
C PRO A 892 74.78 -14.49 27.06
N ALA A 893 74.20 -15.47 27.74
CA ALA A 893 74.01 -15.38 29.18
C ALA A 893 75.32 -15.62 29.90
N LEU A 894 75.81 -14.59 30.59
CA LEU A 894 77.06 -14.67 31.32
C LEU A 894 76.72 -14.82 32.79
N GLN A 895 77.16 -15.93 33.40
CA GLN A 895 76.84 -16.18 34.79
C GLN A 895 77.59 -15.22 35.70
N ILE A 896 76.98 -14.93 36.84
CA ILE A 896 77.51 -13.97 37.80
C ILE A 896 76.85 -14.31 39.13
N PRO A 897 77.57 -14.25 40.25
CA PRO A 897 76.92 -14.39 41.56
C PRO A 897 75.89 -13.30 41.81
N PHE A 898 74.78 -13.70 42.42
CA PHE A 898 73.70 -12.74 42.65
C PHE A 898 74.05 -11.57 43.58
N PRO A 899 74.85 -11.72 44.66
CA PRO A 899 75.25 -10.50 45.39
C PRO A 899 76.08 -9.55 44.53
N MET A 900 76.96 -10.07 43.67
CA MET A 900 77.73 -9.21 42.79
C MET A 900 76.82 -8.51 41.78
N GLN A 901 75.81 -9.21 41.26
CA GLN A 901 74.84 -8.61 40.35
C GLN A 901 74.07 -7.51 41.07
N MET A 902 73.67 -7.75 42.32
CA MET A 902 72.97 -6.75 43.10
C MET A 902 73.86 -5.54 43.34
N ALA A 903 75.16 -5.77 43.57
CA ALA A 903 76.11 -4.68 43.74
C ALA A 903 76.21 -3.85 42.46
N TYR A 904 76.18 -4.52 41.31
CA TYR A 904 76.18 -3.80 40.02
C TYR A 904 74.93 -2.94 39.88
N ARG A 905 73.77 -3.48 40.29
CA ARG A 905 72.54 -2.71 40.27
C ARG A 905 72.60 -1.53 41.23
N PHE A 906 73.25 -1.73 42.39
CA PHE A 906 73.46 -0.67 43.35
C PHE A 906 74.31 0.44 42.74
N ASN A 907 75.27 0.07 41.90
CA ASN A 907 76.15 1.08 41.31
C ASN A 907 75.42 1.78 40.17
N GLY A 908 74.47 1.09 39.55
CA GLY A 908 73.61 1.72 38.55
C GLY A 908 72.78 2.86 39.11
N ILE A 909 72.33 2.74 40.36
CA ILE A 909 71.55 3.81 40.99
C ILE A 909 72.46 4.73 41.79
N GLY A 910 73.77 4.59 41.62
CA GLY A 910 74.70 5.51 42.25
C GLY A 910 75.06 5.25 43.70
N VAL A 911 74.94 4.02 44.17
CA VAL A 911 75.38 3.67 45.52
C VAL A 911 76.54 2.68 45.39
N THR A 912 77.58 2.90 46.19
CA THR A 912 78.82 2.13 46.11
C THR A 912 78.58 0.66 46.48
N GLN A 913 79.45 -0.21 45.92
CA GLN A 913 79.36 -1.65 46.15
C GLN A 913 79.50 -2.03 47.62
N ASN A 914 80.34 -1.29 48.37
CA ASN A 914 80.64 -1.63 49.76
C ASN A 914 79.35 -1.62 50.59
N VAL A 915 78.44 -0.69 50.31
CA VAL A 915 77.19 -0.57 51.06
C VAL A 915 76.39 -1.86 50.92
N LEU A 916 76.32 -2.38 49.69
CA LEU A 916 75.63 -3.65 49.44
C LEU A 916 76.30 -4.80 50.18
N TYR A 917 77.64 -4.90 50.08
CA TYR A 917 78.34 -6.03 50.69
C TYR A 917 78.27 -6.01 52.21
N GLU A 918 78.44 -4.84 52.83
CA GLU A 918 78.42 -4.72 54.28
C GLU A 918 77.04 -5.05 54.85
N ASN A 919 75.98 -4.64 54.16
CA ASN A 919 74.61 -4.81 54.63
C ASN A 919 73.86 -5.83 53.78
N GLN A 920 74.50 -6.94 53.45
CA GLN A 920 73.92 -7.91 52.52
C GLN A 920 72.85 -8.75 53.21
N LYS A 921 73.09 -9.16 54.46
CA LYS A 921 72.09 -9.91 55.21
C LYS A 921 70.83 -9.08 55.43
N LEU A 922 70.99 -7.78 55.73
CA LEU A 922 69.85 -6.91 55.92
C LEU A 922 69.08 -6.71 54.61
N ILE A 923 69.79 -6.61 53.48
CA ILE A 923 69.13 -6.40 52.20
C ILE A 923 68.37 -7.65 51.79
N ALA A 924 68.97 -8.82 52.01
CA ALA A 924 68.29 -10.09 51.70
C ALA A 924 67.07 -10.28 52.57
N ASN A 925 67.17 -9.93 53.86
CA ASN A 925 66.01 -10.05 54.76
C ASN A 925 64.89 -9.10 54.36
N GLN A 926 65.24 -7.86 53.98
CA GLN A 926 64.24 -6.89 53.53
C GLN A 926 63.58 -7.35 52.24
N PHE A 927 64.36 -7.92 51.32
CA PHE A 927 63.81 -8.42 50.06
C PHE A 927 62.86 -9.58 50.28
N ASN A 928 63.22 -10.52 51.16
CA ASN A 928 62.36 -11.65 51.46
C ASN A 928 61.07 -11.20 52.16
N SER A 929 61.19 -10.23 53.07
CA SER A 929 60.01 -9.70 53.75
C SER A 929 59.09 -8.97 52.79
N ALA A 930 59.67 -8.23 51.83
CA ALA A 930 58.85 -7.53 50.84
C ALA A 930 58.15 -8.49 49.90
N ILE A 931 58.83 -9.57 49.50
CA ILE A 931 58.20 -10.58 48.64
C ILE A 931 57.05 -11.29 49.37
N GLY A 932 57.26 -11.59 50.66
CA GLY A 932 56.17 -12.15 51.45
C GLY A 932 55.01 -11.18 51.64
N LYS A 933 55.31 -9.90 51.80
CA LYS A 933 54.24 -8.91 51.90
C LYS A 933 53.49 -8.76 50.59
N ILE A 934 54.17 -8.95 49.46
CA ILE A 934 53.51 -8.94 48.15
C ILE A 934 52.52 -10.09 48.04
N GLN A 935 52.94 -11.29 48.47
CA GLN A 935 52.04 -12.45 48.42
C GLN A 935 50.86 -12.26 49.38
N ASP A 936 51.12 -11.73 50.57
CA ASP A 936 50.04 -11.48 51.53
C ASP A 936 49.07 -10.41 51.04
N SER A 937 49.59 -9.35 50.42
CA SER A 937 48.74 -8.28 49.90
C SER A 937 47.90 -8.76 48.73
N LEU A 938 48.46 -9.61 47.87
CA LEU A 938 47.67 -10.17 46.79
C LEU A 938 46.62 -11.13 47.30
N SER A 939 46.94 -11.92 48.34
CA SER A 939 45.98 -12.84 48.90
C SER A 939 44.93 -12.16 49.77
N SER A 940 45.15 -10.92 50.19
CA SER A 940 44.22 -10.23 51.07
C SER A 940 43.46 -9.09 50.43
N THR A 941 43.69 -8.78 49.14
CA THR A 941 42.99 -7.69 48.49
C THR A 941 42.15 -8.23 47.33
N PRO A 942 40.83 -8.02 47.34
CA PRO A 942 40.01 -8.52 46.22
C PRO A 942 40.15 -7.69 44.95
N SER A 943 40.42 -6.39 45.07
CA SER A 943 40.46 -5.50 43.92
C SER A 943 41.88 -5.27 43.40
N ALA A 944 42.81 -6.17 43.71
CA ALA A 944 44.18 -6.02 43.25
C ALA A 944 44.28 -6.27 41.75
N LEU A 945 43.52 -7.25 41.25
CA LEU A 945 43.58 -7.68 39.85
C LEU A 945 42.45 -7.07 39.03
N GLY A 946 42.08 -5.82 39.30
CA GLY A 946 40.92 -5.22 38.66
C GLY A 946 41.13 -4.88 37.20
N LYS A 947 42.38 -4.72 36.77
CA LYS A 947 42.65 -4.32 35.40
C LYS A 947 42.38 -5.46 34.43
N LEU A 948 42.73 -6.69 34.79
CA LEU A 948 42.43 -7.83 33.93
C LEU A 948 40.95 -8.16 33.98
N GLN A 949 40.35 -8.08 35.18
CA GLN A 949 38.93 -8.39 35.35
C GLN A 949 38.05 -7.39 34.63
N ASP A 950 38.52 -6.14 34.50
CA ASP A 950 37.78 -5.13 33.74
C ASP A 950 37.71 -5.51 32.26
N VAL A 951 38.82 -5.98 31.68
CA VAL A 951 38.85 -6.40 30.29
C VAL A 951 37.97 -7.63 30.07
N VAL A 952 38.06 -8.59 30.99
CA VAL A 952 37.25 -9.81 30.91
C VAL A 952 35.76 -9.48 31.00
N ASN A 953 35.39 -8.58 31.92
CA ASN A 953 33.99 -8.20 32.09
C ASN A 953 33.47 -7.42 30.89
N GLN A 954 34.31 -6.54 30.32
CA GLN A 954 33.89 -5.80 29.13
C GLN A 954 33.67 -6.71 27.93
N ASN A 955 34.55 -7.70 27.72
CA ASN A 955 34.38 -8.62 26.60
C ASN A 955 33.17 -9.52 26.80
N ALA A 956 32.96 -10.03 28.02
CA ALA A 956 31.81 -10.87 28.30
C ALA A 956 30.50 -10.08 28.20
N GLN A 957 30.52 -8.81 28.61
CA GLN A 957 29.33 -7.98 28.51
C GLN A 957 29.01 -7.62 27.06
N ALA A 958 30.05 -7.41 26.24
CA ALA A 958 29.82 -7.17 24.82
C ALA A 958 29.23 -8.39 24.12
N LEU A 959 29.75 -9.60 24.45
CA LEU A 959 29.16 -10.82 23.91
C LEU A 959 27.72 -11.03 24.37
N ASN A 960 27.44 -10.74 25.65
CA ASN A 960 26.08 -10.90 26.16
C ASN A 960 25.11 -9.92 25.53
N THR A 961 25.55 -8.68 25.30
CA THR A 961 24.72 -7.69 24.62
C THR A 961 24.47 -8.09 23.17
N LEU A 962 25.49 -8.61 22.48
CA LEU A 962 25.32 -9.03 21.09
C LEU A 962 24.38 -10.22 20.96
N VAL A 963 24.44 -11.15 21.92
CA VAL A 963 23.49 -12.28 21.92
C VAL A 963 22.08 -11.79 22.27
N LYS A 964 21.99 -10.86 23.22
CA LYS A 964 20.70 -10.31 23.66
C LYS A 964 20.00 -9.52 22.55
N GLN A 965 20.77 -8.92 21.64
CA GLN A 965 20.19 -8.14 20.55
C GLN A 965 19.42 -8.99 19.54
N LEU A 966 19.60 -10.31 19.56
CA LEU A 966 18.78 -11.19 18.72
C LEU A 966 17.34 -11.28 19.20
N SER A 967 17.08 -10.99 20.48
CA SER A 967 15.73 -11.05 21.02
C SER A 967 14.89 -9.84 20.61
N SER A 968 15.48 -8.82 20.00
CA SER A 968 14.76 -7.63 19.59
C SER A 968 14.26 -7.78 18.17
N ASN A 969 13.02 -7.36 17.93
CA ASN A 969 12.40 -7.46 16.62
C ASN A 969 12.72 -6.29 15.69
N PHE A 970 13.23 -5.17 16.25
CA PHE A 970 13.63 -3.97 15.50
C PHE A 970 12.49 -3.42 14.65
N GLY A 971 11.27 -3.45 15.20
CA GLY A 971 10.10 -2.97 14.50
C GLY A 971 9.35 -4.03 13.73
N ALA A 972 9.88 -5.24 13.60
CA ALA A 972 9.14 -6.30 12.93
C ALA A 972 8.12 -6.91 13.88
N ILE A 973 7.32 -7.83 13.34
CA ILE A 973 6.26 -8.45 14.13
C ILE A 973 6.84 -9.43 15.15
N SER A 974 8.00 -10.02 14.86
CA SER A 974 8.61 -10.97 15.77
C SER A 974 10.12 -10.96 15.58
N SER A 975 10.83 -11.40 16.62
CA SER A 975 12.27 -11.55 16.57
C SER A 975 12.71 -12.92 16.11
N VAL A 976 11.79 -13.85 15.91
CA VAL A 976 12.11 -15.21 15.49
C VAL A 976 11.90 -15.31 13.99
N LEU A 977 12.92 -15.79 13.28
CA LEU A 977 12.83 -15.89 11.82
C LEU A 977 11.88 -17.00 11.38
N ASN A 978 11.83 -18.10 12.14
CA ASN A 978 10.96 -19.21 11.78
C ASN A 978 9.48 -18.85 11.94
N ASP A 979 9.16 -18.00 12.91
CA ASP A 979 7.79 -17.54 13.09
C ASP A 979 7.33 -16.69 11.90
N ILE A 980 8.20 -15.80 11.43
CA ILE A 980 7.88 -14.97 10.27
C ILE A 980 7.76 -15.83 9.01
N LEU A 981 8.69 -16.78 8.84
CA LEU A 981 8.64 -17.64 7.66
C LEU A 981 7.48 -18.63 7.67
N SER A 982 6.96 -18.97 8.85
CA SER A 982 5.80 -19.85 8.93
C SER A 982 4.47 -19.12 9.04
N ARG A 983 4.48 -17.82 9.30
CA ARG A 983 3.24 -17.06 9.41
C ARG A 983 2.87 -16.27 8.15
N LEU A 984 3.86 -15.85 7.36
CA LEU A 984 3.63 -14.85 6.33
C LEU A 984 4.04 -15.37 4.95
N ASP A 985 3.40 -14.82 3.93
CA ASP A 985 3.83 -15.03 2.56
C ASP A 985 5.16 -14.30 2.31
N PRO A 986 5.98 -14.80 1.39
CA PRO A 986 7.31 -14.20 1.10
C PRO A 986 7.30 -12.72 0.68
N PRO A 987 6.25 -12.17 0.01
CA PRO A 987 6.29 -10.70 -0.22
C PRO A 987 6.33 -9.83 1.03
N GLU A 988 5.65 -10.20 2.11
CA GLU A 988 5.75 -9.41 3.34
C GLU A 988 6.77 -9.97 4.32
N ALA A 989 7.03 -11.28 4.26
CA ALA A 989 8.11 -11.86 5.04
C ALA A 989 9.46 -11.34 4.58
N GLU A 990 9.59 -10.96 3.31
CA GLU A 990 10.82 -10.32 2.84
C GLU A 990 11.05 -8.98 3.54
N VAL A 991 9.98 -8.21 3.76
CA VAL A 991 10.09 -6.93 4.46
C VAL A 991 10.44 -7.14 5.93
N GLN A 992 9.76 -8.10 6.58
CA GLN A 992 10.04 -8.38 7.99
C GLN A 992 11.47 -8.91 8.21
N ILE A 993 11.91 -9.82 7.33
CA ILE A 993 13.27 -10.34 7.40
C ILE A 993 14.28 -9.24 7.09
N ASP A 994 13.93 -8.30 6.20
CA ASP A 994 14.82 -7.17 5.91
C ASP A 994 15.00 -6.25 7.12
N ARG A 995 13.91 -6.01 7.86
CA ARG A 995 14.01 -5.23 9.10
C ARG A 995 14.87 -5.95 10.14
N LEU A 996 14.69 -7.27 10.28
CA LEU A 996 15.53 -8.03 11.20
C LEU A 996 16.99 -8.03 10.77
N ILE A 997 17.24 -8.11 9.45
CA ILE A 997 18.61 -8.13 8.93
C ILE A 997 19.30 -6.80 9.18
N THR A 998 18.62 -5.68 8.94
CA THR A 998 19.28 -4.40 9.13
C THR A 998 19.49 -4.10 10.62
N GLY A 999 18.57 -4.56 11.49
CA GLY A 999 18.80 -4.40 12.93
C GLY A 999 19.98 -5.22 13.43
N ARG A 1000 20.05 -6.49 13.01
CA ARG A 1000 21.14 -7.36 13.47
C ARG A 1000 22.46 -6.95 12.86
N LEU A 1001 22.46 -6.44 11.63
CA LEU A 1001 23.69 -5.97 11.00
C LEU A 1001 24.19 -4.70 11.68
N GLN A 1002 23.29 -3.80 12.07
CA GLN A 1002 23.68 -2.62 12.83
C GLN A 1002 24.28 -3.01 14.18
N SER A 1003 23.67 -4.00 14.85
CA SER A 1003 24.20 -4.49 16.13
C SER A 1003 25.58 -5.11 15.97
N LEU A 1004 25.77 -5.89 14.91
CA LEU A 1004 27.06 -6.56 14.70
C LEU A 1004 28.15 -5.56 14.32
N GLN A 1005 27.82 -4.56 13.50
CA GLN A 1005 28.78 -3.51 13.17
C GLN A 1005 29.16 -2.69 14.38
N THR A 1006 28.19 -2.41 15.27
CA THR A 1006 28.50 -1.72 16.51
C THR A 1006 29.45 -2.54 17.39
N TYR A 1007 29.18 -3.85 17.52
CA TYR A 1007 30.02 -4.74 18.31
C TYR A 1007 31.44 -4.81 17.77
N VAL A 1008 31.57 -4.89 16.45
CA VAL A 1008 32.90 -4.89 15.81
C VAL A 1008 33.61 -3.55 16.01
N THR A 1009 32.86 -2.44 16.05
CA THR A 1009 33.47 -1.13 16.24
C THR A 1009 34.08 -0.99 17.65
N GLN A 1010 33.31 -1.31 18.70
CA GLN A 1010 33.98 -1.26 20.01
C GLN A 1010 34.98 -2.39 20.22
N GLN A 1011 34.86 -3.52 19.51
CA GLN A 1011 35.90 -4.53 19.60
C GLN A 1011 37.22 -4.04 19.00
N LEU A 1012 37.15 -3.30 17.90
CA LEU A 1012 38.36 -2.74 17.31
C LEU A 1012 38.96 -1.64 18.20
N ILE A 1013 38.11 -0.84 18.84
CA ILE A 1013 38.61 0.19 19.75
C ILE A 1013 39.28 -0.44 20.97
N ARG A 1014 38.66 -1.47 21.55
CA ARG A 1014 39.26 -2.17 22.68
C ARG A 1014 40.50 -2.94 22.26
N ALA A 1015 40.56 -3.40 21.01
CA ALA A 1015 41.77 -4.06 20.51
C ALA A 1015 42.92 -3.07 20.40
N ALA A 1016 42.63 -1.83 19.98
CA ALA A 1016 43.65 -0.80 19.95
C ALA A 1016 44.15 -0.47 21.36
N GLU A 1017 43.23 -0.39 22.32
CA GLU A 1017 43.62 -0.12 23.70
C GLU A 1017 44.47 -1.24 24.29
N ILE A 1018 44.09 -2.50 24.04
CA ILE A 1018 44.83 -3.65 24.54
C ILE A 1018 46.18 -3.76 23.84
N ARG A 1019 46.25 -3.40 22.56
CA ARG A 1019 47.53 -3.38 21.85
C ARG A 1019 48.47 -2.33 22.42
N ALA A 1020 47.94 -1.15 22.76
CA ALA A 1020 48.77 -0.13 23.41
C ALA A 1020 49.26 -0.59 24.78
N SER A 1021 48.39 -1.25 25.55
CA SER A 1021 48.79 -1.77 26.85
C SER A 1021 49.82 -2.89 26.71
N ALA A 1022 49.71 -3.71 25.66
CA ALA A 1022 50.66 -4.79 25.45
C ALA A 1022 51.99 -4.27 24.96
N ASN A 1023 51.99 -3.21 24.16
CA ASN A 1023 53.25 -2.56 23.77
C ASN A 1023 53.94 -1.94 24.98
N LEU A 1024 53.15 -1.34 25.89
CA LEU A 1024 53.70 -0.85 27.14
C LEU A 1024 54.28 -1.98 27.99
N ALA A 1025 53.58 -3.12 28.05
CA ALA A 1025 54.04 -4.27 28.82
C ALA A 1025 55.32 -4.86 28.23
N ALA A 1026 55.41 -4.89 26.91
CA ALA A 1026 56.64 -5.35 26.26
C ALA A 1026 57.80 -4.40 26.52
N THR A 1027 57.52 -3.09 26.54
CA THR A 1027 58.55 -2.12 26.88
C THR A 1027 59.02 -2.29 28.33
N LYS A 1028 58.09 -2.55 29.25
CA LYS A 1028 58.47 -2.79 30.64
C LYS A 1028 59.24 -4.09 30.80
N MET A 1029 58.89 -5.12 30.01
CA MET A 1029 59.64 -6.37 30.05
C MET A 1029 61.05 -6.19 29.52
N SER A 1030 61.21 -5.38 28.47
CA SER A 1030 62.53 -5.14 27.92
C SER A 1030 63.39 -4.28 28.84
N GLU A 1031 62.80 -3.24 29.44
CA GLU A 1031 63.60 -2.24 30.14
C GLU A 1031 63.70 -2.46 31.64
N CYS A 1032 62.72 -3.10 32.28
CA CYS A 1032 62.78 -3.33 33.72
C CYS A 1032 63.26 -4.72 34.08
N VAL A 1033 62.90 -5.73 33.30
CA VAL A 1033 63.31 -7.10 33.59
C VAL A 1033 64.66 -7.43 32.96
N LEU A 1034 64.83 -7.10 31.68
CA LEU A 1034 66.06 -7.42 30.96
C LEU A 1034 67.15 -6.39 31.16
N GLY A 1035 66.91 -5.36 31.96
CA GLY A 1035 67.92 -4.36 32.24
C GLY A 1035 67.49 -3.53 33.43
N GLN A 1036 68.37 -2.60 33.80
CA GLN A 1036 68.09 -1.65 34.85
C GLN A 1036 67.80 -0.29 34.24
N SER A 1037 66.66 0.29 34.60
CA SER A 1037 66.16 1.49 33.94
C SER A 1037 66.42 2.72 34.78
N LYS A 1038 66.94 3.76 34.13
CA LYS A 1038 67.12 5.07 34.75
C LYS A 1038 65.86 5.92 34.69
N ARG A 1039 64.82 5.46 34.01
CA ARG A 1039 63.59 6.23 33.87
C ARG A 1039 62.82 6.25 35.17
N VAL A 1040 62.46 7.44 35.62
CA VAL A 1040 61.81 7.61 36.92
C VAL A 1040 60.37 7.16 36.82
N ASP A 1041 59.96 6.30 37.75
CA ASP A 1041 58.62 5.74 37.92
C ASP A 1041 58.17 4.86 36.75
N PHE A 1042 59.08 4.50 35.84
CA PHE A 1042 58.75 3.54 34.81
C PHE A 1042 58.73 2.11 35.35
N CYS A 1043 59.57 1.81 36.32
CA CYS A 1043 59.67 0.48 36.89
C CYS A 1043 59.49 0.53 38.40
N GLY A 1044 58.44 1.21 38.85
CA GLY A 1044 58.10 1.26 40.24
C GLY A 1044 58.49 2.58 40.89
N LYS A 1045 58.02 2.76 42.11
CA LYS A 1045 58.30 3.97 42.88
C LYS A 1045 59.63 3.80 43.61
N GLY A 1046 60.54 4.76 43.41
CA GLY A 1046 61.86 4.73 43.99
C GLY A 1046 62.92 4.48 42.93
N TYR A 1047 64.15 4.31 43.40
CA TYR A 1047 65.26 3.99 42.53
C TYR A 1047 65.21 2.52 42.15
N HIS A 1048 65.02 2.25 40.86
CA HIS A 1048 64.75 0.90 40.39
C HIS A 1048 66.00 0.04 40.45
N LEU A 1049 65.88 -1.13 41.09
CA LEU A 1049 66.97 -2.09 41.12
C LEU A 1049 66.77 -3.18 40.08
N MET A 1050 65.68 -3.93 40.17
CA MET A 1050 65.43 -5.00 39.20
C MET A 1050 63.94 -5.32 39.20
N SER A 1051 63.53 -6.25 38.35
CA SER A 1051 62.12 -6.59 38.24
C SER A 1051 61.96 -8.06 37.92
N PHE A 1052 60.79 -8.59 38.28
CA PHE A 1052 60.45 -9.98 38.05
C PHE A 1052 59.14 -10.07 37.27
N PRO A 1053 59.09 -10.83 36.18
CA PRO A 1053 57.82 -11.06 35.48
C PRO A 1053 57.06 -12.26 36.04
N GLN A 1054 55.74 -12.12 36.08
CA GLN A 1054 54.86 -13.21 36.48
C GLN A 1054 53.69 -13.27 35.50
N SER A 1055 53.37 -14.47 35.04
CA SER A 1055 52.24 -14.64 34.15
C SER A 1055 50.93 -14.49 34.91
N ALA A 1056 49.93 -13.96 34.24
CA ALA A 1056 48.60 -13.75 34.78
C ALA A 1056 47.61 -14.05 33.67
N PRO A 1057 46.36 -14.43 34.01
CA PRO A 1057 45.35 -14.68 32.97
C PRO A 1057 45.08 -13.46 32.12
N HIS A 1058 45.49 -13.56 30.84
CA HIS A 1058 45.50 -12.47 29.87
C HIS A 1058 46.31 -11.26 30.34
N GLY A 1059 47.39 -11.48 31.08
CA GLY A 1059 48.15 -10.33 31.54
C GLY A 1059 49.49 -10.70 32.12
N VAL A 1060 50.21 -9.66 32.53
CA VAL A 1060 51.53 -9.81 33.14
C VAL A 1060 51.57 -8.99 34.42
N VAL A 1061 52.25 -9.50 35.44
CA VAL A 1061 52.44 -8.80 36.69
C VAL A 1061 53.94 -8.62 36.90
N PHE A 1062 54.36 -7.37 37.01
CA PHE A 1062 55.76 -7.04 37.26
C PHE A 1062 55.94 -6.78 38.75
N LEU A 1063 56.86 -7.53 39.36
CA LEU A 1063 57.29 -7.25 40.73
C LEU A 1063 58.53 -6.39 40.62
N HIS A 1064 58.37 -5.10 40.86
CA HIS A 1064 59.48 -4.15 40.79
C HIS A 1064 60.16 -4.06 42.15
N VAL A 1065 61.42 -4.47 42.18
CA VAL A 1065 62.27 -4.33 43.36
C VAL A 1065 63.04 -3.02 43.21
N THR A 1066 62.80 -2.09 44.13
CA THR A 1066 63.34 -0.74 44.09
C THR A 1066 63.99 -0.41 45.42
N TYR A 1067 64.85 0.60 45.38
CA TYR A 1067 65.60 1.09 46.53
C TYR A 1067 64.97 2.41 46.97
N VAL A 1068 64.53 2.48 48.23
CA VAL A 1068 63.92 3.68 48.77
C VAL A 1068 64.85 4.23 49.84
N PRO A 1069 65.29 5.48 49.77
CA PRO A 1069 66.07 6.08 50.86
C PRO A 1069 65.21 6.25 52.11
N ALA A 1070 65.86 6.15 53.27
CA ALA A 1070 65.13 6.24 54.54
C ALA A 1070 66.09 6.72 55.62
N GLN A 1071 65.48 7.22 56.71
CA GLN A 1071 66.18 7.71 57.90
C GLN A 1071 67.19 8.82 57.56
N GLU A 1072 66.70 9.86 56.89
CA GLU A 1072 67.54 10.97 56.48
C GLU A 1072 67.95 11.82 57.68
N LYS A 1073 69.07 12.50 57.53
CA LYS A 1073 69.65 13.31 58.59
C LYS A 1073 70.15 14.62 58.00
N ASN A 1074 69.94 15.71 58.74
CA ASN A 1074 70.44 17.02 58.37
C ASN A 1074 71.96 17.08 58.46
N PHE A 1075 72.58 17.79 57.52
CA PHE A 1075 73.98 18.15 57.57
C PHE A 1075 74.16 19.54 57.00
N THR A 1076 75.22 20.22 57.41
CA THR A 1076 75.57 21.52 56.85
C THR A 1076 76.49 21.32 55.66
N THR A 1077 76.11 21.86 54.50
CA THR A 1077 76.81 21.55 53.27
C THR A 1077 77.42 22.79 52.65
N ALA A 1078 78.41 22.57 51.79
CA ALA A 1078 79.13 23.63 51.10
C ALA A 1078 79.40 23.19 49.67
N PRO A 1079 79.44 24.11 48.72
CA PRO A 1079 79.76 23.72 47.34
C PRO A 1079 81.22 23.35 47.13
N ALA A 1080 82.15 23.93 47.89
CA ALA A 1080 83.57 23.69 47.65
C ALA A 1080 84.34 23.89 48.95
N ILE A 1081 85.56 23.37 48.97
CA ILE A 1081 86.46 23.51 50.11
C ILE A 1081 87.63 24.38 49.69
N CYS A 1082 87.89 25.43 50.47
CA CYS A 1082 89.02 26.32 50.19
C CYS A 1082 90.23 25.83 50.97
N HIS A 1083 91.31 25.53 50.25
CA HIS A 1083 92.54 25.07 50.88
C HIS A 1083 93.72 25.49 50.02
N ASP A 1084 94.70 26.15 50.66
CA ASP A 1084 95.95 26.62 50.04
C ASP A 1084 95.67 27.55 48.86
N GLY A 1085 94.62 28.35 48.97
CA GLY A 1085 94.24 29.24 47.89
C GLY A 1085 93.59 28.55 46.71
N LYS A 1086 93.15 27.30 46.87
CA LYS A 1086 92.57 26.54 45.78
C LYS A 1086 91.19 26.03 46.19
N ALA A 1087 90.30 25.93 45.21
CA ALA A 1087 88.96 25.42 45.41
C ALA A 1087 88.90 23.94 45.07
N HIS A 1088 88.35 23.15 45.99
CA HIS A 1088 88.25 21.71 45.85
C HIS A 1088 86.79 21.32 45.74
N PHE A 1089 86.48 20.47 44.77
CA PHE A 1089 85.13 20.02 44.49
C PHE A 1089 85.09 18.49 44.52
N PRO A 1090 84.00 17.89 44.98
CA PRO A 1090 83.96 16.43 45.09
C PRO A 1090 83.91 15.77 43.72
N ARG A 1091 84.63 14.66 43.58
CA ARG A 1091 84.62 13.93 42.31
C ARG A 1091 83.27 13.28 42.06
N GLU A 1092 82.71 12.62 43.06
CA GLU A 1092 81.42 11.95 42.91
C GLU A 1092 80.46 12.22 44.06
N GLY A 1093 80.92 12.76 45.19
CA GLY A 1093 80.09 12.90 46.36
C GLY A 1093 79.69 14.33 46.65
N VAL A 1094 79.64 14.67 47.93
CA VAL A 1094 79.12 15.94 48.40
C VAL A 1094 79.76 16.22 49.75
N PHE A 1095 80.12 17.48 49.98
CA PHE A 1095 80.69 17.90 51.26
C PHE A 1095 79.59 18.06 52.29
N VAL A 1096 79.77 17.42 53.45
CA VAL A 1096 78.81 17.51 54.53
C VAL A 1096 79.57 17.84 55.81
N SER A 1097 78.85 18.38 56.77
CA SER A 1097 79.41 18.68 58.08
C SER A 1097 78.39 18.34 59.14
N ASN A 1098 78.86 17.63 60.18
CA ASN A 1098 78.03 17.28 61.32
C ASN A 1098 78.05 18.35 62.41
N GLY A 1099 78.71 19.47 62.15
CA GLY A 1099 78.74 20.56 63.11
C GLY A 1099 80.13 21.11 63.36
N THR A 1100 81.13 20.23 63.39
CA THR A 1100 82.50 20.66 63.65
C THR A 1100 83.47 20.19 62.57
N HIS A 1101 83.21 19.04 61.97
CA HIS A 1101 84.15 18.43 61.04
C HIS A 1101 83.52 18.25 59.67
N TRP A 1102 84.34 18.40 58.65
CA TRP A 1102 83.89 18.31 57.26
C TRP A 1102 84.29 16.96 56.66
N PHE A 1103 83.36 16.37 55.90
CA PHE A 1103 83.58 15.09 55.26
C PHE A 1103 83.02 15.16 53.85
N VAL A 1104 83.31 14.14 53.06
CA VAL A 1104 82.69 13.96 51.76
C VAL A 1104 82.00 12.60 51.76
N THR A 1105 80.79 12.56 51.22
CA THR A 1105 80.00 11.34 51.22
C THR A 1105 79.32 11.16 49.87
N GLN A 1106 78.94 9.92 49.58
CA GLN A 1106 78.12 9.67 48.41
C GLN A 1106 76.72 10.22 48.64
N ARG A 1107 76.03 10.54 47.54
CA ARG A 1107 74.85 11.39 47.63
C ARG A 1107 73.61 10.67 48.14
N ASN A 1108 73.49 9.36 47.88
CA ASN A 1108 72.28 8.63 48.22
C ASN A 1108 72.40 7.81 49.48
N PHE A 1109 73.52 7.90 50.20
CA PHE A 1109 73.72 7.13 51.42
C PHE A 1109 74.78 7.83 52.25
N TYR A 1110 74.55 7.94 53.56
CA TYR A 1110 75.52 8.62 54.41
C TYR A 1110 76.69 7.69 54.68
N GLU A 1111 77.86 8.06 54.15
CA GLU A 1111 79.10 7.34 54.40
C GLU A 1111 80.21 8.36 54.43
N PRO A 1112 80.48 8.95 55.59
CA PRO A 1112 81.46 10.05 55.65
C PRO A 1112 82.89 9.55 55.51
N GLN A 1113 83.66 10.29 54.71
CA GLN A 1113 85.06 9.99 54.48
C GLN A 1113 85.86 11.28 54.58
N ILE A 1114 87.16 11.13 54.89
CA ILE A 1114 88.04 12.28 55.03
C ILE A 1114 88.24 12.94 53.68
N ILE A 1115 88.11 14.26 53.64
CA ILE A 1115 88.30 15.02 52.41
C ILE A 1115 89.78 15.01 52.04
N THR A 1116 90.11 14.28 50.98
CA THR A 1116 91.49 14.13 50.53
C THR A 1116 91.60 14.65 49.09
N THR A 1117 92.82 14.57 48.55
CA THR A 1117 93.05 14.88 47.15
C THR A 1117 92.60 13.76 46.22
N ASP A 1118 92.34 12.57 46.75
CA ASP A 1118 91.92 11.44 45.93
C ASP A 1118 90.43 11.45 45.62
N ASN A 1119 89.61 12.10 46.44
CA ASN A 1119 88.18 12.20 46.19
C ASN A 1119 87.74 13.61 45.85
N THR A 1120 88.68 14.54 45.66
CA THR A 1120 88.37 15.90 45.26
C THR A 1120 89.23 16.27 44.06
N PHE A 1121 88.79 17.30 43.34
CA PHE A 1121 89.56 17.86 42.23
C PHE A 1121 89.60 19.38 42.37
N VAL A 1122 90.66 19.97 41.83
CA VAL A 1122 90.97 21.37 42.03
C VAL A 1122 90.63 22.14 40.77
N SER A 1123 89.87 23.23 40.92
CA SER A 1123 89.56 24.11 39.80
C SER A 1123 89.44 25.54 40.31
N GLY A 1124 90.40 26.38 39.96
CA GLY A 1124 90.34 27.79 40.31
C GLY A 1124 90.70 28.07 41.76
N ASN A 1125 90.59 29.35 42.12
CA ASN A 1125 90.85 29.79 43.47
C ASN A 1125 89.55 29.89 44.26
N CYS A 1126 89.63 30.47 45.46
CA CYS A 1126 88.47 30.55 46.34
C CYS A 1126 87.67 31.84 46.18
N ASP A 1127 88.07 32.71 45.25
CA ASP A 1127 87.44 34.02 45.14
C ASP A 1127 86.15 34.01 44.33
N VAL A 1128 85.87 32.94 43.59
CA VAL A 1128 84.79 32.91 42.63
C VAL A 1128 83.57 32.17 43.16
N VAL A 1129 83.79 31.02 43.80
CA VAL A 1129 82.68 30.17 44.22
C VAL A 1129 81.97 30.79 45.42
N ILE A 1130 80.66 30.97 45.30
CA ILE A 1130 79.85 31.55 46.35
C ILE A 1130 79.55 30.48 47.40
N GLY A 1131 79.91 30.76 48.65
CA GLY A 1131 79.67 29.82 49.72
C GLY A 1131 80.79 28.84 50.00
N ILE A 1132 81.98 29.09 49.48
CA ILE A 1132 83.12 28.22 49.75
C ILE A 1132 83.57 28.41 51.19
N VAL A 1133 83.92 27.30 51.84
CA VAL A 1133 84.31 27.32 53.25
C VAL A 1133 85.75 26.88 53.37
N ASN A 1134 86.36 27.22 54.51
CA ASN A 1134 87.75 26.88 54.78
C ASN A 1134 87.82 25.57 55.55
N ASN A 1135 88.55 24.61 55.00
CA ASN A 1135 88.82 23.35 55.66
C ASN A 1135 90.09 22.77 55.07
N THR A 1136 90.77 21.94 55.86
CA THR A 1136 91.99 21.31 55.39
C THR A 1136 91.65 20.18 54.43
N VAL A 1137 92.59 19.89 53.53
CA VAL A 1137 92.49 18.77 52.61
C VAL A 1137 93.69 17.87 52.85
N TYR A 1138 93.43 16.65 53.30
CA TYR A 1138 94.51 15.72 53.63
C TYR A 1138 95.18 15.23 52.36
N ASP A 1139 96.49 14.99 52.47
CA ASP A 1139 97.26 14.40 51.38
C ASP A 1139 97.83 13.07 51.85
N PRO A 1140 97.48 11.95 51.22
CA PRO A 1140 98.07 10.67 51.61
C PRO A 1140 99.56 10.56 51.32
N LEU A 1141 100.07 11.33 50.36
CA LEU A 1141 101.49 11.27 50.02
C LEU A 1141 102.35 12.05 51.00
N GLN A 1142 101.74 12.94 51.80
CA GLN A 1142 102.49 13.77 52.75
C GLN A 1142 103.26 13.01 53.83
N PRO A 1143 102.70 11.99 54.52
CA PRO A 1143 103.55 11.20 55.43
C PRO A 1143 104.62 10.37 54.74
N GLU A 1144 104.50 10.13 53.43
CA GLU A 1144 105.50 9.33 52.74
C GLU A 1144 106.80 10.09 52.55
N LEU A 1145 106.75 11.37 52.15
CA LEU A 1145 107.97 12.14 52.12
C LEU A 1145 108.28 12.79 53.47
N ASP A 1146 107.33 12.80 54.41
CA ASP A 1146 107.66 13.17 55.77
C ASP A 1146 108.60 12.13 56.39
N SER A 1147 108.32 10.85 56.14
CA SER A 1147 109.18 9.77 56.63
C SER A 1147 110.39 9.57 55.71
N GLU B 1 -58.31 34.96 -26.50
CA GLU B 1 -58.10 34.35 -27.80
C GLU B 1 -57.53 32.94 -27.68
N VAL B 2 -57.41 32.44 -26.45
CA VAL B 2 -56.79 31.15 -26.23
C VAL B 2 -57.83 30.05 -26.33
N GLN B 3 -57.39 28.83 -26.61
CA GLN B 3 -58.21 27.64 -26.52
C GLN B 3 -57.40 26.52 -25.86
N LEU B 4 -58.05 25.80 -24.95
CA LEU B 4 -57.46 24.63 -24.28
C LEU B 4 -58.29 23.39 -24.59
N VAL B 5 -57.76 22.52 -25.45
CA VAL B 5 -58.49 21.35 -25.94
C VAL B 5 -57.81 20.09 -25.41
N GLU B 6 -58.57 19.23 -24.75
CA GLU B 6 -58.01 18.08 -24.07
C GLU B 6 -58.44 16.78 -24.74
N SER B 7 -57.61 15.75 -24.57
CA SER B 7 -57.87 14.46 -25.19
C SER B 7 -57.25 13.35 -24.35
N GLY B 8 -57.71 12.13 -24.58
CA GLY B 8 -57.11 10.95 -24.00
C GLY B 8 -57.86 10.33 -22.84
N GLY B 9 -59.19 10.50 -22.77
CA GLY B 9 -59.97 9.92 -21.71
C GLY B 9 -60.73 8.67 -22.13
N GLY B 10 -61.09 7.86 -21.14
CA GLY B 10 -61.86 6.66 -21.40
C GLY B 10 -61.80 5.72 -20.20
N LEU B 11 -62.07 4.44 -20.47
CA LEU B 11 -61.89 3.41 -19.46
C LEU B 11 -60.42 3.03 -19.30
N VAL B 12 -60.02 2.82 -18.05
CA VAL B 12 -58.82 2.07 -17.70
C VAL B 12 -59.19 1.02 -16.66
N GLN B 13 -58.40 -0.05 -16.62
CA GLN B 13 -58.50 -1.00 -15.52
C GLN B 13 -58.00 -0.35 -14.23
N PRO B 14 -58.54 -0.76 -13.06
CA PRO B 14 -57.95 -0.32 -11.79
C PRO B 14 -56.52 -0.81 -11.61
N GLY B 15 -55.57 0.13 -11.59
CA GLY B 15 -54.17 -0.21 -11.69
C GLY B 15 -53.53 0.09 -13.02
N GLY B 16 -54.26 0.74 -13.94
CA GLY B 16 -53.76 1.00 -15.27
C GLY B 16 -53.13 2.37 -15.41
N SER B 17 -52.76 2.69 -16.65
CA SER B 17 -52.04 3.91 -16.98
C SER B 17 -52.75 4.63 -18.11
N LEU B 18 -52.80 5.96 -18.03
CA LEU B 18 -53.48 6.76 -19.04
C LEU B 18 -52.78 8.09 -19.18
N ARG B 19 -52.64 8.58 -20.41
CA ARG B 19 -51.86 9.77 -20.70
C ARG B 19 -52.78 10.81 -21.31
N LEU B 20 -53.13 11.82 -20.51
CA LEU B 20 -54.00 12.91 -20.96
C LEU B 20 -53.19 14.00 -21.65
N SER B 21 -53.73 14.51 -22.75
CA SER B 21 -53.10 15.59 -23.51
C SER B 21 -53.95 16.85 -23.43
N CYS B 22 -53.26 18.00 -23.50
CA CYS B 22 -53.87 19.32 -23.44
C CYS B 22 -53.16 20.22 -24.43
N ALA B 23 -53.82 20.51 -25.55
CA ALA B 23 -53.31 21.42 -26.55
C ALA B 23 -53.76 22.85 -26.28
N ALA B 24 -52.82 23.79 -26.38
CA ALA B 24 -53.10 25.20 -26.21
C ALA B 24 -52.87 25.93 -27.54
N SER B 25 -53.57 27.04 -27.72
CA SER B 25 -53.50 27.77 -28.98
C SER B 25 -53.02 29.19 -28.82
N GLY B 26 -53.56 29.95 -27.86
CA GLY B 26 -53.23 31.34 -27.75
C GLY B 26 -52.13 31.67 -26.75
N PHE B 27 -51.45 30.67 -26.23
CA PHE B 27 -50.30 30.87 -25.35
C PHE B 27 -49.40 29.66 -25.46
N THR B 28 -48.18 29.79 -24.96
CA THR B 28 -47.21 28.71 -24.98
C THR B 28 -47.11 28.02 -23.63
N VAL B 29 -47.27 26.69 -23.65
CA VAL B 29 -47.29 25.87 -22.44
C VAL B 29 -45.92 25.86 -21.76
N SER B 30 -44.84 26.05 -22.52
CA SER B 30 -43.48 25.98 -22.00
C SER B 30 -43.16 27.07 -20.98
N SER B 31 -43.77 28.24 -21.12
CA SER B 31 -43.45 29.37 -20.26
C SER B 31 -44.66 29.84 -19.46
N ASN B 32 -45.56 28.93 -19.11
CA ASN B 32 -46.63 29.23 -18.18
C ASN B 32 -46.76 28.15 -17.12
N TYR B 33 -47.34 28.55 -15.99
CA TYR B 33 -47.74 27.61 -14.96
C TYR B 33 -48.97 26.85 -15.44
N MET B 34 -48.85 25.53 -15.52
CA MET B 34 -49.94 24.71 -16.06
C MET B 34 -50.34 23.68 -15.01
N SER B 35 -51.64 23.39 -14.92
CA SER B 35 -52.10 22.57 -13.81
C SER B 35 -53.21 21.63 -14.25
N TRP B 36 -53.32 20.52 -13.52
CA TRP B 36 -54.42 19.57 -13.68
C TRP B 36 -55.24 19.59 -12.39
N VAL B 37 -56.55 19.72 -12.57
CA VAL B 37 -57.53 19.86 -11.49
C VAL B 37 -58.58 18.76 -11.65
N ARG B 38 -58.92 18.12 -10.54
CA ARG B 38 -59.88 17.01 -10.49
C ARG B 38 -61.25 17.53 -10.09
N GLN B 39 -62.29 17.04 -10.76
CA GLN B 39 -63.65 17.23 -10.28
C GLN B 39 -64.39 15.91 -10.42
N ALA B 40 -64.65 15.25 -9.30
CA ALA B 40 -65.43 14.03 -9.29
C ALA B 40 -66.88 14.33 -9.65
N PRO B 41 -67.61 13.36 -10.23
CA PRO B 41 -69.03 13.59 -10.53
C PRO B 41 -69.86 13.77 -9.28
N GLY B 42 -70.37 15.00 -9.08
CA GLY B 42 -71.14 15.36 -7.92
C GLY B 42 -70.36 16.05 -6.83
N LYS B 43 -69.03 15.93 -6.83
CA LYS B 43 -68.21 16.55 -5.80
C LYS B 43 -67.51 17.75 -6.42
N GLY B 44 -67.03 18.67 -5.59
CA GLY B 44 -66.40 19.88 -6.04
C GLY B 44 -64.99 19.66 -6.56
N LEU B 45 -64.29 20.79 -6.76
CA LEU B 45 -63.00 20.77 -7.42
C LEU B 45 -61.90 20.31 -6.46
N GLU B 46 -60.83 19.75 -7.04
CA GLU B 46 -59.70 19.24 -6.28
C GLU B 46 -58.45 19.38 -7.13
N TRP B 47 -57.41 20.00 -6.57
CA TRP B 47 -56.18 20.18 -7.33
C TRP B 47 -55.34 18.91 -7.31
N VAL B 48 -54.89 18.49 -8.49
CA VAL B 48 -54.08 17.28 -8.63
C VAL B 48 -52.62 17.66 -8.74
N SER B 49 -52.27 18.45 -9.76
CA SER B 49 -50.85 18.67 -10.00
C SER B 49 -50.63 20.01 -10.69
N VAL B 50 -49.38 20.46 -10.65
CA VAL B 50 -48.97 21.69 -11.31
C VAL B 50 -47.54 21.49 -11.84
N ILE B 51 -47.26 22.10 -12.99
CA ILE B 51 -45.90 22.29 -13.48
C ILE B 51 -45.65 23.79 -13.55
N TYR B 52 -44.47 24.19 -13.09
CA TYR B 52 -44.07 25.58 -13.01
C TYR B 52 -43.64 26.10 -14.38
N SER B 53 -43.31 27.40 -14.43
CA SER B 53 -42.82 27.99 -15.66
C SER B 53 -41.41 27.51 -16.00
N GLY B 54 -40.61 27.18 -15.00
CA GLY B 54 -39.30 26.61 -15.23
C GLY B 54 -39.24 25.10 -15.27
N GLY B 55 -40.34 24.42 -14.95
CA GLY B 55 -40.41 22.98 -15.07
C GLY B 55 -40.57 22.22 -13.77
N SER B 56 -40.72 22.92 -12.64
CA SER B 56 -40.89 22.28 -11.35
C SER B 56 -42.30 21.71 -11.22
N THR B 57 -42.39 20.45 -10.83
CA THR B 57 -43.66 19.73 -10.78
C THR B 57 -44.03 19.44 -9.33
N TYR B 58 -45.31 19.63 -9.01
CA TYR B 58 -45.84 19.40 -7.68
C TYR B 58 -47.15 18.65 -7.78
N TYR B 59 -47.45 17.89 -6.73
CA TYR B 59 -48.58 16.98 -6.74
C TYR B 59 -49.29 17.07 -5.39
N ALA B 60 -50.58 16.71 -5.39
CA ALA B 60 -51.28 16.55 -4.13
C ALA B 60 -50.79 15.31 -3.40
N ASP B 61 -50.90 15.32 -2.07
CA ASP B 61 -50.39 14.23 -1.26
C ASP B 61 -51.16 12.94 -1.43
N SER B 62 -52.42 13.00 -1.86
CA SER B 62 -53.19 11.79 -2.11
C SER B 62 -52.88 11.14 -3.45
N VAL B 63 -52.03 11.76 -4.27
CA VAL B 63 -51.79 11.31 -5.64
C VAL B 63 -50.30 11.28 -5.97
N LYS B 64 -49.44 11.57 -4.99
CA LYS B 64 -47.99 11.58 -5.17
C LYS B 64 -47.45 10.18 -5.45
N GLY B 65 -46.44 10.11 -6.33
CA GLY B 65 -45.84 8.86 -6.70
C GLY B 65 -46.55 8.10 -7.80
N ARG B 66 -47.73 8.52 -8.22
CA ARG B 66 -48.50 7.84 -9.25
C ARG B 66 -48.68 8.66 -10.51
N PHE B 67 -48.85 9.98 -10.40
CA PHE B 67 -49.06 10.84 -11.56
C PHE B 67 -47.78 11.59 -11.88
N THR B 68 -47.66 12.00 -13.15
CA THR B 68 -46.50 12.75 -13.61
C THR B 68 -46.95 13.74 -14.66
N ILE B 69 -46.83 15.02 -14.36
CA ILE B 69 -47.14 16.09 -15.31
C ILE B 69 -45.88 16.39 -16.12
N SER B 70 -46.05 16.65 -17.41
CA SER B 70 -44.91 16.96 -18.29
C SER B 70 -45.39 17.87 -19.42
N ARG B 71 -44.42 18.40 -20.17
CA ARG B 71 -44.72 19.29 -21.28
C ARG B 71 -43.95 18.86 -22.52
N HIS B 72 -44.51 19.17 -23.68
CA HIS B 72 -43.80 19.17 -24.96
C HIS B 72 -43.80 20.61 -25.46
N ASN B 73 -42.60 21.19 -25.52
CA ASN B 73 -42.41 22.63 -25.70
C ASN B 73 -42.49 23.05 -27.16
N SER B 74 -42.36 22.11 -28.09
CA SER B 74 -42.20 22.48 -29.50
C SER B 74 -43.51 22.97 -30.11
N LYS B 75 -44.62 22.31 -29.81
CA LYS B 75 -45.91 22.73 -30.31
C LYS B 75 -46.95 22.77 -29.19
N ASN B 76 -46.50 23.17 -28.00
CA ASN B 76 -47.35 23.65 -26.89
C ASN B 76 -48.35 22.59 -26.43
N THR B 77 -47.83 21.50 -25.88
CA THR B 77 -48.71 20.44 -25.42
C THR B 77 -48.37 20.07 -23.97
N LEU B 78 -49.40 19.83 -23.16
CA LEU B 78 -49.23 19.43 -21.77
C LEU B 78 -49.74 18.00 -21.59
N TYR B 79 -48.98 17.17 -20.88
CA TYR B 79 -49.32 15.77 -20.69
C TYR B 79 -49.44 15.46 -19.21
N LEU B 80 -50.36 14.56 -18.88
CA LEU B 80 -50.46 13.98 -17.55
C LEU B 80 -50.45 12.46 -17.67
N GLN B 81 -49.35 11.83 -17.27
CA GLN B 81 -49.23 10.38 -17.28
C GLN B 81 -49.69 9.85 -15.92
N MET B 82 -50.67 8.95 -15.93
CA MET B 82 -51.30 8.47 -14.71
C MET B 82 -51.02 6.98 -14.59
N ASN B 83 -50.57 6.56 -13.41
CA ASN B 83 -50.20 5.19 -13.13
C ASN B 83 -50.93 4.70 -11.88
N SER B 84 -51.17 3.39 -11.84
CA SER B 84 -51.72 2.68 -10.67
C SER B 84 -53.07 3.26 -10.24
N LEU B 85 -53.95 3.44 -11.22
CA LEU B 85 -55.15 4.27 -11.07
C LEU B 85 -56.16 3.60 -10.15
N ARG B 86 -56.49 4.26 -9.05
CA ARG B 86 -57.47 3.73 -8.11
C ARG B 86 -58.89 4.03 -8.59
N ALA B 87 -59.87 3.40 -7.94
CA ALA B 87 -61.27 3.59 -8.29
C ALA B 87 -61.83 4.93 -7.86
N GLU B 88 -61.09 5.70 -7.05
CA GLU B 88 -61.49 7.05 -6.68
C GLU B 88 -60.91 8.10 -7.61
N ASP B 89 -60.22 7.70 -8.67
CA ASP B 89 -59.67 8.62 -9.65
C ASP B 89 -60.56 8.81 -10.87
N THR B 90 -61.78 8.28 -10.85
CA THR B 90 -62.75 8.59 -11.90
C THR B 90 -63.32 9.99 -11.66
N ALA B 91 -63.14 10.87 -12.66
CA ALA B 91 -63.44 12.29 -12.53
C ALA B 91 -63.28 12.95 -13.89
N VAL B 92 -63.76 14.19 -13.99
CA VAL B 92 -63.39 15.06 -15.08
C VAL B 92 -62.16 15.87 -14.68
N TYR B 93 -61.09 15.73 -15.46
CA TYR B 93 -59.84 16.42 -15.24
C TYR B 93 -59.75 17.62 -16.17
N TYR B 94 -59.27 18.74 -15.64
CA TYR B 94 -59.15 19.98 -16.40
C TYR B 94 -57.70 20.43 -16.38
N CYS B 95 -57.18 20.82 -17.56
CA CYS B 95 -55.93 21.55 -17.61
C CYS B 95 -56.21 23.04 -17.60
N ALA B 96 -55.35 23.79 -16.90
CA ALA B 96 -55.59 25.21 -16.67
C ALA B 96 -54.28 25.97 -16.65
N ARG B 97 -54.28 27.15 -17.29
CA ARG B 97 -53.17 28.08 -17.14
C ARG B 97 -53.39 28.94 -15.91
N GLY B 98 -52.41 28.96 -15.01
CA GLY B 98 -52.46 29.76 -13.80
C GLY B 98 -51.49 30.92 -13.84
N TYR B 99 -51.85 32.01 -13.16
CA TYR B 99 -50.89 33.09 -12.91
C TYR B 99 -50.14 32.64 -11.67
N GLY B 100 -49.04 31.91 -11.89
CA GLY B 100 -48.36 31.28 -10.78
C GLY B 100 -49.19 30.05 -10.39
N ASP B 101 -48.81 29.41 -9.29
CA ASP B 101 -49.68 28.33 -8.78
C ASP B 101 -50.73 28.94 -7.84
N TYR B 102 -51.49 29.90 -8.36
CA TYR B 102 -52.42 30.62 -7.51
C TYR B 102 -53.85 30.47 -8.01
N TYR B 103 -54.24 31.30 -8.96
CA TYR B 103 -55.58 31.30 -9.51
C TYR B 103 -55.53 30.90 -10.97
N PHE B 104 -56.53 30.14 -11.42
CA PHE B 104 -56.50 29.50 -12.73
C PHE B 104 -57.26 30.39 -13.70
N ASP B 105 -56.52 31.13 -14.53
CA ASP B 105 -57.10 32.19 -15.34
C ASP B 105 -57.96 31.62 -16.46
N TYR B 106 -57.46 30.62 -17.17
CA TYR B 106 -58.21 29.93 -18.21
C TYR B 106 -58.12 28.43 -17.99
N TRP B 107 -59.23 27.75 -18.26
CA TRP B 107 -59.39 26.32 -18.02
C TRP B 107 -59.64 25.60 -19.33
N GLY B 108 -59.32 24.31 -19.35
CA GLY B 108 -59.73 23.45 -20.43
C GLY B 108 -61.13 22.91 -20.23
N GLN B 109 -61.69 22.37 -21.31
CA GLN B 109 -63.06 21.87 -21.28
C GLN B 109 -63.18 20.60 -20.45
N GLY B 110 -62.11 19.85 -20.30
CA GLY B 110 -62.07 18.70 -19.42
C GLY B 110 -62.10 17.40 -20.20
N THR B 111 -61.56 16.36 -19.58
CA THR B 111 -61.64 15.00 -20.11
C THR B 111 -62.05 14.06 -18.99
N LEU B 112 -62.95 13.13 -19.30
CA LEU B 112 -63.49 12.23 -18.30
C LEU B 112 -62.65 10.96 -18.24
N VAL B 113 -62.13 10.64 -17.05
CA VAL B 113 -61.38 9.41 -16.82
C VAL B 113 -62.22 8.54 -15.90
N THR B 114 -62.62 7.37 -16.40
CA THR B 114 -63.40 6.42 -15.64
C THR B 114 -62.52 5.22 -15.29
N VAL B 115 -62.49 4.85 -14.02
CA VAL B 115 -61.70 3.72 -13.56
C VAL B 115 -62.68 2.67 -13.05
N SER B 116 -62.88 1.62 -13.85
CA SER B 116 -63.74 0.51 -13.47
C SER B 116 -63.30 -0.74 -14.20
N SER B 117 -63.78 -1.88 -13.72
CA SER B 117 -63.53 -3.17 -14.35
C SER B 117 -64.52 -3.50 -15.46
N ALA B 118 -65.55 -2.69 -15.65
CA ALA B 118 -66.54 -2.94 -16.69
C ALA B 118 -65.98 -2.64 -18.08
N SER B 119 -66.49 -3.35 -19.06
CA SER B 119 -66.08 -3.22 -20.45
C SER B 119 -66.91 -2.16 -21.17
N THR B 120 -66.37 -1.68 -22.29
CA THR B 120 -67.08 -0.71 -23.12
C THR B 120 -68.29 -1.35 -23.77
N LYS B 121 -69.46 -0.73 -23.60
CA LYS B 121 -70.69 -1.13 -24.26
C LYS B 121 -71.22 0.02 -25.12
N GLY B 122 -71.52 -0.28 -26.38
CA GLY B 122 -72.13 0.68 -27.26
C GLY B 122 -73.57 0.93 -26.88
N PRO B 123 -74.07 2.14 -27.15
CA PRO B 123 -75.43 2.48 -26.77
C PRO B 123 -76.48 1.92 -27.71
N SER B 124 -77.66 1.69 -27.16
CA SER B 124 -78.86 1.33 -27.92
C SER B 124 -79.79 2.53 -27.97
N VAL B 125 -80.19 2.92 -29.18
CA VAL B 125 -80.89 4.18 -29.41
C VAL B 125 -82.31 3.85 -29.87
N PHE B 126 -83.29 4.45 -29.19
CA PHE B 126 -84.69 4.14 -29.42
C PHE B 126 -85.48 5.42 -29.68
N PRO B 127 -86.53 5.37 -30.49
CA PRO B 127 -87.31 6.59 -30.75
C PRO B 127 -88.40 6.79 -29.71
N LEU B 128 -88.58 8.06 -29.32
CA LEU B 128 -89.73 8.50 -28.53
C LEU B 128 -90.64 9.30 -29.45
N ALA B 129 -91.58 8.61 -30.07
CA ALA B 129 -92.43 9.19 -31.11
C ALA B 129 -93.47 10.12 -30.50
N PRO B 130 -93.81 11.21 -31.17
CA PRO B 130 -94.85 12.12 -30.66
C PRO B 130 -96.24 11.58 -30.94
N SER B 131 -97.24 12.36 -30.57
CA SER B 131 -98.65 12.00 -30.75
C SER B 131 -99.04 11.93 -32.22
N THR B 139 -98.39 22.16 -29.89
CA THR B 139 -97.04 21.71 -30.25
C THR B 139 -96.85 20.25 -29.82
N ALA B 140 -95.80 19.62 -30.34
CA ALA B 140 -95.54 18.21 -30.11
C ALA B 140 -94.11 18.00 -29.64
N ALA B 141 -93.94 17.13 -28.65
CA ALA B 141 -92.63 16.80 -28.12
C ALA B 141 -92.21 15.42 -28.60
N LEU B 142 -90.93 15.28 -28.94
CA LEU B 142 -90.41 14.03 -29.48
C LEU B 142 -88.94 13.91 -29.13
N GLY B 143 -88.46 12.66 -29.04
CA GLY B 143 -87.08 12.48 -28.63
C GLY B 143 -86.49 11.13 -28.97
N CYS B 144 -85.37 10.84 -28.32
CA CYS B 144 -84.76 9.51 -28.38
C CYS B 144 -84.20 9.10 -27.03
N LEU B 145 -84.36 7.81 -26.73
CA LEU B 145 -83.83 7.17 -25.53
C LEU B 145 -82.48 6.52 -25.84
N VAL B 146 -81.43 6.96 -25.16
CA VAL B 146 -80.10 6.39 -25.31
C VAL B 146 -79.85 5.51 -24.09
N LYS B 147 -79.89 4.19 -24.28
CA LYS B 147 -80.01 3.24 -23.17
C LYS B 147 -78.88 2.22 -23.25
N ASP B 148 -78.42 1.80 -22.07
CA ASP B 148 -77.55 0.63 -21.87
C ASP B 148 -76.19 0.81 -22.55
N TYR B 149 -75.46 1.82 -22.11
CA TYR B 149 -74.11 2.06 -22.56
C TYR B 149 -73.18 2.18 -21.38
N PHE B 150 -71.87 2.14 -21.67
CA PHE B 150 -70.82 2.37 -20.68
C PHE B 150 -69.57 2.72 -21.44
N PRO B 151 -68.81 3.74 -21.01
CA PRO B 151 -69.10 4.70 -19.95
C PRO B 151 -69.62 6.04 -20.49
N GLU B 152 -69.72 7.02 -19.60
CA GLU B 152 -70.00 8.39 -19.98
C GLU B 152 -68.83 8.99 -20.75
N PRO B 153 -69.07 9.98 -21.63
CA PRO B 153 -70.32 10.62 -22.07
C PRO B 153 -70.84 10.24 -23.46
N VAL B 154 -72.16 10.22 -23.59
CA VAL B 154 -72.84 10.16 -24.89
C VAL B 154 -73.26 11.57 -25.27
N THR B 155 -72.86 12.01 -26.46
CA THR B 155 -73.25 13.31 -26.98
C THR B 155 -74.39 13.13 -27.98
N VAL B 156 -75.53 13.73 -27.68
CA VAL B 156 -76.71 13.71 -28.55
C VAL B 156 -76.89 15.09 -29.15
N SER B 157 -77.04 15.14 -30.48
CA SER B 157 -77.30 16.37 -31.21
C SER B 157 -78.54 16.17 -32.07
N TRP B 158 -79.07 17.28 -32.59
CA TRP B 158 -80.28 17.25 -33.39
C TRP B 158 -80.05 17.96 -34.71
N ASN B 159 -80.23 17.22 -35.81
CA ASN B 159 -80.03 17.69 -37.20
C ASN B 159 -78.64 18.28 -37.40
N SER B 160 -77.63 17.58 -36.88
CA SER B 160 -76.22 18.00 -36.89
C SER B 160 -76.03 19.37 -36.24
N GLY B 161 -76.77 19.62 -35.15
CA GLY B 161 -76.68 20.86 -34.42
C GLY B 161 -77.53 22.00 -34.95
N ALA B 162 -78.30 21.78 -36.03
CA ALA B 162 -79.18 22.82 -36.55
C ALA B 162 -80.35 23.11 -35.60
N LEU B 163 -80.83 22.08 -34.90
CA LEU B 163 -81.87 22.23 -33.90
C LEU B 163 -81.23 22.32 -32.53
N THR B 164 -81.22 23.53 -31.95
CA THR B 164 -80.68 23.75 -30.62
C THR B 164 -81.62 24.50 -29.69
N SER B 165 -82.77 24.98 -30.18
CA SER B 165 -83.76 25.66 -29.36
C SER B 165 -84.82 24.67 -28.93
N GLY B 166 -85.07 24.59 -27.62
CA GLY B 166 -86.00 23.64 -27.07
C GLY B 166 -85.45 22.24 -26.87
N VAL B 167 -84.17 22.02 -27.16
CA VAL B 167 -83.55 20.71 -26.99
C VAL B 167 -83.18 20.51 -25.53
N HIS B 168 -83.66 19.42 -24.93
CA HIS B 168 -83.39 19.09 -23.54
C HIS B 168 -82.82 17.68 -23.51
N THR B 169 -81.51 17.57 -23.30
CA THR B 169 -80.85 16.28 -23.13
C THR B 169 -80.67 16.04 -21.64
N PHE B 170 -81.39 15.06 -21.12
CA PHE B 170 -81.40 14.83 -19.68
C PHE B 170 -80.09 14.17 -19.22
N PRO B 171 -79.68 14.43 -17.98
CA PRO B 171 -78.54 13.70 -17.42
C PRO B 171 -78.85 12.21 -17.28
N ALA B 172 -77.82 11.40 -17.50
CA ALA B 172 -78.00 9.96 -17.50
C ALA B 172 -78.08 9.41 -16.09
N VAL B 173 -78.98 8.45 -15.90
CA VAL B 173 -79.18 7.78 -14.61
C VAL B 173 -78.52 6.41 -14.67
N LEU B 174 -77.95 5.98 -13.55
CA LEU B 174 -77.34 4.66 -13.46
C LEU B 174 -78.38 3.62 -13.10
N GLN B 175 -78.52 2.60 -13.95
CA GLN B 175 -79.51 1.56 -13.76
C GLN B 175 -79.05 0.58 -12.68
N SER B 176 -79.94 -0.36 -12.34
CA SER B 176 -79.57 -1.45 -11.44
C SER B 176 -78.61 -2.44 -12.09
N SER B 177 -78.62 -2.53 -13.43
CA SER B 177 -77.67 -3.40 -14.13
C SER B 177 -76.26 -2.84 -14.10
N GLY B 178 -76.11 -1.52 -14.01
CA GLY B 178 -74.82 -0.87 -13.99
C GLY B 178 -74.54 -0.01 -15.20
N LEU B 179 -75.43 -0.01 -16.19
CA LEU B 179 -75.26 0.81 -17.40
C LEU B 179 -76.08 2.09 -17.27
N TYR B 180 -75.79 3.05 -18.14
CA TYR B 180 -76.42 4.36 -18.10
C TYR B 180 -77.55 4.47 -19.12
N SER B 181 -78.52 5.32 -18.79
CA SER B 181 -79.64 5.60 -19.69
C SER B 181 -80.00 7.07 -19.58
N LEU B 182 -80.20 7.72 -20.72
CA LEU B 182 -80.69 9.09 -20.76
C LEU B 182 -81.73 9.21 -21.86
N SER B 183 -82.36 10.39 -21.92
CA SER B 183 -83.31 10.73 -22.95
C SER B 183 -83.01 12.14 -23.44
N SER B 184 -83.16 12.36 -24.74
CA SER B 184 -83.07 13.70 -25.31
C SER B 184 -84.39 14.02 -26.00
N VAL B 185 -85.05 15.08 -25.57
CA VAL B 185 -86.33 15.49 -26.10
C VAL B 185 -86.20 16.85 -26.76
N VAL B 186 -87.22 17.18 -27.57
CA VAL B 186 -87.32 18.50 -28.20
C VAL B 186 -88.80 18.79 -28.40
N THR B 187 -89.16 20.06 -28.22
CA THR B 187 -90.51 20.55 -28.47
C THR B 187 -90.53 21.27 -29.82
N VAL B 188 -91.32 20.74 -30.76
CA VAL B 188 -91.34 21.25 -32.13
C VAL B 188 -92.78 21.51 -32.51
N PRO B 189 -93.06 22.42 -33.46
CA PRO B 189 -94.44 22.62 -33.91
C PRO B 189 -94.98 21.40 -34.64
N SER B 190 -96.30 21.22 -34.54
CA SER B 190 -96.97 20.14 -35.27
C SER B 190 -97.08 20.41 -36.76
N SER B 191 -96.91 21.66 -37.18
CA SER B 191 -96.98 21.98 -38.61
C SER B 191 -95.74 21.49 -39.34
N SER B 192 -94.62 21.35 -38.65
CA SER B 192 -93.36 20.91 -39.23
C SER B 192 -93.16 19.40 -39.10
N LEU B 193 -94.16 18.67 -38.60
CA LEU B 193 -94.02 17.24 -38.37
C LEU B 193 -93.94 16.47 -39.68
N GLY B 194 -94.83 16.80 -40.63
CA GLY B 194 -94.83 16.15 -41.93
C GLY B 194 -93.82 16.69 -42.92
N THR B 195 -93.17 17.81 -42.60
CA THR B 195 -92.20 18.43 -43.50
C THR B 195 -90.77 18.23 -43.03
N GLN B 196 -90.46 18.61 -41.79
CA GLN B 196 -89.09 18.57 -41.29
C GLN B 196 -88.84 17.21 -40.63
N THR B 197 -87.73 16.58 -41.00
CA THR B 197 -87.29 15.35 -40.36
C THR B 197 -86.34 15.66 -39.22
N TYR B 198 -86.37 14.81 -38.20
CA TYR B 198 -85.56 15.00 -36.99
C TYR B 198 -84.61 13.83 -36.83
N ILE B 199 -83.33 14.13 -36.60
CA ILE B 199 -82.27 13.14 -36.54
C ILE B 199 -81.58 13.24 -35.19
N CYS B 200 -81.64 12.16 -34.41
CA CYS B 200 -80.81 12.02 -33.22
C CYS B 200 -79.41 11.62 -33.67
N ASN B 201 -78.45 12.50 -33.45
CA ASN B 201 -77.05 12.25 -33.76
C ASN B 201 -76.32 11.79 -32.50
N VAL B 202 -76.69 10.59 -32.06
CA VAL B 202 -76.10 10.00 -30.87
C VAL B 202 -74.68 9.54 -31.17
N ASN B 203 -73.73 9.99 -30.37
CA ASN B 203 -72.32 9.70 -30.57
C ASN B 203 -71.69 9.29 -29.26
N HIS B 204 -71.18 8.06 -29.20
CA HIS B 204 -70.47 7.53 -28.04
C HIS B 204 -69.03 7.27 -28.46
N LYS B 205 -68.17 8.28 -28.23
CA LYS B 205 -66.75 8.17 -28.58
C LYS B 205 -65.96 7.10 -27.82
N PRO B 206 -66.29 6.69 -26.57
CA PRO B 206 -65.65 5.46 -26.04
C PRO B 206 -65.93 4.20 -26.83
N SER B 207 -67.06 4.10 -27.54
CA SER B 207 -67.38 2.88 -28.26
C SER B 207 -67.30 3.03 -29.77
N ASN B 208 -66.93 4.22 -30.27
CA ASN B 208 -66.94 4.57 -31.71
C ASN B 208 -68.31 4.31 -32.35
N THR B 209 -69.37 4.78 -31.68
CA THR B 209 -70.73 4.62 -32.16
C THR B 209 -71.24 5.97 -32.67
N LYS B 210 -71.77 5.98 -33.89
CA LYS B 210 -72.26 7.17 -34.57
C LYS B 210 -73.66 6.96 -35.13
N VAL B 211 -74.58 6.49 -34.28
CA VAL B 211 -75.97 6.25 -34.69
C VAL B 211 -76.64 7.57 -35.03
N ASP B 212 -77.16 7.66 -36.27
CA ASP B 212 -77.94 8.79 -36.73
C ASP B 212 -79.35 8.26 -37.00
N LYS B 213 -80.23 8.41 -36.01
CA LYS B 213 -81.55 7.79 -36.05
C LYS B 213 -82.64 8.81 -36.36
N LYS B 214 -83.52 8.47 -37.31
CA LYS B 214 -84.65 9.33 -37.65
C LYS B 214 -85.78 9.08 -36.66
N VAL B 215 -86.26 10.13 -36.01
CA VAL B 215 -87.43 10.05 -35.14
C VAL B 215 -88.60 10.74 -35.82
N GLU B 216 -89.72 10.03 -35.94
CA GLU B 216 -90.88 10.48 -36.68
C GLU B 216 -92.14 9.98 -35.98
N PRO B 217 -93.28 10.70 -36.12
CA PRO B 217 -94.54 10.23 -35.55
C PRO B 217 -95.07 8.96 -36.22
N ASP C 1 -53.76 20.47 5.56
CA ASP C 1 -54.46 21.20 4.50
C ASP C 1 -55.22 22.40 5.08
N VAL C 2 -55.81 23.20 4.20
CA VAL C 2 -56.73 24.27 4.60
C VAL C 2 -58.13 23.85 4.16
N VAL C 3 -59.00 23.58 5.13
CA VAL C 3 -60.38 23.22 4.83
C VAL C 3 -61.16 24.50 4.57
N MET C 4 -61.87 24.54 3.43
CA MET C 4 -62.61 25.72 3.02
C MET C 4 -64.10 25.39 3.01
N THR C 5 -64.89 26.17 3.74
CA THR C 5 -66.28 25.86 3.99
C THR C 5 -67.17 26.96 3.42
N GLN C 6 -68.09 26.59 2.55
CA GLN C 6 -69.01 27.52 1.92
C GLN C 6 -70.26 27.72 2.77
N SER C 7 -70.95 28.84 2.51
CA SER C 7 -72.21 29.12 3.16
C SER C 7 -73.05 30.01 2.23
N PRO C 8 -74.31 29.65 1.96
CA PRO C 8 -74.97 28.39 2.33
C PRO C 8 -74.64 27.29 1.32
N ALA C 9 -75.13 26.06 1.55
CA ALA C 9 -74.92 24.99 0.58
C ALA C 9 -75.73 25.23 -0.69
N THR C 10 -76.90 25.87 -0.56
CA THR C 10 -77.75 26.18 -1.70
C THR C 10 -78.39 27.53 -1.46
N LEU C 11 -78.42 28.38 -2.49
CA LEU C 11 -79.01 29.70 -2.39
C LEU C 11 -80.03 29.90 -3.51
N SER C 12 -81.27 30.19 -3.13
CA SER C 12 -82.39 30.35 -4.07
C SER C 12 -83.00 31.73 -3.87
N LEU C 13 -82.71 32.65 -4.79
CA LEU C 13 -83.11 34.04 -4.64
C LEU C 13 -83.79 34.54 -5.91
N SER C 14 -84.63 35.57 -5.74
CA SER C 14 -85.30 36.21 -6.85
C SER C 14 -84.30 37.01 -7.69
N PRO C 15 -84.60 37.23 -8.97
CA PRO C 15 -83.71 38.07 -9.81
C PRO C 15 -83.73 39.53 -9.36
N GLY C 16 -82.55 40.05 -9.03
CA GLY C 16 -82.40 41.46 -8.68
C GLY C 16 -82.05 41.76 -7.25
N GLU C 17 -81.93 40.75 -6.38
CA GLU C 17 -81.63 40.99 -4.97
C GLU C 17 -80.22 40.49 -4.64
N LYS C 18 -79.79 40.85 -3.43
CA LYS C 18 -78.40 40.67 -3.01
C LYS C 18 -78.10 39.20 -2.71
N ALA C 19 -77.21 38.61 -3.50
CA ALA C 19 -76.70 37.27 -3.26
C ALA C 19 -75.37 37.39 -2.51
N THR C 20 -75.38 37.03 -1.23
CA THR C 20 -74.18 37.04 -0.39
C THR C 20 -73.74 35.60 -0.14
N LEU C 21 -72.50 35.29 -0.50
CA LEU C 21 -71.95 33.94 -0.42
C LEU C 21 -70.71 34.00 0.47
N SER C 22 -70.75 33.29 1.59
CA SER C 22 -69.64 33.32 2.54
C SER C 22 -68.72 32.13 2.31
N CYS C 23 -67.43 32.36 2.55
CA CYS C 23 -66.42 31.31 2.48
C CYS C 23 -65.48 31.47 3.66
N ARG C 24 -65.30 30.39 4.42
CA ARG C 24 -64.52 30.40 5.65
C ARG C 24 -63.33 29.48 5.50
N ALA C 25 -62.17 29.92 6.00
CA ALA C 25 -60.93 29.19 5.90
C ALA C 25 -60.57 28.56 7.25
N SER C 26 -59.94 27.39 7.19
CA SER C 26 -59.55 26.68 8.41
C SER C 26 -58.43 27.41 9.15
N GLN C 27 -57.41 27.86 8.41
CA GLN C 27 -56.41 28.78 8.92
C GLN C 27 -56.39 30.00 8.02
N SER C 28 -55.84 31.10 8.55
CA SER C 28 -55.95 32.40 7.88
C SER C 28 -55.12 32.45 6.60
N VAL C 29 -55.79 32.73 5.50
CA VAL C 29 -55.16 33.22 4.27
C VAL C 29 -55.40 34.72 4.19
N SER C 30 -54.33 35.47 3.92
CA SER C 30 -54.36 36.92 4.09
C SER C 30 -55.23 37.59 3.02
N SER C 31 -54.80 37.50 1.76
CA SER C 31 -55.60 37.94 0.63
C SER C 31 -55.55 36.91 -0.49
N TYR C 32 -55.19 35.67 -0.16
CA TYR C 32 -54.85 34.66 -1.16
C TYR C 32 -56.07 33.80 -1.47
N LEU C 33 -57.10 34.43 -2.05
CA LEU C 33 -58.33 33.72 -2.34
C LEU C 33 -58.89 34.19 -3.67
N ALA C 34 -59.45 33.23 -4.42
CA ALA C 34 -60.09 33.48 -5.70
C ALA C 34 -61.51 32.92 -5.67
N TRP C 35 -62.37 33.48 -6.53
CA TRP C 35 -63.73 32.98 -6.71
C TRP C 35 -63.95 32.63 -8.16
N TYR C 36 -64.51 31.43 -8.38
CA TYR C 36 -64.83 30.86 -9.68
C TYR C 36 -66.32 30.59 -9.80
N GLN C 37 -66.83 30.68 -11.03
CA GLN C 37 -68.20 30.32 -11.38
C GLN C 37 -68.17 29.17 -12.36
N GLN C 38 -68.94 28.12 -12.06
CA GLN C 38 -69.05 26.94 -12.92
C GLN C 38 -70.52 26.74 -13.26
N LYS C 39 -70.85 26.96 -14.53
CA LYS C 39 -72.15 26.59 -15.06
C LYS C 39 -72.18 25.09 -15.32
N PRO C 40 -73.37 24.47 -15.37
CA PRO C 40 -73.44 23.02 -15.61
C PRO C 40 -72.93 22.63 -16.99
N GLY C 41 -72.02 21.67 -17.01
CA GLY C 41 -71.35 21.21 -18.21
C GLY C 41 -70.08 21.97 -18.56
N GLN C 42 -70.08 23.28 -18.31
CA GLN C 42 -68.96 24.14 -18.66
C GLN C 42 -67.83 23.97 -17.65
N PRO C 43 -66.60 24.30 -18.03
CA PRO C 43 -65.52 24.40 -17.03
C PRO C 43 -65.71 25.61 -16.15
N PRO C 44 -65.03 25.66 -14.99
CA PRO C 44 -65.05 26.89 -14.19
C PRO C 44 -64.35 28.05 -14.89
N LYS C 45 -64.86 29.25 -14.63
CA LYS C 45 -64.24 30.48 -15.10
C LYS C 45 -63.97 31.39 -13.91
N LEU C 46 -62.82 32.05 -13.93
CA LEU C 46 -62.38 32.85 -12.79
C LEU C 46 -63.19 34.14 -12.71
N LEU C 47 -63.89 34.33 -11.59
CA LEU C 47 -64.63 35.57 -11.40
C LEU C 47 -63.74 36.65 -10.79
N ILE C 48 -63.22 36.40 -9.58
CA ILE C 48 -62.31 37.37 -8.98
C ILE C 48 -61.08 36.67 -8.44
N TYR C 49 -60.04 37.46 -8.20
CA TYR C 49 -58.78 36.98 -7.67
C TYR C 49 -58.22 38.03 -6.72
N TRP C 50 -57.33 37.55 -5.84
CA TRP C 50 -56.81 38.29 -4.67
C TRP C 50 -57.92 38.80 -3.75
N ALA C 51 -59.03 38.05 -3.69
CA ALA C 51 -60.21 38.25 -2.84
C ALA C 51 -61.01 39.51 -3.15
N SER C 52 -60.53 40.39 -4.02
CA SER C 52 -61.25 41.61 -4.34
C SER C 52 -61.32 41.90 -5.83
N THR C 53 -60.24 41.66 -6.57
CA THR C 53 -60.07 42.24 -7.90
C THR C 53 -60.78 41.40 -8.95
N ARG C 54 -61.62 42.05 -9.76
CA ARG C 54 -62.34 41.37 -10.81
C ARG C 54 -61.42 41.00 -11.97
N GLU C 55 -61.60 39.78 -12.48
CA GLU C 55 -60.97 39.38 -13.72
C GLU C 55 -61.65 40.09 -14.88
N SER C 56 -60.90 40.32 -15.96
CA SER C 56 -61.41 41.11 -17.07
C SER C 56 -62.50 40.35 -17.84
N GLY C 57 -63.62 41.02 -18.09
CA GLY C 57 -64.78 40.41 -18.70
C GLY C 57 -65.87 40.00 -17.73
N VAL C 58 -65.54 39.88 -16.45
CA VAL C 58 -66.54 39.58 -15.42
C VAL C 58 -67.44 40.80 -15.22
N PRO C 59 -68.76 40.62 -15.13
CA PRO C 59 -69.65 41.78 -14.93
C PRO C 59 -69.46 42.45 -13.58
N ASP C 60 -69.83 43.74 -13.55
CA ASP C 60 -69.62 44.61 -12.40
C ASP C 60 -70.42 44.18 -11.17
N ARG C 61 -71.50 43.41 -11.36
CA ARG C 61 -72.31 42.99 -10.21
C ARG C 61 -71.58 41.99 -9.31
N PHE C 62 -70.62 41.24 -9.85
CA PHE C 62 -69.78 40.38 -9.03
C PHE C 62 -68.74 41.23 -8.30
N SER C 63 -68.68 41.10 -6.98
CA SER C 63 -67.66 41.78 -6.20
C SER C 63 -67.31 40.92 -4.99
N GLY C 64 -66.19 41.24 -4.35
CA GLY C 64 -65.73 40.44 -3.24
C GLY C 64 -65.15 41.30 -2.13
N SER C 65 -65.17 40.73 -0.92
CA SER C 65 -64.68 41.38 0.28
C SER C 65 -64.21 40.31 1.24
N GLY C 66 -63.56 40.74 2.31
CA GLY C 66 -63.17 39.81 3.36
C GLY C 66 -61.67 39.56 3.35
N SER C 67 -61.18 39.06 4.49
CA SER C 67 -59.76 38.84 4.70
C SER C 67 -59.59 37.94 5.91
N GLY C 68 -58.44 37.27 5.98
CA GLY C 68 -58.17 36.43 7.12
C GLY C 68 -58.91 35.11 7.04
N THR C 69 -59.97 34.98 7.84
CA THR C 69 -60.77 33.78 7.90
C THR C 69 -62.05 33.89 7.07
N ASP C 70 -62.75 35.01 7.16
CA ASP C 70 -64.05 35.20 6.51
C ASP C 70 -63.89 35.96 5.20
N PHE C 71 -64.55 35.46 4.15
CA PHE C 71 -64.55 36.07 2.83
C PHE C 71 -65.98 36.03 2.30
N THR C 72 -66.29 36.96 1.40
CA THR C 72 -67.65 37.12 0.92
C THR C 72 -67.66 37.52 -0.56
N LEU C 73 -68.41 36.77 -1.36
CA LEU C 73 -68.71 37.13 -2.73
C LEU C 73 -70.13 37.66 -2.81
N THR C 74 -70.31 38.85 -3.36
CA THR C 74 -71.61 39.50 -3.45
C THR C 74 -71.97 39.74 -4.90
N ILE C 75 -73.15 39.26 -5.30
CA ILE C 75 -73.79 39.63 -6.55
C ILE C 75 -74.94 40.58 -6.22
N SER C 76 -74.83 41.83 -6.68
CA SER C 76 -75.75 42.87 -6.25
C SER C 76 -77.15 42.64 -6.81
N SER C 77 -77.26 42.26 -8.08
CA SER C 77 -78.54 41.96 -8.71
C SER C 77 -78.37 40.68 -9.51
N LEU C 78 -79.06 39.61 -9.07
CA LEU C 78 -78.98 38.34 -9.78
C LEU C 78 -79.67 38.43 -11.13
N GLN C 79 -79.03 37.86 -12.15
CA GLN C 79 -79.63 37.70 -13.47
C GLN C 79 -79.92 36.22 -13.72
N ALA C 80 -80.49 35.94 -14.90
CA ALA C 80 -80.93 34.58 -15.21
C ALA C 80 -79.77 33.63 -15.43
N GLU C 81 -78.66 34.12 -15.95
CA GLU C 81 -77.52 33.26 -16.30
C GLU C 81 -76.56 33.08 -15.13
N ASP C 82 -76.87 33.62 -13.96
CA ASP C 82 -76.05 33.42 -12.77
C ASP C 82 -76.36 32.14 -12.02
N VAL C 83 -77.28 31.32 -12.52
CA VAL C 83 -77.49 29.99 -11.95
C VAL C 83 -76.24 29.12 -12.22
N ALA C 84 -75.53 28.77 -11.14
CA ALA C 84 -74.22 28.14 -11.26
C ALA C 84 -73.84 27.55 -9.91
N VAL C 85 -72.63 26.99 -9.85
CA VAL C 85 -71.96 26.65 -8.61
C VAL C 85 -70.74 27.55 -8.46
N TYR C 86 -70.61 28.19 -7.31
CA TYR C 86 -69.55 29.15 -7.07
C TYR C 86 -68.57 28.57 -6.06
N TYR C 87 -67.29 28.57 -6.42
CA TYR C 87 -66.23 27.98 -5.61
C TYR C 87 -65.26 29.05 -5.14
N CYS C 88 -64.78 28.91 -3.90
CA CYS C 88 -63.68 29.73 -3.41
C CYS C 88 -62.43 28.85 -3.33
N GLN C 89 -61.30 29.43 -3.73
CA GLN C 89 -60.00 28.78 -3.69
C GLN C 89 -59.08 29.57 -2.79
N GLN C 90 -58.40 28.87 -1.87
CA GLN C 90 -57.21 29.46 -1.26
C GLN C 90 -55.97 28.99 -2.00
N TYR C 91 -54.97 29.86 -2.02
CA TYR C 91 -53.67 29.52 -2.60
C TYR C 91 -52.49 30.05 -1.78
N GLY C 92 -52.72 30.51 -0.55
CA GLY C 92 -51.61 30.90 0.31
C GLY C 92 -50.78 29.70 0.76
N SER C 93 -51.43 28.61 1.12
CA SER C 93 -50.73 27.41 1.55
C SER C 93 -50.39 26.55 0.35
N SER C 94 -49.40 25.67 0.54
CA SER C 94 -48.83 24.85 -0.52
C SER C 94 -49.80 23.82 -1.14
N PRO C 95 -50.65 23.08 -0.35
CA PRO C 95 -51.71 22.31 -1.02
C PRO C 95 -52.87 23.21 -1.41
N LEU C 96 -53.03 23.43 -2.72
CA LEU C 96 -54.12 24.25 -3.24
C LEU C 96 -55.45 23.53 -3.02
N THR C 97 -56.29 24.06 -2.16
CA THR C 97 -57.57 23.44 -1.83
C THR C 97 -58.72 24.32 -2.31
N PHE C 98 -59.79 23.68 -2.77
CA PHE C 98 -61.00 24.35 -3.19
C PHE C 98 -62.08 24.24 -2.12
N GLY C 99 -63.04 25.17 -2.19
CA GLY C 99 -64.22 25.05 -1.36
C GLY C 99 -65.18 24.00 -1.88
N GLY C 100 -66.19 23.69 -1.06
CA GLY C 100 -67.17 22.69 -1.47
C GLY C 100 -68.19 23.16 -2.48
N GLY C 101 -68.22 24.45 -2.78
CA GLY C 101 -69.16 25.00 -3.73
C GLY C 101 -70.44 25.48 -3.09
N THR C 102 -71.04 26.50 -3.70
CA THR C 102 -72.37 26.97 -3.34
C THR C 102 -73.20 26.98 -4.60
N LYS C 103 -74.29 26.22 -4.61
CA LYS C 103 -75.18 26.15 -5.77
C LYS C 103 -76.17 27.30 -5.68
N VAL C 104 -75.99 28.31 -6.53
CA VAL C 104 -76.89 29.46 -6.59
C VAL C 104 -77.87 29.22 -7.74
N GLU C 105 -79.14 29.13 -7.38
CA GLU C 105 -80.24 29.02 -8.33
C GLU C 105 -81.15 30.23 -8.19
N ILE C 106 -81.98 30.45 -9.21
CA ILE C 106 -82.82 31.65 -9.28
C ILE C 106 -84.27 31.25 -9.06
N LYS C 107 -85.04 32.18 -8.52
CA LYS C 107 -86.48 31.99 -8.34
C LYS C 107 -87.24 32.55 -9.53
N ARG C 108 -88.48 32.11 -9.66
CA ARG C 108 -89.27 32.38 -10.86
C ARG C 108 -90.74 32.34 -10.47
N THR C 109 -91.57 33.00 -11.27
CA THR C 109 -93.01 32.78 -11.20
C THR C 109 -93.33 31.33 -11.55
N VAL C 110 -94.36 30.79 -10.90
CA VAL C 110 -94.65 29.36 -10.97
C VAL C 110 -95.25 29.03 -12.32
N ALA C 111 -94.68 28.02 -12.99
CA ALA C 111 -95.10 27.60 -14.32
C ALA C 111 -95.56 26.14 -14.27
N ALA C 112 -96.72 25.88 -14.87
CA ALA C 112 -97.24 24.53 -14.95
C ALA C 112 -96.44 23.72 -15.97
N PRO C 113 -96.15 22.44 -15.69
CA PRO C 113 -95.40 21.63 -16.65
C PRO C 113 -96.24 21.24 -17.85
N SER C 114 -95.58 21.12 -19.00
CA SER C 114 -96.17 20.51 -20.18
C SER C 114 -95.85 19.02 -20.13
N VAL C 115 -96.88 18.18 -20.04
CA VAL C 115 -96.72 16.75 -19.81
C VAL C 115 -96.92 16.01 -21.11
N PHE C 116 -95.99 15.11 -21.43
CA PHE C 116 -96.06 14.25 -22.59
C PHE C 116 -95.72 12.83 -22.20
N ILE C 117 -96.30 11.85 -22.88
CA ILE C 117 -96.04 10.45 -22.58
C ILE C 117 -95.65 9.73 -23.86
N PHE C 118 -94.57 8.95 -23.79
CA PHE C 118 -93.99 8.25 -24.92
C PHE C 118 -94.12 6.76 -24.69
N PRO C 119 -94.88 6.04 -25.52
CA PRO C 119 -94.94 4.59 -25.42
C PRO C 119 -93.67 3.95 -25.95
N PRO C 120 -93.36 2.72 -25.53
CA PRO C 120 -92.15 2.05 -26.02
C PRO C 120 -92.30 1.62 -27.48
N SER C 121 -91.29 1.94 -28.29
CA SER C 121 -91.28 1.52 -29.69
C SER C 121 -91.02 0.02 -29.78
N ASP C 122 -91.63 -0.63 -30.78
CA ASP C 122 -91.69 -2.09 -30.86
C ASP C 122 -90.33 -2.75 -31.11
N GLU C 123 -89.32 -1.98 -31.51
CA GLU C 123 -88.00 -2.56 -31.73
C GLU C 123 -87.14 -2.55 -30.48
N GLN C 124 -87.62 -2.00 -29.36
CA GLN C 124 -87.03 -2.40 -28.10
C GLN C 124 -87.85 -3.50 -27.44
N LEU C 125 -89.15 -3.62 -27.77
CA LEU C 125 -89.93 -4.75 -27.27
C LEU C 125 -89.43 -6.05 -27.87
N LYS C 126 -88.85 -6.01 -29.07
CA LYS C 126 -88.20 -7.20 -29.60
C LYS C 126 -86.75 -7.31 -29.15
N SER C 127 -86.31 -6.45 -28.23
CA SER C 127 -85.09 -6.63 -27.46
C SER C 127 -85.35 -7.12 -26.04
N GLY C 128 -86.62 -7.42 -25.71
CA GLY C 128 -86.93 -8.00 -24.42
C GLY C 128 -87.18 -7.02 -23.29
N THR C 129 -87.21 -5.72 -23.57
CA THR C 129 -87.45 -4.72 -22.53
C THR C 129 -88.44 -3.67 -23.03
N ALA C 130 -89.09 -3.00 -22.08
CA ALA C 130 -90.01 -1.91 -22.39
C ALA C 130 -89.72 -0.72 -21.47
N SER C 131 -89.77 0.49 -22.05
CA SER C 131 -89.54 1.72 -21.31
C SER C 131 -90.58 2.75 -21.72
N VAL C 132 -91.36 3.21 -20.74
CA VAL C 132 -92.42 4.20 -20.96
C VAL C 132 -91.93 5.52 -20.37
N VAL C 133 -91.96 6.59 -21.16
CA VAL C 133 -91.28 7.83 -20.78
C VAL C 133 -92.30 8.93 -20.53
N CYS C 134 -92.31 9.48 -19.31
CA CYS C 134 -93.12 10.64 -18.97
C CYS C 134 -92.21 11.88 -18.95
N LEU C 135 -92.56 12.89 -19.74
CA LEU C 135 -91.77 14.10 -19.87
C LEU C 135 -92.53 15.29 -19.30
N LEU C 136 -91.86 16.04 -18.43
CA LEU C 136 -92.38 17.28 -17.85
C LEU C 136 -91.49 18.42 -18.33
N ASN C 137 -92.05 19.31 -19.14
CA ASN C 137 -91.29 20.35 -19.83
C ASN C 137 -91.61 21.72 -19.27
N ASN C 138 -90.56 22.49 -18.97
CA ASN C 138 -90.61 23.94 -18.73
C ASN C 138 -91.52 24.30 -17.54
N PHE C 139 -91.07 23.85 -16.37
CA PHE C 139 -91.82 24.07 -15.13
C PHE C 139 -90.89 24.64 -14.06
N TYR C 140 -91.51 25.36 -13.11
CA TYR C 140 -90.86 25.82 -11.90
C TYR C 140 -91.97 25.74 -10.83
N PRO C 141 -91.66 25.28 -9.60
CA PRO C 141 -90.39 24.83 -9.01
C PRO C 141 -90.00 23.41 -9.41
N ARG C 142 -88.77 23.03 -9.06
CA ARG C 142 -88.26 21.71 -9.41
C ARG C 142 -89.01 20.60 -8.69
N GLU C 143 -89.55 20.90 -7.49
CA GLU C 143 -90.23 19.93 -6.65
C GLU C 143 -91.52 19.50 -7.32
N ALA C 144 -91.48 18.40 -8.06
CA ALA C 144 -92.64 17.83 -8.72
C ALA C 144 -92.73 16.35 -8.41
N LYS C 145 -93.95 15.82 -8.37
CA LYS C 145 -94.20 14.43 -8.04
C LYS C 145 -94.78 13.72 -9.25
N VAL C 146 -94.18 12.59 -9.61
CA VAL C 146 -94.60 11.77 -10.73
C VAL C 146 -94.97 10.39 -10.21
N GLN C 147 -96.20 9.97 -10.48
CA GLN C 147 -96.70 8.66 -10.08
C GLN C 147 -97.02 7.86 -11.33
N TRP C 148 -96.74 6.56 -11.28
CA TRP C 148 -96.99 5.68 -12.42
C TRP C 148 -98.18 4.78 -12.10
N LYS C 149 -99.18 4.79 -12.98
CA LYS C 149 -100.33 3.91 -12.86
C LYS C 149 -100.31 2.92 -14.02
N VAL C 150 -100.47 1.64 -13.70
CA VAL C 150 -100.51 0.58 -14.69
C VAL C 150 -101.82 -0.18 -14.46
N ASP C 151 -102.80 0.05 -15.34
CA ASP C 151 -104.19 -0.41 -15.16
C ASP C 151 -104.75 0.05 -13.82
N ASN C 152 -104.48 1.32 -13.49
CA ASN C 152 -104.83 1.96 -12.21
C ASN C 152 -104.27 1.18 -11.01
N ALA C 153 -103.02 0.76 -11.12
CA ALA C 153 -102.29 0.14 -10.01
C ALA C 153 -100.93 0.79 -9.88
N LEU C 154 -100.61 1.25 -8.68
CA LEU C 154 -99.45 2.10 -8.46
C LEU C 154 -98.16 1.27 -8.45
N GLN C 155 -97.21 1.65 -9.29
CA GLN C 155 -95.89 1.04 -9.29
C GLN C 155 -95.02 1.62 -8.17
N SER C 156 -93.93 0.93 -7.88
CA SER C 156 -93.04 1.31 -6.79
C SER C 156 -91.65 0.77 -7.07
N GLY C 157 -90.69 1.67 -7.27
CA GLY C 157 -89.29 1.32 -7.33
C GLY C 157 -88.78 0.87 -8.68
N ASN C 158 -89.66 0.71 -9.67
CA ASN C 158 -89.26 0.36 -11.03
C ASN C 158 -89.37 1.55 -11.98
N SER C 159 -89.10 2.75 -11.49
CA SER C 159 -89.07 3.95 -12.32
C SER C 159 -87.93 4.86 -11.86
N GLN C 160 -87.19 5.39 -12.83
CA GLN C 160 -86.05 6.26 -12.53
C GLN C 160 -86.28 7.64 -13.12
N GLU C 161 -85.94 8.67 -12.34
CA GLU C 161 -86.19 10.05 -12.74
C GLU C 161 -84.88 10.77 -13.03
N SER C 162 -84.91 11.65 -14.03
CA SER C 162 -83.75 12.44 -14.43
C SER C 162 -84.21 13.88 -14.64
N VAL C 163 -83.62 14.80 -13.88
CA VAL C 163 -84.02 16.20 -13.89
C VAL C 163 -82.87 17.02 -14.45
N THR C 164 -83.16 17.90 -15.41
CA THR C 164 -82.15 18.81 -15.93
C THR C 164 -81.83 19.89 -14.89
N GLU C 165 -80.75 20.60 -15.16
CA GLU C 165 -80.45 21.80 -14.39
C GLU C 165 -81.35 22.94 -14.83
N GLN C 166 -81.35 24.01 -14.03
CA GLN C 166 -82.15 25.19 -14.35
C GLN C 166 -81.60 25.89 -15.59
N ASP C 167 -82.51 26.25 -16.50
CA ASP C 167 -82.11 26.83 -17.77
C ASP C 167 -81.64 28.26 -17.60
N SER C 168 -80.60 28.64 -18.33
CA SER C 168 -80.02 29.98 -18.21
C SER C 168 -80.87 31.06 -18.87
N LYS C 169 -81.82 30.70 -19.74
CA LYS C 169 -82.64 31.69 -20.43
C LYS C 169 -83.98 31.93 -19.74
N ASP C 170 -84.77 30.87 -19.55
CA ASP C 170 -86.14 31.01 -19.05
C ASP C 170 -86.35 30.40 -17.67
N SER C 171 -85.28 29.92 -17.03
CA SER C 171 -85.23 29.61 -15.59
C SER C 171 -86.19 28.50 -15.18
N THR C 172 -86.53 27.60 -16.10
CA THR C 172 -87.43 26.49 -15.80
C THR C 172 -86.65 25.18 -15.74
N TYR C 173 -87.36 24.12 -15.37
CA TYR C 173 -86.79 22.78 -15.31
C TYR C 173 -87.47 21.85 -16.31
N SER C 174 -86.83 20.71 -16.52
CA SER C 174 -87.42 19.58 -17.23
C SER C 174 -87.15 18.32 -16.44
N LEU C 175 -88.09 17.38 -16.52
CA LEU C 175 -87.98 16.10 -15.85
C LEU C 175 -88.35 15.00 -16.83
N SER C 176 -87.69 13.86 -16.70
CA SER C 176 -88.06 12.67 -17.46
C SER C 176 -88.08 11.48 -16.52
N SER C 177 -89.23 10.84 -16.41
CA SER C 177 -89.40 9.65 -15.58
C SER C 177 -89.54 8.45 -16.52
N THR C 178 -88.66 7.47 -16.36
CA THR C 178 -88.64 6.31 -17.23
C THR C 178 -89.10 5.10 -16.44
N LEU C 179 -90.10 4.41 -16.97
CA LEU C 179 -90.65 3.20 -16.36
C LEU C 179 -90.11 2.02 -17.14
N THR C 180 -89.32 1.18 -16.46
CA THR C 180 -88.70 0.02 -17.09
C THR C 180 -89.41 -1.26 -16.66
N LEU C 181 -89.82 -2.05 -17.65
CA LEU C 181 -90.45 -3.33 -17.38
C LEU C 181 -89.73 -4.45 -18.13
N SER C 182 -90.30 -5.64 -18.08
CA SER C 182 -89.97 -6.72 -18.99
C SER C 182 -90.98 -6.74 -20.12
N LYS C 183 -90.66 -7.52 -21.16
CA LYS C 183 -91.54 -7.64 -22.32
C LYS C 183 -92.88 -8.28 -21.93
N ALA C 184 -92.82 -9.43 -21.27
CA ALA C 184 -94.03 -10.15 -20.90
C ALA C 184 -94.83 -9.43 -19.83
N ASP C 185 -94.16 -8.70 -18.94
CA ASP C 185 -94.89 -7.89 -17.96
C ASP C 185 -95.46 -6.61 -18.56
N TYR C 186 -94.93 -6.14 -19.68
CA TYR C 186 -95.57 -5.04 -20.38
C TYR C 186 -96.75 -5.49 -21.23
N GLU C 187 -96.66 -6.69 -21.83
CA GLU C 187 -97.77 -7.20 -22.64
C GLU C 187 -98.98 -7.60 -21.80
N LYS C 188 -98.80 -7.83 -20.49
CA LYS C 188 -99.87 -8.33 -19.65
C LYS C 188 -100.87 -7.23 -19.26
N HIS C 189 -100.52 -5.96 -19.45
CA HIS C 189 -101.36 -4.85 -19.03
C HIS C 189 -101.70 -3.97 -20.21
N LYS C 190 -102.83 -3.26 -20.12
CA LYS C 190 -103.42 -2.55 -21.25
C LYS C 190 -103.14 -1.04 -21.23
N VAL C 191 -103.55 -0.35 -20.18
CA VAL C 191 -103.50 1.11 -20.13
C VAL C 191 -102.39 1.55 -19.18
N TYR C 192 -101.58 2.50 -19.62
CA TYR C 192 -100.46 3.03 -18.85
C TYR C 192 -100.61 4.53 -18.70
N ALA C 193 -100.55 5.02 -17.46
CA ALA C 193 -100.86 6.40 -17.14
C ALA C 193 -99.77 7.02 -16.28
N CYS C 194 -99.56 8.32 -16.48
CA CYS C 194 -98.60 9.10 -15.71
C CYS C 194 -99.36 10.22 -15.00
N GLU C 195 -99.30 10.21 -13.67
CA GLU C 195 -99.86 11.24 -12.81
C GLU C 195 -98.78 12.27 -12.48
N VAL C 196 -99.09 13.53 -12.72
CA VAL C 196 -98.19 14.64 -12.40
C VAL C 196 -98.86 15.52 -11.35
N THR C 197 -98.21 15.67 -10.19
CA THR C 197 -98.65 16.56 -9.14
C THR C 197 -97.59 17.64 -8.96
N HIS C 198 -97.99 18.89 -9.18
CA HIS C 198 -97.07 20.02 -9.17
C HIS C 198 -97.77 21.20 -8.51
N GLN C 199 -96.96 22.15 -8.02
CA GLN C 199 -97.50 23.37 -7.42
C GLN C 199 -98.24 24.22 -8.44
N GLY C 200 -97.82 24.19 -9.70
CA GLY C 200 -98.49 24.93 -10.75
C GLY C 200 -99.75 24.30 -11.30
N LEU C 201 -100.13 23.12 -10.80
CA LEU C 201 -101.33 22.43 -11.24
C LEU C 201 -102.32 22.34 -10.09
N SER C 202 -103.54 22.82 -10.32
CA SER C 202 -104.58 22.75 -9.29
C SER C 202 -105.02 21.31 -9.05
N SER C 203 -105.06 20.51 -10.11
CA SER C 203 -105.33 19.08 -10.04
C SER C 203 -104.21 18.30 -10.69
N PRO C 204 -103.95 17.07 -10.24
CA PRO C 204 -102.99 16.20 -10.94
C PRO C 204 -103.37 15.95 -12.38
N VAL C 205 -102.35 15.91 -13.24
CA VAL C 205 -102.52 15.75 -14.68
C VAL C 205 -102.24 14.29 -15.03
N THR C 206 -103.20 13.66 -15.70
CA THR C 206 -103.08 12.26 -16.10
C THR C 206 -102.87 12.20 -17.60
N LYS C 207 -101.73 11.66 -18.03
CA LYS C 207 -101.49 11.36 -19.44
C LYS C 207 -101.35 9.85 -19.61
N SER C 208 -102.23 9.26 -20.41
CA SER C 208 -102.31 7.80 -20.51
C SER C 208 -102.31 7.38 -21.97
N PHE C 209 -102.05 6.09 -22.17
CA PHE C 209 -102.21 5.47 -23.48
C PHE C 209 -102.65 4.04 -23.31
N ASN C 210 -103.24 3.49 -24.38
CA ASN C 210 -103.55 2.08 -24.50
C ASN C 210 -102.46 1.37 -25.28
N ARG C 211 -102.16 0.14 -24.88
CA ARG C 211 -101.08 -0.63 -25.52
C ARG C 211 -101.42 -1.00 -26.95
N GLY C 212 -102.69 -1.28 -27.24
CA GLY C 212 -103.08 -1.68 -28.58
C GLY C 212 -102.97 -0.54 -29.60
N GLU C 213 -103.39 0.65 -29.22
CA GLU C 213 -103.36 1.80 -30.11
C GLU C 213 -101.98 2.42 -30.16
N ASP D 1 -27.78 7.17 -50.22
CA ASP D 1 -28.46 6.10 -50.93
C ASP D 1 -28.20 6.19 -52.43
N VAL D 2 -28.68 5.19 -53.17
CA VAL D 2 -28.69 5.21 -54.62
C VAL D 2 -30.13 5.38 -55.08
N VAL D 3 -30.44 6.53 -55.67
CA VAL D 3 -31.78 6.78 -56.19
C VAL D 3 -31.90 6.11 -57.56
N MET D 4 -32.95 5.30 -57.74
CA MET D 4 -33.15 4.55 -58.96
C MET D 4 -34.43 5.05 -59.64
N THR D 5 -34.29 5.47 -60.90
CA THR D 5 -35.36 6.16 -61.61
C THR D 5 -35.77 5.35 -62.83
N GLN D 6 -37.06 5.02 -62.90
CA GLN D 6 -37.61 4.24 -64.00
C GLN D 6 -38.05 5.15 -65.16
N SER D 7 -38.16 4.54 -66.33
CA SER D 7 -38.67 5.25 -67.50
C SER D 7 -39.32 4.23 -68.44
N PRO D 8 -40.56 4.48 -68.89
CA PRO D 8 -41.46 5.55 -68.47
C PRO D 8 -42.21 5.18 -67.19
N ALA D 9 -43.02 6.09 -66.65
CA ALA D 9 -43.83 5.74 -65.49
C ALA D 9 -44.94 4.76 -65.84
N THR D 10 -45.45 4.82 -67.07
CA THR D 10 -46.50 3.91 -67.54
C THR D 10 -46.22 3.60 -69.00
N LEU D 11 -46.35 2.33 -69.37
CA LEU D 11 -46.13 1.90 -70.75
C LEU D 11 -47.33 1.10 -71.23
N SER D 12 -47.94 1.56 -72.33
CA SER D 12 -49.15 0.96 -72.89
C SER D 12 -48.87 0.60 -74.34
N LEU D 13 -48.67 -0.70 -74.61
CA LEU D 13 -48.25 -1.15 -75.93
C LEU D 13 -49.14 -2.31 -76.39
N SER D 14 -49.20 -2.47 -77.72
CA SER D 14 -49.94 -3.55 -78.33
C SER D 14 -49.21 -4.88 -78.08
N PRO D 15 -49.94 -6.01 -78.10
CA PRO D 15 -49.29 -7.32 -77.96
C PRO D 15 -48.42 -7.66 -79.15
N GLY D 16 -47.14 -7.91 -78.90
CA GLY D 16 -46.21 -8.34 -79.93
C GLY D 16 -45.12 -7.36 -80.30
N GLU D 17 -45.09 -6.17 -79.71
CA GLU D 17 -44.07 -5.18 -80.05
C GLU D 17 -43.10 -4.98 -78.90
N LYS D 18 -42.03 -4.24 -79.19
CA LYS D 18 -40.87 -4.13 -78.31
C LYS D 18 -41.19 -3.23 -77.12
N ALA D 19 -41.18 -3.81 -75.91
CA ALA D 19 -41.30 -3.07 -74.67
C ALA D 19 -39.90 -2.81 -74.12
N THR D 20 -39.46 -1.56 -74.19
CA THR D 20 -38.16 -1.13 -73.67
C THR D 20 -38.38 -0.33 -72.40
N LEU D 21 -37.76 -0.77 -71.30
CA LEU D 21 -37.93 -0.17 -69.97
C LEU D 21 -36.57 0.26 -69.48
N SER D 22 -36.38 1.55 -69.27
CA SER D 22 -35.09 2.07 -68.83
C SER D 22 -35.06 2.25 -67.32
N CYS D 23 -33.88 2.03 -66.75
CA CYS D 23 -33.65 2.26 -65.33
C CYS D 23 -32.31 2.96 -65.16
N ARG D 24 -32.32 4.08 -64.45
CA ARG D 24 -31.15 4.92 -64.28
C ARG D 24 -30.75 4.97 -62.81
N ALA D 25 -29.45 4.90 -62.56
CA ALA D 25 -28.91 4.89 -61.20
C ALA D 25 -28.29 6.24 -60.87
N SER D 26 -28.39 6.62 -59.59
CA SER D 26 -27.84 7.89 -59.15
C SER D 26 -26.32 7.90 -59.18
N GLN D 27 -25.71 6.83 -58.68
CA GLN D 27 -24.29 6.56 -58.87
C GLN D 27 -24.14 5.19 -59.53
N SER D 28 -22.96 4.97 -60.13
CA SER D 28 -22.76 3.81 -60.98
C SER D 28 -22.73 2.52 -60.17
N VAL D 29 -23.63 1.60 -60.52
CA VAL D 29 -23.51 0.19 -60.18
C VAL D 29 -23.03 -0.56 -61.41
N SER D 30 -22.02 -1.41 -61.22
CA SER D 30 -21.29 -1.97 -62.35
C SER D 30 -22.14 -2.98 -63.11
N SER D 31 -22.45 -4.10 -62.46
CA SER D 31 -23.40 -5.08 -62.99
C SER D 31 -24.37 -5.53 -61.92
N TYR D 32 -24.52 -4.73 -60.86
CA TYR D 32 -25.21 -5.16 -59.65
C TYR D 32 -26.67 -4.71 -59.69
N LEU D 33 -27.41 -5.26 -60.65
CA LEU D 33 -28.80 -4.87 -60.82
C LEU D 33 -29.65 -6.09 -61.18
N ALA D 34 -30.86 -6.12 -60.63
CA ALA D 34 -31.84 -7.16 -60.89
C ALA D 34 -33.15 -6.54 -61.37
N TRP D 35 -33.93 -7.32 -62.10
CA TRP D 35 -35.26 -6.91 -62.53
C TRP D 35 -36.29 -7.91 -62.03
N TYR D 36 -37.37 -7.38 -61.45
CA TYR D 36 -38.49 -8.12 -60.89
C TYR D 36 -39.79 -7.73 -61.59
N GLN D 37 -40.71 -8.70 -61.66
CA GLN D 37 -42.07 -8.49 -62.16
C GLN D 37 -43.05 -8.76 -61.04
N GLN D 38 -43.96 -7.81 -60.82
CA GLN D 38 -45.00 -7.93 -59.79
C GLN D 38 -46.36 -7.78 -60.47
N LYS D 39 -47.12 -8.87 -60.52
CA LYS D 39 -48.50 -8.83 -60.92
C LYS D 39 -49.35 -8.31 -59.76
N PRO D 40 -50.54 -7.77 -60.04
CA PRO D 40 -51.38 -7.24 -58.94
C PRO D 40 -51.83 -8.34 -57.99
N GLY D 41 -51.62 -8.09 -56.70
CA GLY D 41 -51.90 -9.04 -55.63
C GLY D 41 -50.78 -10.00 -55.31
N GLN D 42 -50.05 -10.43 -56.35
CA GLN D 42 -48.98 -11.42 -56.19
C GLN D 42 -47.73 -10.75 -55.63
N PRO D 43 -46.84 -11.51 -55.01
CA PRO D 43 -45.51 -10.98 -54.67
C PRO D 43 -44.67 -10.78 -55.91
N PRO D 44 -43.58 -9.99 -55.82
CA PRO D 44 -42.64 -9.90 -56.94
C PRO D 44 -41.93 -11.23 -57.19
N LYS D 45 -41.62 -11.48 -58.46
CA LYS D 45 -40.82 -12.62 -58.85
C LYS D 45 -39.62 -12.13 -59.67
N LEU D 46 -38.47 -12.74 -59.43
CA LEU D 46 -37.22 -12.28 -60.04
C LEU D 46 -37.20 -12.65 -61.51
N LEU D 47 -37.09 -11.65 -62.38
CA LEU D 47 -36.98 -11.92 -63.81
C LEU D 47 -35.52 -12.14 -64.20
N ILE D 48 -34.67 -11.12 -64.00
CA ILE D 48 -33.26 -11.30 -64.32
C ILE D 48 -32.41 -10.79 -63.16
N TYR D 49 -31.16 -11.24 -63.16
CA TYR D 49 -30.18 -10.84 -62.14
C TYR D 49 -28.82 -10.68 -62.82
N TRP D 50 -27.96 -9.92 -62.13
CA TRP D 50 -26.67 -9.43 -62.65
C TRP D 50 -26.81 -8.63 -63.94
N ALA D 51 -27.96 -7.95 -64.10
CA ALA D 51 -28.35 -7.06 -65.20
C ALA D 51 -28.51 -7.75 -66.57
N SER D 52 -28.16 -9.02 -66.68
CA SER D 52 -28.29 -9.72 -67.96
C SER D 52 -28.91 -11.10 -67.84
N THR D 53 -28.57 -11.86 -66.78
CA THR D 53 -28.81 -13.29 -66.78
C THR D 53 -30.23 -13.61 -66.33
N ARG D 54 -30.93 -14.40 -67.14
CA ARG D 54 -32.29 -14.80 -66.81
C ARG D 54 -32.33 -15.80 -65.66
N GLU D 55 -33.27 -15.59 -64.74
CA GLU D 55 -33.58 -16.58 -63.74
C GLU D 55 -34.32 -17.75 -64.40
N SER D 56 -34.16 -18.94 -63.83
CA SER D 56 -34.71 -20.15 -64.45
C SER D 56 -36.23 -20.17 -64.35
N GLY D 57 -36.88 -20.44 -65.49
CA GLY D 57 -38.33 -20.39 -65.60
C GLY D 57 -38.86 -19.12 -66.22
N VAL D 58 -38.06 -18.06 -66.27
CA VAL D 58 -38.46 -16.81 -66.93
C VAL D 58 -38.47 -17.03 -68.43
N PRO D 59 -39.49 -16.56 -69.15
CA PRO D 59 -39.53 -16.74 -70.61
C PRO D 59 -38.42 -15.98 -71.33
N ASP D 60 -38.09 -16.49 -72.52
CA ASP D 60 -36.98 -16.01 -73.33
C ASP D 60 -37.19 -14.57 -73.83
N ARG D 61 -38.44 -14.09 -73.89
CA ARG D 61 -38.69 -12.74 -74.37
C ARG D 61 -38.18 -11.66 -73.42
N PHE D 62 -38.07 -11.98 -72.13
CA PHE D 62 -37.45 -11.06 -71.19
C PHE D 62 -35.94 -11.12 -71.34
N SER D 63 -35.32 -9.95 -71.54
CA SER D 63 -33.87 -9.87 -71.60
C SER D 63 -33.43 -8.51 -71.06
N GLY D 64 -32.14 -8.39 -70.76
CA GLY D 64 -31.63 -7.18 -70.17
C GLY D 64 -30.27 -6.80 -70.72
N SER D 65 -29.99 -5.51 -70.62
CA SER D 65 -28.74 -4.93 -71.11
C SER D 65 -28.42 -3.71 -70.27
N GLY D 66 -27.22 -3.17 -70.46
CA GLY D 66 -26.87 -1.93 -69.80
C GLY D 66 -25.86 -2.17 -68.67
N SER D 67 -25.20 -1.09 -68.29
CA SER D 67 -24.13 -1.13 -67.30
C SER D 67 -23.84 0.29 -66.84
N GLY D 68 -23.26 0.40 -65.64
CA GLY D 68 -22.91 1.72 -65.15
C GLY D 68 -24.11 2.46 -64.61
N THR D 69 -24.57 3.44 -65.38
CA THR D 69 -25.71 4.27 -65.02
C THR D 69 -27.00 3.82 -65.69
N ASP D 70 -26.96 3.51 -66.97
CA ASP D 70 -28.14 3.18 -67.75
C ASP D 70 -28.31 1.67 -67.88
N PHE D 71 -29.53 1.19 -67.66
CA PHE D 71 -29.88 -0.21 -67.77
C PHE D 71 -31.22 -0.32 -68.50
N THR D 72 -31.45 -1.46 -69.14
CA THR D 72 -32.63 -1.61 -69.99
C THR D 72 -33.14 -3.03 -69.91
N LEU D 73 -34.44 -3.17 -69.62
CA LEU D 73 -35.15 -4.44 -69.73
C LEU D 73 -36.01 -4.42 -70.98
N THR D 74 -35.85 -5.43 -71.82
CA THR D 74 -36.56 -5.52 -73.09
C THR D 74 -37.41 -6.78 -73.13
N ILE D 75 -38.69 -6.59 -73.41
CA ILE D 75 -39.61 -7.68 -73.76
C ILE D 75 -39.86 -7.59 -75.25
N SER D 76 -39.43 -8.62 -75.99
CA SER D 76 -39.43 -8.55 -77.45
C SER D 76 -40.85 -8.58 -78.01
N SER D 77 -41.71 -9.44 -77.47
CA SER D 77 -43.10 -9.52 -77.88
C SER D 77 -43.96 -9.59 -76.63
N LEU D 78 -44.76 -8.56 -76.38
CA LEU D 78 -45.62 -8.54 -75.21
C LEU D 78 -46.74 -9.56 -75.36
N GLN D 79 -47.02 -10.29 -74.28
CA GLN D 79 -48.17 -11.17 -74.20
C GLN D 79 -49.19 -10.60 -73.23
N ALA D 80 -50.31 -11.31 -73.06
CA ALA D 80 -51.42 -10.80 -72.26
C ALA D 80 -51.11 -10.80 -70.78
N GLU D 81 -50.29 -11.74 -70.30
CA GLU D 81 -50.01 -11.87 -68.88
C GLU D 81 -48.82 -11.03 -68.44
N ASP D 82 -48.25 -10.23 -69.34
CA ASP D 82 -47.15 -9.34 -68.98
C ASP D 82 -47.63 -8.00 -68.42
N VAL D 83 -48.93 -7.80 -68.25
CA VAL D 83 -49.42 -6.62 -67.55
C VAL D 83 -49.03 -6.72 -66.07
N ALA D 84 -48.15 -5.81 -65.64
CA ALA D 84 -47.52 -5.92 -64.32
C ALA D 84 -46.85 -4.58 -64.00
N VAL D 85 -46.19 -4.55 -62.85
CA VAL D 85 -45.25 -3.49 -62.50
C VAL D 85 -43.85 -4.08 -62.45
N TYR D 86 -42.90 -3.46 -63.14
CA TYR D 86 -41.56 -3.98 -63.24
C TYR D 86 -40.60 -3.08 -62.46
N TYR D 87 -39.83 -3.69 -61.57
CA TYR D 87 -38.93 -2.96 -60.69
C TYR D 87 -37.48 -3.31 -60.99
N CYS D 88 -36.60 -2.32 -60.91
CA CYS D 88 -35.17 -2.57 -60.94
C CYS D 88 -34.60 -2.36 -59.55
N GLN D 89 -33.69 -3.24 -59.16
CA GLN D 89 -33.00 -3.20 -57.87
C GLN D 89 -31.51 -3.04 -58.11
N GLN D 90 -30.88 -2.10 -57.41
CA GLN D 90 -29.44 -2.14 -57.27
C GLN D 90 -29.09 -2.83 -55.95
N TYR D 91 -27.94 -3.50 -55.95
CA TYR D 91 -27.40 -4.12 -54.75
C TYR D 91 -25.89 -3.97 -54.62
N GLY D 92 -25.26 -3.11 -55.41
CA GLY D 92 -23.84 -2.85 -55.22
C GLY D 92 -23.56 -2.07 -53.94
N SER D 93 -24.38 -1.08 -53.64
CA SER D 93 -24.21 -0.30 -52.43
C SER D 93 -24.93 -0.96 -51.26
N SER D 94 -24.51 -0.61 -50.05
CA SER D 94 -24.97 -1.24 -48.81
C SER D 94 -26.46 -1.01 -48.51
N PRO D 95 -27.07 0.21 -48.69
CA PRO D 95 -28.54 0.26 -48.61
C PRO D 95 -29.17 -0.23 -49.90
N LEU D 96 -29.81 -1.40 -49.83
CA LEU D 96 -30.49 -1.98 -50.98
C LEU D 96 -31.72 -1.13 -51.32
N THR D 97 -31.69 -0.48 -52.47
CA THR D 97 -32.77 0.40 -52.90
C THR D 97 -33.45 -0.15 -54.14
N PHE D 98 -34.76 0.02 -54.21
CA PHE D 98 -35.56 -0.38 -55.36
C PHE D 98 -35.90 0.82 -56.23
N GLY D 99 -36.21 0.56 -57.49
CA GLY D 99 -36.75 1.58 -58.35
C GLY D 99 -38.20 1.89 -58.03
N GLY D 100 -38.71 2.96 -58.64
CA GLY D 100 -40.10 3.34 -58.43
C GLY D 100 -41.13 2.50 -59.15
N GLY D 101 -40.69 1.62 -60.03
CA GLY D 101 -41.60 0.76 -60.78
C GLY D 101 -42.03 1.37 -62.10
N THR D 102 -42.28 0.50 -63.07
CA THR D 102 -42.89 0.89 -64.34
C THR D 102 -44.11 0.01 -64.55
N LYS D 103 -45.28 0.64 -64.65
CA LYS D 103 -46.53 -0.10 -64.87
C LYS D 103 -46.69 -0.36 -66.36
N VAL D 104 -46.49 -1.61 -66.77
CA VAL D 104 -46.66 -2.01 -68.16
C VAL D 104 -48.05 -2.62 -68.30
N GLU D 105 -48.88 -1.98 -69.12
CA GLU D 105 -50.20 -2.47 -69.48
C GLU D 105 -50.25 -2.73 -70.98
N ILE D 106 -51.25 -3.50 -71.40
CA ILE D 106 -51.35 -3.95 -72.78
C ILE D 106 -52.52 -3.23 -73.45
N LYS D 107 -52.39 -3.04 -74.76
CA LYS D 107 -53.46 -2.47 -75.56
C LYS D 107 -54.34 -3.57 -76.15
N ARG D 108 -55.54 -3.18 -76.57
CA ARG D 108 -56.57 -4.13 -76.96
C ARG D 108 -57.50 -3.44 -77.94
N THR D 109 -58.20 -4.23 -78.75
CA THR D 109 -59.34 -3.73 -79.50
C THR D 109 -60.43 -3.24 -78.54
N VAL D 110 -61.12 -2.19 -78.95
CA VAL D 110 -62.04 -1.48 -78.05
C VAL D 110 -63.29 -2.32 -77.83
N ALA D 111 -63.65 -2.52 -76.56
CA ALA D 111 -64.79 -3.33 -76.17
C ALA D 111 -65.80 -2.48 -75.40
N ALA D 112 -67.07 -2.58 -75.78
CA ALA D 112 -68.11 -1.87 -75.08
C ALA D 112 -68.38 -2.52 -73.72
N PRO D 113 -68.62 -1.72 -72.68
CA PRO D 113 -68.91 -2.31 -71.37
C PRO D 113 -70.29 -2.93 -71.29
N SER D 114 -70.40 -3.99 -70.50
CA SER D 114 -71.68 -4.54 -70.11
C SER D 114 -72.12 -3.85 -68.82
N VAL D 115 -73.23 -3.13 -68.87
CA VAL D 115 -73.66 -2.27 -67.78
C VAL D 115 -74.78 -2.95 -67.01
N PHE D 116 -74.66 -3.00 -65.70
CA PHE D 116 -75.67 -3.55 -64.81
C PHE D 116 -75.88 -2.58 -63.65
N ILE D 117 -77.10 -2.55 -63.11
CA ILE D 117 -77.42 -1.67 -61.99
C ILE D 117 -78.07 -2.49 -60.88
N PHE D 118 -77.59 -2.29 -59.66
CA PHE D 118 -78.02 -3.05 -58.48
C PHE D 118 -78.69 -2.08 -57.52
N PRO D 119 -79.99 -2.25 -57.25
CA PRO D 119 -80.66 -1.45 -56.24
C PRO D 119 -80.26 -1.88 -54.84
N PRO D 120 -80.41 -1.00 -53.85
CA PRO D 120 -80.05 -1.37 -52.47
C PRO D 120 -81.06 -2.35 -51.87
N SER D 121 -80.54 -3.43 -51.28
CA SER D 121 -81.38 -4.40 -50.61
C SER D 121 -81.94 -3.80 -49.31
N ASP D 122 -83.17 -4.19 -48.96
CA ASP D 122 -83.93 -3.54 -47.90
C ASP D 122 -83.33 -3.75 -46.49
N GLU D 123 -82.42 -4.69 -46.33
CA GLU D 123 -81.81 -4.91 -45.04
C GLU D 123 -80.57 -4.06 -44.82
N GLN D 124 -80.13 -3.28 -45.81
CA GLN D 124 -79.27 -2.15 -45.48
C GLN D 124 -80.08 -0.88 -45.33
N LEU D 125 -81.26 -0.80 -45.97
CA LEU D 125 -82.12 0.36 -45.73
C LEU D 125 -82.65 0.37 -44.30
N LYS D 126 -82.75 -0.80 -43.67
CA LYS D 126 -83.07 -0.82 -42.26
C LYS D 126 -81.82 -0.73 -41.38
N SER D 127 -80.66 -0.48 -41.99
CA SER D 127 -79.47 -0.03 -41.29
C SER D 127 -79.21 1.47 -41.46
N GLY D 128 -80.13 2.19 -42.09
CA GLY D 128 -80.03 3.63 -42.18
C GLY D 128 -79.22 4.16 -43.35
N THR D 129 -78.78 3.31 -44.27
CA THR D 129 -78.00 3.76 -45.42
C THR D 129 -78.49 3.06 -46.69
N ALA D 130 -78.21 3.69 -47.83
CA ALA D 130 -78.54 3.13 -49.13
C ALA D 130 -77.34 3.24 -50.06
N SER D 131 -77.09 2.18 -50.83
CA SER D 131 -76.00 2.16 -51.79
C SER D 131 -76.49 1.55 -53.10
N VAL D 132 -76.40 2.33 -54.18
CA VAL D 132 -76.84 1.91 -55.51
C VAL D 132 -75.58 1.64 -56.33
N VAL D 133 -75.48 0.46 -56.94
CA VAL D 133 -74.23 0.02 -57.53
C VAL D 133 -74.35 -0.07 -59.05
N CYS D 134 -73.51 0.68 -59.77
CA CYS D 134 -73.41 0.58 -61.22
C CYS D 134 -72.15 -0.22 -61.56
N LEU D 135 -72.32 -1.29 -62.33
CA LEU D 135 -71.24 -2.19 -62.70
C LEU D 135 -70.97 -2.11 -64.20
N LEU D 136 -69.70 -1.91 -64.57
CA LEU D 136 -69.23 -1.91 -65.95
C LEU D 136 -68.27 -3.08 -66.13
N ASN D 137 -68.67 -4.06 -66.94
CA ASN D 137 -67.95 -5.32 -67.04
C ASN D 137 -67.29 -5.45 -68.40
N ASN D 138 -65.99 -5.81 -68.41
CA ASN D 138 -65.25 -6.30 -69.57
C ASN D 138 -65.19 -5.28 -70.70
N PHE D 139 -64.51 -4.17 -70.40
CA PHE D 139 -64.35 -3.06 -71.33
C PHE D 139 -62.88 -2.66 -71.44
N TYR D 140 -62.56 -2.05 -72.57
CA TYR D 140 -61.28 -1.41 -72.83
C TYR D 140 -61.65 -0.23 -73.72
N PRO D 141 -61.06 0.97 -73.52
CA PRO D 141 -60.03 1.38 -72.55
C PRO D 141 -60.59 1.64 -71.16
N ARG D 142 -59.68 1.84 -70.20
CA ARG D 142 -60.07 2.07 -68.82
C ARG D 142 -60.81 3.40 -68.66
N GLU D 143 -60.50 4.37 -69.51
CA GLU D 143 -61.06 5.72 -69.43
C GLU D 143 -62.54 5.68 -69.76
N ALA D 144 -63.37 5.58 -68.72
CA ALA D 144 -64.82 5.58 -68.86
C ALA D 144 -65.43 6.58 -67.90
N LYS D 145 -66.56 7.15 -68.29
CA LYS D 145 -67.24 8.17 -67.49
C LYS D 145 -68.57 7.63 -67.01
N VAL D 146 -68.82 7.74 -65.71
CA VAL D 146 -70.06 7.30 -65.08
C VAL D 146 -70.72 8.51 -64.43
N GLN D 147 -71.96 8.77 -64.83
CA GLN D 147 -72.75 9.86 -64.28
C GLN D 147 -73.96 9.27 -63.56
N TRP D 148 -74.34 9.88 -62.44
CA TRP D 148 -75.47 9.43 -61.66
C TRP D 148 -76.63 10.40 -61.82
N LYS D 149 -77.79 9.90 -62.22
CA LYS D 149 -79.00 10.70 -62.32
C LYS D 149 -80.00 10.20 -61.28
N VAL D 150 -80.57 11.14 -60.51
CA VAL D 150 -81.57 10.82 -59.50
C VAL D 150 -82.77 11.70 -59.82
N ASP D 151 -83.83 11.07 -60.37
CA ASP D 151 -84.99 11.77 -60.95
C ASP D 151 -84.54 12.82 -61.98
N ASN D 152 -83.59 12.40 -62.83
CA ASN D 152 -82.95 13.25 -63.86
C ASN D 152 -82.33 14.50 -63.25
N ALA D 153 -81.63 14.33 -62.12
CA ALA D 153 -80.86 15.39 -61.49
C ALA D 153 -79.47 14.87 -61.15
N LEU D 154 -78.44 15.58 -61.61
CA LEU D 154 -77.08 15.08 -61.57
C LEU D 154 -76.51 15.19 -60.15
N GLN D 155 -76.02 14.07 -59.62
CA GLN D 155 -75.32 14.06 -58.35
C GLN D 155 -73.87 14.51 -58.52
N SER D 156 -73.24 14.85 -57.39
CA SER D 156 -71.88 15.37 -57.40
C SER D 156 -71.23 15.07 -56.06
N GLY D 157 -70.17 14.25 -56.08
CA GLY D 157 -69.33 14.05 -54.93
C GLY D 157 -69.80 13.00 -53.93
N ASN D 158 -71.01 12.46 -54.11
CA ASN D 158 -71.52 11.39 -53.26
C ASN D 158 -71.50 10.03 -53.96
N SER D 159 -70.50 9.79 -54.81
CA SER D 159 -70.32 8.50 -55.46
C SER D 159 -68.84 8.18 -55.54
N GLN D 160 -68.49 6.93 -55.21
CA GLN D 160 -67.10 6.49 -55.22
C GLN D 160 -66.91 5.38 -56.24
N GLU D 161 -65.81 5.45 -56.98
CA GLU D 161 -65.54 4.50 -58.05
C GLU D 161 -64.37 3.59 -57.70
N SER D 162 -64.47 2.33 -58.11
CA SER D 162 -63.42 1.34 -57.87
C SER D 162 -63.20 0.57 -59.15
N VAL D 163 -61.97 0.61 -59.67
CA VAL D 163 -61.62 0.01 -60.95
C VAL D 163 -60.65 -1.13 -60.69
N THR D 164 -60.92 -2.29 -61.28
CA THR D 164 -60.00 -3.41 -61.19
C THR D 164 -58.76 -3.15 -62.05
N GLU D 165 -57.74 -3.97 -61.83
CA GLU D 165 -56.60 -3.97 -62.72
C GLU D 165 -56.94 -4.71 -64.03
N GLN D 166 -56.07 -4.55 -65.02
CA GLN D 166 -56.28 -5.20 -66.31
C GLN D 166 -56.13 -6.71 -66.17
N ASP D 167 -57.07 -7.44 -66.77
CA ASP D 167 -57.12 -8.89 -66.61
C ASP D 167 -56.01 -9.55 -67.42
N SER D 168 -55.41 -10.60 -66.87
CA SER D 168 -54.31 -11.28 -67.53
C SER D 168 -54.76 -12.17 -68.69
N LYS D 169 -56.04 -12.50 -68.79
CA LYS D 169 -56.53 -13.38 -69.86
C LYS D 169 -57.09 -12.60 -71.04
N ASP D 170 -58.07 -11.73 -70.81
CA ASP D 170 -58.79 -11.08 -71.90
C ASP D 170 -58.58 -9.56 -71.93
N SER D 171 -57.70 -9.04 -71.07
CA SER D 171 -57.11 -7.70 -71.18
C SER D 171 -58.15 -6.58 -71.06
N THR D 172 -59.25 -6.83 -70.38
CA THR D 172 -60.29 -5.83 -70.20
C THR D 172 -60.30 -5.32 -68.76
N TYR D 173 -61.14 -4.32 -68.51
CA TYR D 173 -61.32 -3.75 -67.19
C TYR D 173 -62.73 -3.97 -66.67
N SER D 174 -62.88 -3.74 -65.36
CA SER D 174 -64.18 -3.66 -64.73
C SER D 174 -64.18 -2.44 -63.81
N LEU D 175 -65.36 -1.83 -63.69
CA LEU D 175 -65.55 -0.66 -62.85
C LEU D 175 -66.81 -0.87 -62.01
N SER D 176 -66.78 -0.34 -60.80
CA SER D 176 -67.98 -0.32 -59.95
C SER D 176 -68.09 1.05 -59.32
N SER D 177 -69.20 1.74 -59.61
CA SER D 177 -69.48 3.05 -59.05
C SER D 177 -70.58 2.89 -58.01
N THR D 178 -70.31 3.29 -56.77
CA THR D 178 -71.24 3.12 -55.68
C THR D 178 -71.77 4.49 -55.27
N LEU D 179 -73.10 4.61 -55.25
CA LEU D 179 -73.78 5.84 -54.87
C LEU D 179 -74.29 5.65 -53.46
N THR D 180 -73.77 6.43 -52.52
CA THR D 180 -74.15 6.32 -51.12
C THR D 180 -75.06 7.49 -50.73
N LEU D 181 -76.21 7.14 -50.16
CA LEU D 181 -77.15 8.13 -49.66
C LEU D 181 -77.49 7.87 -48.20
N SER D 182 -78.44 8.61 -47.68
CA SER D 182 -79.13 8.27 -46.45
C SER D 182 -80.43 7.56 -46.79
N LYS D 183 -81.05 6.97 -45.76
CA LYS D 183 -82.31 6.27 -45.95
C LYS D 183 -83.42 7.21 -46.39
N ALA D 184 -83.60 8.32 -45.66
CA ALA D 184 -84.67 9.25 -45.96
C ALA D 184 -84.42 10.01 -47.27
N ASP D 185 -83.15 10.26 -47.61
CA ASP D 185 -82.86 10.87 -48.90
C ASP D 185 -82.97 9.90 -50.05
N TYR D 186 -82.90 8.58 -49.80
CA TYR D 186 -83.19 7.62 -50.85
C TYR D 186 -84.69 7.40 -51.03
N GLU D 187 -85.47 7.45 -49.93
CA GLU D 187 -86.92 7.29 -50.04
C GLU D 187 -87.60 8.49 -50.71
N LYS D 188 -86.96 9.64 -50.75
CA LYS D 188 -87.59 10.85 -51.27
C LYS D 188 -87.64 10.88 -52.80
N HIS D 189 -86.88 10.04 -53.47
CA HIS D 189 -86.78 10.04 -54.93
C HIS D 189 -87.21 8.69 -55.49
N LYS D 190 -87.66 8.70 -56.74
CA LYS D 190 -88.32 7.54 -57.35
C LYS D 190 -87.40 6.75 -58.28
N VAL D 191 -86.88 7.39 -59.32
CA VAL D 191 -86.14 6.71 -60.38
C VAL D 191 -84.65 7.04 -60.25
N TYR D 192 -83.82 6.01 -60.35
CA TYR D 192 -82.37 6.12 -60.22
C TYR D 192 -81.72 5.56 -61.47
N ALA D 193 -80.85 6.35 -62.11
CA ALA D 193 -80.29 6.01 -63.41
C ALA D 193 -78.77 6.18 -63.39
N CYS D 194 -78.11 5.33 -64.17
CA CYS D 194 -76.66 5.36 -64.35
C CYS D 194 -76.37 5.59 -65.83
N GLU D 195 -75.69 6.70 -66.12
CA GLU D 195 -75.21 7.05 -67.44
C GLU D 195 -73.78 6.56 -67.62
N VAL D 196 -73.54 5.81 -68.69
CA VAL D 196 -72.20 5.34 -69.03
C VAL D 196 -71.78 5.94 -70.36
N THR D 197 -70.68 6.69 -70.36
CA THR D 197 -70.09 7.25 -71.56
C THR D 197 -68.72 6.62 -71.75
N HIS D 198 -68.53 5.91 -72.86
CA HIS D 198 -67.32 5.15 -73.12
C HIS D 198 -66.98 5.29 -74.60
N GLN D 199 -65.70 5.06 -74.93
CA GLN D 199 -65.26 5.09 -76.31
C GLN D 199 -65.89 3.98 -77.14
N GLY D 200 -66.21 2.85 -76.54
CA GLY D 200 -66.86 1.75 -77.23
C GLY D 200 -68.36 1.90 -77.41
N LEU D 201 -68.94 2.98 -76.91
CA LEU D 201 -70.37 3.22 -77.04
C LEU D 201 -70.60 4.47 -77.88
N SER D 202 -71.40 4.33 -78.94
CA SER D 202 -71.71 5.48 -79.79
C SER D 202 -72.60 6.48 -79.07
N SER D 203 -73.51 5.99 -78.23
CA SER D 203 -74.33 6.82 -77.37
C SER D 203 -74.17 6.38 -75.92
N PRO D 204 -74.34 7.31 -74.97
CA PRO D 204 -74.35 6.93 -73.55
C PRO D 204 -75.44 5.92 -73.23
N VAL D 205 -75.11 4.98 -72.34
CA VAL D 205 -76.01 3.89 -71.97
C VAL D 205 -76.63 4.23 -70.62
N THR D 206 -77.97 4.22 -70.58
CA THR D 206 -78.71 4.53 -69.37
C THR D 206 -79.31 3.25 -68.82
N LYS D 207 -78.92 2.89 -67.60
CA LYS D 207 -79.55 1.80 -66.87
C LYS D 207 -80.22 2.36 -65.63
N SER D 208 -81.54 2.19 -65.52
CA SER D 208 -82.32 2.83 -64.48
C SER D 208 -83.21 1.82 -63.78
N PHE D 209 -83.73 2.22 -62.62
CA PHE D 209 -84.76 1.45 -61.94
C PHE D 209 -85.67 2.40 -61.19
N ASN D 210 -86.87 1.90 -60.89
CA ASN D 210 -87.81 2.57 -60.01
C ASN D 210 -87.70 1.99 -58.61
N ARG D 211 -87.87 2.87 -57.60
CA ARG D 211 -87.72 2.46 -56.21
C ARG D 211 -88.83 1.49 -55.78
N GLY D 212 -90.05 1.68 -56.29
CA GLY D 212 -91.16 0.84 -55.89
C GLY D 212 -91.03 -0.59 -56.41
N GLU D 213 -90.60 -0.75 -57.66
CA GLU D 213 -90.47 -2.07 -58.26
C GLU D 213 -89.17 -2.74 -57.84
N ASP E 1 -41.56 -38.51 -9.93
CA ASP E 1 -42.92 -38.44 -9.38
C ASP E 1 -43.37 -39.80 -8.89
N VAL E 2 -44.54 -39.85 -8.27
CA VAL E 2 -45.22 -41.09 -7.92
C VAL E 2 -46.43 -41.24 -8.82
N VAL E 3 -46.40 -42.23 -9.71
CA VAL E 3 -47.53 -42.49 -10.59
C VAL E 3 -48.56 -43.31 -9.81
N MET E 4 -49.81 -42.85 -9.82
CA MET E 4 -50.89 -43.47 -9.07
C MET E 4 -51.92 -44.02 -10.06
N THR E 5 -52.21 -45.31 -9.95
CA THR E 5 -53.02 -46.02 -10.95
C THR E 5 -54.27 -46.56 -10.28
N GLN E 6 -55.43 -46.18 -10.81
CA GLN E 6 -56.72 -46.61 -10.30
C GLN E 6 -57.16 -47.92 -10.93
N SER E 7 -58.08 -48.61 -10.26
CA SER E 7 -58.67 -49.83 -10.78
C SER E 7 -60.07 -49.98 -10.20
N PRO E 8 -61.09 -50.23 -11.04
CA PRO E 8 -61.06 -50.19 -12.50
C PRO E 8 -61.22 -48.76 -13.02
N ALA E 9 -61.15 -48.57 -14.33
CA ALA E 9 -61.38 -47.24 -14.89
C ALA E 9 -62.84 -46.82 -14.75
N THR E 10 -63.77 -47.77 -14.81
CA THR E 10 -65.19 -47.51 -14.66
C THR E 10 -65.81 -48.66 -13.88
N LEU E 11 -66.67 -48.33 -12.92
CA LEU E 11 -67.34 -49.34 -12.11
C LEU E 11 -68.84 -49.10 -12.15
N SER E 12 -69.59 -50.12 -12.58
CA SER E 12 -71.04 -50.04 -12.74
C SER E 12 -71.68 -51.16 -11.91
N LEU E 13 -72.26 -50.82 -10.76
CA LEU E 13 -72.77 -51.80 -9.82
C LEU E 13 -74.19 -51.45 -9.40
N SER E 14 -74.93 -52.47 -8.98
CA SER E 14 -76.27 -52.30 -8.46
C SER E 14 -76.24 -51.61 -7.10
N PRO E 15 -77.33 -50.93 -6.72
CA PRO E 15 -77.39 -50.31 -5.38
C PRO E 15 -77.46 -51.35 -4.28
N GLY E 16 -76.49 -51.30 -3.37
CA GLY E 16 -76.48 -52.16 -2.20
C GLY E 16 -75.36 -53.19 -2.14
N GLU E 17 -74.50 -53.28 -3.16
CA GLU E 17 -73.44 -54.27 -3.17
C GLU E 17 -72.08 -53.60 -3.01
N LYS E 18 -71.06 -54.44 -2.82
CA LYS E 18 -69.73 -53.99 -2.42
C LYS E 18 -69.00 -53.34 -3.59
N ALA E 19 -68.72 -52.05 -3.46
CA ALA E 19 -67.87 -51.32 -4.41
C ALA E 19 -66.45 -51.30 -3.87
N THR E 20 -65.56 -52.05 -4.50
CA THR E 20 -64.15 -52.10 -4.15
C THR E 20 -63.34 -51.37 -5.21
N LEU E 21 -62.58 -50.36 -4.79
CA LEU E 21 -61.81 -49.49 -5.68
C LEU E 21 -60.35 -49.58 -5.28
N SER E 22 -59.51 -50.06 -6.17
CA SER E 22 -58.09 -50.24 -5.87
C SER E 22 -57.29 -49.04 -6.36
N CYS E 23 -56.24 -48.72 -5.62
CA CYS E 23 -55.31 -47.66 -6.01
C CYS E 23 -53.90 -48.17 -5.74
N ARG E 24 -53.04 -48.10 -6.77
CA ARG E 24 -51.69 -48.63 -6.71
C ARG E 24 -50.69 -47.49 -6.88
N ALA E 25 -49.62 -47.52 -6.08
CA ALA E 25 -48.60 -46.49 -6.08
C ALA E 25 -47.34 -46.99 -6.78
N SER E 26 -46.64 -46.06 -7.45
CA SER E 26 -45.43 -46.41 -8.17
C SER E 26 -44.29 -46.78 -7.21
N GLN E 27 -44.11 -46.00 -6.17
CA GLN E 27 -43.27 -46.37 -5.04
C GLN E 27 -44.09 -46.32 -3.76
N SER E 28 -43.59 -47.00 -2.73
CA SER E 28 -44.38 -47.22 -1.52
C SER E 28 -44.60 -45.93 -0.75
N VAL E 29 -45.86 -45.58 -0.53
CA VAL E 29 -46.27 -44.64 0.51
C VAL E 29 -46.84 -45.43 1.67
N SER E 30 -46.39 -45.12 2.89
CA SER E 30 -46.65 -45.97 4.04
C SER E 30 -48.11 -45.92 4.45
N SER E 31 -48.55 -44.76 4.91
CA SER E 31 -49.97 -44.51 5.18
C SER E 31 -50.40 -43.16 4.62
N TYR E 32 -49.64 -42.64 3.67
CA TYR E 32 -49.77 -41.24 3.24
C TYR E 32 -50.69 -41.16 2.01
N LEU E 33 -51.95 -41.52 2.21
CA LEU E 33 -52.89 -41.53 1.09
C LEU E 33 -54.27 -41.06 1.57
N ALA E 34 -54.93 -40.31 0.70
CA ALA E 34 -56.27 -39.79 0.93
C ALA E 34 -57.19 -40.20 -0.22
N TRP E 35 -58.48 -40.27 0.07
CA TRP E 35 -59.50 -40.52 -0.96
C TRP E 35 -60.52 -39.40 -0.98
N TYR E 36 -60.80 -38.91 -2.20
CA TYR E 36 -61.74 -37.83 -2.50
C TYR E 36 -62.85 -38.33 -3.41
N GLN E 37 -64.03 -37.72 -3.25
CA GLN E 37 -65.18 -37.94 -4.11
C GLN E 37 -65.52 -36.63 -4.82
N GLN E 38 -65.67 -36.71 -6.15
CA GLN E 38 -66.02 -35.56 -6.97
C GLN E 38 -67.29 -35.89 -7.75
N LYS E 39 -68.38 -35.24 -7.40
CA LYS E 39 -69.59 -35.30 -8.19
C LYS E 39 -69.45 -34.39 -9.41
N PRO E 40 -70.21 -34.62 -10.48
CA PRO E 40 -70.08 -33.77 -11.68
C PRO E 40 -70.50 -32.33 -11.42
N GLY E 41 -69.62 -31.41 -11.78
CA GLY E 41 -69.79 -29.98 -11.55
C GLY E 41 -69.25 -29.50 -10.21
N GLN E 42 -69.38 -30.32 -9.18
CA GLN E 42 -68.97 -29.95 -7.83
C GLN E 42 -67.46 -30.07 -7.69
N PRO E 43 -66.86 -29.37 -6.72
CA PRO E 43 -65.46 -29.63 -6.39
C PRO E 43 -65.30 -30.98 -5.68
N PRO E 44 -64.08 -31.51 -5.61
CA PRO E 44 -63.85 -32.71 -4.79
C PRO E 44 -64.05 -32.45 -3.31
N LYS E 45 -64.52 -33.47 -2.61
CA LYS E 45 -64.65 -33.44 -1.17
C LYS E 45 -63.90 -34.63 -0.57
N LEU E 46 -63.20 -34.38 0.53
CA LEU E 46 -62.34 -35.40 1.13
C LEU E 46 -63.18 -36.48 1.81
N LEU E 47 -63.02 -37.72 1.35
CA LEU E 47 -63.74 -38.81 2.00
C LEU E 47 -62.93 -39.37 3.17
N ILE E 48 -61.73 -39.88 2.90
CA ILE E 48 -60.89 -40.37 3.99
C ILE E 48 -59.47 -39.83 3.85
N TYR E 49 -58.74 -39.90 4.96
CA TYR E 49 -57.36 -39.45 5.01
C TYR E 49 -56.57 -40.40 5.91
N TRP E 50 -55.24 -40.38 5.71
CA TRP E 50 -54.28 -41.33 6.28
C TRP E 50 -54.63 -42.78 5.94
N ALA E 51 -55.24 -42.99 4.77
CA ALA E 51 -55.63 -44.27 4.15
C ALA E 51 -56.70 -45.05 4.90
N SER E 52 -57.09 -44.62 6.10
CA SER E 52 -58.11 -45.33 6.86
C SER E 52 -59.17 -44.42 7.46
N THR E 53 -58.78 -43.24 7.95
CA THR E 53 -59.64 -42.49 8.87
C THR E 53 -60.64 -41.65 8.09
N ARG E 54 -61.92 -41.78 8.46
CA ARG E 54 -62.97 -41.01 7.81
C ARG E 54 -62.94 -39.54 8.23
N GLU E 55 -63.11 -38.66 7.25
CA GLU E 55 -63.35 -37.25 7.53
C GLU E 55 -64.76 -37.10 8.11
N SER E 56 -64.93 -36.06 8.95
CA SER E 56 -66.20 -35.88 9.65
C SER E 56 -67.31 -35.46 8.69
N GLY E 57 -68.45 -36.15 8.78
CA GLY E 57 -69.56 -35.95 7.87
C GLY E 57 -69.66 -36.97 6.76
N VAL E 58 -68.59 -37.69 6.49
CA VAL E 58 -68.60 -38.77 5.49
C VAL E 58 -69.41 -39.94 6.03
N PRO E 59 -70.30 -40.55 5.24
CA PRO E 59 -71.08 -41.68 5.72
C PRO E 59 -70.23 -42.91 6.04
N ASP E 60 -70.78 -43.74 6.93
CA ASP E 60 -70.09 -44.91 7.47
C ASP E 60 -69.81 -45.97 6.42
N ARG E 61 -70.55 -45.97 5.30
CA ARG E 61 -70.33 -46.98 4.26
C ARG E 61 -69.00 -46.80 3.55
N PHE E 62 -68.46 -45.58 3.52
CA PHE E 62 -67.13 -45.36 2.99
C PHE E 62 -66.09 -45.80 4.00
N SER E 63 -65.17 -46.67 3.58
CA SER E 63 -64.07 -47.10 4.44
C SER E 63 -62.86 -47.38 3.57
N GLY E 64 -61.70 -47.48 4.20
CA GLY E 64 -60.46 -47.67 3.47
C GLY E 64 -59.52 -48.62 4.17
N SER E 65 -58.65 -49.23 3.37
CA SER E 65 -57.68 -50.20 3.84
C SER E 65 -56.47 -50.15 2.91
N GLY E 66 -55.42 -50.84 3.32
CA GLY E 66 -54.25 -50.96 2.46
C GLY E 66 -53.08 -50.12 2.97
N SER E 67 -51.90 -50.48 2.48
CA SER E 67 -50.65 -49.85 2.92
C SER E 67 -49.56 -50.22 1.93
N GLY E 68 -48.52 -49.40 1.90
CA GLY E 68 -47.40 -49.70 1.01
C GLY E 68 -47.70 -49.33 -0.42
N THR E 69 -47.96 -50.35 -1.24
CA THR E 69 -48.25 -50.18 -2.65
C THR E 69 -49.74 -50.22 -2.94
N ASP E 70 -50.46 -51.17 -2.35
CA ASP E 70 -51.87 -51.39 -2.65
C ASP E 70 -52.75 -50.73 -1.59
N PHE E 71 -53.79 -50.05 -2.06
CA PHE E 71 -54.77 -49.38 -1.21
C PHE E 71 -56.15 -49.65 -1.78
N THR E 72 -57.16 -49.59 -0.91
CA THR E 72 -58.51 -49.97 -1.31
C THR E 72 -59.54 -49.10 -0.61
N LEU E 73 -60.44 -48.50 -1.39
CA LEU E 73 -61.61 -47.83 -0.86
C LEU E 73 -62.84 -48.71 -1.09
N THR E 74 -63.58 -48.97 -0.02
CA THR E 74 -64.74 -49.85 -0.07
C THR E 74 -65.99 -49.08 0.34
N ILE E 75 -67.00 -49.13 -0.52
CA ILE E 75 -68.35 -48.69 -0.20
C ILE E 75 -69.20 -49.95 -0.03
N SER E 76 -69.68 -50.18 1.20
CA SER E 76 -70.33 -51.45 1.53
C SER E 76 -71.66 -51.61 0.81
N SER E 77 -72.47 -50.54 0.77
CA SER E 77 -73.75 -50.55 0.08
C SER E 77 -73.85 -49.26 -0.72
N LEU E 78 -73.84 -49.38 -2.05
CA LEU E 78 -73.94 -48.21 -2.91
C LEU E 78 -75.34 -47.59 -2.81
N GLN E 79 -75.38 -46.26 -2.73
CA GLN E 79 -76.63 -45.52 -2.82
C GLN E 79 -76.66 -44.74 -4.12
N ALA E 80 -77.76 -44.01 -4.34
CA ALA E 80 -77.99 -43.33 -5.61
C ALA E 80 -77.06 -42.14 -5.81
N GLU E 81 -76.67 -41.47 -4.72
CA GLU E 81 -75.86 -40.27 -4.82
C GLU E 81 -74.36 -40.56 -4.82
N ASP E 82 -73.97 -41.83 -4.81
CA ASP E 82 -72.56 -42.20 -4.88
C ASP E 82 -72.03 -42.26 -6.30
N VAL E 83 -72.84 -41.93 -7.32
CA VAL E 83 -72.34 -41.79 -8.68
C VAL E 83 -71.40 -40.57 -8.75
N ALA E 84 -70.12 -40.84 -8.98
CA ALA E 84 -69.08 -39.82 -8.85
C ALA E 84 -67.80 -40.32 -9.51
N VAL E 85 -66.75 -39.51 -9.42
CA VAL E 85 -65.39 -39.94 -9.72
C VAL E 85 -64.59 -39.90 -8.42
N TYR E 86 -63.91 -41.00 -8.11
CA TYR E 86 -63.18 -41.13 -6.86
C TYR E 86 -61.69 -41.12 -7.14
N TYR E 87 -60.97 -40.23 -6.44
CA TYR E 87 -59.55 -40.04 -6.64
C TYR E 87 -58.77 -40.45 -5.40
N CYS E 88 -57.59 -41.05 -5.61
CA CYS E 88 -56.64 -41.29 -4.54
C CYS E 88 -55.47 -40.33 -4.68
N GLN E 89 -55.02 -39.79 -3.57
CA GLN E 89 -53.88 -38.88 -3.49
C GLN E 89 -52.80 -39.50 -2.63
N GLN E 90 -51.56 -39.51 -3.12
CA GLN E 90 -50.44 -39.69 -2.24
C GLN E 90 -49.86 -38.34 -1.83
N TYR E 91 -49.32 -38.28 -0.62
CA TYR E 91 -48.63 -37.09 -0.14
C TYR E 91 -47.37 -37.40 0.64
N GLY E 92 -46.86 -38.63 0.59
CA GLY E 92 -45.57 -38.91 1.21
C GLY E 92 -44.41 -38.25 0.49
N SER E 93 -44.44 -38.28 -0.84
CA SER E 93 -43.38 -37.65 -1.63
C SER E 93 -43.70 -36.18 -1.87
N SER E 94 -42.66 -35.41 -2.18
CA SER E 94 -42.73 -33.96 -2.31
C SER E 94 -43.61 -33.46 -3.47
N PRO E 95 -43.57 -34.06 -4.71
CA PRO E 95 -44.62 -33.69 -5.69
C PRO E 95 -45.92 -34.41 -5.39
N LEU E 96 -46.92 -33.64 -4.94
CA LEU E 96 -48.24 -34.18 -4.63
C LEU E 96 -48.92 -34.60 -5.93
N THR E 97 -49.14 -35.90 -6.11
CA THR E 97 -49.73 -36.44 -7.32
C THR E 97 -51.08 -37.07 -7.01
N PHE E 98 -52.03 -36.91 -7.93
CA PHE E 98 -53.34 -37.50 -7.83
C PHE E 98 -53.44 -38.75 -8.71
N GLY E 99 -54.39 -39.61 -8.38
CA GLY E 99 -54.72 -40.71 -9.25
C GLY E 99 -55.52 -40.26 -10.47
N GLY E 100 -55.69 -41.18 -11.42
CA GLY E 100 -56.44 -40.87 -12.61
C GLY E 100 -57.94 -40.85 -12.45
N GLY E 101 -58.44 -41.28 -11.30
CA GLY E 101 -59.87 -41.30 -11.03
C GLY E 101 -60.51 -42.62 -11.41
N THR E 102 -61.56 -42.97 -10.67
CA THR E 102 -62.41 -44.10 -11.01
C THR E 102 -63.85 -43.59 -11.07
N LYS E 103 -64.49 -43.72 -12.23
CA LYS E 103 -65.86 -43.28 -12.40
C LYS E 103 -66.79 -44.39 -11.93
N VAL E 104 -67.42 -44.19 -10.77
CA VAL E 104 -68.38 -45.13 -10.22
C VAL E 104 -69.78 -44.65 -10.58
N GLU E 105 -70.47 -45.48 -11.36
CA GLU E 105 -71.87 -45.27 -11.73
C GLU E 105 -72.72 -46.40 -11.18
N ILE E 106 -74.03 -46.17 -11.12
CA ILE E 106 -74.96 -47.10 -10.49
C ILE E 106 -75.80 -47.76 -11.58
N LYS E 107 -76.22 -48.99 -11.30
CA LYS E 107 -77.13 -49.71 -12.18
C LYS E 107 -78.58 -49.47 -11.77
N ARG E 108 -79.48 -49.77 -12.70
CA ARG E 108 -80.88 -49.40 -12.53
C ARG E 108 -81.72 -50.37 -13.37
N THR E 109 -82.98 -50.52 -13.01
CA THR E 109 -83.95 -51.15 -13.90
C THR E 109 -84.09 -50.33 -15.18
N VAL E 110 -84.31 -51.03 -16.30
CA VAL E 110 -84.23 -50.41 -17.61
C VAL E 110 -85.48 -49.55 -17.84
N ALA E 111 -85.26 -48.29 -18.24
CA ALA E 111 -86.31 -47.32 -18.45
C ALA E 111 -86.31 -46.85 -19.90
N ALA E 112 -87.49 -46.85 -20.52
CA ALA E 112 -87.61 -46.37 -21.89
C ALA E 112 -87.49 -44.85 -21.92
N PRO E 113 -86.81 -44.28 -22.93
CA PRO E 113 -86.70 -42.83 -23.01
C PRO E 113 -87.99 -42.16 -23.44
N SER E 114 -88.20 -40.96 -22.92
CA SER E 114 -89.26 -40.09 -23.41
C SER E 114 -88.67 -39.22 -24.52
N VAL E 115 -89.19 -39.38 -25.74
CA VAL E 115 -88.60 -38.76 -26.93
C VAL E 115 -89.42 -37.54 -27.31
N PHE E 116 -88.73 -36.43 -27.56
CA PHE E 116 -89.34 -35.19 -28.01
C PHE E 116 -88.51 -34.62 -29.15
N ILE E 117 -89.17 -33.93 -30.08
CA ILE E 117 -88.48 -33.33 -31.21
C ILE E 117 -88.84 -31.85 -31.30
N PHE E 118 -87.83 -31.02 -31.46
CA PHE E 118 -87.97 -29.57 -31.48
C PHE E 118 -87.58 -29.07 -32.86
N PRO E 119 -88.51 -28.47 -33.61
CA PRO E 119 -88.16 -27.87 -34.89
C PRO E 119 -87.42 -26.56 -34.69
N PRO E 120 -86.66 -26.10 -35.69
CA PRO E 120 -85.94 -24.83 -35.54
C PRO E 120 -86.87 -23.64 -35.60
N SER E 121 -86.72 -22.72 -34.64
CA SER E 121 -87.51 -21.50 -34.62
C SER E 121 -87.05 -20.57 -35.74
N ASP E 122 -88.00 -19.82 -36.31
CA ASP E 122 -87.78 -19.06 -37.54
C ASP E 122 -86.79 -17.90 -37.39
N GLU E 123 -86.46 -17.51 -36.16
CA GLU E 123 -85.49 -16.44 -35.97
C GLU E 123 -84.06 -16.93 -35.89
N GLN E 124 -83.83 -18.25 -35.94
CA GLN E 124 -82.50 -18.70 -36.33
C GLN E 124 -82.45 -19.02 -37.81
N LEU E 125 -83.60 -19.35 -38.43
CA LEU E 125 -83.61 -19.53 -39.88
C LEU E 125 -83.34 -18.21 -40.59
N LYS E 126 -83.67 -17.09 -39.96
CA LYS E 126 -83.28 -15.80 -40.53
C LYS E 126 -81.88 -15.38 -40.06
N SER E 127 -81.16 -16.27 -39.36
CA SER E 127 -79.73 -16.16 -39.15
C SER E 127 -78.93 -17.08 -40.07
N GLY E 128 -79.58 -17.76 -41.01
CA GLY E 128 -78.87 -18.57 -41.97
C GLY E 128 -78.54 -19.98 -41.56
N THR E 129 -79.02 -20.44 -40.41
CA THR E 129 -78.76 -21.80 -39.95
C THR E 129 -80.04 -22.43 -39.40
N ALA E 130 -80.07 -23.76 -39.38
CA ALA E 130 -81.17 -24.52 -38.82
C ALA E 130 -80.64 -25.62 -37.92
N SER E 131 -81.30 -25.82 -36.77
CA SER E 131 -80.93 -26.86 -35.82
C SER E 131 -82.18 -27.57 -35.34
N VAL E 132 -82.25 -28.88 -35.56
CA VAL E 132 -83.38 -29.71 -35.17
C VAL E 132 -82.94 -30.55 -33.97
N VAL E 133 -83.71 -30.52 -32.89
CA VAL E 133 -83.23 -31.07 -31.62
C VAL E 133 -84.06 -32.29 -31.24
N CYS E 134 -83.42 -33.45 -31.09
CA CYS E 134 -84.06 -34.65 -30.57
C CYS E 134 -83.65 -34.83 -29.12
N LEU E 135 -84.64 -34.93 -28.23
CA LEU E 135 -84.40 -35.04 -26.79
C LEU E 135 -84.86 -36.41 -26.30
N LEU E 136 -83.99 -37.09 -25.57
CA LEU E 136 -84.27 -38.38 -24.93
C LEU E 136 -84.18 -38.16 -23.43
N ASN E 137 -85.30 -38.27 -22.73
CA ASN E 137 -85.41 -37.90 -21.32
C ASN E 137 -85.60 -39.14 -20.45
N ASN E 138 -84.80 -39.24 -19.39
CA ASN E 138 -85.00 -40.15 -18.25
C ASN E 138 -84.99 -41.62 -18.68
N PHE E 139 -83.82 -42.04 -19.16
CA PHE E 139 -83.64 -43.40 -19.62
C PHE E 139 -82.40 -44.03 -18.98
N TYR E 140 -82.40 -45.36 -18.92
CA TYR E 140 -81.27 -46.16 -18.54
C TYR E 140 -81.38 -47.42 -19.40
N PRO E 141 -80.27 -47.94 -19.95
CA PRO E 141 -78.86 -47.55 -19.88
C PRO E 141 -78.51 -46.39 -20.79
N ARG E 142 -77.29 -45.86 -20.62
CA ARG E 142 -76.84 -44.71 -21.40
C ARG E 142 -76.69 -45.06 -22.88
N GLU E 143 -76.39 -46.33 -23.19
CA GLU E 143 -76.15 -46.80 -24.55
C GLU E 143 -77.44 -46.73 -25.36
N ALA E 144 -77.64 -45.62 -26.07
CA ALA E 144 -78.79 -45.42 -26.94
C ALA E 144 -78.32 -44.95 -28.30
N LYS E 145 -79.08 -45.31 -29.33
CA LYS E 145 -78.74 -44.99 -30.71
C LYS E 145 -79.78 -44.03 -31.27
N VAL E 146 -79.31 -42.93 -31.84
CA VAL E 146 -80.16 -41.90 -32.44
C VAL E 146 -79.79 -41.80 -33.92
N GLN E 147 -80.77 -41.97 -34.78
CA GLN E 147 -80.61 -41.87 -36.22
C GLN E 147 -81.46 -40.71 -36.73
N TRP E 148 -80.94 -39.97 -37.70
CA TRP E 148 -81.65 -38.85 -38.27
C TRP E 148 -82.13 -39.20 -39.67
N LYS E 149 -83.43 -39.05 -39.92
CA LYS E 149 -83.98 -39.25 -41.24
C LYS E 149 -84.49 -37.92 -41.76
N VAL E 150 -84.14 -37.60 -43.01
CA VAL E 150 -84.57 -36.38 -43.67
C VAL E 150 -85.21 -36.80 -44.99
N ASP E 151 -86.55 -36.75 -45.04
CA ASP E 151 -87.35 -37.34 -46.13
C ASP E 151 -87.00 -38.80 -46.35
N ASN E 152 -86.86 -39.54 -45.24
CA ASN E 152 -86.45 -40.95 -45.20
C ASN E 152 -85.10 -41.17 -45.90
N ALA E 153 -84.14 -40.27 -45.62
CA ALA E 153 -82.77 -40.42 -46.09
C ALA E 153 -81.83 -40.17 -44.92
N LEU E 154 -80.93 -41.12 -44.68
CA LEU E 154 -80.12 -41.14 -43.46
C LEU E 154 -79.00 -40.11 -43.55
N GLN E 155 -78.92 -39.22 -42.56
CA GLN E 155 -77.81 -38.29 -42.46
C GLN E 155 -76.60 -38.97 -41.83
N SER E 156 -75.45 -38.31 -41.97
CA SER E 156 -74.17 -38.87 -41.51
C SER E 156 -73.21 -37.73 -41.23
N GLY E 157 -72.83 -37.57 -39.97
CA GLY E 157 -71.75 -36.68 -39.59
C GLY E 157 -72.14 -35.23 -39.38
N ASN E 158 -73.38 -34.86 -39.68
CA ASN E 158 -73.88 -33.51 -39.44
C ASN E 158 -74.82 -33.44 -38.25
N SER E 159 -74.59 -34.28 -37.23
CA SER E 159 -75.35 -34.23 -35.99
C SER E 159 -74.43 -34.47 -34.81
N GLN E 160 -74.60 -33.68 -33.76
CA GLN E 160 -73.77 -33.77 -32.57
C GLN E 160 -74.62 -34.14 -31.36
N GLU E 161 -74.11 -35.05 -30.53
CA GLU E 161 -74.84 -35.56 -29.39
C GLU E 161 -74.22 -35.08 -28.09
N SER E 162 -75.08 -34.80 -27.09
CA SER E 162 -74.65 -34.34 -25.79
C SER E 162 -75.43 -35.11 -24.73
N VAL E 163 -74.72 -35.85 -23.87
CA VAL E 163 -75.34 -36.71 -22.88
C VAL E 163 -75.03 -36.15 -21.50
N THR E 164 -76.05 -36.03 -20.67
CA THR E 164 -75.84 -35.62 -19.29
C THR E 164 -75.18 -36.75 -18.48
N GLU E 165 -74.71 -36.39 -17.30
CA GLU E 165 -74.26 -37.40 -16.35
C GLU E 165 -75.45 -38.06 -15.68
N GLN E 166 -75.19 -39.17 -14.99
CA GLN E 166 -76.24 -39.91 -14.31
C GLN E 166 -76.79 -39.08 -13.14
N ASP E 167 -78.12 -39.04 -13.04
CA ASP E 167 -78.76 -38.19 -12.03
C ASP E 167 -78.63 -38.81 -10.65
N SER E 168 -78.40 -37.96 -9.65
CA SER E 168 -78.21 -38.43 -8.28
C SER E 168 -79.50 -38.89 -7.60
N LYS E 169 -80.66 -38.54 -8.14
CA LYS E 169 -81.93 -38.91 -7.52
C LYS E 169 -82.54 -40.17 -8.13
N ASP E 170 -82.76 -40.18 -9.45
CA ASP E 170 -83.48 -41.26 -10.09
C ASP E 170 -82.62 -42.06 -11.07
N SER E 171 -81.32 -41.78 -11.13
CA SER E 171 -80.30 -42.65 -11.73
C SER E 171 -80.50 -42.87 -13.24
N THR E 172 -81.13 -41.91 -13.92
CA THR E 172 -81.36 -42.02 -15.35
C THR E 172 -80.46 -41.05 -16.10
N TYR E 173 -80.50 -41.13 -17.42
CA TYR E 173 -79.76 -40.24 -18.29
C TYR E 173 -80.69 -39.39 -19.16
N SER E 174 -80.09 -38.36 -19.75
CA SER E 174 -80.72 -37.58 -20.79
C SER E 174 -79.74 -37.40 -21.93
N LEU E 175 -80.28 -37.33 -23.15
CA LEU E 175 -79.48 -37.14 -24.35
C LEU E 175 -80.14 -36.06 -25.20
N SER E 176 -79.32 -35.28 -25.89
CA SER E 176 -79.81 -34.32 -26.86
C SER E 176 -78.96 -34.41 -28.11
N SER E 177 -79.60 -34.74 -29.23
CA SER E 177 -78.93 -34.82 -30.52
C SER E 177 -79.37 -33.63 -31.36
N THR E 178 -78.41 -32.84 -31.80
CA THR E 178 -78.68 -31.62 -32.55
C THR E 178 -78.25 -31.82 -33.99
N LEU E 179 -79.17 -31.59 -34.92
CA LEU E 179 -78.92 -31.71 -36.34
C LEU E 179 -78.77 -30.31 -36.90
N THR E 180 -77.56 -30.01 -37.40
CA THR E 180 -77.25 -28.68 -37.93
C THR E 180 -77.22 -28.72 -39.45
N LEU E 181 -77.98 -27.81 -40.06
CA LEU E 181 -77.99 -27.68 -41.52
C LEU E 181 -77.69 -26.24 -41.92
N SER E 182 -77.83 -25.97 -43.22
CA SER E 182 -77.94 -24.62 -43.72
C SER E 182 -79.41 -24.29 -43.92
N LYS E 183 -79.69 -23.00 -44.16
CA LYS E 183 -81.06 -22.55 -44.38
C LYS E 183 -81.65 -23.17 -45.63
N ALA E 184 -80.94 -23.05 -46.77
CA ALA E 184 -81.47 -23.56 -48.03
C ALA E 184 -81.51 -25.08 -48.06
N ASP E 185 -80.59 -25.76 -47.37
CA ASP E 185 -80.67 -27.20 -47.29
C ASP E 185 -81.75 -27.67 -46.32
N TYR E 186 -82.18 -26.83 -45.38
CA TYR E 186 -83.34 -27.17 -44.57
C TYR E 186 -84.66 -26.90 -45.30
N GLU E 187 -84.71 -25.83 -46.10
CA GLU E 187 -85.93 -25.52 -46.86
C GLU E 187 -86.19 -26.51 -47.99
N LYS E 188 -85.18 -27.25 -48.44
CA LYS E 188 -85.32 -28.12 -49.58
C LYS E 188 -86.06 -29.42 -49.24
N HIS E 189 -86.19 -29.75 -47.96
CA HIS E 189 -86.77 -31.01 -47.53
C HIS E 189 -87.99 -30.74 -46.66
N LYS E 190 -88.90 -31.71 -46.62
CA LYS E 190 -90.22 -31.51 -46.00
C LYS E 190 -90.34 -32.12 -44.61
N VAL E 191 -90.12 -33.43 -44.47
CA VAL E 191 -90.37 -34.15 -43.24
C VAL E 191 -89.04 -34.52 -42.60
N TYR E 192 -88.94 -34.29 -41.29
CA TYR E 192 -87.73 -34.54 -40.51
C TYR E 192 -88.08 -35.47 -39.35
N ALA E 193 -87.34 -36.58 -39.23
CA ALA E 193 -87.67 -37.64 -38.29
C ALA E 193 -86.45 -38.03 -37.48
N CYS E 194 -86.70 -38.42 -36.23
CA CYS E 194 -85.69 -38.91 -35.31
C CYS E 194 -86.05 -40.33 -34.92
N GLU E 195 -85.14 -41.27 -35.24
CA GLU E 195 -85.23 -42.67 -34.86
C GLU E 195 -84.47 -42.89 -33.56
N VAL E 196 -85.13 -43.50 -32.58
CA VAL E 196 -84.51 -43.84 -31.31
C VAL E 196 -84.53 -45.35 -31.16
N THR E 197 -83.35 -45.95 -31.03
CA THR E 197 -83.19 -47.37 -30.76
C THR E 197 -82.54 -47.53 -29.40
N HIS E 198 -83.25 -48.17 -28.47
CA HIS E 198 -82.81 -48.30 -27.09
C HIS E 198 -83.17 -49.70 -26.60
N GLN E 199 -82.48 -50.14 -25.54
CA GLN E 199 -82.77 -51.43 -24.94
C GLN E 199 -84.16 -51.47 -24.30
N GLY E 200 -84.63 -50.34 -23.81
CA GLY E 200 -85.96 -50.26 -23.23
C GLY E 200 -87.11 -50.15 -24.22
N LEU E 201 -86.81 -50.11 -25.52
CA LEU E 201 -87.83 -50.02 -26.55
C LEU E 201 -87.80 -51.29 -27.39
N SER E 202 -88.96 -51.95 -27.52
CA SER E 202 -89.05 -53.15 -28.34
C SER E 202 -88.91 -52.83 -29.82
N SER E 203 -89.43 -51.68 -30.24
CA SER E 203 -89.27 -51.15 -31.59
C SER E 203 -88.68 -49.75 -31.54
N PRO E 204 -87.93 -49.35 -32.56
CA PRO E 204 -87.46 -47.96 -32.67
C PRO E 204 -88.62 -46.97 -32.68
N VAL E 205 -88.39 -45.84 -32.01
CA VAL E 205 -89.41 -44.80 -31.85
C VAL E 205 -89.10 -43.69 -32.85
N THR E 206 -90.08 -43.34 -33.68
CA THR E 206 -89.93 -42.31 -34.68
C THR E 206 -90.74 -41.09 -34.24
N LYS E 207 -90.04 -39.97 -34.05
CA LYS E 207 -90.69 -38.68 -33.83
C LYS E 207 -90.36 -37.75 -34.99
N SER E 208 -91.39 -37.30 -35.69
CA SER E 208 -91.19 -36.55 -36.93
C SER E 208 -92.02 -35.28 -36.91
N PHE E 209 -91.69 -34.37 -37.83
CA PHE E 209 -92.50 -33.20 -38.08
C PHE E 209 -92.40 -32.83 -39.56
N ASN E 210 -93.39 -32.07 -40.00
CA ASN E 210 -93.39 -31.45 -41.32
C ASN E 210 -92.92 -30.00 -41.21
N ARG E 211 -92.17 -29.55 -42.21
CA ARG E 211 -91.61 -28.19 -42.19
C ARG E 211 -92.69 -27.12 -42.29
N GLY E 212 -93.76 -27.40 -43.04
CA GLY E 212 -94.81 -26.41 -43.23
C GLY E 212 -95.62 -26.17 -41.96
N GLU E 213 -95.95 -27.24 -41.25
CA GLU E 213 -96.76 -27.13 -40.05
C GLU E 213 -95.90 -26.73 -38.85
N GLU F 1 -39.75 -25.76 -55.54
CA GLU F 1 -40.50 -26.61 -54.63
C GLU F 1 -40.68 -25.97 -53.27
N VAL F 2 -40.24 -24.72 -53.13
CA VAL F 2 -40.25 -24.04 -51.84
C VAL F 2 -41.60 -23.35 -51.67
N GLN F 3 -41.97 -23.10 -50.41
CA GLN F 3 -43.09 -22.24 -50.06
C GLN F 3 -42.70 -21.33 -48.91
N LEU F 4 -43.07 -20.06 -49.00
CA LEU F 4 -42.85 -19.07 -47.95
C LEU F 4 -44.20 -18.52 -47.47
N VAL F 5 -44.62 -18.94 -46.28
CA VAL F 5 -45.94 -18.61 -45.75
C VAL F 5 -45.78 -17.72 -44.53
N GLU F 6 -46.43 -16.56 -44.54
CA GLU F 6 -46.21 -15.54 -43.51
C GLU F 6 -47.45 -15.39 -42.65
N SER F 7 -47.24 -14.93 -41.42
CA SER F 7 -48.33 -14.76 -40.47
C SER F 7 -47.97 -13.65 -39.47
N GLY F 8 -49.01 -13.15 -38.81
CA GLY F 8 -48.83 -12.22 -37.72
C GLY F 8 -49.12 -10.77 -38.01
N GLY F 9 -49.99 -10.48 -38.98
CA GLY F 9 -50.34 -9.11 -39.32
C GLY F 9 -51.68 -8.69 -38.76
N GLY F 10 -51.86 -7.38 -38.64
CA GLY F 10 -53.11 -6.82 -38.16
C GLY F 10 -52.93 -5.38 -37.74
N LEU F 11 -53.85 -4.91 -36.90
CA LEU F 11 -53.71 -3.60 -36.28
C LEU F 11 -52.73 -3.62 -35.13
N VAL F 12 -51.92 -2.56 -35.04
CA VAL F 12 -51.20 -2.18 -33.83
C VAL F 12 -51.47 -0.71 -33.55
N GLN F 13 -51.36 -0.33 -32.28
CA GLN F 13 -51.35 1.08 -31.93
C GLN F 13 -50.06 1.73 -32.42
N PRO F 14 -50.09 3.04 -32.75
CA PRO F 14 -48.83 3.75 -33.03
C PRO F 14 -47.91 3.81 -31.83
N GLY F 15 -46.77 3.14 -31.93
CA GLY F 15 -45.92 2.90 -30.78
C GLY F 15 -45.95 1.47 -30.27
N GLY F 16 -46.63 0.56 -30.96
CA GLY F 16 -46.78 -0.81 -30.51
C GLY F 16 -45.74 -1.75 -31.09
N SER F 17 -45.91 -3.03 -30.77
CA SER F 17 -44.95 -4.06 -31.14
C SER F 17 -45.70 -5.20 -31.83
N LEU F 18 -45.07 -5.77 -32.87
CA LEU F 18 -45.70 -6.85 -33.62
C LEU F 18 -44.62 -7.79 -34.14
N ARG F 19 -44.89 -9.09 -34.09
CA ARG F 19 -43.87 -10.10 -34.41
C ARG F 19 -44.37 -10.90 -35.60
N LEU F 20 -43.79 -10.64 -36.77
CA LEU F 20 -44.14 -11.35 -37.99
C LEU F 20 -43.37 -12.66 -38.11
N SER F 21 -44.05 -13.70 -38.55
CA SER F 21 -43.44 -15.02 -38.75
C SER F 21 -43.45 -15.37 -40.24
N CYS F 22 -42.45 -16.15 -40.63
CA CYS F 22 -42.26 -16.60 -42.01
C CYS F 22 -41.78 -18.04 -41.97
N ALA F 23 -42.67 -18.97 -42.31
CA ALA F 23 -42.34 -20.38 -42.41
C ALA F 23 -41.88 -20.74 -43.81
N ALA F 24 -40.81 -21.51 -43.90
CA ALA F 24 -40.27 -21.99 -45.16
C ALA F 24 -40.40 -23.51 -45.21
N SER F 25 -40.50 -24.05 -46.41
CA SER F 25 -40.70 -25.48 -46.59
C SER F 25 -39.60 -26.16 -47.38
N GLY F 26 -39.19 -25.60 -48.51
CA GLY F 26 -38.24 -26.26 -49.38
C GLY F 26 -36.81 -25.84 -49.19
N PHE F 27 -36.50 -25.07 -48.15
CA PHE F 27 -35.14 -24.70 -47.82
C PHE F 27 -35.08 -24.42 -46.32
N THR F 28 -33.86 -24.33 -45.79
CA THR F 28 -33.65 -24.06 -44.37
C THR F 28 -33.26 -22.61 -44.16
N VAL F 29 -34.00 -21.93 -43.27
CA VAL F 29 -33.82 -20.51 -42.99
C VAL F 29 -32.47 -20.25 -42.31
N SER F 30 -31.95 -21.24 -41.57
CA SER F 30 -30.72 -21.08 -40.80
C SER F 30 -29.49 -20.83 -41.67
N SER F 31 -29.46 -21.39 -42.89
CA SER F 31 -28.28 -21.29 -43.74
C SER F 31 -28.58 -20.56 -45.05
N ASN F 32 -29.52 -19.62 -45.02
CA ASN F 32 -29.74 -18.73 -46.16
C ASN F 32 -29.84 -17.29 -45.71
N TYR F 33 -29.53 -16.40 -46.66
CA TYR F 33 -29.78 -14.97 -46.48
C TYR F 33 -31.27 -14.71 -46.56
N MET F 34 -31.85 -14.16 -45.49
CA MET F 34 -33.29 -13.96 -45.43
C MET F 34 -33.57 -12.48 -45.19
N SER F 35 -34.63 -11.96 -45.81
CA SER F 35 -34.82 -10.52 -45.77
C SER F 35 -36.29 -10.17 -45.66
N TRP F 36 -36.54 -8.99 -45.10
CA TRP F 36 -37.87 -8.40 -45.04
C TRP F 36 -37.86 -7.13 -45.90
N VAL F 37 -38.86 -7.04 -46.78
CA VAL F 37 -39.01 -5.98 -47.76
C VAL F 37 -40.38 -5.33 -47.56
N ARG F 38 -40.40 -3.99 -47.59
CA ARG F 38 -41.61 -3.20 -47.37
C ARG F 38 -42.20 -2.79 -48.72
N GLN F 39 -43.53 -2.87 -48.83
CA GLN F 39 -44.22 -2.23 -49.95
C GLN F 39 -45.46 -1.54 -49.39
N ALA F 40 -45.41 -0.20 -49.35
CA ALA F 40 -46.56 0.58 -48.93
C ALA F 40 -47.67 0.47 -49.97
N PRO F 41 -48.95 0.63 -49.56
CA PRO F 41 -50.05 0.59 -50.53
C PRO F 41 -49.98 1.76 -51.51
N GLY F 42 -49.70 1.45 -52.78
CA GLY F 42 -49.56 2.43 -53.83
C GLY F 42 -48.12 2.83 -54.13
N LYS F 43 -47.19 2.57 -53.21
CA LYS F 43 -45.80 2.94 -53.41
C LYS F 43 -45.01 1.66 -53.72
N GLY F 44 -43.83 1.81 -54.30
CA GLY F 44 -43.02 0.68 -54.70
C GLY F 44 -42.31 0.02 -53.52
N LEU F 45 -41.37 -0.86 -53.87
CA LEU F 45 -40.73 -1.70 -52.87
C LEU F 45 -39.66 -0.94 -52.10
N GLU F 46 -39.41 -1.40 -50.87
CA GLU F 46 -38.44 -0.77 -49.98
C GLU F 46 -37.84 -1.85 -49.10
N TRP F 47 -36.52 -1.92 -49.04
CA TRP F 47 -35.87 -2.94 -48.21
C TRP F 47 -35.83 -2.51 -46.76
N VAL F 48 -36.25 -3.40 -45.86
CA VAL F 48 -36.28 -3.11 -44.43
C VAL F 48 -35.06 -3.73 -43.77
N SER F 49 -34.92 -5.06 -43.88
CA SER F 49 -33.88 -5.70 -43.09
C SER F 49 -33.42 -6.99 -43.76
N VAL F 50 -32.26 -7.46 -43.33
CA VAL F 50 -31.69 -8.72 -43.80
C VAL F 50 -30.98 -9.40 -42.64
N ILE F 51 -31.03 -10.73 -42.61
CA ILE F 51 -30.17 -11.56 -41.78
C ILE F 51 -29.33 -12.40 -42.72
N TYR F 52 -28.04 -12.49 -42.39
CA TYR F 52 -27.05 -13.19 -43.20
C TYR F 52 -27.15 -14.71 -42.95
N SER F 53 -26.33 -15.45 -43.70
CA SER F 53 -26.28 -16.90 -43.51
C SER F 53 -25.63 -17.28 -42.19
N GLY F 54 -24.69 -16.47 -41.70
CA GLY F 54 -24.09 -16.69 -40.40
C GLY F 54 -24.76 -16.00 -39.25
N GLY F 55 -25.75 -15.13 -39.51
CA GLY F 55 -26.54 -14.52 -38.46
C GLY F 55 -26.37 -13.02 -38.33
N SER F 56 -25.62 -12.38 -39.22
CA SER F 56 -25.43 -10.94 -39.18
C SER F 56 -26.68 -10.23 -39.69
N THR F 57 -27.15 -9.26 -38.90
CA THR F 57 -28.40 -8.57 -39.18
C THR F 57 -28.13 -7.11 -39.57
N TYR F 58 -28.83 -6.64 -40.60
CA TYR F 58 -28.69 -5.28 -41.09
C TYR F 58 -30.07 -4.70 -41.33
N TYR F 59 -30.15 -3.37 -41.23
CA TYR F 59 -31.41 -2.66 -41.25
C TYR F 59 -31.26 -1.42 -42.11
N ALA F 60 -32.38 -0.94 -42.66
CA ALA F 60 -32.39 0.37 -43.29
C ALA F 60 -32.24 1.47 -42.26
N ASP F 61 -31.69 2.60 -42.69
CA ASP F 61 -31.41 3.71 -41.77
C ASP F 61 -32.68 4.38 -41.25
N SER F 62 -33.79 4.28 -41.97
CA SER F 62 -35.06 4.84 -41.50
C SER F 62 -35.76 3.95 -40.48
N VAL F 63 -35.23 2.76 -40.20
CA VAL F 63 -35.92 1.77 -39.36
C VAL F 63 -34.97 1.18 -38.33
N LYS F 64 -33.73 1.66 -38.25
CA LYS F 64 -32.74 1.16 -37.31
C LYS F 64 -33.11 1.48 -35.87
N GLY F 65 -32.82 0.54 -34.97
CA GLY F 65 -33.13 0.70 -33.57
C GLY F 65 -34.53 0.32 -33.17
N ARG F 66 -35.41 0.03 -34.11
CA ARG F 66 -36.80 -0.32 -33.82
C ARG F 66 -37.16 -1.75 -34.21
N PHE F 67 -36.62 -2.25 -35.32
CA PHE F 67 -36.92 -3.59 -35.79
C PHE F 67 -35.77 -4.55 -35.46
N THR F 68 -36.11 -5.83 -35.36
CA THR F 68 -35.11 -6.85 -35.08
C THR F 68 -35.50 -8.12 -35.81
N ILE F 69 -34.66 -8.53 -36.77
CA ILE F 69 -34.85 -9.77 -37.49
C ILE F 69 -34.16 -10.90 -36.73
N SER F 70 -34.78 -12.07 -36.69
CA SER F 70 -34.22 -13.21 -36.00
C SER F 70 -34.69 -14.50 -36.67
N ARG F 71 -34.08 -15.61 -36.27
CA ARG F 71 -34.41 -16.92 -36.83
C ARG F 71 -34.63 -17.93 -35.71
N HIS F 72 -35.46 -18.93 -36.00
CA HIS F 72 -35.54 -20.16 -35.22
C HIS F 72 -35.12 -21.29 -36.15
N ASN F 73 -33.97 -21.90 -35.82
CA ASN F 73 -33.26 -22.80 -36.72
C ASN F 73 -33.80 -24.21 -36.71
N SER F 74 -34.59 -24.57 -35.70
CA SER F 74 -34.99 -25.97 -35.51
C SER F 74 -36.01 -26.42 -36.54
N LYS F 75 -37.01 -25.58 -36.81
CA LYS F 75 -38.02 -25.91 -37.81
C LYS F 75 -38.23 -24.75 -38.76
N ASN F 76 -37.15 -24.04 -39.09
CA ASN F 76 -37.02 -23.15 -40.25
C ASN F 76 -38.06 -22.02 -40.21
N THR F 77 -37.89 -21.14 -39.23
CA THR F 77 -38.83 -20.02 -39.10
C THR F 77 -38.06 -18.70 -38.99
N LEU F 78 -38.55 -17.67 -39.66
CA LEU F 78 -37.95 -16.34 -39.61
C LEU F 78 -38.91 -15.37 -38.93
N TYR F 79 -38.38 -14.55 -38.02
CA TYR F 79 -39.19 -13.63 -37.25
C TYR F 79 -38.71 -12.19 -37.48
N LEU F 80 -39.67 -11.27 -37.46
CA LEU F 80 -39.38 -9.83 -37.45
C LEU F 80 -40.14 -9.21 -36.29
N GLN F 81 -39.41 -8.82 -35.24
CA GLN F 81 -40.01 -8.14 -34.09
C GLN F 81 -39.94 -6.64 -34.34
N MET F 82 -41.09 -5.97 -34.29
CA MET F 82 -41.21 -4.57 -34.62
C MET F 82 -41.64 -3.79 -33.39
N ASN F 83 -40.92 -2.70 -33.10
CA ASN F 83 -41.16 -1.89 -31.92
C ASN F 83 -41.31 -0.44 -32.34
N SER F 84 -42.08 0.31 -31.53
CA SER F 84 -42.27 1.76 -31.66
C SER F 84 -42.80 2.16 -33.04
N LEU F 85 -43.85 1.46 -33.47
CA LEU F 85 -44.27 1.46 -34.86
C LEU F 85 -44.91 2.80 -35.24
N ARG F 86 -44.32 3.47 -36.22
CA ARG F 86 -44.84 4.75 -36.67
C ARG F 86 -46.00 4.53 -37.65
N ALA F 87 -46.71 5.62 -37.96
CA ALA F 87 -47.84 5.55 -38.88
C ALA F 87 -47.41 5.39 -40.35
N GLU F 88 -46.14 5.52 -40.66
CA GLU F 88 -45.62 5.26 -41.99
C GLU F 88 -45.14 3.84 -42.18
N ASP F 89 -45.32 2.98 -41.17
CA ASP F 89 -44.95 1.58 -41.25
C ASP F 89 -46.11 0.66 -41.65
N THR F 90 -47.26 1.24 -42.02
CA THR F 90 -48.34 0.42 -42.58
C THR F 90 -48.00 0.06 -44.03
N ALA F 91 -47.93 -1.24 -44.31
CA ALA F 91 -47.43 -1.76 -45.58
C ALA F 91 -47.67 -3.26 -45.62
N VAL F 92 -47.49 -3.83 -46.81
CA VAL F 92 -47.33 -5.28 -46.95
C VAL F 92 -45.85 -5.62 -46.88
N TYR F 93 -45.49 -6.45 -45.91
CA TYR F 93 -44.13 -6.90 -45.69
C TYR F 93 -43.95 -8.29 -46.29
N TYR F 94 -42.82 -8.51 -46.95
CA TYR F 94 -42.51 -9.78 -47.60
C TYR F 94 -41.23 -10.33 -47.02
N CYS F 95 -41.21 -11.61 -46.69
CA CYS F 95 -39.97 -12.32 -46.42
C CYS F 95 -39.47 -12.98 -47.71
N ALA F 96 -38.15 -12.95 -47.91
CA ALA F 96 -37.56 -13.40 -49.16
C ALA F 96 -36.22 -14.07 -48.91
N ARG F 97 -35.99 -15.18 -49.62
CA ARG F 97 -34.65 -15.77 -49.66
C ARG F 97 -33.83 -15.10 -50.74
N GLY F 98 -32.66 -14.58 -50.37
CA GLY F 98 -31.74 -13.94 -51.30
C GLY F 98 -30.50 -14.76 -51.54
N TYR F 99 -29.93 -14.66 -52.74
CA TYR F 99 -28.60 -15.19 -53.01
C TYR F 99 -27.66 -14.11 -52.53
N GLY F 100 -27.29 -14.19 -51.25
CA GLY F 100 -26.55 -13.10 -50.65
C GLY F 100 -27.54 -11.99 -50.34
N ASP F 101 -27.03 -10.83 -49.93
CA ASP F 101 -27.93 -9.68 -49.80
C ASP F 101 -27.99 -8.94 -51.14
N TYR F 102 -28.36 -9.66 -52.20
CA TYR F 102 -28.31 -9.09 -53.53
C TYR F 102 -29.68 -9.09 -54.18
N TYR F 103 -30.04 -10.22 -54.80
CA TYR F 103 -31.31 -10.37 -55.49
C TYR F 103 -32.15 -11.41 -54.79
N PHE F 104 -33.46 -11.18 -54.73
CA PHE F 104 -34.36 -11.98 -53.91
C PHE F 104 -34.99 -13.05 -54.80
N ASP F 105 -34.49 -14.28 -54.66
CA ASP F 105 -34.81 -15.34 -55.60
C ASP F 105 -36.25 -15.82 -55.43
N TYR F 106 -36.68 -16.03 -54.19
CA TYR F 106 -38.06 -16.40 -53.88
C TYR F 106 -38.58 -15.49 -52.79
N TRP F 107 -39.85 -15.14 -52.90
CA TRP F 107 -40.52 -14.19 -52.01
C TRP F 107 -41.68 -14.88 -51.30
N GLY F 108 -42.04 -14.33 -50.13
CA GLY F 108 -43.27 -14.73 -49.48
C GLY F 108 -44.46 -13.97 -50.01
N GLN F 109 -45.65 -14.48 -49.68
CA GLN F 109 -46.89 -13.89 -50.18
C GLN F 109 -47.17 -12.54 -49.53
N GLY F 110 -46.65 -12.30 -48.34
CA GLY F 110 -46.73 -11.01 -47.70
C GLY F 110 -47.73 -11.02 -46.56
N THR F 111 -47.52 -10.11 -45.61
CA THR F 111 -48.46 -9.88 -44.53
C THR F 111 -48.66 -8.38 -44.37
N LEU F 112 -49.91 -7.98 -44.17
CA LEU F 112 -50.26 -6.57 -44.09
C LEU F 112 -50.19 -6.09 -42.65
N VAL F 113 -49.39 -5.06 -42.39
CA VAL F 113 -49.28 -4.44 -41.08
C VAL F 113 -49.88 -3.05 -41.20
N THR F 114 -50.95 -2.80 -40.45
CA THR F 114 -51.62 -1.51 -40.43
C THR F 114 -51.35 -0.84 -39.09
N VAL F 115 -50.90 0.41 -39.12
CA VAL F 115 -50.60 1.16 -37.91
C VAL F 115 -51.59 2.33 -37.88
N SER F 116 -52.60 2.22 -37.02
CA SER F 116 -53.58 3.28 -36.84
C SER F 116 -54.18 3.18 -35.44
N SER F 117 -54.83 4.26 -35.03
CA SER F 117 -55.54 4.29 -33.76
C SER F 117 -56.96 3.76 -33.84
N ALA F 118 -57.44 3.44 -35.04
CA ALA F 118 -58.80 2.93 -35.20
C ALA F 118 -58.90 1.49 -34.72
N SER F 119 -60.10 1.12 -34.26
CA SER F 119 -60.39 -0.21 -33.74
C SER F 119 -60.86 -1.13 -34.87
N THR F 120 -60.76 -2.43 -34.61
CA THR F 120 -61.23 -3.44 -35.55
C THR F 120 -62.76 -3.39 -35.66
N LYS F 121 -63.25 -3.28 -36.89
CA LYS F 121 -64.67 -3.36 -37.18
C LYS F 121 -64.93 -4.51 -38.14
N GLY F 122 -65.90 -5.36 -37.79
CA GLY F 122 -66.34 -6.43 -38.65
C GLY F 122 -67.11 -5.90 -39.84
N PRO F 123 -67.05 -6.59 -40.96
CA PRO F 123 -67.74 -6.11 -42.17
C PRO F 123 -69.23 -6.40 -42.17
N SER F 124 -69.95 -5.54 -42.88
CA SER F 124 -71.36 -5.72 -43.16
C SER F 124 -71.54 -6.13 -44.62
N VAL F 125 -72.23 -7.25 -44.85
CA VAL F 125 -72.27 -7.89 -46.16
C VAL F 125 -73.69 -7.78 -46.69
N PHE F 126 -73.83 -7.28 -47.92
CA PHE F 126 -75.12 -6.99 -48.50
C PHE F 126 -75.24 -7.65 -49.86
N PRO F 127 -76.44 -8.06 -50.28
CA PRO F 127 -76.58 -8.69 -51.60
C PRO F 127 -76.80 -7.66 -52.70
N LEU F 128 -76.17 -7.91 -53.85
CA LEU F 128 -76.44 -7.19 -55.09
C LEU F 128 -77.18 -8.15 -56.01
N ALA F 129 -78.51 -8.11 -55.94
CA ALA F 129 -79.37 -9.07 -56.62
C ALA F 129 -79.41 -8.76 -58.12
N PRO F 130 -79.49 -9.79 -58.96
CA PRO F 130 -79.60 -9.56 -60.41
C PRO F 130 -81.03 -9.20 -60.79
N SER F 131 -81.24 -9.04 -62.11
CA SER F 131 -82.54 -8.68 -62.66
C SER F 131 -83.57 -9.79 -62.47
N THR F 139 -77.21 -12.99 -70.23
CA THR F 139 -76.59 -13.38 -68.96
C THR F 139 -76.90 -12.36 -67.88
N ALA F 140 -76.67 -12.73 -66.62
CA ALA F 140 -77.02 -11.91 -65.48
C ALA F 140 -75.82 -11.74 -64.55
N ALA F 141 -75.64 -10.53 -64.05
CA ALA F 141 -74.55 -10.23 -63.13
C ALA F 141 -75.11 -10.06 -61.72
N LEU F 142 -74.38 -10.56 -60.73
CA LEU F 142 -74.83 -10.53 -59.36
C LEU F 142 -73.63 -10.52 -58.43
N GLY F 143 -73.79 -9.96 -57.24
CA GLY F 143 -72.66 -9.84 -56.35
C GLY F 143 -73.01 -9.61 -54.90
N CYS F 144 -72.00 -9.17 -54.15
CA CYS F 144 -72.20 -8.72 -52.77
C CYS F 144 -71.32 -7.51 -52.46
N LEU F 145 -71.89 -6.59 -51.69
CA LEU F 145 -71.22 -5.40 -51.20
C LEU F 145 -70.67 -5.65 -49.79
N VAL F 146 -69.35 -5.55 -49.64
CA VAL F 146 -68.70 -5.70 -48.35
C VAL F 146 -68.34 -4.30 -47.86
N LYS F 147 -69.07 -3.81 -46.85
CA LYS F 147 -69.08 -2.39 -46.51
C LYS F 147 -68.75 -2.22 -45.04
N ASP F 148 -68.04 -1.13 -44.73
CA ASP F 148 -67.84 -0.59 -43.38
C ASP F 148 -67.07 -1.57 -42.48
N TYR F 149 -65.84 -1.87 -42.89
CA TYR F 149 -64.94 -2.69 -42.11
C TYR F 149 -63.61 -1.96 -41.92
N PHE F 150 -62.80 -2.48 -40.99
CA PHE F 150 -61.45 -2.01 -40.77
C PHE F 150 -60.70 -3.13 -40.06
N PRO F 151 -59.46 -3.44 -40.44
CA PRO F 151 -58.73 -2.95 -41.61
C PRO F 151 -58.75 -3.94 -42.78
N GLU F 152 -57.94 -3.64 -43.79
CA GLU F 152 -57.71 -4.58 -44.88
C GLU F 152 -56.91 -5.78 -44.39
N PRO F 153 -57.06 -6.96 -45.05
CA PRO F 153 -57.90 -7.35 -46.19
C PRO F 153 -59.12 -8.21 -45.88
N VAL F 154 -60.18 -8.00 -46.65
CA VAL F 154 -61.34 -8.90 -46.70
C VAL F 154 -61.18 -9.82 -47.91
N THR F 155 -61.24 -11.12 -47.69
CA THR F 155 -61.17 -12.11 -48.75
C THR F 155 -62.59 -12.59 -49.08
N VAL F 156 -63.02 -12.37 -50.31
CA VAL F 156 -64.32 -12.81 -50.80
C VAL F 156 -64.10 -13.96 -51.78
N SER F 157 -64.82 -15.06 -51.57
CA SER F 157 -64.80 -16.20 -52.46
C SER F 157 -66.23 -16.55 -52.86
N TRP F 158 -66.36 -17.39 -53.88
CA TRP F 158 -67.67 -17.76 -54.41
C TRP F 158 -67.78 -19.28 -54.44
N ASN F 159 -68.79 -19.81 -53.74
CA ASN F 159 -69.09 -21.24 -53.61
C ASN F 159 -67.88 -22.03 -53.12
N SER F 160 -67.20 -21.49 -52.11
CA SER F 160 -65.95 -22.03 -51.53
C SER F 160 -64.87 -22.20 -52.60
N GLY F 161 -64.78 -21.24 -53.51
CA GLY F 161 -63.79 -21.25 -54.57
C GLY F 161 -64.15 -22.05 -55.80
N ALA F 162 -65.33 -22.67 -55.84
CA ALA F 162 -65.75 -23.41 -57.04
C ALA F 162 -66.03 -22.48 -58.21
N LEU F 163 -66.55 -21.27 -57.93
CA LEU F 163 -66.78 -20.25 -58.95
C LEU F 163 -65.59 -19.30 -58.96
N THR F 164 -64.76 -19.41 -60.00
CA THR F 164 -63.61 -18.53 -60.17
C THR F 164 -63.53 -17.89 -61.56
N SER F 165 -64.39 -18.27 -62.48
CA SER F 165 -64.43 -17.68 -63.82
C SER F 165 -65.48 -16.58 -63.86
N GLY F 166 -65.07 -15.38 -64.29
CA GLY F 166 -65.95 -14.24 -64.30
C GLY F 166 -66.09 -13.52 -62.98
N VAL F 167 -65.37 -13.95 -61.95
CA VAL F 167 -65.44 -13.32 -60.64
C VAL F 167 -64.55 -12.08 -60.64
N HIS F 168 -65.14 -10.94 -60.28
CA HIS F 168 -64.42 -9.67 -60.23
C HIS F 168 -64.63 -9.08 -58.84
N THR F 169 -63.60 -9.16 -58.00
CA THR F 169 -63.63 -8.55 -56.67
C THR F 169 -62.89 -7.22 -56.76
N PHE F 170 -63.64 -6.12 -56.62
CA PHE F 170 -63.07 -4.80 -56.82
C PHE F 170 -62.18 -4.40 -55.64
N PRO F 171 -61.15 -3.57 -55.90
CA PRO F 171 -60.38 -3.02 -54.79
C PRO F 171 -61.24 -2.11 -53.91
N ALA F 172 -60.95 -2.13 -52.62
CA ALA F 172 -61.75 -1.39 -51.66
C ALA F 172 -61.39 0.09 -51.67
N VAL F 173 -62.41 0.93 -51.57
CA VAL F 173 -62.25 2.38 -51.53
C VAL F 173 -62.43 2.84 -50.09
N LEU F 174 -61.68 3.87 -49.70
CA LEU F 174 -61.78 4.44 -48.37
C LEU F 174 -62.88 5.50 -48.34
N GLN F 175 -63.85 5.32 -47.46
CA GLN F 175 -64.99 6.21 -47.36
C GLN F 175 -64.59 7.49 -46.62
N SER F 176 -65.53 8.44 -46.57
CA SER F 176 -65.32 9.64 -45.77
C SER F 176 -65.38 9.35 -44.28
N SER F 177 -66.07 8.29 -43.87
CA SER F 177 -66.11 7.90 -42.47
C SER F 177 -64.78 7.32 -42.00
N GLY F 178 -64.01 6.72 -42.91
CA GLY F 178 -62.74 6.11 -42.58
C GLY F 178 -62.71 4.60 -42.74
N LEU F 179 -63.84 3.97 -43.03
CA LEU F 179 -63.91 2.53 -43.23
C LEU F 179 -63.87 2.20 -44.72
N TYR F 180 -63.62 0.94 -45.01
CA TYR F 180 -63.46 0.48 -46.38
C TYR F 180 -64.74 -0.17 -46.92
N SER F 181 -64.91 -0.08 -48.24
CA SER F 181 -66.05 -0.70 -48.91
C SER F 181 -65.56 -1.25 -50.25
N LEU F 182 -65.96 -2.48 -50.56
CA LEU F 182 -65.71 -3.07 -51.87
C LEU F 182 -66.96 -3.81 -52.34
N SER F 183 -66.89 -4.28 -53.58
CA SER F 183 -67.94 -5.10 -54.16
C SER F 183 -67.30 -6.28 -54.88
N SER F 184 -67.94 -7.44 -54.82
CA SER F 184 -67.53 -8.59 -55.60
C SER F 184 -68.69 -9.02 -56.47
N VAL F 185 -68.48 -9.02 -57.79
CA VAL F 185 -69.50 -9.37 -58.75
C VAL F 185 -69.09 -10.61 -59.51
N VAL F 186 -70.07 -11.23 -60.17
CA VAL F 186 -69.85 -12.36 -61.04
C VAL F 186 -70.91 -12.33 -62.14
N THR F 187 -70.50 -12.71 -63.35
CA THR F 187 -71.39 -12.86 -64.49
C THR F 187 -71.72 -14.33 -64.68
N VAL F 188 -73.00 -14.68 -64.55
CA VAL F 188 -73.44 -16.07 -64.58
C VAL F 188 -74.58 -16.19 -65.59
N PRO F 189 -74.82 -17.36 -66.17
CA PRO F 189 -75.98 -17.52 -67.07
C PRO F 189 -77.29 -17.42 -66.33
N SER F 190 -78.31 -16.94 -67.04
CA SER F 190 -79.65 -16.85 -66.47
C SER F 190 -80.32 -18.22 -66.35
N SER F 191 -79.82 -19.23 -67.07
CA SER F 191 -80.40 -20.56 -66.96
C SER F 191 -80.07 -21.22 -65.65
N SER F 192 -78.95 -20.83 -65.03
CA SER F 192 -78.51 -21.39 -63.76
C SER F 192 -79.00 -20.59 -62.55
N LEU F 193 -79.84 -19.58 -62.78
CA LEU F 193 -80.29 -18.72 -61.70
C LEU F 193 -81.22 -19.45 -60.74
N GLY F 194 -82.17 -20.20 -61.29
CA GLY F 194 -83.11 -20.97 -60.48
C GLY F 194 -82.59 -22.30 -60.00
N THR F 195 -81.43 -22.75 -60.49
CA THR F 195 -80.85 -24.03 -60.10
C THR F 195 -79.64 -23.87 -59.19
N GLN F 196 -78.65 -23.09 -59.59
CA GLN F 196 -77.42 -22.96 -58.83
C GLN F 196 -77.53 -21.81 -57.85
N THR F 197 -77.18 -22.07 -56.59
CA THR F 197 -77.12 -21.03 -55.58
C THR F 197 -75.71 -20.45 -55.51
N TYR F 198 -75.62 -19.16 -55.16
CA TYR F 198 -74.36 -18.45 -55.11
C TYR F 198 -74.11 -17.95 -53.69
N ILE F 199 -72.91 -18.21 -53.18
CA ILE F 199 -72.55 -17.92 -51.80
C ILE F 199 -71.33 -17.00 -51.79
N CYS F 200 -71.50 -15.81 -51.23
CA CYS F 200 -70.38 -14.94 -50.92
C CYS F 200 -69.74 -15.43 -49.64
N ASN F 201 -68.50 -15.92 -49.75
CA ASN F 201 -67.72 -16.39 -48.60
C ASN F 201 -66.79 -15.27 -48.14
N VAL F 202 -67.42 -14.23 -47.59
CA VAL F 202 -66.68 -13.08 -47.09
C VAL F 202 -65.99 -13.45 -45.78
N ASN F 203 -64.69 -13.21 -45.72
CA ASN F 203 -63.87 -13.58 -44.57
C ASN F 203 -62.96 -12.42 -44.20
N HIS F 204 -63.13 -11.89 -43.00
CA HIS F 204 -62.28 -10.82 -42.46
C HIS F 204 -61.53 -11.38 -41.27
N LYS F 205 -60.32 -11.88 -41.54
CA LYS F 205 -59.48 -12.44 -40.48
C LYS F 205 -59.01 -11.46 -39.39
N PRO F 206 -58.85 -10.15 -39.62
CA PRO F 206 -58.68 -9.24 -38.45
C PRO F 206 -59.85 -9.22 -37.48
N SER F 207 -61.08 -9.50 -37.93
CA SER F 207 -62.23 -9.43 -37.03
C SER F 207 -62.83 -10.80 -36.71
N ASN F 208 -62.23 -11.89 -37.23
CA ASN F 208 -62.76 -13.25 -37.13
C ASN F 208 -64.20 -13.35 -37.62
N THR F 209 -64.45 -12.78 -38.79
CA THR F 209 -65.77 -12.79 -39.41
C THR F 209 -65.76 -13.75 -40.58
N LYS F 210 -66.75 -14.65 -40.62
CA LYS F 210 -66.87 -15.69 -41.63
C LYS F 210 -68.30 -15.73 -42.20
N VAL F 211 -68.78 -14.57 -42.66
CA VAL F 211 -70.12 -14.47 -43.23
C VAL F 211 -70.18 -15.23 -44.54
N ASP F 212 -71.11 -16.19 -44.62
CA ASP F 212 -71.40 -16.96 -45.83
C ASP F 212 -72.82 -16.58 -46.24
N LYS F 213 -72.94 -15.61 -47.14
CA LYS F 213 -74.22 -15.04 -47.50
C LYS F 213 -74.72 -15.53 -48.86
N LYS F 214 -75.97 -15.96 -48.91
CA LYS F 214 -76.58 -16.39 -50.16
C LYS F 214 -77.08 -15.18 -50.94
N VAL F 215 -76.63 -15.05 -52.19
CA VAL F 215 -77.13 -14.00 -53.08
C VAL F 215 -78.01 -14.66 -54.14
N GLU F 216 -79.23 -14.15 -54.28
CA GLU F 216 -80.25 -14.72 -55.15
C GLU F 216 -81.08 -13.61 -55.75
N PRO F 217 -81.66 -13.83 -56.95
CA PRO F 217 -82.56 -12.83 -57.56
C PRO F 217 -83.86 -12.66 -56.77
N GLU G 1 -68.38 -24.57 8.40
CA GLU G 1 -68.93 -23.22 8.35
C GLU G 1 -68.14 -22.32 7.40
N VAL G 2 -67.16 -22.90 6.71
CA VAL G 2 -66.26 -22.14 5.86
C VAL G 2 -66.88 -22.01 4.47
N GLN G 3 -66.45 -20.97 3.74
CA GLN G 3 -66.74 -20.85 2.32
C GLN G 3 -65.49 -20.39 1.58
N LEU G 4 -65.23 -21.00 0.44
CA LEU G 4 -64.11 -20.64 -0.43
C LEU G 4 -64.65 -20.20 -1.79
N VAL G 5 -64.60 -18.90 -2.06
CA VAL G 5 -65.20 -18.31 -3.26
C VAL G 5 -64.09 -17.75 -4.13
N GLU G 6 -64.05 -18.17 -5.39
CA GLU G 6 -62.94 -17.85 -6.28
C GLU G 6 -63.40 -16.92 -7.39
N SER G 7 -62.45 -16.15 -7.92
CA SER G 7 -62.74 -15.18 -8.98
C SER G 7 -61.51 -14.96 -9.84
N GLY G 8 -61.74 -14.42 -11.03
CA GLY G 8 -60.67 -13.99 -11.89
C GLY G 8 -60.35 -14.87 -13.07
N GLY G 9 -61.31 -15.65 -13.57
CA GLY G 9 -61.10 -16.51 -14.70
C GLY G 9 -61.65 -15.94 -16.00
N GLY G 10 -61.12 -16.43 -17.11
CA GLY G 10 -61.58 -16.02 -18.42
C GLY G 10 -60.58 -16.40 -19.49
N LEU G 11 -60.67 -15.70 -20.63
CA LEU G 11 -59.67 -15.82 -21.68
C LEU G 11 -58.40 -15.05 -21.34
N VAL G 12 -57.26 -15.65 -21.66
CA VAL G 12 -55.99 -14.96 -21.81
C VAL G 12 -55.37 -15.36 -23.13
N GLN G 13 -54.53 -14.49 -23.68
CA GLN G 13 -53.70 -14.86 -24.81
C GLN G 13 -52.64 -15.87 -24.36
N PRO G 14 -52.20 -16.76 -25.26
CA PRO G 14 -51.04 -17.62 -24.94
C PRO G 14 -49.78 -16.81 -24.73
N GLY G 15 -49.27 -16.83 -23.49
CA GLY G 15 -48.23 -15.91 -23.09
C GLY G 15 -48.68 -14.79 -22.18
N GLY G 16 -49.95 -14.80 -21.74
CA GLY G 16 -50.49 -13.74 -20.94
C GLY G 16 -50.41 -14.02 -19.44
N SER G 17 -50.99 -13.10 -18.68
CA SER G 17 -50.94 -13.14 -17.22
C SER G 17 -52.35 -13.02 -16.66
N LEU G 18 -52.62 -13.76 -15.59
CA LEU G 18 -53.94 -13.76 -14.98
C LEU G 18 -53.81 -13.99 -13.48
N ARG G 19 -54.60 -13.26 -12.69
CA ARG G 19 -54.46 -13.28 -11.24
C ARG G 19 -55.75 -13.81 -10.63
N LEU G 20 -55.72 -15.05 -10.17
CA LEU G 20 -56.88 -15.67 -9.54
C LEU G 20 -56.96 -15.31 -8.06
N SER G 21 -58.16 -15.03 -7.58
CA SER G 21 -58.41 -14.71 -6.19
C SER G 21 -59.27 -15.78 -5.54
N CYS G 22 -59.05 -15.97 -4.24
CA CYS G 22 -59.74 -16.96 -3.43
C CYS G 22 -60.04 -16.33 -2.08
N ALA G 23 -61.30 -15.98 -1.85
CA ALA G 23 -61.75 -15.45 -0.57
C ALA G 23 -62.22 -16.58 0.35
N ALA G 24 -61.79 -16.51 1.60
CA ALA G 24 -62.19 -17.47 2.63
C ALA G 24 -63.01 -16.75 3.68
N SER G 25 -63.89 -17.50 4.36
CA SER G 25 -64.79 -16.90 5.34
C SER G 25 -64.62 -17.49 6.73
N GLY G 26 -64.57 -18.81 6.85
CA GLY G 26 -64.56 -19.44 8.16
C GLY G 26 -63.19 -19.81 8.68
N PHE G 27 -62.12 -19.37 8.02
CA PHE G 27 -60.77 -19.58 8.50
C PHE G 27 -59.89 -18.47 7.94
N THR G 28 -58.68 -18.35 8.50
CA THR G 28 -57.73 -17.34 8.07
C THR G 28 -56.65 -17.95 7.17
N VAL G 29 -56.49 -17.35 5.99
CA VAL G 29 -55.56 -17.83 4.97
C VAL G 29 -54.11 -17.70 5.42
N SER G 30 -53.83 -16.73 6.31
CA SER G 30 -52.46 -16.45 6.75
C SER G 30 -51.84 -17.59 7.55
N SER G 31 -52.64 -18.36 8.29
CA SER G 31 -52.12 -19.40 9.16
C SER G 31 -52.62 -20.78 8.76
N ASN G 32 -52.87 -21.00 7.47
CA ASN G 32 -53.16 -22.33 6.96
C ASN G 32 -52.34 -22.63 5.73
N TYR G 33 -52.14 -23.93 5.49
CA TYR G 33 -51.57 -24.40 4.24
C TYR G 33 -52.62 -24.24 3.15
N MET G 34 -52.30 -23.46 2.13
CA MET G 34 -53.27 -23.17 1.08
C MET G 34 -52.69 -23.60 -0.27
N SER G 35 -53.54 -24.12 -1.15
CA SER G 35 -53.01 -24.73 -2.35
C SER G 35 -53.90 -24.45 -3.55
N TRP G 36 -53.29 -24.49 -4.73
CA TRP G 36 -53.99 -24.40 -6.00
C TRP G 36 -53.80 -25.73 -6.71
N VAL G 37 -54.91 -26.30 -7.18
CA VAL G 37 -54.98 -27.61 -7.82
C VAL G 37 -55.61 -27.45 -9.20
N ARG G 38 -55.02 -28.09 -10.19
CA ARG G 38 -55.45 -28.04 -11.58
C ARG G 38 -56.31 -29.26 -11.91
N GLN G 39 -57.41 -29.02 -12.64
CA GLN G 39 -58.15 -30.12 -13.25
C GLN G 39 -58.51 -29.71 -14.67
N ALA G 40 -57.84 -30.33 -15.64
CA ALA G 40 -58.15 -30.09 -17.05
C ALA G 40 -59.52 -30.67 -17.38
N PRO G 41 -60.22 -30.11 -18.39
CA PRO G 41 -61.52 -30.68 -18.79
C PRO G 41 -61.38 -32.09 -19.36
N GLY G 42 -61.90 -33.07 -18.63
CA GLY G 42 -61.82 -34.46 -18.99
C GLY G 42 -60.69 -35.24 -18.34
N LYS G 43 -59.68 -34.55 -17.82
CA LYS G 43 -58.55 -35.20 -17.18
C LYS G 43 -58.68 -35.02 -15.67
N GLY G 44 -57.99 -35.85 -14.91
CA GLY G 44 -58.09 -35.81 -13.46
C GLY G 44 -57.32 -34.66 -12.83
N LEU G 45 -57.18 -34.73 -11.52
CA LEU G 45 -56.63 -33.63 -10.74
C LEU G 45 -55.12 -33.57 -10.85
N GLU G 46 -54.58 -32.37 -10.66
CA GLU G 46 -53.15 -32.13 -10.75
C GLU G 46 -52.79 -30.99 -9.81
N TRP G 47 -51.80 -31.20 -8.95
CA TRP G 47 -51.41 -30.17 -7.99
C TRP G 47 -50.50 -29.15 -8.66
N VAL G 48 -50.82 -27.87 -8.48
CA VAL G 48 -50.03 -26.78 -9.07
C VAL G 48 -49.10 -26.21 -8.02
N SER G 49 -49.67 -25.70 -6.92
CA SER G 49 -48.82 -24.97 -5.99
C SER G 49 -49.38 -25.03 -4.58
N VAL G 50 -48.53 -24.71 -3.62
CA VAL G 50 -48.90 -24.64 -2.22
C VAL G 50 -48.11 -23.50 -1.56
N ILE G 51 -48.77 -22.83 -0.60
CA ILE G 51 -48.10 -21.94 0.34
C ILE G 51 -48.28 -22.53 1.73
N TYR G 52 -47.20 -22.52 2.51
CA TYR G 52 -47.17 -23.10 3.83
C TYR G 52 -47.81 -22.16 4.85
N SER G 53 -47.90 -22.63 6.10
CA SER G 53 -48.43 -21.81 7.18
C SER G 53 -47.47 -20.68 7.55
N GLY G 54 -46.17 -20.91 7.41
CA GLY G 54 -45.18 -19.87 7.63
C GLY G 54 -44.81 -19.06 6.42
N GLY G 55 -45.27 -19.44 5.23
CA GLY G 55 -45.07 -18.66 4.03
C GLY G 55 -44.20 -19.31 2.97
N SER G 56 -43.78 -20.56 3.17
CA SER G 56 -42.96 -21.25 2.18
C SER G 56 -43.83 -21.70 1.02
N THR G 57 -43.37 -21.37 -0.19
CA THR G 57 -44.14 -21.64 -1.40
C THR G 57 -43.46 -22.70 -2.25
N TYR G 58 -44.27 -23.62 -2.78
CA TYR G 58 -43.79 -24.72 -3.61
C TYR G 58 -44.67 -24.86 -4.83
N TYR G 59 -44.08 -25.38 -5.90
CA TYR G 59 -44.71 -25.45 -7.21
C TYR G 59 -44.41 -26.80 -7.82
N ALA G 60 -45.27 -27.23 -8.74
CA ALA G 60 -44.97 -28.40 -9.55
C ALA G 60 -43.86 -28.07 -10.54
N ASP G 61 -43.11 -29.10 -10.94
CA ASP G 61 -41.96 -28.90 -11.81
C ASP G 61 -42.36 -28.49 -13.23
N SER G 62 -43.58 -28.80 -13.66
CA SER G 62 -44.06 -28.38 -14.98
C SER G 62 -44.54 -26.93 -15.02
N VAL G 63 -44.56 -26.24 -13.87
CA VAL G 63 -45.15 -24.91 -13.78
C VAL G 63 -44.25 -23.95 -13.02
N LYS G 64 -43.06 -24.39 -12.62
CA LYS G 64 -42.11 -23.57 -11.87
C LYS G 64 -41.58 -22.41 -12.73
N GLY G 65 -41.40 -21.26 -12.08
CA GLY G 65 -40.91 -20.08 -12.76
C GLY G 65 -41.96 -19.24 -13.46
N ARG G 66 -43.20 -19.73 -13.54
CA ARG G 66 -44.28 -19.01 -14.21
C ARG G 66 -45.40 -18.58 -13.28
N PHE G 67 -45.73 -19.39 -12.29
CA PHE G 67 -46.80 -19.07 -11.35
C PHE G 67 -46.22 -18.59 -10.03
N THR G 68 -47.03 -17.82 -9.30
CA THR G 68 -46.62 -17.29 -8.01
C THR G 68 -47.83 -17.23 -7.11
N ILE G 69 -47.82 -18.02 -6.04
CA ILE G 69 -48.88 -18.01 -5.04
C ILE G 69 -48.53 -16.95 -3.99
N SER G 70 -49.54 -16.23 -3.51
CA SER G 70 -49.33 -15.20 -2.50
C SER G 70 -50.60 -15.07 -1.65
N ARG G 71 -50.49 -14.33 -0.55
CA ARG G 71 -51.62 -14.11 0.35
C ARG G 71 -51.75 -12.62 0.66
N HIS G 72 -52.99 -12.23 0.97
CA HIS G 72 -53.30 -10.97 1.63
C HIS G 72 -53.92 -11.31 2.98
N ASN G 73 -53.20 -10.97 4.04
CA ASN G 73 -53.49 -11.47 5.39
C ASN G 73 -54.58 -10.66 6.09
N SER G 74 -54.90 -9.46 5.61
CA SER G 74 -55.77 -8.56 6.35
C SER G 74 -57.22 -9.02 6.30
N LYS G 75 -57.70 -9.44 5.15
CA LYS G 75 -59.07 -9.94 5.04
C LYS G 75 -59.11 -11.26 4.29
N ASN G 76 -58.09 -12.10 4.52
CA ASN G 76 -58.08 -13.54 4.24
C ASN G 76 -58.31 -13.84 2.76
N THR G 77 -57.34 -13.44 1.94
CA THR G 77 -57.46 -13.68 0.51
C THR G 77 -56.19 -14.36 -0.02
N LEU G 78 -56.38 -15.33 -0.92
CA LEU G 78 -55.27 -16.04 -1.54
C LEU G 78 -55.23 -15.71 -3.03
N TYR G 79 -54.03 -15.43 -3.55
CA TYR G 79 -53.87 -15.04 -4.94
C TYR G 79 -52.93 -16.01 -5.65
N LEU G 80 -53.21 -16.24 -6.93
CA LEU G 80 -52.30 -16.96 -7.82
C LEU G 80 -52.06 -16.11 -9.07
N GLN G 81 -50.86 -15.55 -9.18
CA GLN G 81 -50.47 -14.77 -10.35
C GLN G 81 -49.82 -15.71 -11.36
N MET G 82 -50.36 -15.73 -12.57
CA MET G 82 -49.94 -16.68 -13.61
C MET G 82 -49.33 -15.90 -14.77
N ASN G 83 -48.15 -16.34 -15.21
CA ASN G 83 -47.41 -15.69 -16.27
C ASN G 83 -47.06 -16.71 -17.34
N SER G 84 -46.91 -16.21 -18.58
CA SER G 84 -46.43 -16.98 -19.74
C SER G 84 -47.27 -18.23 -19.99
N LEU G 85 -48.59 -18.02 -20.01
CA LEU G 85 -49.56 -19.11 -19.92
C LEU G 85 -49.59 -19.93 -21.20
N ARG G 86 -49.29 -21.22 -21.09
CA ARG G 86 -49.30 -22.11 -22.24
C ARG G 86 -50.71 -22.57 -22.54
N ALA G 87 -50.88 -23.20 -23.71
CA ALA G 87 -52.19 -23.71 -24.12
C ALA G 87 -52.62 -24.95 -23.36
N GLU G 88 -51.73 -25.57 -22.59
CA GLU G 88 -52.08 -26.69 -21.73
C GLU G 88 -52.47 -26.26 -20.32
N ASP G 89 -52.55 -24.96 -20.08
CA ASP G 89 -52.96 -24.43 -18.79
C ASP G 89 -54.44 -24.06 -18.74
N THR G 90 -55.22 -24.40 -19.76
CA THR G 90 -56.66 -24.25 -19.68
C THR G 90 -57.24 -25.38 -18.83
N ALA G 91 -57.93 -25.01 -17.75
CA ALA G 91 -58.38 -25.95 -16.72
C ALA G 91 -59.28 -25.21 -15.74
N VAL G 92 -59.95 -25.99 -14.89
CA VAL G 92 -60.57 -25.45 -13.68
C VAL G 92 -59.58 -25.56 -12.54
N TYR G 93 -59.25 -24.41 -11.95
CA TYR G 93 -58.34 -24.31 -10.82
C TYR G 93 -59.13 -24.19 -9.53
N TYR G 94 -58.68 -24.90 -8.50
CA TYR G 94 -59.35 -24.91 -7.20
C TYR G 94 -58.36 -24.44 -6.14
N CYS G 95 -58.80 -23.54 -5.26
CA CYS G 95 -58.06 -23.26 -4.04
C CYS G 95 -58.58 -24.15 -2.92
N ALA G 96 -57.66 -24.62 -2.07
CA ALA G 96 -58.00 -25.61 -1.05
C ALA G 96 -57.19 -25.38 0.22
N ARG G 97 -57.85 -25.50 1.37
CA ARG G 97 -57.16 -25.55 2.64
C ARG G 97 -56.71 -26.98 2.93
N GLY G 98 -55.43 -27.17 3.18
CA GLY G 98 -54.87 -28.48 3.50
C GLY G 98 -54.44 -28.59 4.95
N TYR G 99 -54.52 -29.80 5.48
CA TYR G 99 -53.90 -30.11 6.78
C TYR G 99 -52.46 -30.42 6.44
N GLY G 100 -51.62 -29.38 6.43
CA GLY G 100 -50.28 -29.53 5.93
C GLY G 100 -50.37 -29.54 4.41
N ASP G 101 -49.26 -29.83 3.74
CA ASP G 101 -49.35 -30.03 2.29
C ASP G 101 -49.66 -31.52 2.02
N TYR G 102 -50.77 -31.98 2.60
CA TYR G 102 -51.07 -33.41 2.53
C TYR G 102 -52.42 -33.65 1.87
N TYR G 103 -53.50 -33.57 2.64
CA TYR G 103 -54.84 -33.81 2.15
C TYR G 103 -55.65 -32.53 2.25
N PHE G 104 -56.51 -32.29 1.26
CA PHE G 104 -57.18 -31.00 1.09
C PHE G 104 -58.56 -31.10 1.73
N ASP G 105 -58.70 -30.52 2.93
CA ASP G 105 -59.88 -30.73 3.76
C ASP G 105 -61.10 -30.04 3.16
N TYR G 106 -60.94 -28.78 2.75
CA TYR G 106 -62.01 -28.04 2.09
C TYR G 106 -61.47 -27.41 0.81
N TRP G 107 -62.32 -27.40 -0.21
CA TRP G 107 -61.97 -26.95 -1.55
C TRP G 107 -62.83 -25.75 -1.94
N GLY G 108 -62.29 -24.95 -2.87
CA GLY G 108 -63.10 -23.93 -3.52
C GLY G 108 -63.88 -24.48 -4.69
N GLN G 109 -64.86 -23.70 -5.14
CA GLN G 109 -65.74 -24.14 -6.22
C GLN G 109 -65.02 -24.17 -7.56
N GLY G 110 -63.97 -23.39 -7.72
CA GLY G 110 -63.13 -23.46 -8.90
C GLY G 110 -63.36 -22.27 -9.80
N THR G 111 -62.34 -21.95 -10.59
CA THR G 111 -62.43 -20.94 -11.63
C THR G 111 -61.81 -21.48 -12.91
N LEU G 112 -62.48 -21.22 -14.03
CA LEU G 112 -62.05 -21.76 -15.32
C LEU G 112 -61.11 -20.77 -16.00
N VAL G 113 -59.91 -21.22 -16.34
CA VAL G 113 -58.94 -20.43 -17.08
C VAL G 113 -58.78 -21.07 -18.45
N THR G 114 -59.13 -20.33 -19.49
CA THR G 114 -59.02 -20.78 -20.87
C THR G 114 -57.89 -20.02 -21.55
N VAL G 115 -56.98 -20.75 -22.18
CA VAL G 115 -55.85 -20.16 -22.89
C VAL G 115 -56.03 -20.48 -24.36
N SER G 116 -56.45 -19.48 -25.14
CA SER G 116 -56.61 -19.63 -26.58
C SER G 116 -56.46 -18.27 -27.24
N SER G 117 -56.26 -18.31 -28.56
CA SER G 117 -56.18 -17.10 -29.37
C SER G 117 -57.55 -16.59 -29.83
N ALA G 118 -58.61 -17.35 -29.57
CA ALA G 118 -59.95 -16.94 -29.99
C ALA G 118 -60.47 -15.80 -29.13
N SER G 119 -61.33 -14.98 -29.72
CA SER G 119 -61.93 -13.83 -29.05
C SER G 119 -63.24 -14.22 -28.37
N THR G 120 -63.66 -13.38 -27.43
CA THR G 120 -64.91 -13.59 -26.73
C THR G 120 -66.09 -13.39 -27.68
N LYS G 121 -66.97 -14.37 -27.74
CA LYS G 121 -68.22 -14.28 -28.49
C LYS G 121 -69.40 -14.47 -27.55
N GLY G 122 -70.37 -13.55 -27.63
CA GLY G 122 -71.60 -13.66 -26.88
C GLY G 122 -72.48 -14.76 -27.45
N PRO G 123 -73.29 -15.39 -26.60
CA PRO G 123 -74.12 -16.51 -27.07
C PRO G 123 -75.37 -16.04 -27.79
N SER G 124 -75.84 -16.90 -28.70
CA SER G 124 -77.12 -16.75 -29.36
C SER G 124 -78.11 -17.75 -28.79
N VAL G 125 -79.27 -17.25 -28.35
CA VAL G 125 -80.21 -18.03 -27.55
C VAL G 125 -81.47 -18.22 -28.39
N PHE G 126 -81.90 -19.48 -28.52
CA PHE G 126 -83.01 -19.83 -29.39
C PHE G 126 -84.04 -20.64 -28.60
N PRO G 127 -85.33 -20.53 -28.94
CA PRO G 127 -86.34 -21.31 -28.23
C PRO G 127 -86.53 -22.69 -28.83
N LEU G 128 -86.70 -23.69 -27.96
CA LEU G 128 -87.14 -25.03 -28.34
C LEU G 128 -88.58 -25.18 -27.85
N ALA G 129 -89.52 -24.84 -28.74
CA ALA G 129 -90.93 -24.77 -28.38
C ALA G 129 -91.52 -26.17 -28.24
N PRO G 130 -92.45 -26.38 -27.32
CA PRO G 130 -93.09 -27.69 -27.17
C PRO G 130 -94.17 -27.88 -28.23
N SER G 131 -94.86 -29.02 -28.13
CA SER G 131 -95.92 -29.39 -29.07
C SER G 131 -97.13 -28.48 -28.93
N THR G 139 -97.46 -34.88 -20.60
CA THR G 139 -96.60 -33.76 -20.26
C THR G 139 -95.84 -33.26 -21.50
N ALA G 140 -95.27 -32.07 -21.39
CA ALA G 140 -94.62 -31.43 -22.52
C ALA G 140 -93.21 -30.99 -22.12
N ALA G 141 -92.26 -31.18 -23.03
CA ALA G 141 -90.88 -30.78 -22.82
C ALA G 141 -90.58 -29.55 -23.66
N LEU G 142 -89.81 -28.63 -23.09
CA LEU G 142 -89.50 -27.37 -23.76
C LEU G 142 -88.15 -26.86 -23.26
N GLY G 143 -87.47 -26.09 -24.10
CA GLY G 143 -86.15 -25.64 -23.70
C GLY G 143 -85.63 -24.46 -24.46
N CYS G 144 -84.32 -24.25 -24.34
CA CYS G 144 -83.62 -23.26 -25.16
C CYS G 144 -82.24 -23.77 -25.58
N LEU G 145 -81.88 -23.43 -26.81
CA LEU G 145 -80.59 -23.74 -27.41
C LEU G 145 -79.64 -22.55 -27.24
N VAL G 146 -78.53 -22.76 -26.54
CA VAL G 146 -77.52 -21.73 -26.36
C VAL G 146 -76.36 -22.07 -27.29
N LYS G 147 -76.22 -21.30 -28.37
CA LYS G 147 -75.39 -21.70 -29.51
C LYS G 147 -74.38 -20.61 -29.82
N ASP G 148 -73.19 -21.04 -30.26
CA ASP G 148 -72.17 -20.19 -30.88
C ASP G 148 -71.64 -19.12 -29.92
N TYR G 149 -71.04 -19.60 -28.82
CA TYR G 149 -70.39 -18.73 -27.86
C TYR G 149 -68.96 -19.21 -27.63
N PHE G 150 -68.18 -18.34 -26.98
CA PHE G 150 -66.83 -18.68 -26.54
C PHE G 150 -66.47 -17.69 -25.45
N PRO G 151 -65.85 -18.14 -24.34
CA PRO G 151 -65.60 -19.52 -23.94
C PRO G 151 -66.63 -20.03 -22.92
N GLU G 152 -66.33 -21.20 -22.36
CA GLU G 152 -67.11 -21.73 -21.24
C GLU G 152 -66.85 -20.89 -19.99
N PRO G 153 -67.82 -20.86 -19.05
CA PRO G 153 -69.17 -21.45 -18.99
C PRO G 153 -70.35 -20.51 -19.20
N VAL G 154 -71.41 -21.04 -19.82
CA VAL G 154 -72.71 -20.40 -19.86
C VAL G 154 -73.58 -21.02 -18.77
N THR G 155 -74.15 -20.18 -17.91
CA THR G 155 -75.05 -20.62 -16.86
C THR G 155 -76.48 -20.35 -17.30
N VAL G 156 -77.28 -21.41 -17.42
CA VAL G 156 -78.69 -21.33 -17.77
C VAL G 156 -79.52 -21.65 -16.54
N SER G 157 -80.48 -20.79 -16.24
CA SER G 157 -81.42 -20.99 -15.15
C SER G 157 -82.83 -20.85 -15.68
N TRP G 158 -83.81 -21.27 -14.87
CA TRP G 158 -85.20 -21.25 -15.27
C TRP G 158 -86.03 -20.52 -14.22
N ASN G 159 -86.70 -19.44 -14.66
CA ASN G 159 -87.54 -18.58 -13.81
C ASN G 159 -86.78 -18.05 -12.59
N SER G 160 -85.54 -17.60 -12.84
CA SER G 160 -84.60 -17.12 -11.81
C SER G 160 -84.35 -18.18 -10.73
N GLY G 161 -84.27 -19.44 -11.14
CA GLY G 161 -84.02 -20.54 -10.24
C GLY G 161 -85.23 -21.12 -9.55
N ALA G 162 -86.43 -20.60 -9.82
CA ALA G 162 -87.65 -21.16 -9.23
C ALA G 162 -87.95 -22.54 -9.79
N LEU G 163 -87.65 -22.79 -11.06
CA LEU G 163 -87.81 -24.09 -11.68
C LEU G 163 -86.48 -24.83 -11.63
N THR G 164 -86.39 -25.83 -10.76
CA THR G 164 -85.19 -26.65 -10.65
C THR G 164 -85.46 -28.15 -10.71
N SER G 165 -86.72 -28.58 -10.72
CA SER G 165 -87.07 -29.99 -10.81
C SER G 165 -87.36 -30.32 -12.27
N GLY G 166 -86.69 -31.36 -12.79
CA GLY G 166 -86.82 -31.73 -14.18
C GLY G 166 -85.98 -30.93 -15.15
N VAL G 167 -85.16 -30.00 -14.65
CA VAL G 167 -84.32 -29.18 -15.51
C VAL G 167 -83.07 -29.97 -15.87
N HIS G 168 -82.81 -30.09 -17.17
CA HIS G 168 -81.65 -30.82 -17.69
C HIS G 168 -80.89 -29.88 -18.61
N THR G 169 -79.77 -29.35 -18.13
CA THR G 169 -78.88 -28.52 -18.94
C THR G 169 -77.74 -29.40 -19.44
N PHE G 170 -77.71 -29.64 -20.74
CA PHE G 170 -76.77 -30.58 -21.32
C PHE G 170 -75.37 -29.98 -21.35
N PRO G 171 -74.32 -30.82 -21.27
CA PRO G 171 -72.96 -30.31 -21.49
C PRO G 171 -72.77 -29.82 -22.92
N ALA G 172 -71.97 -28.78 -23.05
CA ALA G 172 -71.78 -28.15 -24.35
C ALA G 172 -70.83 -28.96 -25.22
N VAL G 173 -71.15 -29.03 -26.50
CA VAL G 173 -70.35 -29.74 -27.50
C VAL G 173 -69.60 -28.70 -28.32
N LEU G 174 -68.37 -29.03 -28.71
CA LEU G 174 -67.57 -28.15 -29.55
C LEU G 174 -67.89 -28.39 -31.02
N GLN G 175 -68.31 -27.33 -31.72
CA GLN G 175 -68.69 -27.42 -33.11
C GLN G 175 -67.45 -27.51 -34.01
N SER G 176 -67.70 -27.72 -35.31
CA SER G 176 -66.61 -27.66 -36.27
C SER G 176 -66.10 -26.24 -36.48
N SER G 177 -66.94 -25.23 -36.23
CA SER G 177 -66.49 -23.84 -36.33
C SER G 177 -65.53 -23.47 -35.20
N GLY G 178 -65.67 -24.12 -34.04
CA GLY G 178 -64.83 -23.83 -32.89
C GLY G 178 -65.58 -23.25 -31.72
N LEU G 179 -66.87 -22.95 -31.86
CA LEU G 179 -67.68 -22.41 -30.79
C LEU G 179 -68.49 -23.52 -30.14
N TYR G 180 -69.04 -23.22 -28.96
CA TYR G 180 -69.76 -24.21 -28.17
C TYR G 180 -71.27 -24.07 -28.34
N SER G 181 -71.97 -25.18 -28.17
CA SER G 181 -73.42 -25.21 -28.23
C SER G 181 -73.94 -26.18 -27.19
N LEU G 182 -74.95 -25.76 -26.44
CA LEU G 182 -75.65 -26.64 -25.51
C LEU G 182 -77.15 -26.41 -25.62
N SER G 183 -77.90 -27.24 -24.91
CA SER G 183 -79.34 -27.10 -24.81
C SER G 183 -79.75 -27.28 -23.35
N SER G 184 -80.75 -26.52 -22.91
CA SER G 184 -81.35 -26.73 -21.60
C SER G 184 -82.82 -27.00 -21.79
N VAL G 185 -83.27 -28.17 -21.32
CA VAL G 185 -84.65 -28.60 -21.45
C VAL G 185 -85.29 -28.72 -20.07
N VAL G 186 -86.62 -28.78 -20.07
CA VAL G 186 -87.39 -29.02 -18.86
C VAL G 186 -88.68 -29.73 -19.26
N THR G 187 -89.11 -30.66 -18.41
CA THR G 187 -90.38 -31.36 -18.58
C THR G 187 -91.40 -30.75 -17.63
N VAL G 188 -92.48 -30.18 -18.21
CA VAL G 188 -93.47 -29.45 -17.44
C VAL G 188 -94.85 -29.99 -17.81
N PRO G 189 -95.85 -29.87 -16.93
CA PRO G 189 -97.20 -30.31 -17.30
C PRO G 189 -97.81 -29.44 -18.40
N SER G 190 -98.68 -30.05 -19.20
CA SER G 190 -99.37 -29.31 -20.24
C SER G 190 -100.47 -28.42 -19.68
N SER G 191 -100.90 -28.65 -18.44
CA SER G 191 -101.92 -27.80 -17.83
C SER G 191 -101.37 -26.42 -17.47
N SER G 192 -100.07 -26.33 -17.22
CA SER G 192 -99.41 -25.08 -16.85
C SER G 192 -98.85 -24.33 -18.06
N LEU G 193 -99.11 -24.83 -19.27
CA LEU G 193 -98.54 -24.23 -20.48
C LEU G 193 -99.15 -22.86 -20.76
N GLY G 194 -100.48 -22.75 -20.65
CA GLY G 194 -101.16 -21.49 -20.87
C GLY G 194 -101.18 -20.55 -19.69
N THR G 195 -100.74 -21.01 -18.51
CA THR G 195 -100.73 -20.20 -17.31
C THR G 195 -99.34 -19.75 -16.91
N GLN G 196 -98.41 -20.68 -16.76
CA GLN G 196 -97.07 -20.37 -16.29
C GLN G 196 -96.15 -20.05 -17.47
N THR G 197 -95.43 -18.94 -17.39
CA THR G 197 -94.43 -18.59 -18.39
C THR G 197 -93.07 -19.13 -17.97
N TYR G 198 -92.24 -19.47 -18.96
CA TYR G 198 -90.93 -20.03 -18.72
C TYR G 198 -89.86 -19.13 -19.31
N ILE G 199 -88.84 -18.82 -18.51
CA ILE G 199 -87.80 -17.87 -18.86
C ILE G 199 -86.45 -18.57 -18.79
N CYS G 200 -85.76 -18.63 -19.92
CA CYS G 200 -84.36 -19.05 -19.95
C CYS G 200 -83.51 -17.86 -19.52
N ASN G 201 -82.87 -17.99 -18.35
CA ASN G 201 -81.97 -16.96 -17.82
C ASN G 201 -80.53 -17.32 -18.19
N VAL G 202 -80.25 -17.23 -19.49
CA VAL G 202 -78.92 -17.53 -20.00
C VAL G 202 -77.97 -16.41 -19.63
N ASN G 203 -76.84 -16.76 -19.01
CA ASN G 203 -75.87 -15.78 -18.53
C ASN G 203 -74.48 -16.23 -18.91
N HIS G 204 -73.79 -15.43 -19.73
CA HIS G 204 -72.41 -15.67 -20.12
C HIS G 204 -71.56 -14.54 -19.54
N LYS G 205 -71.01 -14.79 -18.36
CA LYS G 205 -70.16 -13.80 -17.70
C LYS G 205 -68.86 -13.45 -18.41
N PRO G 206 -68.20 -14.31 -19.22
CA PRO G 206 -67.13 -13.80 -20.08
C PRO G 206 -67.54 -12.73 -21.08
N SER G 207 -68.80 -12.71 -21.52
CA SER G 207 -69.22 -11.73 -22.52
C SER G 207 -70.17 -10.67 -21.97
N ASN G 208 -70.48 -10.72 -20.67
CA ASN G 208 -71.47 -9.86 -20.01
C ASN G 208 -72.83 -9.92 -20.70
N THR G 209 -73.29 -11.13 -20.98
CA THR G 209 -74.57 -11.37 -21.63
C THR G 209 -75.57 -11.90 -20.61
N LYS G 210 -76.74 -11.28 -20.55
CA LYS G 210 -77.80 -11.60 -19.59
C LYS G 210 -79.14 -11.74 -20.31
N VAL G 211 -79.17 -12.59 -21.34
CA VAL G 211 -80.40 -12.82 -22.10
C VAL G 211 -81.42 -13.55 -21.23
N ASP G 212 -82.60 -12.93 -21.09
CA ASP G 212 -83.75 -13.51 -20.39
C ASP G 212 -84.82 -13.73 -21.45
N LYS G 213 -84.88 -14.94 -21.99
CA LYS G 213 -85.74 -15.24 -23.13
C LYS G 213 -86.97 -16.02 -22.72
N LYS G 214 -88.14 -15.58 -23.19
CA LYS G 214 -89.39 -16.28 -22.93
C LYS G 214 -89.55 -17.42 -23.93
N VAL G 215 -89.74 -18.64 -23.42
CA VAL G 215 -90.02 -19.80 -24.26
C VAL G 215 -91.48 -20.19 -24.04
N GLU G 216 -92.22 -20.30 -25.15
CA GLU G 216 -93.65 -20.53 -25.14
C GLU G 216 -94.03 -21.43 -26.31
N PRO G 217 -95.11 -22.21 -26.20
CA PRO G 217 -95.57 -23.03 -27.34
C PRO G 217 -96.11 -22.19 -28.49
N GLN H 14 -9.76 56.99 -18.34
CA GLN H 14 -8.98 57.97 -19.08
C GLN H 14 -7.52 57.54 -19.20
N CYS H 15 -6.99 57.59 -20.41
CA CYS H 15 -5.60 57.27 -20.68
C CYS H 15 -5.01 58.37 -21.56
N VAL H 16 -3.72 58.65 -21.37
CA VAL H 16 -3.02 59.68 -22.13
C VAL H 16 -1.70 59.11 -22.61
N ASN H 17 -1.47 59.15 -23.93
CA ASN H 17 -0.15 58.85 -24.47
C ASN H 17 0.80 60.02 -24.21
N LEU H 18 1.99 59.71 -23.71
CA LEU H 18 3.04 60.71 -23.55
C LEU H 18 3.97 60.62 -24.76
N THR H 19 3.94 61.65 -25.61
CA THR H 19 4.60 61.62 -26.91
C THR H 19 5.76 62.60 -27.00
N THR H 20 6.21 63.17 -25.88
CA THR H 20 7.32 64.11 -25.86
C THR H 20 8.54 63.54 -25.16
N ARG H 21 8.67 62.21 -25.14
CA ARG H 21 9.82 61.55 -24.53
C ARG H 21 11.05 61.68 -25.44
N THR H 22 12.22 61.55 -24.81
CA THR H 22 13.48 61.52 -25.53
C THR H 22 14.02 60.10 -25.51
N GLN H 23 14.38 59.57 -26.68
CA GLN H 23 14.82 58.20 -26.80
C GLN H 23 16.23 58.05 -26.23
N LEU H 24 16.39 57.08 -25.32
CA LEU H 24 17.67 56.83 -24.66
C LEU H 24 17.62 55.41 -24.10
N PRO H 25 18.70 54.63 -24.25
CA PRO H 25 18.70 53.29 -23.65
C PRO H 25 18.77 53.38 -22.14
N PRO H 26 18.21 52.41 -21.43
CA PRO H 26 18.33 52.42 -19.96
C PRO H 26 19.74 52.12 -19.53
N ALA H 27 20.11 52.60 -18.35
CA ALA H 27 21.48 52.49 -17.91
C ALA H 27 21.66 51.26 -17.04
N TYR H 28 22.91 51.00 -16.66
CA TYR H 28 23.23 49.92 -15.75
C TYR H 28 24.28 50.41 -14.77
N THR H 29 24.24 49.89 -13.55
CA THR H 29 25.23 50.27 -12.55
C THR H 29 25.42 49.10 -11.59
N ASN H 30 26.19 49.36 -10.53
CA ASN H 30 26.62 48.32 -9.60
C ASN H 30 25.70 48.27 -8.39
N SER H 31 25.40 47.05 -7.97
CA SER H 31 24.56 46.84 -6.79
C SER H 31 25.31 47.10 -5.49
N PHE H 32 26.64 46.93 -5.51
CA PHE H 32 27.52 46.97 -4.34
C PHE H 32 27.04 45.91 -3.38
N THR H 33 26.74 46.24 -2.13
CA THR H 33 26.27 45.26 -1.16
C THR H 33 24.87 45.61 -0.68
N ARG H 34 24.01 46.00 -1.61
CA ARG H 34 22.63 46.36 -1.31
C ARG H 34 21.69 45.23 -1.66
N GLY H 35 20.47 45.31 -1.15
CA GLY H 35 19.45 44.33 -1.42
C GLY H 35 19.28 43.25 -0.39
N VAL H 36 19.98 43.33 0.73
CA VAL H 36 19.88 42.32 1.77
C VAL H 36 18.67 42.65 2.65
N TYR H 37 17.82 41.66 2.87
CA TYR H 37 16.64 41.81 3.71
C TYR H 37 16.70 40.76 4.80
N TYR H 38 15.88 40.94 5.83
CA TYR H 38 15.82 39.95 6.88
C TYR H 38 15.07 38.73 6.34
N PRO H 39 15.66 37.54 6.37
CA PRO H 39 15.01 36.38 5.74
C PRO H 39 13.86 35.82 6.55
N ASP H 40 13.78 36.11 7.85
CA ASP H 40 12.73 35.57 8.70
C ASP H 40 12.48 36.54 9.85
N LYS H 41 11.55 36.16 10.72
CA LYS H 41 11.12 36.98 11.84
C LYS H 41 11.80 36.59 13.14
N VAL H 42 12.95 35.93 13.07
CA VAL H 42 13.60 35.38 14.25
C VAL H 42 14.73 36.30 14.69
N PHE H 43 14.75 36.62 15.98
CA PHE H 43 15.84 37.40 16.56
C PHE H 43 17.09 36.54 16.69
N ARG H 44 18.21 37.09 16.27
CA ARG H 44 19.51 36.45 16.41
C ARG H 44 20.50 37.52 16.84
N SER H 45 21.37 37.19 17.80
CA SER H 45 22.29 38.17 18.35
C SER H 45 23.69 37.61 18.42
N SER H 46 24.66 38.40 17.93
CA SER H 46 26.10 38.11 17.99
C SER H 46 26.44 36.76 17.35
N VAL H 47 25.86 36.51 16.18
CA VAL H 47 25.95 35.20 15.57
C VAL H 47 26.25 35.39 14.09
N LEU H 48 26.78 34.35 13.46
CA LEU H 48 26.97 34.31 12.01
C LEU H 48 26.08 33.21 11.45
N HIS H 49 25.07 33.60 10.67
CA HIS H 49 24.03 32.70 10.23
C HIS H 49 24.07 32.56 8.71
N SER H 50 24.09 31.31 8.24
CA SER H 50 24.11 31.02 6.81
C SER H 50 22.68 30.69 6.39
N THR H 51 22.18 31.42 5.40
CA THR H 51 20.81 31.21 4.93
C THR H 51 20.76 31.14 3.42
N GLN H 52 19.86 30.31 2.92
CA GLN H 52 19.67 30.07 1.48
C GLN H 52 18.28 30.59 1.14
N ASP H 53 18.22 31.67 0.38
CA ASP H 53 16.96 32.32 0.07
C ASP H 53 17.12 33.10 -1.23
N LEU H 54 16.04 33.74 -1.67
CA LEU H 54 16.03 34.54 -2.89
C LEU H 54 16.61 35.91 -2.58
N PHE H 55 17.88 36.10 -2.91
CA PHE H 55 18.64 37.28 -2.56
C PHE H 55 19.13 38.00 -3.81
N LEU H 56 19.45 39.26 -3.64
CA LEU H 56 20.08 40.01 -4.72
C LEU H 56 21.58 39.82 -4.65
N PRO H 57 22.22 39.37 -5.73
CA PRO H 57 23.67 39.13 -5.69
C PRO H 57 24.48 40.40 -5.53
N PHE H 58 25.62 40.26 -4.84
CA PHE H 58 26.49 41.39 -4.59
C PHE H 58 27.21 41.80 -5.87
N PHE H 59 27.37 43.12 -6.04
CA PHE H 59 28.06 43.75 -7.17
C PHE H 59 27.44 43.33 -8.51
N SER H 60 26.11 43.19 -8.52
CA SER H 60 25.42 42.74 -9.71
C SER H 60 25.09 43.92 -10.61
N ASN H 61 24.59 43.60 -11.80
CA ASN H 61 24.24 44.60 -12.82
C ASN H 61 22.80 45.01 -12.57
N VAL H 62 22.61 46.16 -11.94
CA VAL H 62 21.27 46.65 -11.59
C VAL H 62 20.86 47.72 -12.60
N THR H 63 19.63 47.59 -13.12
CA THR H 63 19.19 48.43 -14.23
C THR H 63 18.71 49.78 -13.71
N TRP H 64 19.10 50.84 -14.39
CA TRP H 64 18.94 52.21 -13.94
C TRP H 64 17.98 52.93 -14.88
N PHE H 65 16.93 53.53 -14.30
CA PHE H 65 15.94 54.31 -15.03
C PHE H 65 15.87 55.71 -14.42
N HIS H 66 15.64 56.69 -15.29
CA HIS H 66 15.70 58.10 -14.93
C HIS H 66 14.35 58.77 -15.11
N ALA H 67 14.17 59.89 -14.39
CA ALA H 67 13.08 60.83 -14.63
C ALA H 67 13.70 62.20 -14.49
N ILE H 68 13.93 62.87 -15.62
CA ILE H 68 14.67 64.13 -15.65
C ILE H 68 14.24 64.91 -16.89
N HIS H 69 14.30 66.24 -16.79
CA HIS H 69 14.03 67.10 -17.92
C HIS H 69 15.12 68.15 -18.07
N LYS H 77 14.39 65.29 -21.47
CA LYS H 77 13.06 64.81 -21.12
C LYS H 77 13.01 63.28 -21.02
N ARG H 78 13.22 62.77 -19.82
CA ARG H 78 13.20 61.33 -19.56
C ARG H 78 12.02 60.98 -18.68
N PHE H 79 11.28 59.94 -19.08
CA PHE H 79 10.13 59.45 -18.30
C PHE H 79 10.06 57.94 -18.52
N ASP H 80 10.67 57.18 -17.60
CA ASP H 80 10.91 55.77 -17.79
C ASP H 80 9.82 54.97 -17.07
N ASN H 81 8.79 54.56 -17.83
CA ASN H 81 7.80 53.57 -17.40
C ASN H 81 7.77 52.45 -18.42
N PRO H 82 8.73 51.52 -18.39
CA PRO H 82 8.70 50.40 -19.33
C PRO H 82 7.95 49.22 -18.77
N VAL H 83 7.90 48.12 -19.53
CA VAL H 83 7.29 46.89 -19.07
C VAL H 83 8.42 45.98 -18.61
N LEU H 84 8.46 45.69 -17.31
CA LEU H 84 9.57 44.87 -16.85
C LEU H 84 9.08 43.51 -16.36
N PRO H 85 9.89 42.46 -16.50
CA PRO H 85 9.55 41.18 -15.90
C PRO H 85 9.67 41.22 -14.38
N PHE H 86 8.92 40.34 -13.72
CA PHE H 86 9.01 40.21 -12.27
C PHE H 86 10.00 39.12 -11.88
N ASN H 87 9.96 37.99 -12.58
CA ASN H 87 10.76 36.77 -12.37
C ASN H 87 10.50 36.27 -10.94
N ASP H 88 11.53 35.83 -10.22
CA ASP H 88 11.34 35.27 -8.89
C ASP H 88 11.16 36.35 -7.82
N GLY H 89 11.56 37.59 -8.09
CA GLY H 89 11.44 38.66 -7.12
C GLY H 89 12.15 39.90 -7.60
N VAL H 90 11.79 41.06 -7.06
CA VAL H 90 12.30 42.33 -7.57
C VAL H 90 12.85 43.15 -6.40
N TYR H 91 14.12 43.56 -6.52
CA TYR H 91 14.68 44.60 -5.67
C TYR H 91 14.46 45.94 -6.36
N PHE H 92 13.85 46.88 -5.66
CA PHE H 92 13.52 48.19 -6.21
C PHE H 92 14.17 49.26 -5.34
N ALA H 93 15.14 49.98 -5.91
CA ALA H 93 15.80 51.07 -5.22
C ALA H 93 15.36 52.39 -5.82
N SER H 94 15.29 53.43 -4.99
CA SER H 94 14.78 54.72 -5.43
C SER H 94 15.60 55.84 -4.80
N THR H 95 16.33 56.57 -5.63
CA THR H 95 16.97 57.81 -5.22
C THR H 95 15.99 58.93 -5.55
N GLU H 96 15.30 59.40 -4.51
CA GLU H 96 14.08 60.19 -4.62
C GLU H 96 14.21 61.48 -3.85
N LYS H 97 13.77 62.57 -4.48
CA LYS H 97 13.44 63.81 -3.81
C LYS H 97 12.12 64.31 -4.40
N SER H 98 11.36 65.05 -3.58
CA SER H 98 10.11 65.73 -3.95
C SER H 98 9.00 64.79 -4.45
N ASN H 99 9.10 63.49 -4.13
CA ASN H 99 7.98 62.53 -4.16
C ASN H 99 7.35 62.37 -5.56
N ILE H 100 8.13 61.79 -6.48
CA ILE H 100 7.59 61.43 -7.79
C ILE H 100 7.10 59.98 -7.81
N ILE H 101 7.87 59.05 -7.26
CA ILE H 101 7.48 57.64 -7.29
C ILE H 101 6.34 57.40 -6.31
N ARG H 102 5.24 56.81 -6.80
CA ARG H 102 4.01 56.70 -6.02
C ARG H 102 3.50 55.29 -5.82
N GLY H 103 3.86 54.33 -6.64
CA GLY H 103 3.36 52.98 -6.43
C GLY H 103 3.77 52.03 -7.54
N TRP H 104 3.15 50.85 -7.51
CA TRP H 104 3.49 49.77 -8.42
C TRP H 104 2.24 49.04 -8.89
N ILE H 105 2.40 48.38 -10.03
CA ILE H 105 1.40 47.53 -10.67
C ILE H 105 2.00 46.14 -10.81
N PHE H 106 1.28 45.12 -10.38
CA PHE H 106 1.74 43.74 -10.56
C PHE H 106 0.68 42.93 -11.29
N GLY H 107 1.12 41.97 -12.09
CA GLY H 107 0.18 41.11 -12.78
C GLY H 107 0.89 40.19 -13.76
N THR H 108 0.11 39.64 -14.68
CA THR H 108 0.62 38.81 -15.76
C THR H 108 0.35 39.41 -17.13
N THR H 109 -0.90 39.78 -17.41
CA THR H 109 -1.24 40.41 -18.68
C THR H 109 -1.63 41.87 -18.53
N LEU H 110 -1.84 42.35 -17.29
CA LEU H 110 -2.12 43.75 -16.96
C LEU H 110 -3.37 44.28 -17.66
N ASP H 111 -4.39 43.44 -17.77
CA ASP H 111 -5.65 43.82 -18.37
C ASP H 111 -6.79 43.14 -17.60
N SER H 112 -8.00 43.22 -18.13
CA SER H 112 -9.16 42.64 -17.47
C SER H 112 -9.26 41.12 -17.64
N LYS H 113 -8.40 40.52 -18.48
CA LYS H 113 -8.42 39.08 -18.65
C LYS H 113 -7.92 38.36 -17.40
N THR H 114 -6.84 38.86 -16.80
CA THR H 114 -6.29 38.31 -15.57
C THR H 114 -6.54 39.28 -14.42
N GLN H 115 -6.10 38.90 -13.23
CA GLN H 115 -6.31 39.66 -12.01
C GLN H 115 -4.99 40.29 -11.58
N SER H 116 -5.03 41.58 -11.26
CA SER H 116 -3.82 42.37 -11.07
C SER H 116 -3.86 43.10 -9.73
N LEU H 117 -2.67 43.42 -9.25
CA LEU H 117 -2.44 44.05 -7.95
C LEU H 117 -2.05 45.50 -8.15
N LEU H 118 -2.68 46.38 -7.36
CA LEU H 118 -2.48 47.82 -7.38
C LEU H 118 -1.93 48.21 -6.01
N ILE H 119 -0.77 48.85 -5.98
CA ILE H 119 -0.31 49.54 -4.78
C ILE H 119 -0.07 50.99 -5.15
N VAL H 120 -0.79 51.90 -4.49
CA VAL H 120 -0.61 53.33 -4.75
C VAL H 120 -0.44 54.06 -3.43
N ASN H 121 0.26 55.18 -3.50
CA ASN H 121 0.42 56.12 -2.39
C ASN H 121 0.12 57.51 -2.96
N ASN H 122 -1.14 57.91 -2.92
CA ASN H 122 -1.52 59.23 -3.40
C ASN H 122 -1.33 60.25 -2.27
N ALA H 123 -1.91 61.44 -2.41
CA ALA H 123 -1.71 62.52 -1.46
C ALA H 123 -2.31 62.27 -0.09
N THR H 124 -3.15 61.24 0.08
CA THR H 124 -3.79 60.96 1.35
C THR H 124 -3.34 59.66 1.99
N ASN H 125 -3.44 58.53 1.29
CA ASN H 125 -3.24 57.24 1.94
C ASN H 125 -2.66 56.23 0.97
N VAL H 126 -2.30 55.07 1.50
CA VAL H 126 -1.74 53.96 0.74
C VAL H 126 -2.83 52.91 0.53
N VAL H 127 -3.08 52.58 -0.72
CA VAL H 127 -4.18 51.69 -1.11
C VAL H 127 -3.60 50.49 -1.84
N ILE H 128 -4.00 49.30 -1.39
CA ILE H 128 -3.66 48.05 -2.06
C ILE H 128 -4.97 47.38 -2.48
N LYS H 129 -5.11 47.12 -3.78
CA LYS H 129 -6.32 46.49 -4.30
C LYS H 129 -5.97 45.38 -5.28
N VAL H 130 -6.68 44.28 -5.20
CA VAL H 130 -6.50 43.16 -6.12
C VAL H 130 -7.76 43.08 -6.96
N CYS H 131 -7.72 43.59 -8.19
CA CYS H 131 -8.91 43.67 -9.01
C CYS H 131 -8.49 43.33 -10.44
N GLU H 132 -9.48 43.19 -11.33
CA GLU H 132 -9.18 43.04 -12.76
C GLU H 132 -9.24 44.41 -13.42
N PHE H 133 -8.17 45.18 -13.25
CA PHE H 133 -8.09 46.51 -13.85
C PHE H 133 -7.80 46.43 -15.34
N GLN H 134 -8.52 47.22 -16.13
CA GLN H 134 -8.15 47.45 -17.52
C GLN H 134 -7.16 48.62 -17.53
N PHE H 135 -5.88 48.29 -17.46
CA PHE H 135 -4.83 49.29 -17.29
C PHE H 135 -4.57 50.08 -18.57
N CYS H 136 -4.21 51.34 -18.38
CA CYS H 136 -3.73 52.16 -19.49
C CYS H 136 -2.33 51.74 -19.91
N ASN H 137 -1.96 52.14 -21.13
CA ASN H 137 -0.62 51.86 -21.62
C ASN H 137 0.42 52.68 -20.87
N ASP H 138 0.05 53.89 -20.44
CA ASP H 138 0.93 54.76 -19.67
C ASP H 138 0.21 55.22 -18.41
N PRO H 139 0.24 54.42 -17.34
CA PRO H 139 -0.44 54.82 -16.11
C PRO H 139 0.41 55.79 -15.31
N PHE H 140 -0.25 56.80 -14.73
CA PHE H 140 0.47 57.90 -14.11
C PHE H 140 -0.43 58.63 -13.10
N LEU H 141 0.22 59.38 -12.22
CA LEU H 141 -0.38 60.40 -11.38
C LEU H 141 0.11 61.77 -11.83
N GLY H 142 -0.50 62.81 -11.27
CA GLY H 142 -0.11 64.16 -11.67
C GLY H 142 -0.23 65.18 -10.56
N VAL H 143 0.69 66.14 -10.53
CA VAL H 143 0.68 67.23 -9.56
C VAL H 143 0.61 68.53 -10.33
N TYR H 144 -0.39 69.35 -10.02
CA TYR H 144 -0.56 70.67 -10.63
C TYR H 144 0.09 71.72 -9.76
N TYR H 145 0.86 72.61 -10.38
CA TYR H 145 1.47 73.73 -9.66
C TYR H 145 0.92 75.06 -10.16
N MET H 153 -0.69 70.67 -5.91
CA MET H 153 -1.87 69.86 -5.63
C MET H 153 -1.99 68.70 -6.62
N GLU H 154 -2.50 67.57 -6.15
CA GLU H 154 -2.69 66.39 -6.96
C GLU H 154 -4.12 66.37 -7.49
N SER H 155 -4.27 66.46 -8.81
CA SER H 155 -5.59 66.47 -9.43
C SER H 155 -5.62 65.65 -10.72
N GLU H 156 -4.80 64.61 -10.82
CA GLU H 156 -4.73 63.83 -12.04
C GLU H 156 -4.34 62.39 -11.70
N PHE H 157 -5.16 61.45 -12.15
CA PHE H 157 -5.01 60.04 -11.83
C PHE H 157 -5.47 59.25 -13.05
N ARG H 158 -4.54 58.65 -13.79
CA ARG H 158 -4.90 57.85 -14.96
C ARG H 158 -4.10 56.55 -14.90
N VAL H 159 -4.65 55.55 -14.21
CA VAL H 159 -4.01 54.25 -14.07
C VAL H 159 -4.83 53.14 -14.74
N TYR H 160 -6.13 53.09 -14.46
CA TYR H 160 -6.99 52.07 -15.03
C TYR H 160 -8.28 52.72 -15.53
N SER H 161 -8.95 52.03 -16.46
CA SER H 161 -10.24 52.47 -16.96
C SER H 161 -11.42 51.74 -16.34
N SER H 162 -11.20 50.60 -15.69
CA SER H 162 -12.30 49.84 -15.08
C SER H 162 -11.74 48.97 -13.96
N ALA H 163 -12.66 48.50 -13.11
CA ALA H 163 -12.32 47.54 -12.05
C ALA H 163 -13.59 46.79 -11.68
N ASN H 164 -13.70 45.54 -12.12
CA ASN H 164 -14.94 44.77 -12.03
C ASN H 164 -14.98 43.79 -10.86
N ASN H 165 -13.98 42.91 -10.73
CA ASN H 165 -14.00 41.83 -9.74
C ASN H 165 -12.83 42.03 -8.79
N CYS H 166 -13.13 42.49 -7.58
CA CYS H 166 -12.14 42.80 -6.57
C CYS H 166 -12.20 41.80 -5.41
N THR H 167 -11.05 41.24 -5.06
CA THR H 167 -10.97 40.24 -4.00
C THR H 167 -10.29 40.73 -2.73
N PHE H 168 -9.28 41.58 -2.83
CA PHE H 168 -8.52 42.02 -1.65
C PHE H 168 -8.38 43.53 -1.64
N GLU H 169 -8.72 44.16 -0.52
CA GLU H 169 -8.53 45.59 -0.34
C GLU H 169 -7.84 45.84 1.00
N TYR H 170 -6.92 46.80 1.01
CA TYR H 170 -6.11 47.05 2.20
C TYR H 170 -5.63 48.50 2.17
N VAL H 171 -6.21 49.35 3.01
CA VAL H 171 -5.83 50.76 3.12
C VAL H 171 -4.99 50.91 4.39
N SER H 172 -3.79 51.47 4.25
CA SER H 172 -2.84 51.48 5.36
C SER H 172 -2.11 52.83 5.41
N GLN H 173 -1.08 52.88 6.26
CA GLN H 173 -0.30 54.07 6.51
C GLN H 173 0.60 54.40 5.31
N PRO H 174 1.04 55.66 5.20
CA PRO H 174 2.04 56.02 4.16
C PRO H 174 3.38 55.35 4.39
N PHE H 175 3.82 54.56 3.40
CA PHE H 175 5.14 53.94 3.45
C PHE H 175 6.24 54.98 3.35
N LEU H 176 6.07 55.97 2.47
CA LEU H 176 7.13 56.93 2.18
C LEU H 176 6.96 58.20 3.02
N ASN H 185 19.62 67.67 -5.82
CA ASN H 185 20.28 66.63 -5.04
C ASN H 185 19.26 65.67 -4.45
N PHE H 186 19.46 64.38 -4.68
CA PHE H 186 18.59 63.36 -4.11
C PHE H 186 18.83 63.24 -2.61
N LYS H 187 17.75 63.27 -1.83
CA LYS H 187 17.83 63.29 -0.38
C LYS H 187 17.35 62.00 0.27
N ASN H 188 16.51 61.21 -0.40
CA ASN H 188 15.90 60.05 0.21
C ASN H 188 16.22 58.80 -0.58
N LEU H 189 16.51 57.71 0.11
CA LEU H 189 16.75 56.42 -0.52
C LEU H 189 15.70 55.43 -0.05
N ARG H 190 14.99 54.84 -0.99
CA ARG H 190 13.92 53.89 -0.70
C ARG H 190 14.35 52.53 -1.24
N GLU H 191 14.50 51.54 -0.36
CA GLU H 191 14.70 50.18 -0.85
C GLU H 191 13.49 49.32 -0.54
N PHE H 192 13.09 48.54 -1.53
CA PHE H 192 11.97 47.62 -1.42
C PHE H 192 12.38 46.28 -2.01
N VAL H 193 11.87 45.21 -1.43
CA VAL H 193 12.01 43.87 -1.98
C VAL H 193 10.61 43.29 -2.10
N PHE H 194 10.22 42.91 -3.32
CA PHE H 194 8.92 42.32 -3.58
C PHE H 194 9.15 40.85 -3.92
N LYS H 195 8.53 39.97 -3.15
CA LYS H 195 8.59 38.53 -3.38
C LYS H 195 7.18 37.96 -3.39
N ASN H 196 6.99 36.87 -4.14
CA ASN H 196 5.68 36.22 -4.24
C ASN H 196 5.92 34.72 -4.11
N ILE H 197 5.71 34.18 -2.91
CA ILE H 197 5.87 32.74 -2.66
C ILE H 197 4.63 32.23 -1.96
N ASP H 198 4.04 31.14 -2.51
CA ASP H 198 2.94 30.38 -1.89
C ASP H 198 1.70 31.24 -1.66
N GLY H 199 1.42 32.13 -2.61
CA GLY H 199 0.30 33.05 -2.46
C GLY H 199 0.55 34.20 -1.51
N TYR H 200 1.78 34.38 -1.04
CA TYR H 200 2.12 35.43 -0.11
C TYR H 200 3.03 36.44 -0.80
N PHE H 201 2.63 37.72 -0.74
CA PHE H 201 3.40 38.80 -1.30
C PHE H 201 4.15 39.45 -0.15
N LYS H 202 5.45 39.24 -0.09
CA LYS H 202 6.29 39.84 0.94
C LYS H 202 6.88 41.13 0.40
N ILE H 203 6.62 42.23 1.10
CA ILE H 203 7.23 43.52 0.79
C ILE H 203 8.14 43.87 1.95
N TYR H 204 9.42 44.07 1.64
CA TYR H 204 10.43 44.50 2.59
C TYR H 204 10.83 45.92 2.25
N SER H 205 11.07 46.75 3.27
CA SER H 205 11.34 48.15 3.01
C SER H 205 12.43 48.67 3.93
N LYS H 206 13.13 49.70 3.45
CA LYS H 206 14.12 50.41 4.24
C LYS H 206 14.25 51.84 3.72
N HIS H 207 14.27 52.78 4.65
CA HIS H 207 14.29 54.20 4.34
C HIS H 207 15.63 54.76 4.81
N THR H 208 16.36 55.45 3.92
CA THR H 208 17.71 55.86 4.25
C THR H 208 17.92 57.33 3.92
N PRO H 209 18.36 58.15 4.88
CA PRO H 209 18.75 59.53 4.58
C PRO H 209 20.10 59.56 3.90
N ILE H 210 20.15 60.09 2.68
CA ILE H 210 21.38 60.18 1.89
C ILE H 210 21.57 61.61 1.40
N ASN H 211 22.78 61.88 0.91
CA ASN H 211 23.10 63.15 0.30
C ASN H 211 23.99 62.98 -0.92
N LEU H 212 23.87 61.85 -1.61
CA LEU H 212 24.68 61.55 -2.78
C LEU H 212 23.90 61.93 -4.03
N VAL H 213 24.60 62.38 -5.05
CA VAL H 213 23.96 63.11 -6.14
C VAL H 213 23.33 62.16 -7.15
N ARG H 214 24.10 61.20 -7.67
CA ARG H 214 23.68 60.54 -8.91
C ARG H 214 23.41 59.05 -8.77
N ASP H 215 24.25 58.31 -8.06
CA ASP H 215 24.24 56.85 -8.15
C ASP H 215 23.82 56.25 -6.82
N LEU H 216 23.87 54.92 -6.75
CA LEU H 216 23.62 54.23 -5.49
C LEU H 216 24.79 54.42 -4.54
N PRO H 217 24.56 54.85 -3.31
CA PRO H 217 25.64 54.92 -2.31
C PRO H 217 26.15 53.53 -1.98
N GLN H 218 27.43 53.48 -1.63
CA GLN H 218 28.12 52.21 -1.34
C GLN H 218 28.10 52.00 0.17
N GLY H 219 27.43 50.93 0.59
CA GLY H 219 27.27 50.65 2.00
C GLY H 219 26.37 49.45 2.18
N PHE H 220 25.98 49.22 3.44
CA PHE H 220 25.15 48.07 3.76
C PHE H 220 23.99 48.52 4.63
N SER H 221 22.80 48.03 4.31
CA SER H 221 21.61 48.32 5.10
C SER H 221 20.61 47.18 4.91
N ALA H 222 20.34 46.44 5.98
CA ALA H 222 19.45 45.30 5.91
C ALA H 222 18.00 45.76 5.90
N LEU H 223 17.21 45.20 4.98
CA LEU H 223 15.84 45.66 4.75
C LEU H 223 14.90 44.97 5.72
N GLU H 224 14.19 45.74 6.53
CA GLU H 224 13.18 45.19 7.42
C GLU H 224 11.91 44.83 6.65
N PRO H 225 11.18 43.80 7.09
CA PRO H 225 9.91 43.45 6.44
C PRO H 225 8.85 44.51 6.71
N LEU H 226 8.17 44.92 5.65
CA LEU H 226 7.14 45.96 5.72
C LEU H 226 5.76 45.34 5.85
N VAL H 227 5.36 44.47 4.91
CA VAL H 227 4.00 43.93 4.93
C VAL H 227 4.01 42.57 4.24
N ASP H 228 3.07 41.71 4.65
CA ASP H 228 2.79 40.45 4.00
C ASP H 228 1.34 40.43 3.55
N LEU H 229 1.12 40.31 2.24
CA LEU H 229 -0.22 40.40 1.67
C LEU H 229 -0.64 39.05 1.13
N PRO H 230 -1.78 38.52 1.56
CA PRO H 230 -2.26 37.22 1.04
C PRO H 230 -3.05 37.36 -0.26
N ILE H 231 -2.35 37.75 -1.33
CA ILE H 231 -3.04 38.07 -2.57
C ILE H 231 -3.34 36.82 -3.40
N GLY H 232 -2.45 35.83 -3.40
CA GLY H 232 -2.66 34.56 -4.08
C GLY H 232 -2.85 34.64 -5.59
N ILE H 233 -2.11 35.52 -6.26
CA ILE H 233 -2.24 35.71 -7.70
C ILE H 233 -0.91 35.48 -8.40
N ASN H 234 -1.00 35.14 -9.68
CA ASN H 234 0.18 34.97 -10.53
C ASN H 234 0.70 36.34 -10.94
N ILE H 235 2.00 36.56 -10.74
CA ILE H 235 2.67 37.82 -11.08
C ILE H 235 3.91 37.50 -11.90
N THR H 236 3.96 38.03 -13.13
CA THR H 236 5.17 37.95 -13.94
C THR H 236 5.65 39.30 -14.46
N ARG H 237 4.84 40.35 -14.39
CA ARG H 237 5.19 41.65 -14.94
C ARG H 237 4.78 42.73 -13.95
N PHE H 238 5.54 43.82 -13.94
CA PHE H 238 5.24 44.90 -13.01
C PHE H 238 5.57 46.24 -13.64
N GLN H 239 5.01 47.29 -13.06
CA GLN H 239 5.06 48.66 -13.58
C GLN H 239 5.36 49.59 -12.43
N THR H 240 6.24 50.56 -12.66
CA THR H 240 6.43 51.67 -11.74
C THR H 240 5.48 52.80 -12.09
N LEU H 241 4.87 53.41 -11.07
CA LEU H 241 3.96 54.52 -11.24
C LEU H 241 4.68 55.81 -10.84
N LEU H 242 4.68 56.78 -11.75
CA LEU H 242 5.31 58.06 -11.51
C LEU H 242 4.25 59.15 -11.50
N ALA H 243 4.70 60.37 -11.23
CA ALA H 243 3.83 61.54 -11.17
C ALA H 243 4.40 62.64 -12.05
N LEU H 244 3.54 63.24 -12.87
CA LEU H 244 3.88 64.37 -13.71
C LEU H 244 3.86 65.65 -12.88
N HIS H 245 4.53 66.67 -13.39
CA HIS H 245 4.45 68.01 -12.84
C HIS H 245 3.93 68.94 -13.92
N ARG H 246 2.84 69.64 -13.65
CA ARG H 246 2.21 70.51 -14.62
C ARG H 246 2.26 71.95 -14.13
N SER H 247 2.40 72.89 -15.07
CA SER H 247 2.48 74.30 -14.74
C SER H 247 1.74 75.14 -15.77
N GLY H 257 2.23 71.45 -21.63
CA GLY H 257 2.62 70.05 -21.58
C GLY H 257 2.86 69.55 -20.17
N TRP H 258 3.76 68.59 -20.03
CA TRP H 258 4.10 68.01 -18.73
C TRP H 258 5.60 68.09 -18.51
N THR H 259 5.98 68.06 -17.24
CA THR H 259 7.38 68.07 -16.82
C THR H 259 7.60 66.94 -15.83
N ALA H 260 8.73 66.24 -15.98
CA ALA H 260 9.07 65.12 -15.10
C ALA H 260 10.02 65.64 -14.02
N GLY H 261 9.64 65.42 -12.76
CA GLY H 261 10.50 65.78 -11.66
C GLY H 261 11.71 64.87 -11.56
N ALA H 262 12.76 65.38 -10.90
CA ALA H 262 14.03 64.69 -10.84
C ALA H 262 13.93 63.49 -9.90
N ALA H 263 14.07 62.29 -10.46
CA ALA H 263 14.00 61.06 -9.70
C ALA H 263 14.78 59.98 -10.43
N ALA H 264 15.19 58.94 -9.70
CA ALA H 264 15.88 57.85 -10.37
C ALA H 264 15.60 56.57 -9.61
N TYR H 265 15.39 55.47 -10.35
CA TYR H 265 15.15 54.21 -9.68
C TYR H 265 15.93 53.10 -10.36
N TYR H 266 16.04 51.98 -9.64
CA TYR H 266 16.92 50.88 -9.99
C TYR H 266 16.17 49.58 -9.77
N VAL H 267 16.26 48.67 -10.73
CA VAL H 267 15.57 47.39 -10.69
C VAL H 267 16.62 46.29 -10.74
N GLY H 268 16.61 45.43 -9.72
CA GLY H 268 17.43 44.24 -9.73
C GLY H 268 16.56 43.02 -9.50
N TYR H 269 17.13 41.86 -9.79
CA TYR H 269 16.40 40.60 -9.78
C TYR H 269 17.01 39.65 -8.77
N LEU H 270 16.15 38.99 -8.02
CA LEU H 270 16.59 38.07 -6.97
C LEU H 270 16.85 36.70 -7.56
N GLN H 271 17.88 36.03 -7.02
CA GLN H 271 18.25 34.68 -7.39
C GLN H 271 18.38 33.84 -6.13
N PRO H 272 18.08 32.54 -6.20
CA PRO H 272 18.24 31.68 -5.02
C PRO H 272 19.71 31.42 -4.73
N ARG H 273 20.19 31.90 -3.58
CA ARG H 273 21.59 31.74 -3.23
C ARG H 273 21.74 31.83 -1.72
N THR H 274 22.97 31.62 -1.25
CA THR H 274 23.29 31.60 0.17
C THR H 274 24.06 32.86 0.55
N PHE H 275 23.63 33.50 1.64
CA PHE H 275 24.39 34.55 2.30
C PHE H 275 24.79 34.11 3.71
N LEU H 276 25.96 34.59 4.12
CA LEU H 276 26.38 34.52 5.51
C LEU H 276 26.16 35.90 6.14
N LEU H 277 25.18 36.00 7.01
CA LEU H 277 24.78 37.25 7.64
C LEU H 277 25.39 37.34 9.02
N LYS H 278 25.80 38.54 9.42
CA LYS H 278 26.36 38.77 10.75
C LYS H 278 25.34 39.55 11.58
N TYR H 279 24.96 38.99 12.72
CA TYR H 279 24.05 39.62 13.66
C TYR H 279 24.86 40.14 14.84
N ASN H 280 24.72 41.43 15.15
CA ASN H 280 25.48 42.07 16.20
C ASN H 280 24.84 41.80 17.57
N GLU H 281 25.27 42.53 18.60
CA GLU H 281 24.69 42.37 19.93
C GLU H 281 23.30 42.94 20.04
N ASN H 282 22.87 43.78 19.09
CA ASN H 282 21.56 44.38 19.10
C ASN H 282 20.59 43.70 18.14
N GLY H 283 20.98 42.59 17.53
CA GLY H 283 20.09 41.87 16.64
C GLY H 283 19.94 42.45 15.26
N THR H 284 20.83 43.34 14.84
CA THR H 284 20.76 43.99 13.54
C THR H 284 21.81 43.37 12.62
N ILE H 285 21.40 43.03 11.41
CA ILE H 285 22.34 42.52 10.41
C ILE H 285 23.26 43.66 9.98
N THR H 286 24.55 43.53 10.30
CA THR H 286 25.51 44.59 10.03
C THR H 286 26.45 44.30 8.87
N ASP H 287 26.59 43.03 8.47
CA ASP H 287 27.45 42.69 7.34
C ASP H 287 26.99 41.39 6.74
N ALA H 288 27.37 41.16 5.48
CA ALA H 288 26.93 39.98 4.76
C ALA H 288 28.03 39.50 3.83
N VAL H 289 27.98 38.21 3.51
CA VAL H 289 28.91 37.56 2.60
C VAL H 289 28.09 36.80 1.55
N ASP H 290 28.33 37.09 0.28
CA ASP H 290 27.75 36.32 -0.81
C ASP H 290 28.58 35.06 -1.02
N CYS H 291 27.95 33.90 -0.84
CA CYS H 291 28.68 32.63 -0.79
C CYS H 291 29.18 32.18 -2.16
N ALA H 292 28.59 32.69 -3.24
CA ALA H 292 28.99 32.28 -4.59
C ALA H 292 29.55 33.43 -5.43
N LEU H 293 30.06 34.48 -4.77
CA LEU H 293 30.61 35.61 -5.51
C LEU H 293 32.03 35.33 -6.00
N ASP H 294 32.95 35.12 -5.08
CA ASP H 294 34.35 34.86 -5.38
C ASP H 294 34.84 33.79 -4.39
N PRO H 295 35.96 33.11 -4.70
CA PRO H 295 36.48 32.07 -3.79
C PRO H 295 36.83 32.53 -2.39
N LEU H 296 37.17 33.82 -2.18
CA LEU H 296 37.43 34.31 -0.83
C LEU H 296 36.14 34.31 0.00
N SER H 297 35.07 34.85 -0.55
CA SER H 297 33.80 34.82 0.16
C SER H 297 33.20 33.43 0.22
N GLU H 298 33.55 32.56 -0.72
CA GLU H 298 33.13 31.16 -0.60
C GLU H 298 33.88 30.45 0.52
N THR H 299 35.14 30.82 0.74
CA THR H 299 35.89 30.32 1.90
C THR H 299 35.28 30.85 3.21
N LYS H 300 34.87 32.12 3.21
CA LYS H 300 34.17 32.68 4.36
C LYS H 300 32.84 31.97 4.61
N CYS H 301 32.15 31.61 3.54
CA CYS H 301 30.91 30.84 3.62
C CYS H 301 31.16 29.45 4.20
N THR H 302 32.25 28.80 3.78
CA THR H 302 32.54 27.45 4.25
C THR H 302 32.99 27.45 5.71
N LEU H 303 33.86 28.39 6.09
CA LEU H 303 34.41 28.43 7.44
C LEU H 303 33.47 29.05 8.46
N LYS H 304 32.34 29.61 8.00
CA LYS H 304 31.35 30.30 8.85
C LYS H 304 31.98 31.45 9.62
N SER H 305 32.90 32.18 8.97
CA SER H 305 33.57 33.28 9.64
C SER H 305 33.85 34.38 8.63
N PHE H 306 33.89 35.62 9.11
CA PHE H 306 34.21 36.76 8.28
C PHE H 306 35.70 37.02 8.18
N THR H 307 36.50 36.35 9.01
CA THR H 307 37.95 36.44 8.97
C THR H 307 38.50 35.05 8.70
N VAL H 308 39.46 34.96 7.79
CA VAL H 308 40.03 33.70 7.37
C VAL H 308 41.50 33.69 7.77
N GLU H 309 41.89 32.68 8.53
CA GLU H 309 43.29 32.52 8.92
C GLU H 309 44.09 32.07 7.69
N LYS H 310 45.40 32.37 7.70
CA LYS H 310 46.29 31.97 6.62
C LYS H 310 46.36 30.45 6.51
N GLY H 311 46.19 29.95 5.29
CA GLY H 311 46.23 28.52 5.05
C GLY H 311 45.52 28.17 3.76
N ILE H 312 45.35 26.88 3.56
CA ILE H 312 44.66 26.32 2.40
C ILE H 312 43.38 25.65 2.90
N TYR H 313 42.26 25.94 2.23
CA TYR H 313 40.96 25.47 2.67
C TYR H 313 40.24 24.86 1.49
N GLN H 314 39.90 23.58 1.60
CA GLN H 314 39.12 22.91 0.57
C GLN H 314 37.69 23.39 0.68
N THR H 315 37.22 24.16 -0.31
CA THR H 315 35.92 24.80 -0.24
C THR H 315 34.87 24.19 -1.13
N SER H 316 35.23 23.71 -2.32
CA SER H 316 34.18 23.30 -3.24
C SER H 316 34.65 22.11 -4.06
N ASN H 317 33.94 21.82 -5.15
CA ASN H 317 34.34 20.78 -6.08
C ASN H 317 34.04 21.26 -7.50
N PHE H 318 34.86 20.79 -8.43
CA PHE H 318 34.70 21.09 -9.84
C PHE H 318 34.58 19.77 -10.58
N ARG H 319 33.43 19.56 -11.22
CA ARG H 319 33.20 18.40 -12.05
C ARG H 319 32.93 18.86 -13.49
N VAL H 320 33.68 18.29 -14.43
CA VAL H 320 33.43 18.55 -15.85
C VAL H 320 32.06 18.01 -16.21
N GLN H 321 31.28 18.81 -16.96
CA GLN H 321 29.93 18.36 -17.25
C GLN H 321 29.81 17.97 -18.72
N PRO H 322 29.00 16.95 -19.04
CA PRO H 322 28.87 16.48 -20.42
C PRO H 322 28.39 17.54 -21.41
N THR H 323 28.67 17.29 -22.68
CA THR H 323 28.34 18.24 -23.74
C THR H 323 27.44 17.62 -24.81
N GLU H 324 27.78 16.43 -25.30
CA GLU H 324 26.98 15.75 -26.32
C GLU H 324 26.53 14.39 -25.79
N SER H 325 25.61 13.79 -26.53
CA SER H 325 25.18 12.41 -26.30
C SER H 325 25.48 11.59 -27.56
N ILE H 326 26.24 10.52 -27.39
CA ILE H 326 26.64 9.65 -28.50
C ILE H 326 26.00 8.29 -28.26
N VAL H 327 25.05 7.92 -29.11
CA VAL H 327 24.31 6.68 -28.91
C VAL H 327 24.61 5.77 -30.10
N ARG H 328 25.79 5.16 -30.11
CA ARG H 328 26.21 4.32 -31.24
C ARG H 328 25.62 2.91 -31.17
N PHE H 329 25.08 2.45 -32.30
CA PHE H 329 24.45 1.15 -32.44
C PHE H 329 25.02 0.42 -33.65
N PRO H 330 24.83 -0.91 -33.76
CA PRO H 330 25.27 -1.66 -34.94
C PRO H 330 24.69 -1.16 -36.26
N ASN H 331 25.35 -1.57 -37.36
CA ASN H 331 24.90 -1.20 -38.70
C ASN H 331 23.52 -1.79 -38.93
N ILE H 332 22.61 -0.98 -39.46
CA ILE H 332 21.24 -1.43 -39.66
C ILE H 332 21.17 -2.42 -40.82
N THR H 333 21.24 -3.71 -40.47
CA THR H 333 21.31 -4.82 -41.39
C THR H 333 20.12 -5.73 -41.18
N ASN H 334 19.94 -6.69 -42.09
CA ASN H 334 18.83 -7.66 -42.11
C ASN H 334 17.48 -7.00 -41.86
N LEU H 335 17.16 -6.03 -42.71
CA LEU H 335 15.81 -5.47 -42.75
C LEU H 335 14.78 -6.54 -43.12
N CYS H 336 13.57 -6.37 -42.58
CA CYS H 336 12.49 -7.31 -42.81
C CYS H 336 12.02 -7.23 -44.25
N PRO H 337 11.65 -8.36 -44.87
CA PRO H 337 11.25 -8.34 -46.30
C PRO H 337 9.82 -7.85 -46.50
N PHE H 338 9.60 -6.56 -46.22
CA PHE H 338 8.32 -5.94 -46.52
C PHE H 338 8.13 -5.68 -48.01
N GLY H 339 9.22 -5.66 -48.79
CA GLY H 339 9.08 -5.48 -50.22
C GLY H 339 8.46 -6.69 -50.90
N GLU H 340 8.67 -7.88 -50.34
CA GLU H 340 8.06 -9.09 -50.88
C GLU H 340 6.61 -9.26 -50.46
N VAL H 341 6.12 -8.43 -49.54
CA VAL H 341 4.73 -8.49 -49.10
C VAL H 341 3.91 -7.36 -49.73
N PHE H 342 4.40 -6.13 -49.67
CA PHE H 342 3.62 -5.00 -50.16
C PHE H 342 3.75 -4.85 -51.67
N ASN H 343 4.96 -5.04 -52.21
CA ASN H 343 5.19 -4.92 -53.64
C ASN H 343 5.15 -6.27 -54.34
N ALA H 344 4.34 -7.21 -53.84
CA ALA H 344 4.22 -8.51 -54.46
C ALA H 344 3.47 -8.43 -55.78
N THR H 345 3.89 -9.26 -56.74
CA THR H 345 3.27 -9.26 -58.05
C THR H 345 1.84 -9.77 -58.00
N ARG H 346 1.63 -10.91 -57.36
CA ARG H 346 0.31 -11.55 -57.28
C ARG H 346 -0.12 -11.64 -55.82
N PHE H 347 -1.24 -11.02 -55.50
CA PHE H 347 -1.83 -11.14 -54.19
C PHE H 347 -2.82 -12.31 -54.16
N ALA H 348 -3.32 -12.60 -52.97
CA ALA H 348 -4.27 -13.68 -52.76
C ALA H 348 -5.69 -13.14 -52.74
N SER H 349 -6.65 -14.05 -52.83
CA SER H 349 -8.04 -13.66 -52.61
C SER H 349 -8.34 -13.69 -51.11
N VAL H 350 -9.45 -13.04 -50.74
CA VAL H 350 -9.71 -12.82 -49.32
C VAL H 350 -10.21 -14.08 -48.61
N TYR H 351 -10.79 -15.04 -49.33
CA TYR H 351 -11.17 -16.29 -48.70
C TYR H 351 -9.97 -17.18 -48.41
N ALA H 352 -8.88 -17.00 -49.15
CA ALA H 352 -7.64 -17.74 -49.02
C ALA H 352 -6.47 -16.77 -48.85
N TRP H 353 -6.62 -15.86 -47.88
CA TRP H 353 -5.70 -14.76 -47.68
C TRP H 353 -4.31 -15.26 -47.30
N ASN H 354 -3.28 -14.61 -47.84
CA ASN H 354 -1.93 -15.05 -47.57
C ASN H 354 -1.48 -14.54 -46.21
N ARG H 355 -0.64 -15.33 -45.55
CA ARG H 355 -0.06 -14.95 -44.27
C ARG H 355 1.45 -15.17 -44.32
N LYS H 356 2.20 -14.10 -44.06
CA LYS H 356 3.65 -14.14 -44.02
C LYS H 356 4.08 -13.83 -42.59
N ARG H 357 4.90 -14.71 -42.03
CA ARG H 357 5.34 -14.58 -40.65
C ARG H 357 6.65 -13.79 -40.61
N ILE H 358 6.53 -12.48 -40.37
CA ILE H 358 7.68 -11.61 -40.26
C ILE H 358 8.34 -11.84 -38.90
N SER H 359 9.56 -12.38 -38.91
CA SER H 359 10.27 -12.67 -37.68
C SER H 359 11.77 -12.66 -37.96
N ASN H 360 12.54 -12.52 -36.88
CA ASN H 360 14.01 -12.59 -36.86
C ASN H 360 14.63 -11.54 -37.79
N CYS H 361 14.14 -10.31 -37.67
CA CYS H 361 14.58 -9.20 -38.52
C CYS H 361 14.21 -7.90 -37.84
N VAL H 362 14.68 -6.80 -38.41
CA VAL H 362 14.38 -5.46 -37.93
C VAL H 362 13.56 -4.72 -38.98
N ALA H 363 12.51 -4.05 -38.53
CA ALA H 363 11.49 -3.51 -39.41
C ALA H 363 11.49 -1.98 -39.31
N ASP H 364 11.66 -1.33 -40.46
CA ASP H 364 11.53 0.12 -40.55
C ASP H 364 10.08 0.40 -40.90
N TYR H 365 9.28 0.70 -39.87
CA TYR H 365 7.86 0.97 -40.07
C TYR H 365 7.60 2.35 -40.67
N SER H 366 8.52 3.30 -40.51
CA SER H 366 8.32 4.65 -41.01
C SER H 366 8.73 4.83 -42.46
N VAL H 367 9.08 3.76 -43.18
CA VAL H 367 9.04 3.82 -44.64
C VAL H 367 7.67 3.44 -45.16
N LEU H 368 6.80 2.87 -44.32
CA LEU H 368 5.41 2.63 -44.66
C LEU H 368 4.51 3.80 -44.28
N TYR H 369 4.67 4.32 -43.07
CA TYR H 369 3.83 5.42 -42.60
C TYR H 369 4.12 6.73 -43.33
N ASN H 370 5.31 6.87 -43.90
CA ASN H 370 5.65 8.04 -44.70
C ASN H 370 5.53 7.77 -46.21
N SER H 371 4.94 6.64 -46.59
CA SER H 371 4.70 6.36 -48.00
C SER H 371 3.39 7.00 -48.45
N ALA H 372 3.44 7.71 -49.58
CA ALA H 372 2.28 8.43 -50.08
C ALA H 372 1.25 7.52 -50.74
N SER H 373 1.59 6.25 -50.99
CA SER H 373 0.74 5.40 -51.83
C SER H 373 -0.48 4.89 -51.09
N PHE H 374 -0.38 4.71 -49.77
CA PHE H 374 -1.39 3.99 -49.01
C PHE H 374 -2.59 4.89 -48.78
N SER H 375 -3.77 4.43 -49.18
CA SER H 375 -4.99 5.20 -48.97
C SER H 375 -5.47 5.11 -47.53
N THR H 376 -5.32 3.95 -46.91
CA THR H 376 -5.76 3.73 -45.53
C THR H 376 -4.59 3.20 -44.73
N PHE H 377 -4.32 3.82 -43.58
CA PHE H 377 -3.27 3.38 -42.67
C PHE H 377 -3.82 3.61 -41.26
N LYS H 378 -4.40 2.56 -40.68
CA LYS H 378 -5.09 2.67 -39.40
C LYS H 378 -4.46 1.72 -38.40
N CYS H 379 -3.72 2.26 -37.43
CA CYS H 379 -3.16 1.47 -36.35
C CYS H 379 -4.07 1.60 -35.14
N TYR H 380 -4.46 0.45 -34.58
CA TYR H 380 -5.52 0.42 -33.58
C TYR H 380 -4.98 0.30 -32.15
N GLY H 381 -4.23 -0.75 -31.86
CA GLY H 381 -3.71 -0.95 -30.53
C GLY H 381 -2.46 -0.15 -30.19
N VAL H 382 -1.84 0.46 -31.19
CA VAL H 382 -0.51 1.04 -31.06
C VAL H 382 -0.50 2.37 -31.80
N SER H 383 0.24 3.34 -31.25
CA SER H 383 0.46 4.59 -31.97
C SER H 383 1.32 4.33 -33.21
N PRO H 384 1.08 5.07 -34.30
CA PRO H 384 1.85 4.79 -35.54
C PRO H 384 3.32 5.15 -35.42
N THR H 385 3.65 6.31 -34.85
CA THR H 385 5.04 6.74 -34.78
C THR H 385 5.83 5.98 -33.74
N LYS H 386 5.17 5.29 -32.81
CA LYS H 386 5.84 4.53 -31.76
C LYS H 386 6.24 3.14 -32.21
N LEU H 387 6.03 2.79 -33.48
CA LEU H 387 6.35 1.44 -33.95
C LEU H 387 7.85 1.22 -34.07
N ASN H 388 8.61 2.28 -34.35
CA ASN H 388 10.06 2.16 -34.47
C ASN H 388 10.76 1.93 -33.15
N ASP H 389 10.07 2.11 -32.02
CA ASP H 389 10.65 1.94 -30.69
C ASP H 389 10.18 0.66 -29.99
N LEU H 390 8.92 0.29 -30.17
CA LEU H 390 8.41 -0.94 -29.56
C LEU H 390 8.97 -2.17 -30.27
N CYS H 391 9.29 -3.19 -29.46
CA CYS H 391 9.81 -4.46 -29.96
C CYS H 391 8.79 -5.55 -29.71
N PHE H 392 8.45 -6.29 -30.77
CA PHE H 392 7.43 -7.33 -30.72
C PHE H 392 8.07 -8.68 -30.99
N THR H 393 7.44 -9.74 -30.50
CA THR H 393 7.97 -11.10 -30.68
C THR H 393 7.93 -11.53 -32.14
N ASN H 394 6.79 -11.34 -32.80
CA ASN H 394 6.72 -11.52 -34.26
C ASN H 394 5.54 -10.74 -34.83
N VAL H 395 5.58 -10.55 -36.15
CA VAL H 395 4.55 -9.85 -36.88
C VAL H 395 3.92 -10.85 -37.86
N TYR H 396 2.61 -10.77 -38.04
CA TYR H 396 1.94 -11.50 -39.11
C TYR H 396 1.42 -10.51 -40.13
N ALA H 397 1.79 -10.71 -41.39
CA ALA H 397 1.32 -9.89 -42.50
C ALA H 397 0.29 -10.70 -43.27
N ASP H 398 -0.97 -10.28 -43.19
CA ASP H 398 -2.07 -10.96 -43.87
C ASP H 398 -2.47 -10.11 -45.07
N SER H 399 -2.27 -10.65 -46.25
CA SER H 399 -2.46 -9.90 -47.49
C SER H 399 -3.60 -10.51 -48.30
N PHE H 400 -4.44 -9.61 -48.83
CA PHE H 400 -5.56 -10.01 -49.68
C PHE H 400 -6.01 -8.81 -50.51
N VAL H 401 -7.02 -9.04 -51.35
CA VAL H 401 -7.61 -8.01 -52.21
C VAL H 401 -9.11 -8.00 -51.96
N ILE H 402 -9.67 -6.81 -51.69
CA ILE H 402 -11.11 -6.67 -51.52
C ILE H 402 -11.63 -5.54 -52.39
N ARG H 403 -12.91 -5.23 -52.24
CA ARG H 403 -13.49 -4.07 -52.90
C ARG H 403 -13.10 -2.78 -52.18
N GLY H 404 -13.40 -1.65 -52.82
CA GLY H 404 -13.15 -0.37 -52.18
C GLY H 404 -14.07 -0.11 -51.01
N ASP H 405 -15.32 -0.56 -51.10
CA ASP H 405 -16.30 -0.30 -50.07
C ASP H 405 -16.19 -1.27 -48.89
N GLU H 406 -15.39 -2.31 -49.00
CA GLU H 406 -15.21 -3.30 -47.94
C GLU H 406 -13.98 -3.05 -47.10
N VAL H 407 -13.28 -1.93 -47.33
CA VAL H 407 -12.06 -1.62 -46.57
C VAL H 407 -12.42 -1.28 -45.13
N ARG H 408 -13.59 -0.68 -44.90
CA ARG H 408 -14.01 -0.29 -43.56
C ARG H 408 -14.33 -1.51 -42.68
N GLN H 409 -14.56 -2.68 -43.26
CA GLN H 409 -14.81 -3.88 -42.48
C GLN H 409 -13.54 -4.51 -41.90
N ILE H 410 -12.37 -4.09 -42.36
CA ILE H 410 -11.10 -4.61 -41.79
C ILE H 410 -10.78 -3.69 -40.61
N ALA H 411 -11.41 -3.99 -39.48
CA ALA H 411 -11.33 -3.17 -38.28
C ALA H 411 -11.84 -4.00 -37.12
N PRO H 412 -11.40 -3.72 -35.88
CA PRO H 412 -11.93 -4.46 -34.72
C PRO H 412 -13.39 -4.13 -34.50
N GLY H 413 -14.20 -5.19 -34.36
CA GLY H 413 -15.61 -5.06 -34.06
C GLY H 413 -16.50 -4.76 -35.24
N GLN H 414 -15.94 -4.59 -36.44
CA GLN H 414 -16.77 -4.39 -37.63
C GLN H 414 -17.36 -5.71 -38.09
N THR H 415 -18.39 -5.61 -38.93
CA THR H 415 -19.16 -6.78 -39.33
C THR H 415 -19.57 -6.63 -40.78
N GLY H 416 -19.41 -7.70 -41.57
CA GLY H 416 -19.72 -7.64 -42.98
C GLY H 416 -19.61 -9.01 -43.61
N LYS H 417 -19.44 -9.03 -44.93
CA LYS H 417 -19.08 -10.26 -45.61
C LYS H 417 -17.66 -10.69 -45.24
N ILE H 418 -16.72 -9.74 -45.32
CA ILE H 418 -15.31 -10.05 -45.15
C ILE H 418 -15.01 -10.38 -43.69
N ALA H 419 -15.61 -9.65 -42.76
CA ALA H 419 -15.39 -9.89 -41.34
C ALA H 419 -15.99 -11.24 -40.91
N ASP H 420 -17.16 -11.60 -41.44
CA ASP H 420 -17.78 -12.83 -40.98
C ASP H 420 -17.18 -14.06 -41.65
N TYR H 421 -17.08 -14.06 -42.98
CA TYR H 421 -16.78 -15.30 -43.68
C TYR H 421 -15.41 -15.33 -44.34
N ASN H 422 -14.67 -14.23 -44.34
CA ASN H 422 -13.38 -14.21 -45.03
C ASN H 422 -12.21 -13.92 -44.10
N TYR H 423 -12.27 -12.81 -43.35
CA TYR H 423 -11.13 -12.38 -42.53
C TYR H 423 -11.67 -11.65 -41.31
N LYS H 424 -11.55 -12.25 -40.14
CA LYS H 424 -12.03 -11.67 -38.89
C LYS H 424 -10.87 -11.24 -38.02
N LEU H 425 -10.90 -9.98 -37.58
CA LEU H 425 -10.02 -9.37 -36.60
C LEU H 425 -10.63 -9.46 -35.21
N PRO H 426 -9.83 -9.69 -34.18
CA PRO H 426 -10.37 -9.76 -32.81
C PRO H 426 -10.74 -8.37 -32.31
N ASP H 427 -11.48 -8.35 -31.20
CA ASP H 427 -11.89 -7.07 -30.63
C ASP H 427 -10.74 -6.37 -29.94
N ASP H 428 -9.75 -7.12 -29.44
CA ASP H 428 -8.56 -6.59 -28.80
C ASP H 428 -7.38 -6.52 -29.76
N PHE H 429 -7.64 -6.21 -31.02
CA PHE H 429 -6.62 -6.29 -32.07
C PHE H 429 -5.62 -5.15 -31.93
N THR H 430 -4.34 -5.52 -31.75
CA THR H 430 -3.23 -4.60 -31.90
C THR H 430 -2.54 -4.86 -33.24
N GLY H 431 -2.23 -3.79 -33.94
CA GLY H 431 -1.71 -3.90 -35.29
C GLY H 431 -2.17 -2.73 -36.14
N CYS H 432 -1.80 -2.78 -37.41
CA CYS H 432 -2.11 -1.74 -38.37
C CYS H 432 -2.70 -2.35 -39.63
N VAL H 433 -3.82 -1.80 -40.06
CA VAL H 433 -4.44 -2.15 -41.33
C VAL H 433 -4.00 -1.14 -42.38
N ILE H 434 -3.37 -1.63 -43.45
CA ILE H 434 -2.89 -0.79 -44.53
C ILE H 434 -3.60 -1.23 -45.80
N ALA H 435 -4.19 -0.27 -46.52
CA ALA H 435 -4.89 -0.58 -47.75
C ALA H 435 -4.57 0.47 -48.80
N TRP H 436 -4.47 0.04 -50.04
CA TRP H 436 -4.26 0.99 -51.13
C TRP H 436 -4.97 0.51 -52.40
N ASN H 437 -5.33 1.47 -53.24
CA ASN H 437 -6.06 1.19 -54.47
C ASN H 437 -5.13 0.51 -55.46
N SER H 438 -5.54 -0.66 -55.96
CA SER H 438 -4.78 -1.37 -56.97
C SER H 438 -5.61 -1.58 -58.22
N ASN H 439 -6.29 -0.54 -58.68
CA ASN H 439 -7.11 -0.63 -59.89
C ASN H 439 -6.25 -0.79 -61.15
N ASN H 440 -4.98 -0.41 -61.10
CA ASN H 440 -4.14 -0.45 -62.29
C ASN H 440 -3.46 -1.81 -62.40
N LEU H 441 -3.56 -2.64 -61.37
CA LEU H 441 -2.96 -3.97 -61.37
C LEU H 441 -3.98 -5.11 -61.42
N ASP H 442 -4.96 -5.11 -60.52
CA ASP H 442 -5.88 -6.22 -60.37
C ASP H 442 -7.13 -6.11 -61.23
N SER H 443 -7.22 -5.12 -62.10
CA SER H 443 -8.40 -4.95 -62.95
C SER H 443 -8.03 -5.27 -64.40
N LYS H 444 -9.00 -5.83 -65.13
CA LYS H 444 -8.78 -6.27 -66.49
C LYS H 444 -9.97 -5.82 -67.35
N VAL H 445 -9.70 -5.53 -68.61
CA VAL H 445 -10.75 -5.08 -69.52
C VAL H 445 -11.74 -6.22 -69.80
N GLY H 446 -11.26 -7.46 -69.89
CA GLY H 446 -12.12 -8.59 -70.15
C GLY H 446 -12.60 -9.27 -68.87
N GLY H 447 -12.44 -8.58 -67.74
CA GLY H 447 -12.79 -9.14 -66.45
C GLY H 447 -11.64 -9.85 -65.78
N ASN H 448 -11.43 -9.57 -64.49
CA ASN H 448 -10.43 -10.26 -63.68
C ASN H 448 -11.18 -11.08 -62.64
N TYR H 449 -11.53 -12.32 -63.00
CA TYR H 449 -12.25 -13.22 -62.10
C TYR H 449 -11.32 -14.10 -61.28
N ASN H 450 -10.08 -13.66 -61.06
CA ASN H 450 -9.14 -14.42 -60.25
C ASN H 450 -9.29 -14.15 -58.76
N TYR H 451 -10.10 -13.17 -58.37
CA TYR H 451 -10.26 -12.78 -56.97
C TYR H 451 -11.66 -13.15 -56.52
N LEU H 452 -11.74 -13.96 -55.46
CA LEU H 452 -12.98 -14.53 -54.97
C LEU H 452 -13.20 -14.12 -53.51
N TYR H 453 -14.42 -14.33 -53.05
CA TYR H 453 -14.76 -14.08 -51.65
C TYR H 453 -15.87 -15.04 -51.25
N ARG H 454 -15.83 -15.47 -50.00
CA ARG H 454 -16.83 -16.40 -49.51
C ARG H 454 -18.13 -15.66 -49.25
N LEU H 455 -19.20 -16.14 -49.86
CA LEU H 455 -20.53 -15.55 -49.69
C LEU H 455 -21.37 -16.31 -48.68
N PHE H 456 -21.25 -17.64 -48.67
CA PHE H 456 -22.07 -18.51 -47.85
C PHE H 456 -21.20 -19.26 -46.84
N ARG H 457 -21.61 -19.23 -45.59
CA ARG H 457 -21.02 -20.06 -44.55
C ARG H 457 -22.04 -20.28 -43.45
N LYS H 458 -21.97 -21.44 -42.80
CA LYS H 458 -22.94 -21.80 -41.78
C LYS H 458 -22.77 -20.97 -40.51
N SER H 459 -21.58 -20.43 -40.26
CA SER H 459 -21.33 -19.66 -39.05
C SER H 459 -20.20 -18.67 -39.34
N ASN H 460 -20.11 -17.65 -38.50
CA ASN H 460 -19.07 -16.66 -38.64
C ASN H 460 -17.70 -17.24 -38.28
N LEU H 461 -16.66 -16.71 -38.90
CA LEU H 461 -15.30 -17.12 -38.58
C LEU H 461 -14.87 -16.62 -37.21
N LYS H 462 -14.07 -17.43 -36.54
CA LYS H 462 -13.35 -16.97 -35.37
C LYS H 462 -12.21 -16.05 -35.81
N PRO H 463 -11.72 -15.18 -34.92
CA PRO H 463 -10.66 -14.24 -35.33
C PRO H 463 -9.38 -14.97 -35.72
N PHE H 464 -8.79 -14.50 -36.84
CA PHE H 464 -7.65 -15.13 -37.52
C PHE H 464 -7.89 -16.62 -37.80
N GLU H 465 -9.02 -16.91 -38.44
CA GLU H 465 -9.30 -18.25 -38.93
C GLU H 465 -9.39 -18.20 -40.45
N ARG H 466 -8.80 -19.20 -41.11
CA ARG H 466 -8.79 -19.31 -42.56
C ARG H 466 -9.62 -20.51 -42.99
N ASP H 467 -10.50 -20.31 -43.98
CA ASP H 467 -11.39 -21.35 -44.46
C ASP H 467 -11.28 -21.36 -45.98
N ILE H 468 -10.53 -22.33 -46.52
CA ILE H 468 -10.31 -22.46 -47.95
C ILE H 468 -11.11 -23.61 -48.55
N SER H 469 -12.07 -24.17 -47.81
CA SER H 469 -12.85 -25.28 -48.33
C SER H 469 -13.84 -24.81 -49.39
N THR H 470 -13.86 -25.50 -50.53
CA THR H 470 -14.69 -25.15 -51.67
C THR H 470 -15.85 -26.14 -51.85
N GLU H 471 -16.22 -26.84 -50.78
CA GLU H 471 -17.25 -27.86 -50.84
C GLU H 471 -18.63 -27.22 -51.02
N ILE H 472 -19.54 -27.97 -51.62
CA ILE H 472 -20.82 -27.41 -52.06
C ILE H 472 -21.67 -27.10 -50.84
N TYR H 473 -22.19 -25.87 -50.79
CA TYR H 473 -22.90 -25.36 -49.63
C TYR H 473 -24.31 -25.92 -49.59
N GLN H 474 -24.65 -26.62 -48.51
CA GLN H 474 -26.00 -27.16 -48.37
C GLN H 474 -26.87 -26.05 -47.82
N ALA H 475 -27.61 -25.39 -48.71
CA ALA H 475 -28.42 -24.24 -48.36
C ALA H 475 -29.88 -24.57 -48.08
N GLY H 476 -30.31 -25.80 -48.34
CA GLY H 476 -31.71 -26.16 -48.18
C GLY H 476 -31.94 -27.36 -47.28
N SER H 477 -30.84 -28.04 -46.95
CA SER H 477 -30.81 -29.25 -46.12
C SER H 477 -31.67 -30.37 -46.72
N THR H 478 -31.75 -30.39 -48.05
CA THR H 478 -32.21 -31.54 -48.80
C THR H 478 -31.06 -32.54 -48.88
N PRO H 479 -31.28 -33.78 -49.39
CA PRO H 479 -30.14 -34.66 -49.62
C PRO H 479 -29.24 -34.19 -50.76
N CYS H 480 -28.54 -33.08 -50.56
CA CYS H 480 -27.68 -32.48 -51.58
C CYS H 480 -26.35 -33.22 -51.58
N ASN H 481 -26.32 -34.34 -52.32
CA ASN H 481 -25.22 -35.29 -52.23
C ASN H 481 -24.01 -34.87 -53.07
N GLY H 482 -23.55 -33.63 -52.92
CA GLY H 482 -22.39 -33.12 -53.61
C GLY H 482 -22.67 -32.38 -54.91
N VAL H 483 -23.71 -32.79 -55.65
CA VAL H 483 -23.98 -32.19 -56.95
C VAL H 483 -24.54 -30.78 -56.76
N GLU H 484 -24.05 -29.83 -57.56
CA GLU H 484 -24.53 -28.47 -57.52
C GLU H 484 -25.87 -28.37 -58.25
N GLY H 485 -26.65 -27.35 -57.90
CA GLY H 485 -27.94 -27.15 -58.54
C GLY H 485 -28.86 -26.18 -57.83
N PHE H 486 -30.10 -26.59 -57.62
CA PHE H 486 -31.07 -25.82 -56.86
C PHE H 486 -30.91 -26.12 -55.38
N ASN H 487 -30.90 -25.05 -54.56
CA ASN H 487 -30.63 -25.09 -53.12
C ASN H 487 -29.27 -25.69 -52.78
N CYS H 488 -28.32 -25.64 -53.71
CA CYS H 488 -26.97 -26.18 -53.51
C CYS H 488 -26.05 -25.17 -54.20
N TYR H 489 -25.49 -24.24 -53.44
CA TYR H 489 -24.81 -23.10 -54.03
C TYR H 489 -23.30 -23.25 -53.93
N PHE H 490 -22.60 -22.70 -54.91
CA PHE H 490 -21.15 -22.57 -54.78
C PHE H 490 -20.84 -21.44 -53.79
N PRO H 491 -20.00 -21.69 -52.78
CA PRO H 491 -19.89 -20.71 -51.68
C PRO H 491 -19.09 -19.46 -52.05
N LEU H 492 -18.32 -19.48 -53.13
CA LEU H 492 -17.40 -18.41 -53.47
C LEU H 492 -17.94 -17.62 -54.66
N GLN H 493 -18.04 -16.30 -54.49
CA GLN H 493 -18.39 -15.40 -55.58
C GLN H 493 -17.15 -14.66 -56.06
N SER H 494 -17.11 -14.36 -57.35
CA SER H 494 -15.97 -13.68 -57.96
C SER H 494 -16.23 -12.19 -58.04
N TYR H 495 -15.26 -11.40 -57.57
CA TYR H 495 -15.21 -9.98 -57.88
C TYR H 495 -14.85 -9.79 -59.35
N GLY H 496 -15.83 -9.39 -60.18
CA GLY H 496 -15.50 -8.87 -61.49
C GLY H 496 -14.83 -7.53 -61.33
N PHE H 497 -13.71 -7.33 -62.03
CA PHE H 497 -12.95 -6.08 -61.97
C PHE H 497 -12.70 -5.53 -63.36
N GLN H 498 -13.21 -4.32 -63.62
CA GLN H 498 -12.83 -3.58 -64.81
C GLN H 498 -12.13 -2.29 -64.39
N PRO H 499 -11.21 -1.77 -65.20
CA PRO H 499 -10.56 -0.48 -64.87
C PRO H 499 -11.46 0.74 -64.97
N THR H 500 -12.62 0.62 -65.59
CA THR H 500 -13.56 1.72 -65.80
C THR H 500 -14.46 1.90 -64.58
N TYR H 501 -14.29 1.07 -63.56
CA TYR H 501 -15.09 1.09 -62.35
C TYR H 501 -14.93 2.39 -61.56
N GLY H 502 -15.96 2.72 -60.79
CA GLY H 502 -15.89 3.81 -59.84
C GLY H 502 -15.20 3.40 -58.55
N VAL H 503 -14.93 4.41 -57.72
CA VAL H 503 -14.33 4.15 -56.41
C VAL H 503 -15.35 3.47 -55.50
N GLY H 504 -14.90 2.42 -54.81
CA GLY H 504 -15.78 1.56 -54.04
C GLY H 504 -16.10 0.24 -54.72
N TYR H 505 -15.89 0.16 -56.04
CA TYR H 505 -15.90 -1.11 -56.76
C TYR H 505 -14.53 -1.48 -57.29
N GLN H 506 -13.56 -0.57 -57.20
CA GLN H 506 -12.21 -0.87 -57.65
C GLN H 506 -11.51 -1.80 -56.66
N PRO H 507 -10.53 -2.60 -57.12
CA PRO H 507 -9.82 -3.48 -56.20
C PRO H 507 -8.91 -2.69 -55.25
N TYR H 508 -8.81 -3.18 -54.03
CA TYR H 508 -7.97 -2.58 -53.00
C TYR H 508 -7.12 -3.68 -52.38
N ARG H 509 -5.81 -3.52 -52.43
CA ARG H 509 -4.90 -4.45 -51.78
C ARG H 509 -4.75 -4.07 -50.31
N VAL H 510 -4.97 -5.04 -49.42
CA VAL H 510 -4.94 -4.83 -47.99
C VAL H 510 -3.89 -5.75 -47.38
N VAL H 511 -3.00 -5.16 -46.58
CA VAL H 511 -2.05 -5.88 -45.74
C VAL H 511 -2.35 -5.51 -44.30
N VAL H 512 -2.61 -6.53 -43.48
CA VAL H 512 -2.92 -6.37 -42.07
C VAL H 512 -1.70 -6.85 -41.29
N LEU H 513 -1.03 -5.94 -40.61
CA LEU H 513 0.12 -6.27 -39.78
C LEU H 513 -0.37 -6.45 -38.34
N SER H 514 -0.23 -7.66 -37.82
CA SER H 514 -0.62 -7.99 -36.45
C SER H 514 0.67 -8.25 -35.68
N PHE H 515 1.04 -7.32 -34.80
CA PHE H 515 2.23 -7.46 -33.98
C PHE H 515 1.83 -8.24 -32.73
N GLU H 516 2.24 -9.51 -32.64
CA GLU H 516 1.88 -10.29 -31.47
C GLU H 516 3.15 -10.62 -30.67
N LEU H 517 2.99 -10.58 -29.34
CA LEU H 517 4.09 -10.58 -28.39
C LEU H 517 3.85 -11.71 -27.39
N LEU H 518 4.34 -12.91 -27.73
CA LEU H 518 4.41 -14.02 -26.80
C LEU H 518 5.69 -13.90 -25.97
N HIS H 519 5.72 -14.60 -24.83
CA HIS H 519 6.84 -14.45 -23.91
C HIS H 519 8.08 -15.25 -24.33
N ALA H 520 8.14 -15.69 -25.58
CA ALA H 520 9.39 -15.99 -26.23
C ALA H 520 10.18 -14.69 -26.44
N PRO H 521 11.50 -14.76 -26.56
CA PRO H 521 12.30 -13.55 -26.80
C PRO H 521 11.91 -12.80 -28.07
N ALA H 522 11.78 -11.48 -27.94
CA ALA H 522 11.33 -10.64 -29.04
C ALA H 522 12.47 -10.44 -30.04
N THR H 523 12.16 -10.61 -31.32
CA THR H 523 13.16 -10.47 -32.37
C THR H 523 12.79 -9.47 -33.46
N VAL H 524 11.65 -8.80 -33.36
CA VAL H 524 11.26 -7.76 -34.32
C VAL H 524 11.32 -6.42 -33.61
N CYS H 525 12.24 -5.57 -34.03
CA CYS H 525 12.43 -4.25 -33.46
C CYS H 525 12.53 -3.24 -34.59
N GLY H 526 12.59 -1.96 -34.23
CA GLY H 526 12.81 -0.92 -35.21
C GLY H 526 14.27 -0.69 -35.51
N PRO H 527 14.58 0.30 -36.34
CA PRO H 527 15.98 0.69 -36.58
C PRO H 527 16.54 1.40 -35.36
N LYS H 528 17.65 0.87 -34.84
CA LYS H 528 18.38 1.52 -33.76
C LYS H 528 19.18 2.69 -34.31
N LYS H 529 18.71 3.91 -34.04
CA LYS H 529 19.33 5.13 -34.57
C LYS H 529 20.76 5.28 -34.06
N SER H 530 21.64 5.76 -34.93
CA SER H 530 23.03 6.01 -34.55
C SER H 530 23.46 7.41 -35.00
N THR H 531 24.40 7.97 -34.25
CA THR H 531 24.93 9.30 -34.50
C THR H 531 26.46 9.22 -34.56
N ASN H 532 27.06 10.23 -35.17
CA ASN H 532 28.50 10.26 -35.41
C ASN H 532 29.29 10.22 -34.11
N LEU H 533 30.36 9.43 -34.09
CA LEU H 533 31.18 9.24 -32.90
C LEU H 533 32.06 10.46 -32.67
N VAL H 534 32.00 11.00 -31.45
CA VAL H 534 32.83 12.14 -31.05
C VAL H 534 33.81 11.67 -29.99
N LYS H 535 35.09 11.89 -30.23
CA LYS H 535 36.14 11.47 -29.32
C LYS H 535 36.74 12.66 -28.59
N ASN H 536 37.51 12.34 -27.54
CA ASN H 536 38.28 13.29 -26.73
C ASN H 536 37.42 14.36 -26.07
N LYS H 537 36.14 14.06 -25.81
CA LYS H 537 35.26 15.00 -25.14
C LYS H 537 34.41 14.25 -24.12
N CYS H 538 34.06 14.96 -23.05
CA CYS H 538 33.22 14.40 -21.98
C CYS H 538 31.78 14.34 -22.50
N VAL H 539 31.37 13.16 -22.97
CA VAL H 539 30.06 12.97 -23.56
C VAL H 539 29.33 11.85 -22.82
N ASN H 540 28.00 11.82 -23.01
CA ASN H 540 27.18 10.73 -22.49
C ASN H 540 27.09 9.65 -23.55
N PHE H 541 27.72 8.52 -23.30
CA PHE H 541 27.78 7.44 -24.27
C PHE H 541 26.71 6.41 -23.97
N ASN H 542 26.12 5.86 -25.03
CA ASN H 542 25.17 4.76 -24.93
C ASN H 542 25.56 3.76 -26.00
N PHE H 543 26.27 2.72 -25.60
CA PHE H 543 26.81 1.70 -26.50
C PHE H 543 26.11 0.39 -26.17
N ASN H 544 25.17 0.00 -27.04
CA ASN H 544 24.45 -1.28 -27.00
C ASN H 544 23.72 -1.50 -25.68
N GLY H 545 23.14 -0.45 -25.14
CA GLY H 545 22.45 -0.52 -23.87
C GLY H 545 23.31 -0.22 -22.67
N LEU H 546 24.63 -0.10 -22.84
CA LEU H 546 25.51 0.28 -21.75
C LEU H 546 25.69 1.79 -21.81
N THR H 547 25.19 2.49 -20.79
CA THR H 547 25.21 3.95 -20.78
C THR H 547 26.18 4.46 -19.72
N GLY H 548 26.59 5.70 -19.90
CA GLY H 548 27.46 6.34 -18.94
C GLY H 548 27.91 7.69 -19.44
N THR H 549 28.84 8.28 -18.68
CA THR H 549 29.44 9.57 -19.02
C THR H 549 30.95 9.43 -18.98
N GLY H 550 31.64 9.91 -20.01
CA GLY H 550 33.08 9.77 -20.03
C GLY H 550 33.70 10.42 -21.25
N VAL H 551 35.03 10.43 -21.26
CA VAL H 551 35.83 10.84 -22.40
C VAL H 551 36.26 9.58 -23.14
N LEU H 552 35.92 9.50 -24.43
CA LEU H 552 36.17 8.32 -25.25
C LEU H 552 37.41 8.58 -26.09
N THR H 553 38.50 7.93 -25.75
CA THR H 553 39.76 8.08 -26.47
C THR H 553 40.13 6.76 -27.14
N GLU H 554 41.14 6.82 -28.02
CA GLU H 554 41.62 5.61 -28.67
C GLU H 554 42.32 4.70 -27.67
N SER H 555 42.18 3.39 -27.88
CA SER H 555 42.67 2.39 -26.95
C SER H 555 43.66 1.46 -27.64
N ASN H 556 44.68 1.06 -26.90
CA ASN H 556 45.66 0.07 -27.34
C ASN H 556 45.32 -1.35 -26.92
N LYS H 557 44.22 -1.55 -26.21
CA LYS H 557 43.78 -2.88 -25.81
C LYS H 557 43.17 -3.61 -27.01
N LYS H 558 43.75 -4.75 -27.35
CA LYS H 558 43.28 -5.56 -28.47
C LYS H 558 42.27 -6.59 -27.96
N PHE H 559 40.99 -6.33 -28.23
CA PHE H 559 39.93 -7.23 -27.80
C PHE H 559 39.94 -8.51 -28.64
N LEU H 560 39.44 -9.58 -28.04
CA LEU H 560 39.06 -10.72 -28.86
C LEU H 560 37.73 -10.40 -29.55
N PRO H 561 37.48 -10.98 -30.75
CA PRO H 561 36.33 -10.52 -31.56
C PRO H 561 34.95 -10.75 -30.96
N PHE H 562 34.81 -11.65 -29.98
CA PHE H 562 33.52 -11.85 -29.34
C PHE H 562 33.27 -10.89 -28.18
N GLN H 563 34.29 -10.17 -27.73
CA GLN H 563 34.19 -9.32 -26.56
C GLN H 563 33.85 -7.89 -26.98
N GLN H 564 33.03 -7.23 -26.18
CA GLN H 564 32.50 -5.92 -26.51
C GLN H 564 32.90 -4.84 -25.52
N PHE H 565 32.80 -5.11 -24.22
CA PHE H 565 33.12 -4.12 -23.21
C PHE H 565 34.34 -4.58 -22.42
N GLY H 566 34.89 -3.66 -21.64
CA GLY H 566 36.04 -3.96 -20.81
C GLY H 566 35.89 -3.44 -19.40
N ARG H 567 36.32 -4.25 -18.45
CA ARG H 567 36.22 -3.94 -17.03
C ARG H 567 37.60 -4.08 -16.39
N ASP H 568 37.83 -3.26 -15.37
CA ASP H 568 39.03 -3.33 -14.56
C ASP H 568 38.79 -4.27 -13.37
N ILE H 569 39.67 -4.21 -12.37
CA ILE H 569 39.52 -5.00 -11.15
C ILE H 569 38.26 -4.59 -10.41
N ALA H 570 37.97 -3.29 -10.35
CA ALA H 570 36.86 -2.77 -9.58
C ALA H 570 35.53 -2.78 -10.34
N ASP H 571 35.44 -3.59 -11.41
CA ASP H 571 34.22 -3.84 -12.18
C ASP H 571 33.60 -2.57 -12.77
N THR H 572 34.46 -1.65 -13.21
CA THR H 572 34.00 -0.44 -13.89
C THR H 572 34.37 -0.51 -15.36
N THR H 573 33.45 -0.09 -16.23
CA THR H 573 33.67 -0.19 -17.67
C THR H 573 34.67 0.87 -18.09
N ASP H 574 35.89 0.44 -18.40
CA ASP H 574 36.93 1.35 -18.86
C ASP H 574 37.33 1.16 -20.32
N ALA H 575 36.86 0.11 -20.97
CA ALA H 575 37.13 -0.12 -22.39
C ALA H 575 35.86 -0.62 -23.06
N VAL H 576 35.70 -0.28 -24.33
CA VAL H 576 34.47 -0.62 -25.05
C VAL H 576 34.83 -0.74 -26.53
N ARG H 577 34.01 -1.46 -27.28
CA ARG H 577 34.14 -1.58 -28.73
C ARG H 577 32.99 -0.84 -29.39
N ASP H 578 33.31 0.02 -30.35
CA ASP H 578 32.28 0.68 -31.14
C ASP H 578 31.62 -0.33 -32.07
N PRO H 579 30.29 -0.36 -32.12
CA PRO H 579 29.62 -1.38 -32.94
C PRO H 579 29.65 -1.07 -34.42
N GLN H 580 29.69 0.21 -34.78
CA GLN H 580 29.73 0.59 -36.19
C GLN H 580 31.07 0.21 -36.81
N THR H 581 32.15 0.77 -36.31
CA THR H 581 33.50 0.41 -36.73
C THR H 581 34.18 -0.31 -35.58
N LEU H 582 34.69 -1.51 -35.84
CA LEU H 582 35.23 -2.37 -34.79
C LEU H 582 36.58 -1.82 -34.33
N GLU H 583 36.50 -0.82 -33.47
CA GLU H 583 37.66 -0.20 -32.85
C GLU H 583 37.42 -0.11 -31.35
N ILE H 584 38.53 -0.07 -30.60
CA ILE H 584 38.49 -0.12 -29.15
C ILE H 584 38.72 1.27 -28.60
N LEU H 585 37.86 1.69 -27.68
CA LEU H 585 37.91 3.02 -27.09
C LEU H 585 38.04 2.89 -25.57
N ASP H 586 38.98 3.64 -25.00
CA ASP H 586 39.09 3.80 -23.57
C ASP H 586 38.13 4.87 -23.07
N ILE H 587 37.47 4.59 -21.96
CA ILE H 587 36.51 5.51 -21.37
C ILE H 587 37.08 6.13 -20.10
N THR H 588 37.85 7.20 -20.24
CA THR H 588 38.35 7.90 -19.08
C THR H 588 37.19 8.61 -18.39
N PRO H 589 37.12 8.60 -17.05
CA PRO H 589 36.07 9.36 -16.37
C PRO H 589 36.27 10.86 -16.58
N CYS H 590 35.15 11.59 -16.67
CA CYS H 590 35.24 13.04 -16.81
C CYS H 590 35.89 13.63 -15.57
N SER H 591 36.73 14.65 -15.77
CA SER H 591 37.53 15.19 -14.68
C SER H 591 36.70 15.79 -13.55
N PHE H 592 37.06 15.43 -12.32
CA PHE H 592 36.46 15.95 -11.11
C PHE H 592 37.59 16.23 -10.14
N GLY H 593 37.35 17.11 -9.18
CA GLY H 593 38.43 17.48 -8.29
C GLY H 593 37.99 18.49 -7.25
N GLY H 594 38.73 18.51 -6.15
CA GLY H 594 38.46 19.47 -5.11
C GLY H 594 38.94 20.86 -5.50
N VAL H 595 38.19 21.86 -5.08
CA VAL H 595 38.55 23.26 -5.29
C VAL H 595 38.96 23.79 -3.93
N SER H 596 40.24 24.11 -3.79
CA SER H 596 40.83 24.62 -2.57
C SER H 596 41.25 26.06 -2.76
N VAL H 597 41.09 26.87 -1.72
CA VAL H 597 41.41 28.29 -1.77
C VAL H 597 42.62 28.52 -0.87
N ILE H 598 43.68 29.06 -1.45
CA ILE H 598 44.92 29.37 -0.73
C ILE H 598 44.94 30.87 -0.49
N THR H 599 44.97 31.26 0.77
CA THR H 599 44.92 32.67 1.10
C THR H 599 45.83 32.95 2.29
N PRO H 600 46.35 34.16 2.40
CA PRO H 600 46.84 34.63 3.69
C PRO H 600 45.69 35.10 4.57
N GLY H 601 46.00 35.69 5.71
CA GLY H 601 44.96 36.24 6.56
C GLY H 601 44.26 37.42 5.90
N THR H 602 42.97 37.55 6.20
CA THR H 602 42.20 38.69 5.70
C THR H 602 42.63 39.99 6.36
N ASN H 603 43.28 39.91 7.54
CA ASN H 603 43.97 41.07 8.08
C ASN H 603 45.14 41.49 7.19
N THR H 604 45.76 40.54 6.51
CA THR H 604 46.90 40.85 5.64
C THR H 604 46.45 41.28 4.24
N SER H 605 45.71 40.42 3.54
CA SER H 605 45.31 40.72 2.17
C SER H 605 44.08 39.91 1.80
N ASN H 606 43.41 40.35 0.75
CA ASN H 606 42.24 39.66 0.21
C ASN H 606 42.56 38.85 -1.04
N GLN H 607 43.83 38.78 -1.43
CA GLN H 607 44.22 38.01 -2.61
C GLN H 607 44.18 36.52 -2.31
N VAL H 608 43.62 35.75 -3.25
CA VAL H 608 43.50 34.31 -3.10
C VAL H 608 44.06 33.64 -4.35
N ALA H 609 44.36 32.34 -4.20
CA ALA H 609 44.70 31.47 -5.31
C ALA H 609 43.81 30.24 -5.24
N VAL H 610 43.54 29.64 -6.39
CA VAL H 610 42.63 28.50 -6.48
C VAL H 610 43.40 27.28 -6.96
N LEU H 611 43.31 26.20 -6.22
CA LEU H 611 43.89 24.92 -6.60
C LEU H 611 42.77 23.96 -6.99
N TYR H 612 42.82 23.49 -8.24
CA TYR H 612 41.93 22.45 -8.72
C TYR H 612 42.71 21.14 -8.66
N GLN H 613 42.33 20.27 -7.72
CA GLN H 613 43.11 19.09 -7.42
C GLN H 613 42.89 18.02 -8.49
N ASP H 614 44.00 17.43 -8.96
CA ASP H 614 44.02 16.38 -9.99
C ASP H 614 43.32 16.80 -11.28
N VAL H 615 43.41 18.08 -11.62
CA VAL H 615 42.78 18.64 -12.80
C VAL H 615 43.86 19.30 -13.64
N ASN H 616 43.94 18.91 -14.91
CA ASN H 616 44.90 19.53 -15.82
C ASN H 616 44.48 20.97 -16.11
N CYS H 617 45.48 21.81 -16.39
CA CYS H 617 45.25 23.25 -16.52
C CYS H 617 44.52 23.62 -17.80
N THR H 618 44.44 22.72 -18.77
CA THR H 618 43.70 22.95 -20.00
C THR H 618 42.23 22.58 -19.91
N GLU H 619 41.77 22.08 -18.76
CA GLU H 619 40.40 21.64 -18.60
C GLU H 619 39.64 22.46 -17.56
N VAL H 620 40.07 23.69 -17.31
CA VAL H 620 39.39 24.55 -16.34
C VAL H 620 38.82 25.77 -17.05
N ASN H 641 48.72 33.75 -14.74
CA ASN H 641 49.16 33.13 -13.50
C ASN H 641 48.55 31.74 -13.35
N VAL H 642 48.82 30.88 -14.31
CA VAL H 642 48.33 29.50 -14.32
C VAL H 642 49.55 28.59 -14.28
N PHE H 643 49.60 27.71 -13.29
CA PHE H 643 50.75 26.84 -13.09
C PHE H 643 50.27 25.42 -12.87
N GLN H 644 50.98 24.46 -13.46
CA GLN H 644 50.63 23.05 -13.34
C GLN H 644 51.52 22.40 -12.29
N THR H 645 50.91 21.86 -11.25
CA THR H 645 51.59 21.11 -10.20
C THR H 645 51.15 19.66 -10.25
N ARG H 646 51.86 18.82 -9.49
CA ARG H 646 51.42 17.44 -9.32
C ARG H 646 50.19 17.34 -8.45
N ALA H 647 49.96 18.33 -7.57
CA ALA H 647 48.72 18.35 -6.80
C ALA H 647 47.53 18.76 -7.66
N GLY H 648 47.76 19.57 -8.69
CA GLY H 648 46.68 20.02 -9.55
C GLY H 648 47.06 21.32 -10.22
N CYS H 649 46.05 22.01 -10.75
CA CYS H 649 46.27 23.29 -11.41
C CYS H 649 46.08 24.43 -10.42
N LEU H 650 47.06 25.31 -10.35
CA LEU H 650 47.04 26.44 -9.41
C LEU H 650 46.92 27.73 -10.23
N ILE H 651 45.82 28.46 -10.00
CA ILE H 651 45.52 29.69 -10.71
C ILE H 651 45.56 30.84 -9.72
N GLY H 652 46.31 31.89 -10.06
CA GLY H 652 46.42 33.05 -9.21
C GLY H 652 47.70 33.16 -8.41
N ALA H 653 48.64 32.24 -8.60
CA ALA H 653 49.91 32.26 -7.90
C ALA H 653 51.04 32.29 -8.92
N GLU H 654 52.01 33.18 -8.71
CA GLU H 654 53.14 33.31 -9.61
C GLU H 654 54.23 32.33 -9.20
N HIS H 655 54.55 31.39 -10.08
CA HIS H 655 55.57 30.40 -9.79
C HIS H 655 56.96 31.03 -9.90
N VAL H 656 57.80 30.80 -8.90
CA VAL H 656 59.14 31.36 -8.87
C VAL H 656 60.14 30.23 -8.79
N ASN H 657 61.36 30.52 -9.23
CA ASN H 657 62.44 29.53 -9.22
C ASN H 657 63.20 29.49 -7.91
N ASN H 658 62.96 30.43 -7.00
CA ASN H 658 63.63 30.44 -5.72
C ASN H 658 62.95 29.48 -4.75
N SER H 659 63.74 29.02 -3.77
CA SER H 659 63.25 28.11 -2.75
C SER H 659 63.25 28.80 -1.39
N TYR H 660 62.11 28.76 -0.71
CA TYR H 660 61.94 29.33 0.62
C TYR H 660 61.41 28.25 1.55
N GLU H 661 61.20 28.64 2.81
CA GLU H 661 60.52 27.75 3.75
C GLU H 661 59.04 27.68 3.43
N CYS H 662 58.41 26.58 3.82
CA CYS H 662 57.00 26.36 3.50
C CYS H 662 56.13 27.21 4.42
N ASP H 663 55.30 28.06 3.82
CA ASP H 663 54.35 28.88 4.56
C ASP H 663 52.95 28.28 4.52
N ILE H 664 52.40 28.10 3.33
CA ILE H 664 51.13 27.44 3.12
C ILE H 664 51.39 26.18 2.29
N PRO H 665 51.14 24.99 2.81
CA PRO H 665 51.45 23.78 2.05
C PRO H 665 50.45 23.55 0.91
N ILE H 666 50.98 23.33 -0.29
CA ILE H 666 50.18 22.91 -1.43
C ILE H 666 50.25 21.41 -1.64
N GLY H 667 51.46 20.86 -1.59
CA GLY H 667 51.64 19.43 -1.76
C GLY H 667 52.63 19.13 -2.85
N ALA H 668 53.16 17.90 -2.82
CA ALA H 668 54.18 17.40 -3.77
C ALA H 668 55.40 18.32 -3.83
N GLY H 669 55.79 18.84 -2.66
CA GLY H 669 56.91 19.75 -2.58
C GLY H 669 56.60 21.18 -2.92
N ILE H 670 55.37 21.50 -3.28
CA ILE H 670 54.96 22.85 -3.62
C ILE H 670 54.38 23.51 -2.37
N CYS H 671 54.78 24.76 -2.12
CA CYS H 671 54.24 25.57 -1.05
C CYS H 671 53.95 26.97 -1.58
N ALA H 672 53.04 27.66 -0.90
CA ALA H 672 52.65 29.01 -1.29
C ALA H 672 52.96 29.98 -0.16
N SER H 673 53.23 31.23 -0.53
CA SER H 673 53.52 32.27 0.44
C SER H 673 53.09 33.61 -0.13
N TYR H 674 53.00 34.59 0.76
CA TYR H 674 52.60 35.95 0.40
C TYR H 674 53.79 36.89 0.57
N GLN H 675 54.09 37.64 -0.47
CA GLN H 675 55.21 38.57 -0.44
C GLN H 675 54.97 39.75 -1.39
N SER H 691 51.96 39.93 -3.48
CA SER H 691 51.27 38.92 -4.26
C SER H 691 51.53 37.52 -3.70
N ILE H 692 50.79 36.54 -4.22
CA ILE H 692 50.91 35.15 -3.78
C ILE H 692 51.84 34.43 -4.73
N ILE H 693 52.90 33.84 -4.19
CA ILE H 693 53.87 33.09 -4.97
C ILE H 693 53.80 31.62 -4.57
N ALA H 694 54.16 30.76 -5.51
CA ALA H 694 54.21 29.32 -5.32
C ALA H 694 55.60 28.85 -5.71
N TYR H 695 56.14 27.90 -4.96
CA TYR H 695 57.53 27.52 -5.14
C TYR H 695 57.74 26.10 -4.65
N THR H 696 58.86 25.52 -5.09
CA THR H 696 59.34 24.30 -4.49
C THR H 696 60.04 24.68 -3.19
N MET H 697 59.67 24.00 -2.11
CA MET H 697 60.13 24.45 -0.81
C MET H 697 61.55 23.96 -0.53
N SER H 698 62.12 24.50 0.53
CA SER H 698 63.49 24.19 0.94
C SER H 698 63.42 23.63 2.35
N LEU H 699 64.10 22.51 2.56
CA LEU H 699 64.08 21.85 3.86
C LEU H 699 64.81 22.68 4.90
N GLY H 700 65.97 23.21 4.56
CA GLY H 700 66.76 23.98 5.50
C GLY H 700 67.95 24.59 4.80
N ALA H 701 68.68 25.41 5.55
CA ALA H 701 69.96 25.92 5.07
C ALA H 701 70.98 24.80 5.08
N GLU H 702 71.76 24.69 4.01
CA GLU H 702 72.83 23.71 4.00
C GLU H 702 73.92 24.12 4.98
N ASN H 703 74.36 23.17 5.81
CA ASN H 703 75.42 23.42 6.78
C ASN H 703 76.48 22.34 6.59
N SER H 704 77.56 22.67 5.88
CA SER H 704 78.58 21.68 5.59
C SER H 704 79.47 21.57 6.82
N VAL H 705 79.46 20.42 7.47
CA VAL H 705 80.30 20.22 8.65
C VAL H 705 81.75 20.05 8.23
N ALA H 706 82.64 20.83 8.82
CA ALA H 706 84.06 20.81 8.48
C ALA H 706 84.72 19.58 9.10
N TYR H 707 84.44 18.43 8.50
CA TYR H 707 84.99 17.18 9.00
C TYR H 707 86.42 17.01 8.52
N SER H 708 87.27 16.57 9.45
CA SER H 708 88.58 16.01 9.12
C SER H 708 88.92 15.01 10.21
N ASN H 709 89.94 14.21 9.96
CA ASN H 709 90.20 13.05 10.80
C ASN H 709 90.95 13.38 12.08
N ASN H 710 91.35 14.64 12.29
CA ASN H 710 92.10 15.00 13.48
C ASN H 710 91.68 16.34 14.07
N SER H 711 90.48 16.84 13.73
CA SER H 711 90.00 18.11 14.26
C SER H 711 88.69 17.90 14.99
N ILE H 712 88.52 18.62 16.10
CA ILE H 712 87.32 18.53 16.92
C ILE H 712 86.85 19.96 17.19
N ALA H 713 85.56 20.10 17.47
CA ALA H 713 84.97 21.36 17.87
C ALA H 713 84.48 21.24 19.31
N ILE H 714 84.97 22.11 20.18
CA ILE H 714 84.67 22.07 21.60
C ILE H 714 83.92 23.35 21.96
N PRO H 715 82.79 23.27 22.65
CA PRO H 715 82.07 24.50 23.04
C PRO H 715 82.82 25.25 24.14
N THR H 716 82.81 26.57 24.03
CA THR H 716 83.40 27.44 25.05
C THR H 716 82.35 28.18 25.86
N ASN H 717 81.07 28.02 25.57
CA ASN H 717 80.02 28.74 26.27
C ASN H 717 78.74 27.94 26.18
N PHE H 718 77.69 28.45 26.80
CA PHE H 718 76.42 27.74 26.86
C PHE H 718 75.26 28.71 26.94
N THR H 719 74.09 28.20 26.59
CA THR H 719 72.83 28.93 26.68
C THR H 719 71.86 28.10 27.49
N ILE H 720 71.27 28.70 28.51
CA ILE H 720 70.20 28.06 29.28
C ILE H 720 68.91 28.37 28.55
N SER H 721 68.35 27.37 27.89
CA SER H 721 67.19 27.55 27.02
C SER H 721 65.96 26.90 27.64
N VAL H 722 64.89 27.67 27.77
CA VAL H 722 63.62 27.17 28.29
C VAL H 722 62.64 27.12 27.13
N THR H 723 62.05 25.94 26.92
CA THR H 723 61.10 25.74 25.84
C THR H 723 59.77 25.24 26.40
N THR H 724 58.69 25.52 25.67
CA THR H 724 57.35 25.13 26.08
C THR H 724 56.93 23.85 25.37
N GLU H 725 56.21 22.99 26.08
CA GLU H 725 55.58 21.82 25.49
C GLU H 725 54.16 21.70 26.02
N ILE H 726 53.18 21.81 25.15
CA ILE H 726 51.77 21.78 25.53
C ILE H 726 51.21 20.41 25.20
N LEU H 727 50.63 19.75 26.19
CA LEU H 727 50.06 18.40 26.01
C LEU H 727 48.64 18.37 26.56
N PRO H 728 47.65 18.00 25.75
CA PRO H 728 46.29 17.82 26.29
C PRO H 728 46.21 16.61 27.20
N VAL H 729 45.36 16.71 28.21
CA VAL H 729 45.22 15.69 29.23
C VAL H 729 43.83 15.07 29.23
N SER H 730 42.79 15.90 29.24
CA SER H 730 41.42 15.42 29.33
C SER H 730 40.54 16.20 28.36
N MET H 731 39.32 15.72 28.18
CA MET H 731 38.29 16.42 27.42
C MET H 731 37.17 16.86 28.34
N THR H 732 36.20 17.54 27.75
CA THR H 732 34.94 17.82 28.43
C THR H 732 34.14 16.53 28.58
N LYS H 733 33.73 16.23 29.81
CA LYS H 733 32.94 15.02 30.08
C LYS H 733 31.50 15.28 29.65
N THR H 734 31.11 14.73 28.51
CA THR H 734 29.77 14.89 27.98
C THR H 734 28.98 13.60 28.15
N SER H 735 27.72 13.74 28.58
CA SER H 735 26.81 12.61 28.68
C SER H 735 25.54 12.96 27.89
N VAL H 736 25.03 11.99 27.14
CA VAL H 736 23.85 12.18 26.32
C VAL H 736 22.78 11.19 26.76
N ASP H 737 21.64 11.71 27.20
CA ASP H 737 20.46 10.88 27.44
C ASP H 737 19.93 10.43 26.09
N CYS H 738 20.14 9.14 25.79
CA CYS H 738 19.80 8.59 24.47
C CYS H 738 18.30 8.62 24.20
N THR H 739 17.49 8.26 25.20
CA THR H 739 16.04 8.28 25.05
C THR H 739 15.52 9.70 24.88
N MET H 740 16.07 10.66 25.64
CA MET H 740 15.63 12.04 25.51
C MET H 740 16.13 12.68 24.21
N TYR H 741 17.33 12.30 23.77
CA TYR H 741 17.84 12.82 22.50
C TYR H 741 17.03 12.33 21.31
N ILE H 742 16.71 11.04 21.28
CA ILE H 742 15.95 10.49 20.16
C ILE H 742 14.50 10.95 20.21
N CYS H 743 13.89 10.96 21.41
CA CYS H 743 12.45 11.06 21.51
C CYS H 743 11.94 12.22 22.35
N GLY H 744 12.72 12.73 23.29
CA GLY H 744 12.19 13.78 24.14
C GLY H 744 11.18 13.23 25.13
N ASP H 745 10.00 13.83 25.15
CA ASP H 745 8.93 13.44 26.06
C ASP H 745 7.84 12.61 25.39
N SER H 746 8.06 12.16 24.15
CA SER H 746 7.05 11.40 23.43
C SER H 746 7.05 9.96 23.93
N THR H 747 5.90 9.50 24.42
CA THR H 747 5.80 8.13 24.91
C THR H 747 5.74 7.11 23.77
N GLU H 748 5.09 7.47 22.66
CA GLU H 748 4.99 6.58 21.51
C GLU H 748 6.35 6.35 20.88
N CYS H 749 7.18 7.41 20.84
CA CYS H 749 8.53 7.30 20.32
C CYS H 749 9.38 6.37 21.19
N SER H 750 9.24 6.47 22.52
CA SER H 750 10.00 5.57 23.39
C SER H 750 9.50 4.14 23.31
N ASN H 751 8.19 3.95 23.11
CA ASN H 751 7.66 2.61 22.91
C ASN H 751 8.18 1.99 21.62
N LEU H 752 8.31 2.78 20.56
CA LEU H 752 8.93 2.26 19.34
C LEU H 752 10.44 2.10 19.49
N LEU H 753 11.07 2.90 20.34
CA LEU H 753 12.51 2.81 20.55
C LEU H 753 12.89 1.58 21.37
N LEU H 754 11.98 1.11 22.22
CA LEU H 754 12.23 -0.13 22.96
C LEU H 754 12.28 -1.36 22.08
N GLN H 755 11.79 -1.27 20.83
CA GLN H 755 11.87 -2.40 19.92
C GLN H 755 13.30 -2.65 19.43
N TYR H 756 14.16 -1.65 19.50
CA TYR H 756 15.55 -1.77 19.05
C TYR H 756 16.48 -2.29 20.13
N GLY H 757 16.00 -2.46 21.36
CA GLY H 757 16.80 -3.14 22.36
C GLY H 757 17.66 -2.22 23.19
N SER H 758 18.91 -2.64 23.44
CA SER H 758 19.80 -1.96 24.38
C SER H 758 20.86 -1.12 23.67
N PHE H 759 20.49 -0.45 22.57
CA PHE H 759 21.41 0.48 21.93
C PHE H 759 21.70 1.68 22.84
N CYS H 760 20.66 2.21 23.49
CA CYS H 760 20.82 3.38 24.35
C CYS H 760 21.67 3.05 25.57
N THR H 761 21.53 1.84 26.11
CA THR H 761 22.38 1.41 27.22
C THR H 761 23.83 1.32 26.79
N GLN H 762 24.09 0.83 25.57
CA GLN H 762 25.45 0.78 25.04
C GLN H 762 26.06 2.18 24.89
N LEU H 763 25.28 3.11 24.34
CA LEU H 763 25.80 4.47 24.14
C LEU H 763 26.04 5.19 25.46
N ASN H 764 25.13 5.02 26.43
CA ASN H 764 25.33 5.63 27.74
C ASN H 764 26.51 5.02 28.48
N ARG H 765 26.71 3.70 28.33
CA ARG H 765 27.84 3.04 28.96
C ARG H 765 29.16 3.49 28.35
N ALA H 766 29.19 3.66 27.03
CA ALA H 766 30.40 4.15 26.36
C ALA H 766 30.73 5.58 26.78
N LEU H 767 29.71 6.44 26.87
CA LEU H 767 29.95 7.82 27.30
C LEU H 767 30.37 7.88 28.77
N THR H 768 29.82 6.99 29.61
CA THR H 768 30.24 6.93 31.01
C THR H 768 31.68 6.45 31.14
N GLY H 769 32.08 5.49 30.30
CA GLY H 769 33.47 5.05 30.28
C GLY H 769 34.43 6.13 29.85
N ILE H 770 34.04 6.94 28.86
CA ILE H 770 34.84 8.09 28.45
C ILE H 770 34.94 9.11 29.58
N ALA H 771 33.82 9.36 30.27
CA ALA H 771 33.77 10.37 31.32
C ALA H 771 34.64 9.97 32.51
N VAL H 772 34.65 8.69 32.88
CA VAL H 772 35.54 8.26 33.96
C VAL H 772 36.98 8.14 33.48
N GLU H 773 37.20 7.92 32.18
CA GLU H 773 38.56 7.85 31.65
C GLU H 773 39.24 9.21 31.68
N GLN H 774 38.47 10.29 31.50
CA GLN H 774 39.06 11.63 31.60
C GLN H 774 39.56 11.93 33.01
N ASP H 775 38.78 11.55 34.03
CA ASP H 775 39.22 11.74 35.41
C ASP H 775 40.40 10.85 35.74
N LYS H 776 40.42 9.62 35.20
CA LYS H 776 41.59 8.75 35.37
C LYS H 776 42.83 9.34 34.74
N ASN H 777 42.68 9.98 33.57
CA ASN H 777 43.80 10.66 32.91
C ASN H 777 44.34 11.80 33.75
N THR H 778 43.44 12.60 34.34
CA THR H 778 43.89 13.72 35.16
C THR H 778 44.57 13.24 36.45
N GLN H 779 44.06 12.15 37.05
CA GLN H 779 44.74 11.53 38.19
C GLN H 779 46.12 11.03 37.81
N GLU H 780 46.24 10.39 36.64
CA GLU H 780 47.53 9.83 36.24
C GLU H 780 48.54 10.92 35.92
N VAL H 781 48.10 12.04 35.37
CA VAL H 781 49.04 13.10 35.04
C VAL H 781 49.45 13.88 36.28
N PHE H 782 48.47 14.42 37.03
CA PHE H 782 48.80 15.42 38.04
C PHE H 782 48.97 14.88 39.45
N ALA H 783 48.31 13.78 39.80
CA ALA H 783 48.38 13.27 41.17
C ALA H 783 49.43 12.18 41.29
N GLN H 784 50.68 12.57 41.11
CA GLN H 784 51.80 11.66 41.27
C GLN H 784 52.53 11.83 42.59
N VAL H 785 52.10 12.76 43.43
CA VAL H 785 52.68 12.97 44.76
C VAL H 785 51.56 12.95 45.79
N LYS H 786 51.81 12.28 46.90
CA LYS H 786 50.87 12.26 48.02
C LYS H 786 51.22 13.26 49.10
N GLN H 787 52.27 14.05 48.92
CA GLN H 787 52.65 15.11 49.84
C GLN H 787 52.54 16.46 49.14
N ILE H 788 51.88 17.41 49.78
CA ILE H 788 51.72 18.75 49.24
C ILE H 788 52.88 19.60 49.76
N TYR H 789 53.93 19.72 48.95
CA TYR H 789 55.11 20.47 49.33
C TYR H 789 54.87 21.96 49.14
N LYS H 790 55.50 22.76 50.00
CA LYS H 790 55.39 24.21 49.94
C LYS H 790 56.79 24.82 49.91
N THR H 791 56.92 25.92 49.17
CA THR H 791 58.17 26.65 49.14
C THR H 791 58.38 27.40 50.46
N PRO H 792 59.64 27.65 50.84
CA PRO H 792 59.89 28.50 52.01
C PRO H 792 59.46 29.94 51.73
N PRO H 793 59.11 30.69 52.79
CA PRO H 793 58.72 32.10 52.57
C PRO H 793 59.84 32.98 52.02
N ILE H 794 61.10 32.67 52.32
CA ILE H 794 62.22 33.42 51.79
C ILE H 794 62.68 32.75 50.50
N LYS H 795 62.67 33.50 49.40
CA LYS H 795 62.99 32.96 48.08
C LYS H 795 64.47 33.20 47.75
N ASP H 796 65.33 32.63 48.57
CA ASP H 796 66.78 32.73 48.39
C ASP H 796 67.26 31.44 47.73
N PHE H 797 67.30 31.43 46.40
CA PHE H 797 67.72 30.28 45.63
C PHE H 797 69.03 30.52 44.90
N GLY H 798 69.88 31.40 45.41
CA GLY H 798 71.15 31.70 44.78
C GLY H 798 71.06 32.44 43.47
N GLY H 799 70.14 33.39 43.36
CA GLY H 799 69.96 34.20 42.18
C GLY H 799 68.89 33.72 41.22
N PHE H 800 68.39 32.50 41.43
CA PHE H 800 67.38 31.94 40.53
C PHE H 800 66.02 32.51 40.91
N ASN H 801 65.30 33.02 39.91
CA ASN H 801 64.00 33.65 40.09
C ASN H 801 62.94 32.70 39.55
N PHE H 802 61.98 32.34 40.41
CA PHE H 802 60.87 31.47 40.03
C PHE H 802 59.52 32.15 40.21
N SER H 803 59.48 33.48 40.22
CA SER H 803 58.24 34.19 40.51
C SER H 803 57.21 34.04 39.39
N GLN H 804 57.68 33.80 38.17
CA GLN H 804 56.76 33.62 37.05
C GLN H 804 56.15 32.22 37.02
N ILE H 805 56.70 31.27 37.77
CA ILE H 805 56.16 29.92 37.82
C ILE H 805 55.63 29.54 39.19
N LEU H 806 56.03 30.22 40.26
CA LEU H 806 55.43 29.97 41.57
C LEU H 806 54.08 30.68 41.66
N PRO H 807 53.17 30.17 42.50
CA PRO H 807 51.85 30.80 42.62
C PRO H 807 51.91 32.23 43.18
N ASP H 808 51.02 33.07 42.65
CA ASP H 808 50.93 34.45 43.08
C ASP H 808 50.00 34.54 44.29
N PRO H 809 50.47 35.04 45.44
CA PRO H 809 49.58 35.18 46.59
C PRO H 809 48.48 36.21 46.40
N SER H 810 48.69 37.20 45.53
CA SER H 810 47.69 38.25 45.32
C SER H 810 46.51 37.76 44.51
N LYS H 811 46.65 36.68 43.76
CA LYS H 811 45.54 36.19 42.96
C LYS H 811 44.68 35.23 43.78
N PRO H 812 43.35 35.37 43.71
CA PRO H 812 42.48 34.45 44.46
C PRO H 812 42.50 33.02 43.92
N SER H 813 42.89 32.81 42.66
CA SER H 813 42.94 31.48 42.10
C SER H 813 44.21 30.73 42.48
N LYS H 814 45.16 31.41 43.14
CA LYS H 814 46.44 30.85 43.58
C LYS H 814 47.24 30.26 42.43
N ARG H 815 47.16 30.90 41.27
CA ARG H 815 47.89 30.46 40.08
C ARG H 815 49.17 31.26 39.90
N SER H 816 50.09 30.69 39.14
CA SER H 816 51.26 31.39 38.69
C SER H 816 50.87 32.42 37.62
N PRO H 817 51.70 33.45 37.39
CA PRO H 817 51.44 34.36 36.25
C PRO H 817 51.41 33.67 34.90
N ILE H 818 52.27 32.66 34.71
CA ILE H 818 52.25 31.87 33.49
C ILE H 818 50.95 31.06 33.39
N GLU H 819 50.55 30.43 34.49
CA GLU H 819 49.30 29.65 34.49
C GLU H 819 48.08 30.55 34.33
N ASP H 820 48.13 31.76 34.90
CA ASP H 820 47.04 32.72 34.73
C ASP H 820 46.94 33.16 33.28
N LEU H 821 48.08 33.37 32.62
CA LEU H 821 48.07 33.73 31.21
C LEU H 821 47.58 32.58 30.34
N LEU H 822 47.93 31.34 30.71
CA LEU H 822 47.45 30.16 30.00
C LEU H 822 45.93 30.02 30.12
N PHE H 823 45.40 30.27 31.32
CA PHE H 823 43.95 30.21 31.50
C PHE H 823 43.24 31.38 30.83
N ASN H 824 43.91 32.52 30.67
CA ASN H 824 43.29 33.59 29.90
C ASN H 824 43.34 33.34 28.40
N LYS H 825 44.34 32.61 27.91
CA LYS H 825 44.47 32.42 26.47
C LYS H 825 43.62 31.30 25.91
N VAL H 826 42.95 30.51 26.76
CA VAL H 826 42.11 29.41 26.31
C VAL H 826 40.66 29.81 26.52
N THR H 827 39.90 29.86 25.44
CA THR H 827 38.49 30.25 25.49
C THR H 827 37.59 29.11 25.02
N ASN H 856 18.70 19.18 24.98
CA ASN H 856 18.14 18.04 24.28
C ASN H 856 18.77 16.74 24.77
N GLY H 857 18.91 16.63 26.09
CA GLY H 857 19.47 15.45 26.70
C GLY H 857 20.97 15.46 26.89
N LEU H 858 21.63 16.56 26.53
CA LEU H 858 23.06 16.69 26.70
C LEU H 858 23.37 17.31 28.06
N THR H 859 24.34 16.74 28.77
CA THR H 859 24.81 17.26 30.04
C THR H 859 26.33 17.27 30.03
N VAL H 860 26.90 18.23 30.74
CA VAL H 860 28.34 18.33 30.93
C VAL H 860 28.62 18.03 32.40
N LEU H 861 29.30 16.91 32.65
CA LEU H 861 29.70 16.56 34.00
C LEU H 861 30.94 17.37 34.38
N PRO H 862 30.96 17.97 35.57
CA PRO H 862 32.15 18.69 35.99
C PRO H 862 33.29 17.73 36.28
N PRO H 863 34.54 18.14 36.07
CA PRO H 863 35.67 17.28 36.42
C PRO H 863 35.81 17.11 37.92
N LEU H 864 36.37 15.96 38.31
CA LEU H 864 36.58 15.67 39.72
C LEU H 864 37.59 16.62 40.35
N LEU H 865 38.68 16.93 39.65
CA LEU H 865 39.65 17.90 40.09
C LEU H 865 39.34 19.25 39.48
N THR H 866 39.05 20.24 40.31
CA THR H 866 38.88 21.60 39.85
C THR H 866 40.22 22.23 39.50
N ASP H 867 40.17 23.42 38.89
CA ASP H 867 41.37 24.05 38.37
C ASP H 867 42.29 24.54 39.49
N GLU H 868 41.73 24.96 40.64
CA GLU H 868 42.59 25.37 41.74
C GLU H 868 43.28 24.18 42.40
N MET H 869 42.62 23.01 42.44
CA MET H 869 43.31 21.83 42.99
C MET H 869 44.37 21.29 42.04
N ILE H 870 44.14 21.39 40.72
CA ILE H 870 45.18 21.03 39.76
C ILE H 870 46.36 22.00 39.87
N ALA H 871 46.06 23.28 40.07
CA ALA H 871 47.10 24.28 40.31
C ALA H 871 47.84 24.01 41.62
N GLN H 872 47.13 23.50 42.62
CA GLN H 872 47.77 23.12 43.89
C GLN H 872 48.69 21.91 43.70
N TYR H 873 48.29 20.96 42.85
CA TYR H 873 49.14 19.83 42.52
C TYR H 873 50.41 20.28 41.80
N THR H 874 50.27 21.19 40.83
CA THR H 874 51.44 21.70 40.12
C THR H 874 52.33 22.52 41.03
N SER H 875 51.73 23.26 41.97
CA SER H 875 52.51 24.02 42.95
C SER H 875 53.30 23.10 43.87
N ALA H 876 52.68 21.98 44.27
CA ALA H 876 53.38 20.98 45.08
C ALA H 876 54.53 20.36 44.31
N LEU H 877 54.32 20.06 43.02
CA LEU H 877 55.40 19.52 42.19
C LEU H 877 56.53 20.52 42.01
N LEU H 878 56.19 21.80 41.82
CA LEU H 878 57.21 22.84 41.69
C LEU H 878 58.00 23.01 42.98
N ALA H 879 57.32 23.00 44.12
CA ALA H 879 58.00 23.13 45.41
C ALA H 879 58.90 21.93 45.67
N GLY H 880 58.44 20.73 45.30
CA GLY H 880 59.27 19.55 45.46
C GLY H 880 60.51 19.58 44.57
N THR H 881 60.35 19.96 43.31
CA THR H 881 61.51 19.95 42.41
C THR H 881 62.43 21.14 42.65
N ILE H 882 61.96 22.19 43.32
CA ILE H 882 62.84 23.31 43.65
C ILE H 882 63.60 23.03 44.94
N THR H 883 62.89 22.62 45.99
CA THR H 883 63.52 22.47 47.29
C THR H 883 64.24 21.14 47.47
N SER H 884 63.89 20.12 46.69
CA SER H 884 64.42 18.79 46.94
C SER H 884 65.00 18.09 45.72
N GLY H 885 64.91 18.70 44.54
CA GLY H 885 65.46 18.07 43.35
C GLY H 885 64.60 16.90 42.90
N TRP H 886 65.24 15.78 42.59
CA TRP H 886 64.53 14.56 42.20
C TRP H 886 64.34 13.60 43.36
N THR H 887 64.67 14.01 44.59
CA THR H 887 64.61 13.10 45.72
C THR H 887 63.18 12.84 46.16
N PHE H 888 62.29 13.81 45.99
CA PHE H 888 60.89 13.64 46.39
C PHE H 888 60.14 12.69 45.47
N GLY H 889 60.60 12.51 44.23
CA GLY H 889 59.98 11.56 43.33
C GLY H 889 60.38 10.12 43.55
N ALA H 890 61.41 9.86 44.35
CA ALA H 890 61.86 8.51 44.62
C ALA H 890 61.71 8.10 46.08
N GLY H 891 61.19 8.98 46.93
CA GLY H 891 61.02 8.66 48.33
C GLY H 891 60.71 9.89 49.15
N PRO H 892 61.30 9.97 50.34
CA PRO H 892 61.15 11.20 51.14
C PRO H 892 61.86 12.37 50.49
N ALA H 893 61.31 13.55 50.70
CA ALA H 893 61.89 14.76 50.14
C ALA H 893 63.10 15.18 50.97
N LEU H 894 64.27 15.14 50.34
CA LEU H 894 65.52 15.50 50.99
C LEU H 894 65.90 16.90 50.51
N GLN H 895 66.00 17.84 51.44
CA GLN H 895 66.31 19.22 51.08
C GLN H 895 67.75 19.32 50.60
N ILE H 896 67.98 20.27 49.71
CA ILE H 896 69.28 20.49 49.09
C ILE H 896 69.27 21.92 48.57
N PRO H 897 70.38 22.66 48.69
CA PRO H 897 70.46 23.99 48.06
C PRO H 897 70.32 23.89 46.56
N PHE H 898 69.61 24.86 45.98
CA PHE H 898 69.35 24.86 44.55
C PHE H 898 70.61 24.98 43.68
N PRO H 899 71.65 25.77 44.00
CA PRO H 899 72.86 25.69 43.17
C PRO H 899 73.52 24.32 43.20
N MET H 900 73.51 23.65 44.34
CA MET H 900 74.06 22.30 44.42
C MET H 900 73.24 21.32 43.59
N GLN H 901 71.91 21.47 43.61
CA GLN H 901 71.04 20.65 42.79
C GLN H 901 71.31 20.90 41.31
N MET H 902 71.50 22.16 40.93
CA MET H 902 71.82 22.50 39.54
C MET H 902 73.16 21.90 39.14
N ALA H 903 74.13 21.90 40.06
CA ALA H 903 75.42 21.28 39.81
C ALA H 903 75.27 19.78 39.58
N TYR H 904 74.39 19.14 40.35
CA TYR H 904 74.10 17.72 40.15
C TYR H 904 73.51 17.47 38.77
N ARG H 905 72.59 18.35 38.35
CA ARG H 905 72.01 18.24 37.00
C ARG H 905 73.08 18.46 35.94
N PHE H 906 74.02 19.38 36.20
CA PHE H 906 75.15 19.61 35.29
C PHE H 906 75.99 18.36 35.16
N ASN H 907 76.14 17.62 36.25
CA ASN H 907 76.96 16.41 36.21
C ASN H 907 76.21 15.28 35.52
N GLY H 908 74.87 15.33 35.60
CA GLY H 908 74.06 14.39 34.84
C GLY H 908 74.24 14.50 33.34
N ILE H 909 74.45 15.71 32.83
CA ILE H 909 74.68 15.89 31.39
C ILE H 909 76.17 15.90 31.07
N GLY H 910 76.99 15.51 32.04
CA GLY H 910 78.41 15.38 31.79
C GLY H 910 79.24 16.63 31.83
N VAL H 911 78.82 17.67 32.55
CA VAL H 911 79.62 18.86 32.74
C VAL H 911 79.96 18.96 34.22
N THR H 912 81.22 19.28 34.51
CA THR H 912 81.74 19.31 35.87
C THR H 912 81.06 20.39 36.72
N GLN H 913 81.03 20.14 38.04
CA GLN H 913 80.40 21.05 39.00
C GLN H 913 81.03 22.43 38.99
N ASN H 914 82.35 22.51 38.79
CA ASN H 914 83.09 23.77 38.86
C ASN H 914 82.54 24.78 37.86
N VAL H 915 82.16 24.29 36.66
CA VAL H 915 81.65 25.16 35.60
C VAL H 915 80.38 25.86 36.08
N LEU H 916 79.50 25.10 36.74
CA LEU H 916 78.28 25.67 37.30
C LEU H 916 78.58 26.69 38.39
N TYR H 917 79.48 26.34 39.32
CA TYR H 917 79.77 27.24 40.44
C TYR H 917 80.46 28.53 40.00
N GLU H 918 81.42 28.43 39.08
CA GLU H 918 82.16 29.61 38.62
C GLU H 918 81.25 30.57 37.85
N ASN H 919 80.32 30.04 37.06
CA ASN H 919 79.45 30.84 36.21
C ASN H 919 78.01 30.80 36.70
N GLN H 920 77.81 30.91 38.02
CA GLN H 920 76.48 30.74 38.58
C GLN H 920 75.61 31.98 38.37
N LYS H 921 76.20 33.17 38.50
CA LYS H 921 75.47 34.41 38.24
C LYS H 921 75.03 34.49 36.78
N LEU H 922 75.89 34.07 35.86
CA LEU H 922 75.54 34.07 34.43
C LEU H 922 74.43 33.06 34.13
N ILE H 923 74.47 31.90 34.79
CA ILE H 923 73.46 30.87 34.56
C ILE H 923 72.11 31.32 35.11
N ALA H 924 72.12 31.94 36.30
CA ALA H 924 70.88 32.45 36.87
C ALA H 924 70.29 33.58 36.03
N ASN H 925 71.15 34.47 35.50
CA ASN H 925 70.67 35.54 34.64
C ASN H 925 70.08 35.00 33.33
N GLN H 926 70.74 34.00 32.74
CA GLN H 926 70.23 33.37 31.52
C GLN H 926 68.91 32.66 31.77
N PHE H 927 68.78 32.00 32.93
CA PHE H 927 67.54 31.31 33.27
C PHE H 927 66.39 32.29 33.47
N ASN H 928 66.65 33.41 34.16
CA ASN H 928 65.61 34.41 34.38
C ASN H 928 65.20 35.08 33.06
N SER H 929 66.18 35.34 32.19
CA SER H 929 65.88 35.92 30.88
C SER H 929 65.07 34.96 30.02
N ALA H 930 65.38 33.66 30.09
CA ALA H 930 64.63 32.68 29.30
C ALA H 930 63.21 32.52 29.82
N ILE H 931 63.01 32.56 31.15
CA ILE H 931 61.67 32.47 31.72
C ILE H 931 60.84 33.70 31.33
N GLY H 932 61.47 34.89 31.35
CA GLY H 932 60.77 36.07 30.88
C GLY H 932 60.45 36.02 29.40
N LYS H 933 61.35 35.46 28.59
CA LYS H 933 61.06 35.32 27.17
C LYS H 933 59.95 34.32 26.93
N ILE H 934 59.82 33.29 27.79
CA ILE H 934 58.71 32.35 27.70
C ILE H 934 57.39 33.05 27.96
N GLN H 935 57.34 33.90 29.00
CA GLN H 935 56.11 34.64 29.29
C GLN H 935 55.77 35.62 28.18
N ASP H 936 56.78 36.30 27.64
CA ASP H 936 56.55 37.25 26.53
C ASP H 936 56.09 36.53 25.27
N SER H 937 56.67 35.36 24.98
CA SER H 937 56.29 34.60 23.79
C SER H 937 54.88 34.05 23.92
N LEU H 938 54.49 33.61 25.12
CA LEU H 938 53.12 33.15 25.31
C LEU H 938 52.14 34.31 25.23
N SER H 939 52.52 35.49 25.75
CA SER H 939 51.63 36.64 25.69
C SER H 939 51.58 37.28 24.30
N SER H 940 52.52 36.97 23.42
CA SER H 940 52.56 37.60 22.11
C SER H 940 52.22 36.66 20.95
N THR H 941 51.93 35.38 21.21
CA THR H 941 51.60 34.47 20.12
C THR H 941 50.17 33.96 20.29
N PRO H 942 49.29 34.16 19.31
CA PRO H 942 47.91 33.65 19.46
C PRO H 942 47.79 32.15 19.26
N SER H 943 48.66 31.56 18.44
CA SER H 943 48.56 30.14 18.11
C SER H 943 49.47 29.27 18.95
N ALA H 944 49.90 29.75 20.12
CA ALA H 944 50.76 28.97 20.98
C ALA H 944 50.01 27.80 21.61
N LEU H 945 48.75 28.03 21.99
CA LEU H 945 47.93 27.05 22.70
C LEU H 945 46.98 26.32 21.75
N GLY H 946 47.42 26.04 20.52
CA GLY H 946 46.53 25.48 19.54
C GLY H 946 46.15 24.03 19.76
N LYS H 947 46.96 23.30 20.54
CA LYS H 947 46.68 21.88 20.76
C LYS H 947 45.48 21.67 21.68
N LEU H 948 45.35 22.50 22.72
CA LEU H 948 44.18 22.42 23.59
C LEU H 948 42.94 22.97 22.90
N GLN H 949 43.11 24.07 22.16
CA GLN H 949 42.00 24.70 21.47
C GLN H 949 41.47 23.82 20.36
N ASP H 950 42.33 22.98 19.75
CA ASP H 950 41.89 22.03 18.75
C ASP H 950 40.95 20.99 19.35
N VAL H 951 41.28 20.47 20.53
CA VAL H 951 40.45 19.50 21.22
C VAL H 951 39.12 20.11 21.63
N VAL H 952 39.17 21.35 22.16
CA VAL H 952 37.96 22.05 22.58
C VAL H 952 37.05 22.32 21.38
N ASN H 953 37.63 22.75 20.25
CA ASN H 953 36.85 23.03 19.05
C ASN H 953 36.26 21.75 18.45
N GLN H 954 37.01 20.64 18.47
CA GLN H 954 36.48 19.39 17.96
C GLN H 954 35.31 18.88 18.81
N ASN H 955 35.42 18.98 20.14
CA ASN H 955 34.33 18.52 20.99
C ASN H 955 33.09 19.41 20.86
N ALA H 956 33.29 20.73 20.78
CA ALA H 956 32.16 21.64 20.62
C ALA H 956 31.50 21.48 19.25
N GLN H 957 32.31 21.21 18.23
CA GLN H 957 31.77 21.00 16.88
C GLN H 957 31.01 19.68 16.79
N ALA H 958 31.49 18.64 17.48
CA ALA H 958 30.75 17.38 17.53
C ALA H 958 29.41 17.53 18.24
N LEU H 959 29.38 18.28 19.36
CA LEU H 959 28.13 18.56 20.04
C LEU H 959 27.17 19.38 19.17
N ASN H 960 27.71 20.39 18.46
CA ASN H 960 26.87 21.22 17.60
C ASN H 960 26.30 20.42 16.43
N THR H 961 27.10 19.52 15.86
CA THR H 961 26.61 18.67 14.79
C THR H 961 25.54 17.70 15.28
N LEU H 962 25.74 17.13 16.48
CA LEU H 962 24.76 16.20 17.04
C LEU H 962 23.44 16.91 17.36
N VAL H 963 23.50 18.16 17.84
CA VAL H 963 22.27 18.92 18.08
C VAL H 963 21.62 19.30 16.75
N LYS H 964 22.44 19.67 15.74
CA LYS H 964 21.94 20.07 14.44
C LYS H 964 21.26 18.92 13.71
N GLN H 965 21.67 17.68 13.97
CA GLN H 965 21.09 16.51 13.31
C GLN H 965 19.64 16.26 13.72
N LEU H 966 19.16 16.88 14.80
CA LEU H 966 17.74 16.79 15.15
C LEU H 966 16.86 17.57 14.19
N SER H 967 17.40 18.56 13.49
CA SER H 967 16.63 19.35 12.55
C SER H 967 16.37 18.63 11.23
N SER H 968 17.00 17.48 11.01
CA SER H 968 16.82 16.72 9.78
C SER H 968 15.69 15.72 9.96
N ASN H 969 14.86 15.61 8.93
CA ASN H 969 13.73 14.68 8.95
C ASN H 969 14.08 13.27 8.52
N PHE H 970 15.23 13.07 7.87
CA PHE H 970 15.73 11.76 7.42
C PHE H 970 14.74 11.05 6.51
N GLY H 971 14.08 11.81 5.65
CA GLY H 971 13.09 11.26 4.74
C GLY H 971 11.66 11.30 5.23
N ALA H 972 11.44 11.66 6.50
CA ALA H 972 10.08 11.79 7.00
C ALA H 972 9.48 13.12 6.56
N ILE H 973 8.19 13.29 6.88
CA ILE H 973 7.51 14.52 6.48
C ILE H 973 7.95 15.72 7.30
N SER H 974 8.42 15.48 8.53
CA SER H 974 8.86 16.58 9.39
C SER H 974 9.89 16.06 10.38
N SER H 975 10.71 16.98 10.86
CA SER H 975 11.70 16.67 11.89
C SER H 975 11.17 16.86 13.31
N VAL H 976 9.95 17.37 13.47
CA VAL H 976 9.35 17.60 14.78
C VAL H 976 8.43 16.44 15.10
N LEU H 977 8.62 15.83 16.27
CA LEU H 977 7.81 14.68 16.66
C LEU H 977 6.37 15.08 16.99
N ASN H 978 6.19 16.25 17.59
CA ASN H 978 4.84 16.70 17.94
C ASN H 978 4.00 17.00 16.72
N ASP H 979 4.62 17.49 15.64
CA ASP H 979 3.88 17.72 14.39
C ASP H 979 3.39 16.43 13.78
N ILE H 980 4.22 15.39 13.80
CA ILE H 980 3.82 14.08 13.29
C ILE H 980 2.73 13.47 14.16
N LEU H 981 2.88 13.57 15.49
CA LEU H 981 1.89 13.00 16.40
C LEU H 981 0.57 13.78 16.39
N SER H 982 0.58 15.05 16.01
CA SER H 982 -0.65 15.82 15.92
C SER H 982 -1.25 15.85 14.52
N ARG H 983 -0.51 15.44 13.49
CA ARG H 983 -1.03 15.44 12.13
C ARG H 983 -1.53 14.10 11.65
N LEU H 984 -0.98 12.99 12.15
CA LEU H 984 -1.18 11.69 11.54
C LEU H 984 -1.76 10.69 12.52
N ASP H 985 -2.47 9.70 11.98
CA ASP H 985 -2.90 8.55 12.75
C ASP H 985 -1.69 7.68 13.11
N PRO H 986 -1.76 6.96 14.23
CA PRO H 986 -0.63 6.11 14.69
C PRO H 986 -0.14 5.05 13.70
N PRO H 987 -0.98 4.45 12.81
CA PRO H 987 -0.37 3.54 11.81
C PRO H 987 0.65 4.16 10.87
N GLU H 988 0.50 5.40 10.45
CA GLU H 988 1.52 6.03 9.61
C GLU H 988 2.49 6.89 10.41
N ALA H 989 2.03 7.42 11.56
CA ALA H 989 2.95 8.10 12.47
C ALA H 989 3.98 7.16 13.05
N GLU H 990 3.65 5.86 13.17
CA GLU H 990 4.63 4.87 13.59
C GLU H 990 5.76 4.77 12.57
N VAL H 991 5.43 4.80 11.27
CA VAL H 991 6.44 4.75 10.22
C VAL H 991 7.31 6.01 10.21
N GLN H 992 6.67 7.18 10.34
CA GLN H 992 7.42 8.44 10.35
C GLN H 992 8.33 8.55 11.58
N ILE H 993 7.82 8.15 12.76
CA ILE H 993 8.62 8.15 13.97
C ILE H 993 9.74 7.12 13.87
N ASP H 994 9.50 5.99 13.19
CA ASP H 994 10.54 4.99 12.99
C ASP H 994 11.68 5.52 12.11
N ARG H 995 11.34 6.28 11.06
CA ARG H 995 12.36 6.92 10.24
C ARG H 995 13.17 7.94 11.04
N LEU H 996 12.49 8.75 11.86
CA LEU H 996 13.20 9.71 12.71
C LEU H 996 14.08 9.00 13.74
N ILE H 997 13.61 7.88 14.28
CA ILE H 997 14.36 7.13 15.29
C ILE H 997 15.62 6.53 14.68
N THR H 998 15.51 5.93 13.49
CA THR H 998 16.70 5.31 12.90
C THR H 998 17.70 6.37 12.44
N GLY H 999 17.23 7.53 11.97
CA GLY H 999 18.15 8.61 11.65
C GLY H 999 18.88 9.16 12.85
N ARG H 1000 18.15 9.41 13.94
CA ARG H 1000 18.77 9.96 15.14
C ARG H 1000 19.66 8.95 15.83
N LEU H 1001 19.30 7.67 15.77
CA LEU H 1001 20.14 6.62 16.34
C LEU H 1001 21.43 6.45 15.56
N GLN H 1002 21.37 6.55 14.22
CA GLN H 1002 22.57 6.52 13.41
C GLN H 1002 23.48 7.71 13.72
N SER H 1003 22.88 8.90 13.89
CA SER H 1003 23.66 10.09 14.26
C SER H 1003 24.33 9.93 15.62
N LEU H 1004 23.60 9.38 16.59
CA LEU H 1004 24.14 9.23 17.93
C LEU H 1004 25.24 8.17 17.98
N GLN H 1005 25.07 7.07 17.25
CA GLN H 1005 26.11 6.05 17.17
C GLN H 1005 27.36 6.58 16.49
N THR H 1006 27.19 7.41 15.45
CA THR H 1006 28.34 8.05 14.81
C THR H 1006 29.08 8.96 15.79
N TYR H 1007 28.33 9.78 16.54
CA TYR H 1007 28.92 10.68 17.52
C TYR H 1007 29.70 9.92 18.59
N VAL H 1008 29.12 8.81 19.08
CA VAL H 1008 29.80 7.99 20.07
C VAL H 1008 31.05 7.32 19.49
N THR H 1009 31.02 6.99 18.19
CA THR H 1009 32.19 6.37 17.55
C THR H 1009 33.37 7.34 17.48
N GLN H 1010 33.16 8.56 16.96
CA GLN H 1010 34.30 9.49 17.00
C GLN H 1010 34.62 9.97 18.41
N GLN H 1011 33.67 9.96 19.35
CA GLN H 1011 34.02 10.29 20.73
C GLN H 1011 34.94 9.24 21.35
N LEU H 1012 34.70 7.96 21.04
CA LEU H 1012 35.59 6.91 21.53
C LEU H 1012 36.97 6.98 20.88
N ILE H 1013 37.02 7.32 19.58
CA ILE H 1013 38.31 7.47 18.91
C ILE H 1013 39.10 8.65 19.48
N ARG H 1014 38.43 9.79 19.70
CA ARG H 1014 39.08 10.93 20.31
C ARG H 1014 39.46 10.66 21.77
N ALA H 1015 38.68 9.83 22.47
CA ALA H 1015 39.04 9.44 23.82
C ALA H 1015 40.30 8.59 23.85
N ALA H 1016 40.46 7.71 22.86
CA ALA H 1016 41.69 6.93 22.74
C ALA H 1016 42.89 7.83 22.45
N GLU H 1017 42.71 8.83 21.57
CA GLU H 1017 43.79 9.76 21.26
C GLU H 1017 44.18 10.61 22.48
N ILE H 1018 43.18 11.10 23.21
CA ILE H 1018 43.44 11.91 24.41
C ILE H 1018 44.05 11.06 25.51
N ARG H 1019 43.67 9.78 25.61
CA ARG H 1019 44.29 8.88 26.58
C ARG H 1019 45.75 8.62 26.25
N ALA H 1020 46.07 8.48 24.96
CA ALA H 1020 47.47 8.32 24.55
C ALA H 1020 48.28 9.59 24.86
N SER H 1021 47.69 10.76 24.61
CA SER H 1021 48.37 12.02 24.92
C SER H 1021 48.54 12.20 26.43
N ALA H 1022 47.57 11.74 27.21
CA ALA H 1022 47.67 11.86 28.67
C ALA H 1022 48.68 10.88 29.25
N ASN H 1023 48.79 9.69 28.66
CA ASN H 1023 49.84 8.76 29.06
C ASN H 1023 51.22 9.32 28.74
N LEU H 1024 51.34 9.97 27.57
CA LEU H 1024 52.59 10.68 27.24
C LEU H 1024 52.88 11.80 28.23
N ALA H 1025 51.85 12.56 28.62
CA ALA H 1025 52.04 13.66 29.56
C ALA H 1025 52.43 13.15 30.95
N ALA H 1026 51.86 12.02 31.37
CA ALA H 1026 52.26 11.42 32.64
C ALA H 1026 53.68 10.90 32.58
N THR H 1027 54.10 10.35 31.44
CA THR H 1027 55.49 9.94 31.26
C THR H 1027 56.44 11.12 31.32
N LYS H 1028 56.06 12.24 30.69
CA LYS H 1028 56.90 13.45 30.75
C LYS H 1028 56.93 14.03 32.16
N MET H 1029 55.82 13.95 32.90
CA MET H 1029 55.82 14.42 34.28
C MET H 1029 56.70 13.56 35.16
N SER H 1030 56.70 12.24 34.93
CA SER H 1030 57.55 11.36 35.72
C SER H 1030 59.03 11.53 35.38
N GLU H 1031 59.35 11.66 34.09
CA GLU H 1031 60.75 11.58 33.68
C GLU H 1031 61.43 12.93 33.51
N CYS H 1032 60.69 14.00 33.22
CA CYS H 1032 61.32 15.31 33.05
C CYS H 1032 61.20 16.19 34.29
N VAL H 1033 60.09 16.11 35.02
CA VAL H 1033 59.89 16.91 36.21
C VAL H 1033 60.44 16.24 37.45
N LEU H 1034 60.13 14.96 37.64
CA LEU H 1034 60.55 14.23 38.83
C LEU H 1034 61.95 13.64 38.69
N GLY H 1035 62.62 13.88 37.57
CA GLY H 1035 63.97 13.40 37.39
C GLY H 1035 64.61 14.09 36.21
N GLN H 1036 65.87 13.75 35.97
CA GLN H 1036 66.61 14.24 34.82
C GLN H 1036 66.73 13.11 33.81
N SER H 1037 66.34 13.40 32.56
CA SER H 1037 66.20 12.36 31.55
C SER H 1037 67.38 12.40 30.59
N LYS H 1038 67.94 11.22 30.32
CA LYS H 1038 68.97 11.05 29.31
C LYS H 1038 68.40 10.88 27.90
N ARG H 1039 67.09 10.78 27.77
CA ARG H 1039 66.47 10.55 26.47
C ARG H 1039 66.52 11.83 25.64
N VAL H 1040 67.03 11.71 24.42
CA VAL H 1040 67.25 12.87 23.55
C VAL H 1040 65.91 13.34 23.01
N ASP H 1041 65.65 14.65 23.16
CA ASP H 1041 64.47 15.38 22.68
C ASP H 1041 63.17 14.92 23.35
N PHE H 1042 63.25 14.13 24.42
CA PHE H 1042 62.05 13.81 25.19
C PHE H 1042 61.63 14.96 26.09
N CYS H 1043 62.58 15.73 26.60
CA CYS H 1043 62.29 16.84 27.50
C CYS H 1043 62.92 18.12 26.96
N GLY H 1044 62.66 18.41 25.70
CA GLY H 1044 63.09 19.64 25.08
C GLY H 1044 64.31 19.44 24.19
N LYS H 1045 64.64 20.50 23.45
CA LYS H 1045 65.77 20.49 22.55
C LYS H 1045 67.03 20.88 23.30
N GLY H 1046 68.04 20.03 23.22
CA GLY H 1046 69.30 20.22 23.92
C GLY H 1046 69.48 19.22 25.03
N TYR H 1047 70.53 19.41 25.81
CA TYR H 1047 70.81 18.58 26.97
C TYR H 1047 69.90 18.99 28.10
N HIS H 1048 69.01 18.08 28.51
CA HIS H 1048 67.96 18.40 29.45
C HIS H 1048 68.51 18.59 30.86
N LEU H 1049 68.19 19.72 31.48
CA LEU H 1049 68.57 19.96 32.87
C LEU H 1049 67.41 19.66 33.81
N MET H 1050 66.29 20.37 33.66
CA MET H 1050 65.15 20.11 34.54
C MET H 1050 63.89 20.62 33.85
N SER H 1051 62.75 20.46 34.51
CA SER H 1051 61.49 20.86 33.89
C SER H 1051 60.52 21.34 34.96
N PHE H 1052 59.59 22.18 34.53
CA PHE H 1052 58.56 22.75 35.39
C PHE H 1052 57.18 22.43 34.84
N PRO H 1053 56.27 21.90 35.64
CA PRO H 1053 54.88 21.72 35.19
C PRO H 1053 54.02 22.95 35.46
N GLN H 1054 53.12 23.22 34.52
CA GLN H 1054 52.15 24.30 34.67
C GLN H 1054 50.78 23.78 34.25
N SER H 1055 49.76 24.05 35.05
CA SER H 1055 48.41 23.65 34.69
C SER H 1055 47.87 24.53 33.57
N ALA H 1056 47.06 23.92 32.72
CA ALA H 1056 46.42 24.59 31.60
C ALA H 1056 45.01 24.04 31.49
N PRO H 1057 44.07 24.80 30.89
CA PRO H 1057 42.70 24.27 30.72
C PRO H 1057 42.66 23.02 29.86
N HIS H 1058 42.31 21.90 30.52
CA HIS H 1058 42.37 20.54 29.98
C HIS H 1058 43.76 20.17 29.46
N GLY H 1059 44.82 20.66 30.11
CA GLY H 1059 46.14 20.30 29.61
C GLY H 1059 47.25 20.65 30.57
N VAL H 1060 48.46 20.34 30.15
CA VAL H 1060 49.66 20.61 30.94
C VAL H 1060 50.68 21.28 30.02
N VAL H 1061 51.44 22.22 30.57
CA VAL H 1061 52.50 22.90 29.86
C VAL H 1061 53.80 22.63 30.60
N PHE H 1062 54.75 22.00 29.93
CA PHE H 1062 56.07 21.74 30.49
C PHE H 1062 57.03 22.82 30.03
N LEU H 1063 57.66 23.49 30.99
CA LEU H 1063 58.76 24.41 30.72
C LEU H 1063 60.04 23.60 30.89
N HIS H 1064 60.63 23.20 29.77
CA HIS H 1064 61.87 22.43 29.78
C HIS H 1064 63.06 23.36 29.81
N VAL H 1065 63.83 23.31 30.88
CA VAL H 1065 65.09 24.03 31.01
C VAL H 1065 66.20 23.09 30.57
N THR H 1066 66.89 23.46 29.50
CA THR H 1066 67.90 22.64 28.86
C THR H 1066 69.18 23.45 28.67
N TYR H 1067 70.27 22.73 28.48
CA TYR H 1067 71.61 23.28 28.29
C TYR H 1067 71.96 23.14 26.82
N VAL H 1068 72.27 24.26 26.17
CA VAL H 1068 72.64 24.28 24.76
C VAL H 1068 74.10 24.70 24.66
N PRO H 1069 74.97 23.91 24.03
CA PRO H 1069 76.35 24.36 23.80
C PRO H 1069 76.39 25.52 22.82
N ALA H 1070 77.37 26.40 23.00
CA ALA H 1070 77.49 27.59 22.16
C ALA H 1070 78.93 28.05 22.12
N GLN H 1071 79.23 28.86 21.09
CA GLN H 1071 80.57 29.45 20.86
C GLN H 1071 81.65 28.40 20.76
N GLU H 1072 81.45 27.43 19.86
CA GLU H 1072 82.40 26.35 19.68
C GLU H 1072 83.67 26.84 19.01
N LYS H 1073 84.77 26.11 19.25
CA LYS H 1073 86.08 26.47 18.75
C LYS H 1073 86.78 25.22 18.24
N ASN H 1074 87.48 25.36 17.12
CA ASN H 1074 88.29 24.29 16.56
C ASN H 1074 89.49 23.98 17.44
N PHE H 1075 89.83 22.70 17.54
CA PHE H 1075 91.07 22.23 18.15
C PHE H 1075 91.58 21.03 17.37
N THR H 1076 92.88 20.80 17.42
CA THR H 1076 93.47 19.61 16.82
C THR H 1076 93.50 18.49 17.85
N THR H 1077 92.92 17.34 17.52
CA THR H 1077 92.70 16.31 18.50
C THR H 1077 93.44 15.02 18.12
N ALA H 1078 93.67 14.19 19.12
CA ALA H 1078 94.36 12.92 18.97
C ALA H 1078 93.68 11.87 19.83
N PRO H 1079 93.70 10.60 19.42
CA PRO H 1079 93.09 9.57 20.27
C PRO H 1079 93.91 9.23 21.51
N ALA H 1080 95.22 9.37 21.46
CA ALA H 1080 96.06 8.95 22.58
C ALA H 1080 97.35 9.78 22.58
N ILE H 1081 98.03 9.75 23.72
CA ILE H 1081 99.31 10.44 23.90
C ILE H 1081 100.39 9.38 24.09
N CYS H 1082 101.44 9.46 23.28
CA CYS H 1082 102.57 8.54 23.40
C CYS H 1082 103.61 9.14 24.34
N HIS H 1083 103.93 8.43 25.41
CA HIS H 1083 104.93 8.90 26.35
C HIS H 1083 105.59 7.70 27.00
N ASP H 1084 106.94 7.69 26.97
CA ASP H 1084 107.79 6.64 27.55
C ASP H 1084 107.45 5.26 27.00
N GLY H 1085 107.11 5.21 25.71
CA GLY H 1085 106.71 3.96 25.10
C GLY H 1085 105.35 3.45 25.50
N LYS H 1086 104.52 4.29 26.11
CA LYS H 1086 103.20 3.89 26.57
C LYS H 1086 102.13 4.80 25.98
N ALA H 1087 100.96 4.23 25.76
CA ALA H 1087 99.81 4.96 25.24
C ALA H 1087 98.91 5.42 26.38
N HIS H 1088 98.58 6.70 26.39
CA HIS H 1088 97.77 7.32 27.42
C HIS H 1088 96.44 7.76 26.83
N PHE H 1089 95.35 7.41 27.50
CA PHE H 1089 94.00 7.71 27.06
C PHE H 1089 93.28 8.50 28.15
N PRO H 1090 92.40 9.44 27.80
CA PRO H 1090 91.73 10.25 28.83
C PRO H 1090 90.74 9.43 29.63
N ARG H 1091 90.69 9.70 30.93
CA ARG H 1091 89.74 8.98 31.79
C ARG H 1091 88.30 9.41 31.49
N GLU H 1092 88.06 10.70 31.36
CA GLU H 1092 86.73 11.22 31.09
C GLU H 1092 86.69 12.27 29.99
N GLY H 1093 87.82 12.84 29.60
CA GLY H 1093 87.83 13.94 28.67
C GLY H 1093 88.33 13.58 27.28
N VAL H 1094 89.08 14.50 26.68
CA VAL H 1094 89.50 14.40 25.30
C VAL H 1094 90.76 15.25 25.15
N PHE H 1095 91.73 14.74 24.40
CA PHE H 1095 92.96 15.48 24.12
C PHE H 1095 92.70 16.52 23.05
N VAL H 1096 93.08 17.76 23.33
CA VAL H 1096 92.94 18.86 22.39
C VAL H 1096 94.27 19.59 22.30
N SER H 1097 94.44 20.31 21.20
CA SER H 1097 95.63 21.12 21.00
C SER H 1097 95.22 22.43 20.34
N ASN H 1098 95.72 23.54 20.88
CA ASN H 1098 95.49 24.86 20.34
C ASN H 1098 96.52 25.24 19.29
N GLY H 1099 97.42 24.33 18.93
CA GLY H 1099 98.40 24.59 17.91
C GLY H 1099 99.81 24.21 18.31
N THR H 1100 100.17 24.44 19.58
CA THR H 1100 101.51 24.11 20.05
C THR H 1100 101.51 23.22 21.28
N HIS H 1101 100.49 23.33 22.12
CA HIS H 1101 100.46 22.63 23.40
C HIS H 1101 99.25 21.71 23.47
N TRP H 1102 99.43 20.58 24.14
CA TRP H 1102 98.40 19.56 24.28
C TRP H 1102 97.78 19.62 25.67
N PHE H 1103 96.46 19.49 25.73
CA PHE H 1103 95.72 19.52 26.97
C PHE H 1103 94.66 18.43 26.92
N VAL H 1104 94.01 18.20 28.07
CA VAL H 1104 92.85 17.35 28.15
C VAL H 1104 91.70 18.17 28.72
N THR H 1105 90.53 18.02 28.12
CA THR H 1105 89.37 18.80 28.53
C THR H 1105 88.14 17.91 28.58
N GLN H 1106 87.14 18.37 29.33
CA GLN H 1106 85.84 17.70 29.29
C GLN H 1106 85.17 17.95 27.96
N ARG H 1107 84.28 17.04 27.57
CA ARG H 1107 83.84 16.97 26.18
C ARG H 1107 82.83 18.05 25.81
N ASN H 1108 82.01 18.50 26.76
CA ASN H 1108 80.92 19.42 26.45
C ASN H 1108 81.23 20.86 26.82
N PHE H 1109 82.45 21.15 27.27
CA PHE H 1109 82.82 22.50 27.66
C PHE H 1109 84.34 22.61 27.60
N TYR H 1110 84.83 23.72 27.05
CA TYR H 1110 86.27 23.88 26.92
C TYR H 1110 86.85 24.29 28.28
N GLU H 1111 87.64 23.39 28.87
CA GLU H 1111 88.35 23.67 30.12
C GLU H 1111 89.66 22.93 30.05
N PRO H 1112 90.70 23.55 29.48
CA PRO H 1112 91.96 22.85 29.26
C PRO H 1112 92.73 22.63 30.56
N GLN H 1113 93.25 21.42 30.72
CA GLN H 1113 94.06 21.04 31.87
C GLN H 1113 95.31 20.31 31.39
N ILE H 1114 96.34 20.34 32.24
CA ILE H 1114 97.60 19.70 31.91
C ILE H 1114 97.41 18.18 31.89
N ILE H 1115 97.92 17.54 30.84
CA ILE H 1115 97.82 16.08 30.71
C ILE H 1115 98.74 15.44 31.75
N THR H 1116 98.15 14.82 32.76
CA THR H 1116 98.88 14.19 33.85
C THR H 1116 98.52 12.71 33.90
N THR H 1117 99.13 12.01 34.86
CA THR H 1117 98.77 10.63 35.13
C THR H 1117 97.47 10.50 35.90
N ASP H 1118 96.98 11.59 36.50
CA ASP H 1118 95.74 11.55 37.27
C ASP H 1118 94.49 11.63 36.41
N ASN H 1119 94.57 12.21 35.21
CA ASN H 1119 93.43 12.27 34.31
C ASN H 1119 93.61 11.39 33.08
N THR H 1120 94.65 10.56 33.02
CA THR H 1120 94.86 9.62 31.93
C THR H 1120 95.10 8.23 32.51
N PHE H 1121 94.91 7.23 31.67
CA PHE H 1121 95.21 5.85 32.01
C PHE H 1121 96.01 5.22 30.88
N VAL H 1122 96.82 4.23 31.25
CA VAL H 1122 97.81 3.63 30.35
C VAL H 1122 97.31 2.28 29.89
N SER H 1123 97.32 2.05 28.58
CA SER H 1123 96.96 0.75 28.02
C SER H 1123 97.78 0.52 26.77
N GLY H 1124 98.73 -0.42 26.83
CA GLY H 1124 99.50 -0.80 25.67
C GLY H 1124 100.59 0.19 25.32
N ASN H 1125 101.29 -0.10 24.22
CA ASN H 1125 102.33 0.76 23.71
C ASN H 1125 101.78 1.66 22.62
N CYS H 1126 102.68 2.38 21.94
CA CYS H 1126 102.29 3.36 20.93
C CYS H 1126 102.21 2.77 19.52
N ASP H 1127 102.47 1.48 19.36
CA ASP H 1127 102.56 0.89 18.04
C ASP H 1127 101.22 0.52 17.44
N VAL H 1128 100.15 0.48 18.24
CA VAL H 1128 98.87 -0.06 17.82
C VAL H 1128 97.87 1.04 17.47
N VAL H 1129 97.81 2.09 18.28
CA VAL H 1129 96.80 3.13 18.11
C VAL H 1129 97.13 3.99 16.91
N ILE H 1130 96.18 4.10 15.98
CA ILE H 1130 96.37 4.89 14.78
C ILE H 1130 96.14 6.36 15.10
N GLY H 1131 97.13 7.20 14.82
CA GLY H 1131 97.02 8.62 15.09
C GLY H 1131 97.52 9.06 16.44
N ILE H 1132 98.28 8.22 17.15
CA ILE H 1132 98.84 8.62 18.43
C ILE H 1132 99.95 9.64 18.20
N VAL H 1133 100.01 10.65 19.07
CA VAL H 1133 100.97 11.73 18.94
C VAL H 1133 101.90 11.73 20.14
N ASN H 1134 103.05 12.37 19.98
CA ASN H 1134 104.05 12.45 21.02
C ASN H 1134 103.86 13.71 21.84
N ASN H 1135 103.70 13.55 23.15
CA ASN H 1135 103.63 14.67 24.08
C ASN H 1135 104.03 14.16 25.45
N THR H 1136 104.53 15.07 26.28
CA THR H 1136 104.91 14.68 27.63
C THR H 1136 103.68 14.50 28.50
N VAL H 1137 103.83 13.68 29.53
CA VAL H 1137 102.78 13.46 30.52
C VAL H 1137 103.37 13.83 31.88
N TYR H 1138 102.81 14.85 32.51
CA TYR H 1138 103.35 15.34 33.77
C TYR H 1138 103.02 14.36 34.89
N ASP H 1139 103.92 14.26 35.85
CA ASP H 1139 103.70 13.45 37.05
C ASP H 1139 103.74 14.36 38.26
N PRO H 1140 102.65 14.46 39.03
CA PRO H 1140 102.69 15.28 40.25
C PRO H 1140 103.60 14.74 41.33
N LEU H 1141 103.88 13.44 41.32
CA LEU H 1141 104.74 12.85 42.34
C LEU H 1141 106.22 13.10 42.06
N GLN H 1142 106.57 13.49 40.82
CA GLN H 1142 107.96 13.68 40.43
C GLN H 1142 108.69 14.80 41.19
N PRO H 1143 108.12 16.01 41.41
CA PRO H 1143 108.83 16.96 42.29
C PRO H 1143 108.89 16.54 43.74
N GLU H 1144 108.08 15.59 44.18
CA GLU H 1144 108.11 15.18 45.58
C GLU H 1144 109.34 14.34 45.89
N LEU H 1145 109.71 13.40 45.02
CA LEU H 1145 110.98 12.71 45.23
C LEU H 1145 112.15 13.45 44.60
N ASP H 1146 111.89 14.45 43.76
CA ASP H 1146 112.97 15.35 43.34
C ASP H 1146 113.46 16.16 44.54
N SER H 1147 112.54 16.65 45.37
CA SER H 1147 112.91 17.38 46.57
C SER H 1147 113.26 16.43 47.71
N GLN I 14 10.55 -41.03 -43.48
CA GLN I 14 11.24 -42.32 -43.54
C GLN I 14 12.06 -42.55 -42.27
N CYS I 15 11.90 -43.72 -41.68
CA CYS I 15 12.66 -44.11 -40.50
C CYS I 15 13.19 -45.53 -40.72
N VAL I 16 14.38 -45.80 -40.17
CA VAL I 16 15.01 -47.11 -40.30
C VAL I 16 15.50 -47.55 -38.92
N ASN I 17 15.05 -48.72 -38.47
CA ASN I 17 15.64 -49.34 -37.29
C ASN I 17 17.01 -49.91 -37.62
N LEU I 18 18.00 -49.62 -36.78
CA LEU I 18 19.32 -50.23 -36.90
C LEU I 18 19.39 -51.41 -35.95
N THR I 19 19.45 -52.62 -36.51
CA THR I 19 19.29 -53.86 -35.74
C THR I 19 20.57 -54.69 -35.71
N THR I 20 21.70 -54.13 -36.14
CA THR I 20 22.98 -54.83 -36.15
C THR I 20 23.96 -54.25 -35.13
N ARG I 21 23.45 -53.61 -34.08
CA ARG I 21 24.29 -53.06 -33.04
C ARG I 21 24.84 -54.15 -32.13
N THR I 22 25.94 -53.84 -31.46
CA THR I 22 26.53 -54.72 -30.46
C THR I 22 26.27 -54.14 -29.08
N GLN I 23 25.74 -54.96 -28.18
CA GLN I 23 25.38 -54.47 -26.85
C GLN I 23 26.62 -54.25 -26.01
N LEU I 24 26.74 -53.05 -25.43
CA LEU I 24 27.88 -52.66 -24.62
C LEU I 24 27.45 -51.50 -23.74
N PRO I 25 27.82 -51.49 -22.46
CA PRO I 25 27.48 -50.33 -21.62
C PRO I 25 28.31 -49.13 -22.03
N PRO I 26 27.77 -47.92 -21.86
CA PRO I 26 28.55 -46.72 -22.15
C PRO I 26 29.67 -46.53 -21.15
N ALA I 27 30.74 -45.87 -21.59
CA ALA I 27 31.92 -45.77 -20.76
C ALA I 27 31.90 -44.46 -19.95
N TYR I 28 32.88 -44.31 -19.08
CA TYR I 28 33.05 -43.09 -18.31
C TYR I 28 34.54 -42.76 -18.27
N THR I 29 34.85 -41.47 -18.24
CA THR I 29 36.24 -41.04 -18.14
C THR I 29 36.30 -39.71 -17.41
N ASN I 30 37.49 -39.12 -17.38
CA ASN I 30 37.78 -37.94 -16.58
C ASN I 30 37.65 -36.68 -17.42
N SER I 31 37.05 -35.65 -16.81
CA SER I 31 36.89 -34.37 -17.49
C SER I 31 38.19 -33.58 -17.54
N PHE I 32 39.09 -33.84 -16.57
CA PHE I 32 40.34 -33.08 -16.35
C PHE I 32 39.95 -31.62 -16.12
N THR I 33 40.46 -30.67 -16.86
CA THR I 33 40.13 -29.26 -16.68
C THR I 33 39.48 -28.70 -17.94
N ARG I 34 38.57 -29.47 -18.52
CA ARG I 34 37.86 -29.08 -19.73
C ARG I 34 36.46 -28.60 -19.39
N GLY I 35 35.84 -27.93 -20.37
CA GLY I 35 34.49 -27.45 -20.21
C GLY I 35 34.35 -26.00 -19.80
N VAL I 36 35.45 -25.27 -19.69
CA VAL I 36 35.40 -23.88 -19.28
C VAL I 36 35.09 -23.02 -20.49
N TYR I 37 34.08 -22.15 -20.36
CA TYR I 37 33.69 -21.24 -21.42
C TYR I 37 33.76 -19.82 -20.89
N TYR I 38 33.72 -18.86 -21.79
CA TYR I 38 33.71 -17.48 -21.37
C TYR I 38 32.34 -17.16 -20.80
N PRO I 39 32.23 -16.70 -19.55
CA PRO I 39 30.91 -16.50 -18.95
C PRO I 39 30.17 -15.28 -19.46
N ASP I 40 30.86 -14.32 -20.06
CA ASP I 40 30.24 -13.10 -20.53
C ASP I 40 31.05 -12.54 -21.69
N LYS I 41 30.60 -11.41 -22.22
CA LYS I 41 31.19 -10.77 -23.38
C LYS I 41 32.15 -9.64 -23.01
N VAL I 42 32.66 -9.64 -21.78
CA VAL I 42 33.45 -8.54 -21.27
C VAL I 42 34.93 -8.88 -21.35
N PHE I 43 35.71 -7.96 -21.92
CA PHE I 43 37.16 -8.10 -21.95
C PHE I 43 37.76 -7.86 -20.58
N ARG I 44 38.66 -8.75 -20.17
CA ARG I 44 39.39 -8.61 -18.93
C ARG I 44 40.83 -9.00 -19.19
N SER I 45 41.77 -8.24 -18.66
CA SER I 45 43.18 -8.47 -18.95
C SER I 45 44.00 -8.46 -17.68
N SER I 46 44.85 -9.48 -17.53
CA SER I 46 45.82 -9.62 -16.43
C SER I 46 45.14 -9.58 -15.06
N VAL I 47 44.03 -10.30 -14.94
CA VAL I 47 43.19 -10.19 -13.76
C VAL I 47 42.80 -11.61 -13.32
N LEU I 48 42.40 -11.74 -12.07
CA LEU I 48 41.84 -12.99 -11.56
C LEU I 48 40.39 -12.72 -11.16
N HIS I 49 39.46 -13.33 -11.88
CA HIS I 49 38.04 -13.02 -11.76
C HIS I 49 37.28 -14.23 -11.24
N SER I 50 36.50 -14.03 -10.19
CA SER I 50 35.69 -15.09 -9.60
C SER I 50 34.28 -14.95 -10.12
N THR I 51 33.76 -16.02 -10.73
CA THR I 51 32.42 -15.99 -11.31
C THR I 51 31.63 -17.23 -10.91
N GLN I 52 30.33 -17.03 -10.72
CA GLN I 52 29.41 -18.07 -10.31
C GLN I 52 28.43 -18.29 -11.46
N ASP I 53 28.53 -19.45 -12.11
CA ASP I 53 27.75 -19.73 -13.31
C ASP I 53 27.61 -21.25 -13.44
N LEU I 54 26.89 -21.66 -14.48
CA LEU I 54 26.69 -23.08 -14.76
C LEU I 54 27.91 -23.63 -15.49
N PHE I 55 28.78 -24.29 -14.75
CA PHE I 55 30.06 -24.76 -15.23
C PHE I 55 30.17 -26.27 -15.15
N LEU I 56 31.08 -26.82 -15.92
CA LEU I 56 31.38 -28.24 -15.81
C LEU I 56 32.44 -28.44 -14.74
N PRO I 57 32.19 -29.29 -13.74
CA PRO I 57 33.17 -29.47 -12.66
C PRO I 57 34.45 -30.15 -13.13
N PHE I 58 35.55 -29.78 -12.49
CA PHE I 58 36.85 -30.32 -12.84
C PHE I 58 36.97 -31.76 -12.36
N PHE I 59 37.62 -32.59 -13.19
CA PHE I 59 37.88 -34.02 -12.93
C PHE I 59 36.57 -34.78 -12.68
N SER I 60 35.52 -34.41 -13.40
CA SER I 60 34.23 -35.02 -13.19
C SER I 60 34.10 -36.29 -14.05
N ASN I 61 33.02 -37.01 -13.81
CA ASN I 61 32.74 -38.26 -14.51
C ASN I 61 31.96 -37.93 -15.77
N VAL I 62 32.66 -37.92 -16.91
CA VAL I 62 32.07 -37.55 -18.19
C VAL I 62 31.77 -38.82 -18.98
N THR I 63 30.56 -38.91 -19.53
CA THR I 63 30.09 -40.14 -20.14
C THR I 63 30.60 -40.25 -21.57
N TRP I 64 31.07 -41.44 -21.93
CA TRP I 64 31.80 -41.70 -23.15
C TRP I 64 30.98 -42.62 -24.05
N PHE I 65 30.75 -42.18 -25.29
CA PHE I 65 30.03 -42.94 -26.30
C PHE I 65 30.91 -43.10 -27.53
N HIS I 66 30.79 -44.26 -28.17
CA HIS I 66 31.67 -44.65 -29.27
C HIS I 66 30.88 -44.83 -30.57
N ALA I 67 31.60 -44.72 -31.68
CA ALA I 67 31.11 -45.13 -32.99
C ALA I 67 32.29 -45.83 -33.66
N ILE I 68 32.23 -47.16 -33.72
CA ILE I 68 33.35 -47.97 -34.17
C ILE I 68 32.81 -49.29 -34.70
N HIS I 69 33.52 -49.88 -35.65
CA HIS I 69 33.16 -51.19 -36.19
C HIS I 69 34.41 -52.09 -36.23
N LYS I 77 30.90 -53.37 -33.71
CA LYS I 77 29.85 -52.53 -34.28
C LYS I 77 29.16 -51.69 -33.21
N ARG I 78 29.65 -50.47 -33.00
CA ARG I 78 29.08 -49.55 -32.03
C ARG I 78 28.46 -48.36 -32.73
N PHE I 79 27.23 -48.01 -32.32
CA PHE I 79 26.52 -46.86 -32.87
C PHE I 79 25.66 -46.28 -31.75
N ASP I 80 26.20 -45.28 -31.05
CA ASP I 80 25.63 -44.80 -29.80
C ASP I 80 24.79 -43.56 -30.08
N ASN I 81 23.48 -43.75 -30.23
CA ASN I 81 22.49 -42.68 -30.23
C ASN I 81 21.45 -42.98 -29.15
N PRO I 82 21.75 -42.73 -27.89
CA PRO I 82 20.76 -42.96 -26.84
C PRO I 82 19.91 -41.74 -26.57
N VAL I 83 19.00 -41.82 -25.61
CA VAL I 83 18.19 -40.69 -25.19
C VAL I 83 18.83 -40.12 -23.93
N LEU I 84 19.34 -38.89 -24.03
CA LEU I 84 20.02 -38.37 -22.86
C LEU I 84 19.26 -37.17 -22.29
N PRO I 85 19.30 -36.96 -20.97
CA PRO I 85 18.73 -35.74 -20.39
C PRO I 85 19.57 -34.52 -20.74
N PHE I 86 18.92 -33.36 -20.72
CA PHE I 86 19.62 -32.11 -20.94
C PHE I 86 20.03 -31.47 -19.62
N ASN I 87 19.14 -31.50 -18.63
CA ASN I 87 19.26 -30.91 -17.29
C ASN I 87 19.52 -29.41 -17.44
N ASP I 88 20.44 -28.83 -16.65
CA ASP I 88 20.67 -27.40 -16.70
C ASP I 88 21.55 -26.97 -17.87
N GLY I 89 22.29 -27.90 -18.47
CA GLY I 89 23.16 -27.58 -19.58
C GLY I 89 24.05 -28.75 -19.94
N VAL I 90 24.58 -28.78 -21.16
CA VAL I 90 25.31 -29.94 -21.65
C VAL I 90 26.65 -29.50 -22.19
N TYR I 91 27.73 -30.10 -21.67
CA TYR I 91 29.03 -30.04 -22.32
C TYR I 91 29.17 -31.21 -23.26
N PHE I 92 29.50 -30.94 -24.52
CA PHE I 92 29.59 -31.96 -25.56
C PHE I 92 30.99 -31.91 -26.15
N ALA I 93 31.77 -32.97 -25.94
CA ALA I 93 33.11 -33.07 -26.50
C ALA I 93 33.10 -34.12 -27.60
N SER I 94 33.94 -33.92 -28.61
CA SER I 94 33.94 -34.79 -29.77
C SER I 94 35.37 -35.01 -30.25
N THR I 95 35.86 -36.24 -30.13
CA THR I 95 37.12 -36.65 -30.74
C THR I 95 36.74 -37.25 -32.09
N GLU I 96 36.95 -36.44 -33.13
CA GLU I 96 36.35 -36.64 -34.45
C GLU I 96 37.42 -36.65 -35.52
N LYS I 97 37.31 -37.61 -36.44
CA LYS I 97 37.95 -37.57 -37.73
C LYS I 97 36.93 -38.00 -38.77
N SER I 98 37.09 -37.50 -40.00
CA SER I 98 36.31 -37.85 -41.20
C SER I 98 34.80 -37.55 -41.06
N ASN I 99 34.42 -36.68 -40.12
CA ASN I 99 33.13 -35.97 -40.11
C ASN I 99 31.91 -36.91 -40.02
N ILE I 100 31.79 -37.59 -38.88
CA ILE I 100 30.59 -38.38 -38.62
C ILE I 100 29.54 -37.58 -37.85
N ILE I 101 29.94 -36.84 -36.82
CA ILE I 101 28.98 -36.08 -36.01
C ILE I 101 28.48 -34.87 -36.80
N ARG I 102 27.17 -34.75 -36.93
CA ARG I 102 26.58 -33.75 -37.81
C ARG I 102 25.63 -32.77 -37.15
N GLY I 103 25.05 -33.08 -36.00
CA GLY I 103 24.15 -32.12 -35.38
C GLY I 103 23.48 -32.68 -34.14
N TRP I 104 22.49 -31.93 -33.66
CA TRP I 104 21.79 -32.25 -32.42
C TRP I 104 20.30 -31.99 -32.54
N ILE I 105 19.58 -32.68 -31.66
CA ILE I 105 18.13 -32.56 -31.51
C ILE I 105 17.86 -32.15 -30.06
N PHE I 106 17.04 -31.11 -29.87
CA PHE I 106 16.66 -30.69 -28.53
C PHE I 106 15.15 -30.66 -28.40
N GLY I 107 14.66 -30.98 -27.21
CA GLY I 107 13.22 -30.92 -26.98
C GLY I 107 12.85 -31.46 -25.62
N THR I 108 11.56 -31.77 -25.47
CA THR I 108 11.05 -32.40 -24.25
C THR I 108 10.48 -33.78 -24.53
N THR I 109 9.58 -33.91 -25.49
CA THR I 109 9.01 -35.19 -25.86
C THR I 109 9.48 -35.70 -27.22
N LEU I 110 10.13 -34.84 -28.02
CA LEU I 110 10.74 -35.17 -29.31
C LEU I 110 9.72 -35.74 -30.30
N ASP I 111 8.51 -35.19 -30.29
CA ASP I 111 7.46 -35.59 -31.21
C ASP I 111 6.68 -34.34 -31.61
N SER I 112 5.55 -34.55 -32.29
CA SER I 112 4.73 -33.43 -32.75
C SER I 112 3.88 -32.82 -31.65
N LYS I 113 3.83 -33.42 -30.46
CA LYS I 113 3.06 -32.85 -29.36
C LYS I 113 3.70 -31.57 -28.84
N THR I 114 5.01 -31.57 -28.68
CA THR I 114 5.76 -30.39 -28.25
C THR I 114 6.58 -29.85 -29.42
N GLN I 115 7.29 -28.75 -29.16
CA GLN I 115 8.06 -28.06 -30.17
C GLN I 115 9.55 -28.31 -29.92
N SER I 116 10.28 -28.66 -30.97
CA SER I 116 11.64 -29.17 -30.86
C SER I 116 12.59 -28.39 -31.76
N LEU I 117 13.86 -28.42 -31.37
CA LEU I 117 14.94 -27.70 -32.03
C LEU I 117 15.81 -28.66 -32.81
N LEU I 118 16.13 -28.28 -34.05
CA LEU I 118 16.93 -29.04 -34.99
C LEU I 118 18.17 -28.21 -35.28
N ILE I 119 19.36 -28.76 -35.03
CA ILE I 119 20.60 -28.20 -35.56
C ILE I 119 21.28 -29.27 -36.39
N VAL I 120 21.48 -29.00 -37.67
CA VAL I 120 22.15 -29.94 -38.55
C VAL I 120 23.25 -29.23 -39.31
N ASN I 121 24.27 -30.01 -39.69
CA ASN I 121 25.35 -29.57 -40.57
C ASN I 121 25.50 -30.66 -41.62
N ASN I 122 24.77 -30.54 -42.72
CA ASN I 122 24.87 -31.50 -43.81
C ASN I 122 26.02 -31.09 -44.73
N ALA I 123 26.07 -31.66 -45.94
CA ALA I 123 27.18 -31.44 -46.85
C ALA I 123 27.28 -30.01 -47.39
N THR I 124 26.24 -29.18 -47.20
CA THR I 124 26.25 -27.81 -47.72
C THR I 124 26.29 -26.75 -46.64
N ASN I 125 25.35 -26.76 -45.69
CA ASN I 125 25.21 -25.63 -44.79
C ASN I 125 24.70 -26.09 -43.43
N VAL I 126 24.69 -25.15 -42.48
CA VAL I 126 24.22 -25.39 -41.12
C VAL I 126 22.82 -24.79 -40.98
N VAL I 127 21.88 -25.63 -40.57
CA VAL I 127 20.46 -25.26 -40.50
C VAL I 127 19.99 -25.42 -39.07
N ILE I 128 19.35 -24.38 -38.55
CA ILE I 128 18.70 -24.39 -37.25
C ILE I 128 17.22 -24.12 -37.47
N LYS I 129 16.37 -25.06 -37.03
CA LYS I 129 14.93 -24.90 -37.19
C LYS I 129 14.21 -25.28 -35.90
N VAL I 130 13.20 -24.50 -35.54
CA VAL I 130 12.38 -24.77 -34.38
C VAL I 130 10.99 -25.14 -34.89
N CYS I 131 10.68 -26.43 -34.92
CA CYS I 131 9.44 -26.89 -35.52
C CYS I 131 8.90 -28.02 -34.64
N GLU I 132 7.67 -28.46 -34.93
CA GLU I 132 7.16 -29.66 -34.26
C GLU I 132 7.42 -30.88 -35.14
N PHE I 133 8.66 -31.36 -35.08
CA PHE I 133 9.05 -32.53 -35.86
C PHE I 133 8.52 -33.80 -35.24
N GLN I 134 7.98 -34.69 -36.07
CA GLN I 134 7.70 -36.07 -35.66
C GLN I 134 8.96 -36.87 -35.91
N PHE I 135 9.81 -36.95 -34.88
CA PHE I 135 11.13 -37.54 -35.00
C PHE I 135 11.09 -39.06 -35.09
N CYS I 136 12.03 -39.62 -35.84
CA CYS I 136 12.25 -41.05 -35.87
C CYS I 136 12.88 -41.52 -34.57
N ASN I 137 12.76 -42.84 -34.33
CA ASN I 137 13.40 -43.42 -33.16
C ASN I 137 14.91 -43.44 -33.31
N ASP I 138 15.41 -43.59 -34.54
CA ASP I 138 16.84 -43.58 -34.82
C ASP I 138 17.12 -42.57 -35.93
N PRO I 139 17.28 -41.29 -35.60
CA PRO I 139 17.55 -40.28 -36.63
C PRO I 139 19.02 -40.29 -37.02
N PHE I 140 19.28 -40.14 -38.32
CA PHE I 140 20.62 -40.33 -38.86
C PHE I 140 20.76 -39.62 -40.20
N LEU I 141 22.02 -39.39 -40.57
CA LEU I 141 22.45 -39.04 -41.92
C LEU I 141 23.23 -40.20 -42.51
N GLY I 142 23.53 -40.10 -43.80
CA GLY I 142 24.26 -41.18 -44.45
C GLY I 142 25.18 -40.74 -45.57
N VAL I 143 26.33 -41.39 -45.70
CA VAL I 143 27.29 -41.11 -46.76
C VAL I 143 27.48 -42.37 -47.56
N TYR I 144 27.26 -42.27 -48.88
CA TYR I 144 27.45 -43.39 -49.79
C TYR I 144 28.84 -43.34 -50.39
N TYR I 145 29.53 -44.48 -50.41
CA TYR I 145 30.85 -44.56 -51.03
C TYR I 145 30.83 -45.50 -52.23
N MET I 153 29.61 -39.40 -51.09
CA MET I 153 28.49 -38.48 -51.29
C MET I 153 27.39 -38.72 -50.27
N GLU I 154 26.71 -37.65 -49.88
CA GLU I 154 25.62 -37.72 -48.90
C GLU I 154 24.30 -37.81 -49.65
N SER I 155 23.60 -38.94 -49.48
CA SER I 155 22.33 -39.15 -50.15
C SER I 155 21.31 -39.82 -49.24
N GLU I 156 21.40 -39.59 -47.93
CA GLU I 156 20.49 -40.25 -47.00
C GLU I 156 20.27 -39.35 -45.80
N PHE I 157 19.00 -39.09 -45.49
CA PHE I 157 18.62 -38.16 -44.43
C PHE I 157 17.33 -38.69 -43.83
N ARG I 158 17.39 -39.23 -42.61
CA ARG I 158 16.19 -39.74 -41.95
C ARG I 158 16.21 -39.26 -40.51
N VAL I 159 15.66 -38.05 -40.28
CA VAL I 159 15.60 -37.46 -38.96
C VAL I 159 14.15 -37.29 -38.49
N TYR I 160 13.30 -36.72 -39.33
CA TYR I 160 11.90 -36.51 -38.98
C TYR I 160 11.01 -36.93 -40.13
N SER I 161 9.74 -37.22 -39.80
CA SER I 161 8.75 -37.56 -40.81
C SER I 161 7.83 -36.40 -41.17
N SER I 162 7.77 -35.36 -40.35
CA SER I 162 6.89 -34.22 -40.63
C SER I 162 7.42 -32.98 -39.93
N ALA I 163 6.94 -31.82 -40.38
CA ALA I 163 7.24 -30.54 -39.73
C ALA I 163 6.12 -29.57 -40.07
N ASN I 164 5.25 -29.30 -39.09
CA ASN I 164 4.02 -28.56 -39.33
C ASN I 164 4.08 -27.09 -38.93
N ASN I 165 4.48 -26.79 -37.70
CA ASN I 165 4.44 -25.42 -37.16
C ASN I 165 5.85 -24.99 -36.82
N CYS I 166 6.43 -24.12 -37.66
CA CYS I 166 7.80 -23.66 -37.53
C CYS I 166 7.83 -22.19 -37.13
N THR I 167 8.59 -21.88 -36.08
CA THR I 167 8.68 -20.52 -35.56
C THR I 167 10.03 -19.85 -35.83
N PHE I 168 11.14 -20.58 -35.80
CA PHE I 168 12.46 -19.98 -35.94
C PHE I 168 13.28 -20.75 -36.98
N GLU I 169 13.86 -20.03 -37.94
CA GLU I 169 14.75 -20.62 -38.92
C GLU I 169 16.02 -19.78 -39.02
N TYR I 170 17.16 -20.45 -39.14
CA TYR I 170 18.45 -19.76 -39.14
C TYR I 170 19.47 -20.61 -39.89
N VAL I 171 19.83 -20.18 -41.10
CA VAL I 171 20.84 -20.86 -41.91
C VAL I 171 22.13 -20.07 -41.82
N SER I 172 23.22 -20.73 -41.45
CA SER I 172 24.47 -20.03 -41.15
C SER I 172 25.66 -20.82 -41.70
N GLN I 173 26.85 -20.37 -41.32
CA GLN I 173 28.11 -20.93 -41.76
C GLN I 173 28.36 -22.32 -41.14
N PRO I 174 29.22 -23.13 -41.76
CA PRO I 174 29.63 -24.41 -41.15
C PRO I 174 30.42 -24.20 -39.87
N PHE I 175 29.91 -24.76 -38.76
CA PHE I 175 30.63 -24.72 -37.49
C PHE I 175 31.89 -25.57 -37.55
N LEU I 176 31.80 -26.75 -38.16
CA LEU I 176 32.89 -27.71 -38.13
C LEU I 176 33.76 -27.60 -39.38
N ASN I 185 43.38 -42.60 -36.19
CA ASN I 185 43.76 -41.60 -35.20
C ASN I 185 42.84 -40.38 -35.28
N PHE I 186 42.28 -40.00 -34.15
CA PHE I 186 41.43 -38.82 -34.09
C PHE I 186 42.26 -37.55 -34.23
N LYS I 187 41.85 -36.67 -35.14
CA LYS I 187 42.61 -35.48 -35.46
C LYS I 187 41.97 -34.18 -34.98
N ASN I 188 40.67 -34.17 -34.75
CA ASN I 188 39.96 -32.93 -34.43
C ASN I 188 39.23 -33.08 -33.12
N LEU I 189 39.27 -32.02 -32.31
CA LEU I 189 38.55 -31.98 -31.04
C LEU I 189 37.53 -30.84 -31.10
N ARG I 190 36.27 -31.18 -30.86
CA ARG I 190 35.17 -30.22 -30.90
C ARG I 190 34.60 -30.11 -29.50
N GLU I 191 34.67 -28.92 -28.89
CA GLU I 191 33.97 -28.71 -27.64
C GLU I 191 32.81 -27.74 -27.85
N PHE I 192 31.66 -28.10 -27.28
CA PHE I 192 30.46 -27.29 -27.32
C PHE I 192 29.86 -27.23 -25.93
N VAL I 193 29.25 -26.10 -25.61
CA VAL I 193 28.48 -25.94 -24.38
C VAL I 193 27.11 -25.43 -24.80
N PHE I 194 26.06 -26.18 -24.46
CA PHE I 194 24.69 -25.81 -24.76
C PHE I 194 24.01 -25.43 -23.45
N LYS I 195 23.51 -24.20 -23.38
CA LYS I 195 22.78 -23.71 -22.23
C LYS I 195 21.45 -23.10 -22.68
N ASN I 196 20.45 -23.16 -21.81
CA ASN I 196 19.12 -22.62 -22.13
C ASN I 196 18.66 -21.83 -20.91
N ILE I 197 18.82 -20.51 -20.94
CA ILE I 197 18.39 -19.64 -19.85
C ILE I 197 17.55 -18.51 -20.42
N ASP I 198 16.36 -18.31 -19.86
CA ASP I 198 15.47 -17.16 -20.14
C ASP I 198 15.07 -17.10 -21.61
N GLY I 199 14.82 -18.26 -22.20
CA GLY I 199 14.49 -18.33 -23.60
C GLY I 199 15.65 -18.16 -24.54
N TYR I 200 16.88 -18.13 -24.02
CA TYR I 200 18.08 -17.94 -24.82
C TYR I 200 18.88 -19.23 -24.83
N PHE I 201 19.21 -19.71 -26.03
CA PHE I 201 20.03 -20.89 -26.20
C PHE I 201 21.44 -20.41 -26.52
N LYS I 202 22.34 -20.57 -25.56
CA LYS I 202 23.73 -20.19 -25.73
C LYS I 202 24.52 -21.41 -26.18
N ILE I 203 25.17 -21.30 -27.34
CA ILE I 203 26.07 -22.33 -27.82
C ILE I 203 27.47 -21.73 -27.81
N TYR I 204 28.38 -22.39 -27.09
CA TYR I 204 29.78 -22.02 -27.01
C TYR I 204 30.58 -23.11 -27.72
N SER I 205 31.63 -22.71 -28.44
CA SER I 205 32.35 -23.69 -29.25
C SER I 205 33.86 -23.42 -29.17
N LYS I 206 34.62 -24.49 -29.36
CA LYS I 206 36.07 -24.41 -29.48
C LYS I 206 36.57 -25.58 -30.31
N HIS I 207 37.48 -25.27 -31.24
CA HIS I 207 38.02 -26.23 -32.20
C HIS I 207 39.49 -26.42 -31.89
N THR I 208 39.92 -27.67 -31.71
CA THR I 208 41.28 -27.92 -31.25
C THR I 208 41.96 -28.95 -32.13
N PRO I 209 43.13 -28.64 -32.69
CA PRO I 209 43.92 -29.67 -33.39
C PRO I 209 44.62 -30.57 -32.39
N ILE I 210 44.32 -31.87 -32.44
CA ILE I 210 44.90 -32.86 -31.53
C ILE I 210 45.47 -34.01 -32.34
N ASN I 211 46.27 -34.84 -31.66
CA ASN I 211 46.81 -36.05 -32.25
C ASN I 211 46.80 -37.20 -31.25
N LEU I 212 45.86 -37.20 -30.31
CA LEU I 212 45.77 -38.22 -29.29
C LEU I 212 44.75 -39.26 -29.74
N VAL I 213 45.01 -40.52 -29.37
CA VAL I 213 44.34 -41.64 -30.03
C VAL I 213 42.94 -41.88 -29.48
N ARG I 214 42.82 -42.03 -28.16
CA ARG I 214 41.61 -42.64 -27.62
C ARG I 214 40.78 -41.74 -26.72
N ASP I 215 41.40 -40.98 -25.83
CA ASP I 215 40.68 -40.34 -24.73
C ASP I 215 40.72 -38.82 -24.89
N LEU I 216 40.17 -38.13 -23.90
CA LEU I 216 40.26 -36.67 -23.86
C LEU I 216 41.68 -36.25 -23.52
N PRO I 217 42.29 -35.36 -24.29
CA PRO I 217 43.60 -34.81 -23.91
C PRO I 217 43.50 -33.97 -22.65
N GLN I 218 44.60 -33.95 -21.90
CA GLN I 218 44.65 -33.25 -20.62
C GLN I 218 45.26 -31.88 -20.85
N GLY I 219 44.47 -30.84 -20.60
CA GLY I 219 44.89 -29.48 -20.85
C GLY I 219 43.76 -28.53 -20.57
N PHE I 220 43.95 -27.28 -20.97
CA PHE I 220 42.96 -26.25 -20.71
C PHE I 220 42.72 -25.46 -22.00
N SER I 221 41.45 -25.21 -22.31
CA SER I 221 41.07 -24.41 -23.47
C SER I 221 39.72 -23.79 -23.20
N ALA I 222 39.68 -22.46 -23.10
CA ALA I 222 38.45 -21.75 -22.80
C ALA I 222 37.58 -21.65 -24.05
N LEU I 223 36.30 -21.96 -23.90
CA LEU I 223 35.39 -22.06 -25.04
C LEU I 223 34.82 -20.69 -25.36
N GLU I 224 35.04 -20.22 -26.59
CA GLU I 224 34.46 -18.97 -27.04
C GLU I 224 32.97 -19.14 -27.37
N PRO I 225 32.17 -18.09 -27.18
CA PRO I 225 30.75 -18.17 -27.56
C PRO I 225 30.58 -18.22 -29.07
N LEU I 226 29.75 -19.16 -29.52
CA LEU I 226 29.50 -19.36 -30.94
C LEU I 226 28.24 -18.64 -31.39
N VAL I 227 27.11 -18.90 -30.76
CA VAL I 227 25.85 -18.31 -31.21
C VAL I 227 24.88 -18.21 -30.02
N ASP I 228 23.98 -17.23 -30.09
CA ASP I 228 22.87 -17.10 -29.16
C ASP I 228 21.57 -17.13 -29.95
N LEU I 229 20.73 -18.12 -29.66
CA LEU I 229 19.50 -18.33 -30.41
C LEU I 229 18.30 -18.02 -29.54
N PRO I 230 17.41 -17.15 -29.97
CA PRO I 230 16.20 -16.83 -29.19
C PRO I 230 15.05 -17.81 -29.45
N ILE I 231 15.24 -19.06 -29.02
CA ILE I 231 14.29 -20.11 -29.37
C ILE I 231 13.08 -20.12 -28.43
N GLY I 232 13.29 -19.84 -27.14
CA GLY I 232 12.20 -19.75 -26.17
C GLY I 232 11.39 -21.00 -25.96
N ILE I 233 12.02 -22.17 -25.96
CA ILE I 233 11.31 -23.44 -25.82
C ILE I 233 11.87 -24.23 -24.63
N ASN I 234 11.04 -25.12 -24.12
CA ASN I 234 11.42 -26.02 -23.04
C ASN I 234 12.26 -27.16 -23.60
N ILE I 235 13.43 -27.40 -23.01
CA ILE I 235 14.34 -28.46 -23.43
C ILE I 235 14.73 -29.28 -22.21
N THR I 236 14.43 -30.58 -22.26
CA THR I 236 14.90 -31.51 -21.24
C THR I 236 15.64 -32.72 -21.78
N ARG I 237 15.56 -32.99 -23.09
CA ARG I 237 16.16 -34.17 -23.70
C ARG I 237 16.83 -33.77 -25.00
N PHE I 238 17.91 -34.47 -25.35
CA PHE I 238 18.64 -34.14 -26.55
C PHE I 238 19.22 -35.41 -27.18
N GLN I 239 19.56 -35.29 -28.45
CA GLN I 239 19.98 -36.41 -29.30
C GLN I 239 21.20 -35.96 -30.09
N THR I 240 22.18 -36.85 -30.20
CA THR I 240 23.29 -36.66 -31.13
C THR I 240 22.94 -37.28 -32.47
N LEU I 241 23.25 -36.58 -33.55
CA LEU I 241 23.02 -37.06 -34.91
C LEU I 241 24.34 -37.52 -35.51
N LEU I 242 24.36 -38.76 -35.99
CA LEU I 242 25.54 -39.33 -36.61
C LEU I 242 25.26 -39.61 -38.08
N ALA I 243 26.29 -40.09 -38.76
CA ALA I 243 26.22 -40.41 -40.19
C ALA I 243 26.74 -41.82 -40.41
N LEU I 244 25.98 -42.59 -41.19
CA LEU I 244 26.36 -43.93 -41.58
C LEU I 244 27.33 -43.87 -42.76
N HIS I 245 28.06 -44.95 -42.96
CA HIS I 245 28.89 -45.12 -44.14
C HIS I 245 28.43 -46.37 -44.87
N ARG I 246 28.06 -46.22 -46.14
CA ARG I 246 27.53 -47.33 -46.93
C ARG I 246 28.49 -47.63 -48.08
N SER I 247 28.56 -48.90 -48.44
CA SER I 247 29.44 -49.34 -49.53
C SER I 247 28.79 -50.45 -50.34
N GLY I 257 24.61 -53.70 -45.79
CA GLY I 257 24.28 -53.05 -44.53
C GLY I 257 24.90 -51.67 -44.39
N TRP I 258 25.20 -51.29 -43.14
CA TRP I 258 25.80 -50.00 -42.85
C TRP I 258 27.06 -50.20 -42.02
N THR I 259 27.95 -49.20 -42.10
CA THR I 259 29.18 -49.18 -41.33
C THR I 259 29.30 -47.85 -40.62
N ALA I 260 29.75 -47.89 -39.36
CA ALA I 260 29.91 -46.70 -38.55
C ALA I 260 31.37 -46.25 -38.61
N GLY I 261 31.59 -45.00 -39.02
CA GLY I 261 32.92 -44.46 -39.02
C GLY I 261 33.45 -44.21 -37.62
N ALA I 262 34.77 -44.16 -37.51
CA ALA I 262 35.44 -44.06 -36.21
C ALA I 262 35.25 -42.67 -35.63
N ALA I 263 34.53 -42.57 -34.52
CA ALA I 263 34.27 -41.31 -33.86
C ALA I 263 34.00 -41.58 -32.39
N ALA I 264 34.16 -40.55 -31.55
CA ALA I 264 33.86 -40.74 -30.14
C ALA I 264 33.42 -39.41 -29.57
N TYR I 265 32.40 -39.44 -28.70
CA TYR I 265 31.95 -38.21 -28.09
C TYR I 265 31.68 -38.42 -26.60
N TYR I 266 31.60 -37.30 -25.90
CA TYR I 266 31.56 -37.25 -24.45
C TYR I 266 30.51 -36.25 -24.02
N VAL I 267 29.70 -36.64 -23.04
CA VAL I 267 28.61 -35.81 -22.55
C VAL I 267 28.85 -35.57 -21.06
N GLY I 268 28.93 -34.29 -20.69
CA GLY I 268 28.99 -33.91 -19.30
C GLY I 268 27.88 -32.91 -19.00
N TYR I 269 27.63 -32.73 -17.71
CA TYR I 269 26.50 -31.94 -17.25
C TYR I 269 26.99 -30.77 -16.42
N LEU I 270 26.41 -29.60 -16.66
CA LEU I 270 26.80 -28.38 -15.97
C LEU I 270 26.09 -28.27 -14.64
N GLN I 271 26.79 -27.73 -13.65
CA GLN I 271 26.26 -27.47 -12.33
C GLN I 271 26.57 -26.02 -11.96
N PRO I 272 25.70 -25.38 -11.16
CA PRO I 272 25.99 -24.01 -10.73
C PRO I 272 27.09 -23.97 -9.68
N ARG I 273 28.22 -23.35 -10.03
CA ARG I 273 29.36 -23.31 -9.13
C ARG I 273 30.22 -22.10 -9.49
N THR I 274 31.26 -21.90 -8.69
CA THR I 274 32.18 -20.77 -8.83
C THR I 274 33.52 -21.24 -9.39
N PHE I 275 34.01 -20.55 -10.40
CA PHE I 275 35.39 -20.68 -10.86
C PHE I 275 36.15 -19.38 -10.64
N LEU I 276 37.45 -19.53 -10.38
CA LEU I 276 38.40 -18.43 -10.41
C LEU I 276 39.16 -18.53 -11.72
N LEU I 277 38.89 -17.61 -12.64
CA LEU I 277 39.48 -17.60 -13.97
C LEU I 277 40.64 -16.62 -14.00
N LYS I 278 41.69 -16.97 -14.74
CA LYS I 278 42.85 -16.09 -14.89
C LYS I 278 42.86 -15.55 -16.31
N TYR I 279 42.85 -14.22 -16.44
CA TYR I 279 42.93 -13.53 -17.71
C TYR I 279 44.34 -12.98 -17.89
N ASN I 280 44.98 -13.32 -19.01
CA ASN I 280 46.36 -12.92 -19.27
C ASN I 280 46.40 -11.50 -19.82
N GLU I 281 47.56 -11.09 -20.35
CA GLU I 281 47.69 -9.77 -20.93
C GLU I 281 46.97 -9.63 -22.27
N ASN I 282 46.59 -10.73 -22.89
CA ASN I 282 45.89 -10.70 -24.17
C ASN I 282 44.40 -10.96 -24.04
N GLY I 283 43.89 -11.02 -22.80
CA GLY I 283 42.46 -11.20 -22.61
C GLY I 283 41.95 -12.62 -22.78
N THR I 284 42.84 -13.60 -22.78
CA THR I 284 42.47 -14.99 -22.96
C THR I 284 42.52 -15.72 -21.62
N ILE I 285 41.47 -16.47 -21.32
CA ILE I 285 41.45 -17.29 -20.09
C ILE I 285 42.47 -18.41 -20.25
N THR I 286 43.52 -18.39 -19.43
CA THR I 286 44.60 -19.36 -19.53
C THR I 286 44.60 -20.40 -18.44
N ASP I 287 43.94 -20.15 -17.32
CA ASP I 287 43.87 -21.14 -16.24
C ASP I 287 42.62 -20.89 -15.41
N ALA I 288 42.20 -21.92 -14.69
CA ALA I 288 40.98 -21.85 -13.90
C ALA I 288 41.13 -22.67 -12.63
N VAL I 289 40.35 -22.28 -11.62
CA VAL I 289 40.30 -22.94 -10.33
C VAL I 289 38.84 -23.26 -10.01
N ASP I 290 38.55 -24.54 -9.75
CA ASP I 290 37.23 -24.94 -9.27
C ASP I 290 37.17 -24.69 -7.77
N CYS I 291 36.24 -23.83 -7.35
CA CYS I 291 36.22 -23.34 -5.98
C CYS I 291 35.73 -24.38 -4.98
N ALA I 292 35.02 -25.41 -5.44
CA ALA I 292 34.47 -26.43 -4.56
C ALA I 292 35.04 -27.83 -4.84
N LEU I 293 36.21 -27.91 -5.46
CA LEU I 293 36.79 -29.22 -5.76
C LEU I 293 37.49 -29.82 -4.54
N ASP I 294 38.51 -29.16 -4.05
CA ASP I 294 39.30 -29.60 -2.90
C ASP I 294 39.63 -28.37 -2.06
N PRO I 295 40.01 -28.56 -0.78
CA PRO I 295 40.34 -27.41 0.08
C PRO I 295 41.49 -26.53 -0.40
N LEU I 296 42.43 -27.06 -1.19
CA LEU I 296 43.50 -26.23 -1.74
C LEU I 296 42.95 -25.23 -2.74
N SER I 297 42.13 -25.71 -3.69
CA SER I 297 41.52 -24.79 -4.64
C SER I 297 40.44 -23.94 -4.00
N GLU I 298 39.85 -24.38 -2.89
CA GLU I 298 38.94 -23.50 -2.15
C GLU I 298 39.70 -22.39 -1.44
N THR I 299 40.92 -22.67 -0.98
CA THR I 299 41.79 -21.63 -0.45
C THR I 299 42.21 -20.65 -1.55
N LYS I 300 42.49 -21.17 -2.74
CA LYS I 300 42.79 -20.31 -3.89
C LYS I 300 41.59 -19.45 -4.27
N CYS I 301 40.39 -20.01 -4.15
CA CYS I 301 39.15 -19.27 -4.37
C CYS I 301 38.96 -18.17 -3.33
N THR I 302 39.27 -18.45 -2.07
CA THR I 302 39.08 -17.47 -1.01
C THR I 302 40.11 -16.35 -1.10
N LEU I 303 41.38 -16.70 -1.35
CA LEU I 303 42.45 -15.71 -1.38
C LEU I 303 42.52 -14.94 -2.69
N LYS I 304 41.71 -15.32 -3.69
CA LYS I 304 41.71 -14.73 -5.03
C LYS I 304 43.09 -14.77 -5.69
N SER I 305 43.80 -15.88 -5.49
CA SER I 305 45.13 -16.03 -6.05
C SER I 305 45.38 -17.47 -6.42
N PHE I 306 46.22 -17.68 -7.43
CA PHE I 306 46.58 -19.03 -7.87
C PHE I 306 47.78 -19.58 -7.11
N THR I 307 48.45 -18.74 -6.32
CA THR I 307 49.55 -19.16 -5.47
C THR I 307 49.18 -18.83 -4.03
N VAL I 308 49.42 -19.77 -3.14
CA VAL I 308 49.06 -19.65 -1.73
C VAL I 308 50.34 -19.65 -0.93
N GLU I 309 50.53 -18.61 -0.11
CA GLU I 309 51.68 -18.54 0.77
C GLU I 309 51.48 -19.54 1.92
N LYS I 310 52.60 -19.98 2.51
CA LYS I 310 52.56 -20.89 3.63
C LYS I 310 51.85 -20.27 4.83
N GLY I 311 50.91 -21.01 5.40
CA GLY I 311 50.16 -20.52 6.54
C GLY I 311 48.85 -21.27 6.68
N ILE I 312 48.03 -20.77 7.59
CA ILE I 312 46.70 -21.30 7.86
C ILE I 312 45.67 -20.26 7.43
N TYR I 313 44.66 -20.70 6.69
CA TYR I 313 43.68 -19.80 6.10
C TYR I 313 42.29 -20.32 6.40
N GLN I 314 41.49 -19.53 7.12
CA GLN I 314 40.10 -19.89 7.38
C GLN I 314 39.32 -19.69 6.09
N THR I 315 38.86 -20.79 5.49
CA THR I 315 38.23 -20.74 4.18
C THR I 315 36.73 -20.95 4.21
N SER I 316 36.20 -21.79 5.08
CA SER I 316 34.79 -22.13 4.96
C SER I 316 34.20 -22.34 6.35
N ASN I 317 33.02 -22.95 6.40
CA ASN I 317 32.38 -23.31 7.64
C ASN I 317 31.70 -24.66 7.47
N PHE I 318 31.65 -25.41 8.57
CA PHE I 318 30.99 -26.71 8.61
C PHE I 318 29.93 -26.65 9.70
N ARG I 319 28.68 -26.82 9.30
CA ARG I 319 27.56 -26.90 10.23
C ARG I 319 26.90 -28.26 10.09
N VAL I 320 26.73 -28.95 11.22
CA VAL I 320 25.99 -30.20 11.24
C VAL I 320 24.54 -29.93 10.86
N GLN I 321 23.98 -30.76 9.99
CA GLN I 321 22.63 -30.48 9.54
C GLN I 321 21.66 -31.49 10.13
N PRO I 322 20.42 -31.07 10.46
CA PRO I 322 19.45 -31.97 11.08
C PRO I 322 19.11 -33.20 10.24
N THR I 323 18.60 -34.23 10.93
CA THR I 323 18.28 -35.50 10.29
C THR I 323 16.82 -35.90 10.46
N GLU I 324 16.28 -35.81 11.67
CA GLU I 324 14.88 -36.13 11.93
C GLU I 324 14.17 -34.93 12.52
N SER I 325 12.84 -35.03 12.58
CA SER I 325 11.99 -34.07 13.26
C SER I 325 11.24 -34.80 14.37
N ILE I 326 11.38 -34.31 15.60
CA ILE I 326 10.74 -34.92 16.77
C ILE I 326 9.75 -33.90 17.31
N VAL I 327 8.46 -34.19 17.21
CA VAL I 327 7.43 -33.25 17.62
C VAL I 327 6.66 -33.89 18.77
N ARG I 328 7.24 -33.87 19.96
CA ARG I 328 6.63 -34.50 21.13
C ARG I 328 5.57 -33.63 21.79
N PHE I 329 4.41 -34.22 22.08
CA PHE I 329 3.26 -33.55 22.68
C PHE I 329 2.77 -34.35 23.89
N PRO I 330 1.96 -33.75 24.77
CA PRO I 330 1.38 -34.48 25.90
C PRO I 330 0.54 -35.69 25.51
N ASN I 331 0.31 -36.57 26.49
CA ASN I 331 -0.48 -37.77 26.28
C ASN I 331 -1.90 -37.36 25.92
N ILE I 332 -2.45 -37.99 24.87
CA ILE I 332 -3.78 -37.61 24.41
C ILE I 332 -4.85 -38.08 25.40
N THR I 333 -5.22 -37.18 26.30
CA THR I 333 -6.13 -37.43 27.41
C THR I 333 -7.34 -36.52 27.27
N ASN I 334 -8.35 -36.78 28.10
CA ASN I 334 -9.64 -36.06 28.13
C ASN I 334 -10.23 -35.85 26.73
N LEU I 335 -10.42 -36.98 26.03
CA LEU I 335 -11.18 -36.96 24.79
C LEU I 335 -12.62 -36.52 25.02
N CYS I 336 -13.18 -35.86 24.00
CA CYS I 336 -14.54 -35.34 24.08
C CYS I 336 -15.55 -36.48 24.09
N PRO I 337 -16.64 -36.37 24.84
CA PRO I 337 -17.61 -37.48 24.95
C PRO I 337 -18.55 -37.55 23.74
N PHE I 338 -17.97 -37.91 22.59
CA PHE I 338 -18.77 -38.17 21.40
C PHE I 338 -19.51 -39.50 21.48
N GLY I 339 -19.06 -40.42 22.35
CA GLY I 339 -19.78 -41.67 22.49
C GLY I 339 -21.13 -41.50 23.17
N GLU I 340 -21.25 -40.49 24.04
CA GLU I 340 -22.53 -40.21 24.68
C GLU I 340 -23.49 -39.43 23.80
N VAL I 341 -23.02 -38.95 22.64
CA VAL I 341 -23.87 -38.23 21.70
C VAL I 341 -24.26 -39.10 20.52
N PHE I 342 -23.29 -39.78 19.90
CA PHE I 342 -23.59 -40.57 18.71
C PHE I 342 -24.14 -41.93 19.07
N ASN I 343 -23.59 -42.58 20.09
CA ASN I 343 -24.05 -43.89 20.52
C ASN I 343 -25.05 -43.80 21.66
N ALA I 344 -25.84 -42.73 21.71
CA ALA I 344 -26.84 -42.57 22.76
C ALA I 344 -27.99 -43.56 22.57
N THR I 345 -28.54 -44.03 23.69
CA THR I 345 -29.63 -45.00 23.63
C THR I 345 -30.90 -44.37 23.08
N ARG I 346 -31.29 -43.22 23.63
CA ARG I 346 -32.53 -42.54 23.25
C ARG I 346 -32.19 -41.17 22.66
N PHE I 347 -32.57 -40.95 21.42
CA PHE I 347 -32.43 -39.64 20.79
C PHE I 347 -33.70 -38.82 21.01
N ALA I 348 -33.63 -37.56 20.61
CA ALA I 348 -34.75 -36.64 20.74
C ALA I 348 -35.53 -36.55 19.43
N SER I 349 -36.72 -35.96 19.52
CA SER I 349 -37.47 -35.63 18.32
C SER I 349 -36.98 -34.29 17.76
N VAL I 350 -37.34 -34.02 16.51
CA VAL I 350 -36.76 -32.87 15.82
C VAL I 350 -37.38 -31.55 16.27
N TYR I 351 -38.60 -31.56 16.82
CA TYR I 351 -39.16 -30.31 17.34
C TYR I 351 -38.54 -29.94 18.68
N ALA I 352 -38.01 -30.92 19.41
CA ALA I 352 -37.37 -30.74 20.71
C ALA I 352 -35.97 -31.34 20.68
N TRP I 353 -35.19 -30.93 19.68
CA TRP I 353 -33.88 -31.52 19.40
C TRP I 353 -32.91 -31.28 20.55
N ASN I 354 -32.10 -32.30 20.85
CA ASN I 354 -31.18 -32.17 21.97
C ASN I 354 -29.96 -31.38 21.54
N ARG I 355 -29.38 -30.65 22.48
CA ARG I 355 -28.16 -29.89 22.23
C ARG I 355 -27.16 -30.18 23.34
N LYS I 356 -25.98 -30.67 22.96
CA LYS I 356 -24.90 -30.95 23.88
C LYS I 356 -23.75 -30.01 23.57
N ARG I 357 -23.28 -29.30 24.58
CA ARG I 357 -22.23 -28.30 24.41
C ARG I 357 -20.88 -28.95 24.63
N ILE I 358 -20.23 -29.37 23.54
CA ILE I 358 -18.91 -29.99 23.59
C ILE I 358 -17.88 -28.88 23.82
N SER I 359 -17.24 -28.91 24.98
CA SER I 359 -16.25 -27.90 25.33
C SER I 359 -15.26 -28.49 26.34
N ASN I 360 -14.10 -27.82 26.43
CA ASN I 360 -13.04 -28.12 27.40
C ASN I 360 -12.53 -29.56 27.25
N CYS I 361 -12.25 -29.94 26.00
CA CYS I 361 -11.82 -31.30 25.69
C CYS I 361 -11.16 -31.27 24.32
N VAL I 362 -10.57 -32.40 23.95
CA VAL I 362 -9.93 -32.59 22.65
C VAL I 362 -10.71 -33.63 21.87
N ALA I 363 -10.96 -33.34 20.60
CA ALA I 363 -11.89 -34.12 19.78
C ALA I 363 -11.14 -34.78 18.64
N ASP I 364 -11.24 -36.10 18.55
CA ASP I 364 -10.71 -36.86 17.43
C ASP I 364 -11.82 -36.95 16.39
N TYR I 365 -11.79 -36.06 15.42
CA TYR I 365 -12.81 -36.03 14.38
C TYR I 365 -12.65 -37.13 13.35
N SER I 366 -11.45 -37.67 13.19
CA SER I 366 -11.21 -38.71 12.19
C SER I 366 -11.52 -40.12 12.67
N VAL I 367 -12.09 -40.28 13.87
CA VAL I 367 -12.80 -41.53 14.17
C VAL I 367 -14.26 -41.46 13.73
N LEU I 368 -14.76 -40.27 13.39
CA LEU I 368 -16.07 -40.11 12.78
C LEU I 368 -16.02 -40.16 11.26
N TYR I 369 -15.06 -39.43 10.66
CA TYR I 369 -14.96 -39.37 9.21
C TYR I 369 -14.48 -40.70 8.62
N ASN I 370 -13.79 -41.53 9.40
CA ASN I 370 -13.40 -42.86 8.97
C ASN I 370 -14.32 -43.95 9.48
N SER I 371 -15.47 -43.59 10.03
CA SER I 371 -16.46 -44.58 10.44
C SER I 371 -17.35 -44.96 9.28
N ALA I 372 -17.52 -46.27 9.07
CA ALA I 372 -18.30 -46.78 7.94
C ALA I 372 -19.80 -46.63 8.14
N SER I 373 -20.26 -46.30 9.35
CA SER I 373 -21.68 -46.40 9.67
C SER I 373 -22.48 -45.24 9.09
N PHE I 374 -21.86 -44.06 8.94
CA PHE I 374 -22.59 -42.84 8.65
C PHE I 374 -22.94 -42.80 7.16
N SER I 375 -24.24 -42.65 6.87
CA SER I 375 -24.68 -42.56 5.49
C SER I 375 -24.40 -41.20 4.88
N THR I 376 -24.54 -40.14 5.68
CA THR I 376 -24.30 -38.78 5.21
C THR I 376 -23.30 -38.11 6.13
N PHE I 377 -22.26 -37.51 5.55
CA PHE I 377 -21.25 -36.77 6.30
C PHE I 377 -20.89 -35.56 5.43
N LYS I 378 -21.54 -34.43 5.69
CA LYS I 378 -21.40 -33.25 4.85
C LYS I 378 -20.88 -32.10 5.70
N CYS I 379 -19.62 -31.72 5.50
CA CYS I 379 -19.05 -30.56 6.16
C CYS I 379 -19.10 -29.38 5.20
N TYR I 380 -19.64 -28.26 5.66
CA TYR I 380 -19.96 -27.14 4.78
C TYR I 380 -18.93 -26.02 4.83
N GLY I 381 -18.71 -25.45 6.01
CA GLY I 381 -17.76 -24.35 6.14
C GLY I 381 -16.32 -24.76 6.24
N VAL I 382 -16.05 -26.04 6.44
CA VAL I 382 -14.72 -26.54 6.80
C VAL I 382 -14.44 -27.81 6.01
N SER I 383 -13.19 -27.99 5.60
CA SER I 383 -12.78 -29.26 5.01
C SER I 383 -12.85 -30.38 6.06
N PRO I 384 -13.20 -31.60 5.64
CA PRO I 384 -13.35 -32.68 6.63
C PRO I 384 -12.03 -33.10 7.27
N THR I 385 -10.97 -33.26 6.47
CA THR I 385 -9.70 -33.74 7.00
C THR I 385 -8.96 -32.68 7.80
N LYS I 386 -9.34 -31.40 7.66
CA LYS I 386 -8.70 -30.31 8.37
C LYS I 386 -9.26 -30.09 9.77
N LEU I 387 -10.18 -30.94 10.21
CA LEU I 387 -10.80 -30.75 11.51
C LEU I 387 -9.84 -31.11 12.65
N ASN I 388 -8.92 -32.03 12.43
CA ASN I 388 -7.96 -32.41 13.46
C ASN I 388 -6.90 -31.34 13.72
N ASP I 389 -6.80 -30.32 12.86
CA ASP I 389 -5.82 -29.25 13.01
C ASP I 389 -6.41 -27.94 13.49
N LEU I 390 -7.61 -27.60 13.03
CA LEU I 390 -8.28 -26.38 13.45
C LEU I 390 -8.77 -26.50 14.89
N CYS I 391 -8.64 -25.41 15.64
CA CYS I 391 -9.07 -25.32 17.02
C CYS I 391 -10.23 -24.35 17.13
N PHE I 392 -11.33 -24.80 17.73
CA PHE I 392 -12.54 -24.00 17.85
C PHE I 392 -12.82 -23.72 19.32
N THR I 393 -13.55 -22.63 19.58
CA THR I 393 -13.86 -22.25 20.95
C THR I 393 -14.80 -23.25 21.61
N ASN I 394 -15.89 -23.64 20.93
CA ASN I 394 -16.71 -24.76 21.39
C ASN I 394 -17.51 -25.33 20.23
N VAL I 395 -18.02 -26.54 20.45
CA VAL I 395 -18.82 -27.26 19.46
C VAL I 395 -20.21 -27.44 20.06
N TYR I 396 -21.23 -27.32 19.23
CA TYR I 396 -22.59 -27.70 19.61
C TYR I 396 -23.02 -28.92 18.82
N ALA I 397 -23.45 -29.97 19.53
CA ALA I 397 -23.94 -31.19 18.91
C ALA I 397 -25.46 -31.19 19.05
N ASP I 398 -26.15 -31.04 17.93
CA ASP I 398 -27.61 -31.02 17.92
C ASP I 398 -28.09 -32.35 17.34
N SER I 399 -28.77 -33.14 18.18
CA SER I 399 -29.14 -34.50 17.82
C SER I 399 -30.66 -34.62 17.76
N PHE I 400 -31.12 -35.31 16.73
CA PHE I 400 -32.55 -35.57 16.53
C PHE I 400 -32.72 -36.75 15.58
N VAL I 401 -33.97 -37.11 15.31
CA VAL I 401 -34.34 -38.19 14.41
C VAL I 401 -35.34 -37.65 13.41
N ILE I 402 -35.07 -37.86 12.12
CA ILE I 402 -35.99 -37.45 11.07
C ILE I 402 -36.27 -38.62 10.13
N ARG I 403 -37.00 -38.36 9.06
CA ARG I 403 -37.20 -39.35 8.01
C ARG I 403 -35.96 -39.44 7.12
N GLY I 404 -35.94 -40.46 6.28
CA GLY I 404 -34.84 -40.60 5.33
C GLY I 404 -34.86 -39.52 4.26
N ASP I 405 -36.05 -39.12 3.82
CA ASP I 405 -36.18 -38.14 2.75
C ASP I 405 -36.01 -36.71 3.23
N GLU I 406 -35.96 -36.48 4.55
CA GLU I 406 -35.81 -35.15 5.10
C GLU I 406 -34.37 -34.82 5.48
N VAL I 407 -33.42 -35.71 5.15
CA VAL I 407 -32.02 -35.49 5.49
C VAL I 407 -31.45 -34.35 4.64
N ARG I 408 -31.94 -34.18 3.41
CA ARG I 408 -31.45 -33.13 2.52
C ARG I 408 -31.84 -31.74 2.97
N GLN I 409 -32.85 -31.62 3.84
CA GLN I 409 -33.24 -30.32 4.38
C GLN I 409 -32.32 -29.82 5.49
N ILE I 410 -31.46 -30.67 6.03
CA ILE I 410 -30.49 -30.24 7.05
C ILE I 410 -29.27 -29.76 6.27
N ALA I 411 -29.35 -28.51 5.83
CA ALA I 411 -28.35 -27.91 4.96
C ALA I 411 -28.56 -26.41 4.97
N PRO I 412 -27.51 -25.61 4.72
CA PRO I 412 -27.71 -24.15 4.65
C PRO I 412 -28.54 -23.76 3.45
N GLY I 413 -29.57 -22.95 3.70
CA GLY I 413 -30.41 -22.41 2.65
C GLY I 413 -31.50 -23.34 2.16
N GLN I 414 -31.59 -24.56 2.68
CA GLN I 414 -32.67 -25.45 2.29
C GLN I 414 -33.96 -25.06 3.01
N THR I 415 -35.09 -25.54 2.48
CA THR I 415 -36.39 -25.13 2.97
C THR I 415 -37.33 -26.32 2.95
N GLY I 416 -38.08 -26.52 4.03
CA GLY I 416 -38.97 -27.65 4.13
C GLY I 416 -39.80 -27.54 5.39
N LYS I 417 -40.33 -28.69 5.83
CA LYS I 417 -40.94 -28.73 7.16
C LYS I 417 -39.88 -28.58 8.25
N ILE I 418 -38.80 -29.36 8.13
CA ILE I 418 -37.79 -29.44 9.18
C ILE I 418 -36.98 -28.15 9.24
N ALA I 419 -36.64 -27.59 8.07
CA ALA I 419 -35.88 -26.35 8.04
C ALA I 419 -36.69 -25.17 8.56
N ASP I 420 -37.98 -25.10 8.24
CA ASP I 420 -38.76 -23.95 8.65
C ASP I 420 -39.20 -24.04 10.11
N TYR I 421 -39.80 -25.17 10.51
CA TYR I 421 -40.49 -25.22 11.79
C TYR I 421 -39.82 -26.11 12.82
N ASN I 422 -38.77 -26.84 12.47
CA ASN I 422 -38.14 -27.75 13.43
C ASN I 422 -36.69 -27.41 13.70
N TYR I 423 -35.85 -27.31 12.67
CA TYR I 423 -34.42 -27.10 12.86
C TYR I 423 -33.87 -26.32 11.68
N LYS I 424 -33.50 -25.06 11.92
CA LYS I 424 -32.99 -24.19 10.87
C LYS I 424 -31.50 -23.95 11.08
N LEU I 425 -30.72 -24.18 10.03
CA LEU I 425 -29.31 -23.87 9.88
C LEU I 425 -29.13 -22.50 9.22
N PRO I 426 -28.15 -21.72 9.65
CA PRO I 426 -27.92 -20.41 9.01
C PRO I 426 -27.30 -20.57 7.63
N ASP I 427 -27.32 -19.48 6.88
CA ASP I 427 -26.75 -19.51 5.53
C ASP I 427 -25.23 -19.55 5.57
N ASP I 428 -24.61 -19.00 6.62
CA ASP I 428 -23.17 -18.99 6.80
C ASP I 428 -22.71 -20.11 7.74
N PHE I 429 -23.38 -21.26 7.67
CA PHE I 429 -23.16 -22.35 8.63
C PHE I 429 -21.82 -23.02 8.39
N THR I 430 -20.96 -22.99 9.41
CA THR I 430 -19.77 -23.83 9.46
C THR I 430 -20.02 -24.99 10.42
N GLY I 431 -19.63 -26.18 10.01
CA GLY I 431 -19.94 -27.38 10.76
C GLY I 431 -20.16 -28.55 9.83
N CYS I 432 -20.52 -29.68 10.42
CA CYS I 432 -20.72 -30.92 9.69
C CYS I 432 -22.05 -31.54 10.10
N VAL I 433 -22.85 -31.90 9.11
CA VAL I 433 -24.09 -32.65 9.31
C VAL I 433 -23.78 -34.13 9.10
N ILE I 434 -24.04 -34.94 10.12
CA ILE I 434 -23.81 -36.38 10.08
C ILE I 434 -25.15 -37.07 10.28
N ALA I 435 -25.48 -38.00 9.40
CA ALA I 435 -26.74 -38.72 9.50
C ALA I 435 -26.51 -40.19 9.18
N TRP I 436 -27.23 -41.05 9.89
CA TRP I 436 -27.14 -42.47 9.60
C TRP I 436 -28.49 -43.14 9.84
N ASN I 437 -28.71 -44.23 9.11
CA ASN I 437 -29.98 -44.96 9.19
C ASN I 437 -30.06 -45.69 10.53
N SER I 438 -31.15 -45.43 11.25
CA SER I 438 -31.40 -46.11 12.52
C SER I 438 -32.72 -46.86 12.48
N ASN I 439 -32.96 -47.59 11.39
CA ASN I 439 -34.19 -48.37 11.26
C ASN I 439 -34.22 -49.56 12.22
N ASN I 440 -33.08 -50.00 12.72
CA ASN I 440 -33.04 -51.17 13.58
C ASN I 440 -33.22 -50.76 15.04
N LEU I 441 -33.20 -49.46 15.33
CA LEU I 441 -33.37 -48.95 16.68
C LEU I 441 -34.68 -48.20 16.89
N ASP I 442 -34.98 -47.22 16.05
CA ASP I 442 -36.11 -46.32 16.26
C ASP I 442 -37.41 -46.81 15.62
N SER I 443 -37.42 -48.01 15.04
CA SER I 443 -38.63 -48.53 14.41
C SER I 443 -39.19 -49.67 15.24
N LYS I 444 -40.52 -49.79 15.23
CA LYS I 444 -41.22 -50.77 16.03
C LYS I 444 -42.30 -51.43 15.18
N VAL I 445 -42.57 -52.71 15.46
CA VAL I 445 -43.58 -53.43 14.70
C VAL I 445 -44.98 -52.87 14.99
N GLY I 446 -45.24 -52.46 16.23
CA GLY I 446 -46.54 -51.91 16.59
C GLY I 446 -46.59 -50.41 16.46
N GLY I 447 -45.62 -49.82 15.76
CA GLY I 447 -45.52 -48.38 15.63
C GLY I 447 -44.66 -47.74 16.69
N ASN I 448 -43.77 -46.84 16.29
CA ASN I 448 -42.96 -46.06 17.22
C ASN I 448 -43.40 -44.60 17.09
N TYR I 449 -44.41 -44.22 17.87
CA TYR I 449 -44.96 -42.86 17.85
C TYR I 449 -44.28 -41.95 18.85
N ASN I 450 -43.04 -42.26 19.25
CA ASN I 450 -42.31 -41.42 20.19
C ASN I 450 -41.59 -40.25 19.52
N TYR I 451 -41.56 -40.22 18.19
CA TYR I 451 -40.83 -39.19 17.44
C TYR I 451 -41.84 -38.30 16.73
N LEU I 452 -41.77 -37.00 17.00
CA LEU I 452 -42.73 -36.02 16.52
C LEU I 452 -42.01 -34.95 15.72
N TYR I 453 -42.80 -34.16 14.99
CA TYR I 453 -42.28 -33.03 14.23
C TYR I 453 -43.37 -31.98 14.14
N ARG I 454 -42.95 -30.72 14.17
CA ARG I 454 -43.90 -29.62 14.12
C ARG I 454 -44.41 -29.46 12.69
N LEU I 455 -45.74 -29.47 12.55
CA LEU I 455 -46.37 -29.31 11.25
C LEU I 455 -46.87 -27.89 11.03
N PHE I 456 -47.38 -27.24 12.07
CA PHE I 456 -48.00 -25.92 11.98
C PHE I 456 -47.20 -24.93 12.81
N ARG I 457 -46.87 -23.79 12.20
CA ARG I 457 -46.30 -22.67 12.92
C ARG I 457 -46.62 -21.40 12.16
N LYS I 458 -46.78 -20.29 12.90
CA LYS I 458 -47.17 -19.02 12.30
C LYS I 458 -46.04 -18.42 11.46
N SER I 459 -44.78 -18.76 11.75
CA SER I 459 -43.65 -18.20 11.05
C SER I 459 -42.50 -19.21 11.09
N ASN I 460 -41.54 -19.02 10.19
CA ASN I 460 -40.37 -19.88 10.14
C ASN I 460 -39.46 -19.62 11.35
N LEU I 461 -38.74 -20.66 11.76
CA LEU I 461 -37.78 -20.50 12.84
C LEU I 461 -36.56 -19.70 12.38
N LYS I 462 -36.02 -18.93 13.32
CA LYS I 462 -34.70 -18.34 13.14
C LYS I 462 -33.64 -19.44 13.28
N PRO I 463 -32.44 -19.24 12.72
CA PRO I 463 -31.42 -20.28 12.80
C PRO I 463 -30.98 -20.56 14.23
N PHE I 464 -30.88 -21.86 14.54
CA PHE I 464 -30.64 -22.39 15.90
C PHE I 464 -31.64 -21.84 16.91
N GLU I 465 -32.93 -21.96 16.58
CA GLU I 465 -34.00 -21.66 17.52
C GLU I 465 -34.77 -22.94 17.82
N ARG I 466 -35.11 -23.14 19.08
CA ARG I 466 -35.85 -24.31 19.54
C ARG I 466 -37.24 -23.88 20.01
N ASP I 467 -38.27 -24.60 19.56
CA ASP I 467 -39.66 -24.29 19.88
C ASP I 467 -40.31 -25.59 20.33
N ILE I 468 -40.46 -25.73 21.66
CA ILE I 468 -41.05 -26.93 22.25
C ILE I 468 -42.48 -26.69 22.74
N SER I 469 -43.10 -25.57 22.36
CA SER I 469 -44.45 -25.28 22.81
C SER I 469 -45.47 -26.17 22.09
N THR I 470 -46.34 -26.79 22.88
CA THR I 470 -47.35 -27.72 22.38
C THR I 470 -48.75 -27.12 22.42
N GLU I 471 -48.85 -25.79 22.44
CA GLU I 471 -50.15 -25.12 22.56
C GLU I 471 -50.95 -25.26 21.28
N ILE I 472 -52.28 -25.19 21.42
CA ILE I 472 -53.16 -25.53 20.31
C ILE I 472 -53.09 -24.43 19.25
N TYR I 473 -52.88 -24.84 18.01
CA TYR I 473 -52.64 -23.91 16.91
C TYR I 473 -53.94 -23.27 16.46
N GLN I 474 -54.02 -21.95 16.53
CA GLN I 474 -55.22 -21.24 16.09
C GLN I 474 -55.09 -21.07 14.58
N ALA I 475 -55.76 -21.95 13.84
CA ALA I 475 -55.68 -21.98 12.39
C ALA I 475 -56.80 -21.22 11.69
N GLY I 476 -57.82 -20.77 12.41
CA GLY I 476 -58.95 -20.13 11.78
C GLY I 476 -59.26 -18.75 12.34
N SER I 477 -58.59 -18.41 13.44
CA SER I 477 -58.75 -17.15 14.18
C SER I 477 -60.19 -16.93 14.63
N THR I 478 -60.88 -18.03 14.92
CA THR I 478 -62.12 -18.03 15.68
C THR I 478 -61.75 -17.89 17.16
N PRO I 479 -62.74 -17.70 18.06
CA PRO I 479 -62.40 -17.74 19.50
C PRO I 479 -62.03 -19.15 19.98
N CYS I 480 -60.88 -19.64 19.53
CA CYS I 480 -60.41 -21.00 19.86
C CYS I 480 -59.75 -20.96 21.24
N ASN I 481 -60.59 -21.07 22.27
CA ASN I 481 -60.16 -20.81 23.64
C ASN I 481 -59.44 -22.00 24.27
N GLY I 482 -58.45 -22.57 23.58
CA GLY I 482 -57.66 -23.66 24.08
C GLY I 482 -58.13 -25.05 23.67
N VAL I 483 -59.45 -25.23 23.53
CA VAL I 483 -59.98 -26.56 23.24
C VAL I 483 -59.69 -26.93 21.78
N GLU I 484 -59.26 -28.17 21.57
CA GLU I 484 -58.99 -28.67 20.23
C GLU I 484 -60.30 -28.99 19.52
N GLY I 485 -60.27 -28.98 18.19
CA GLY I 485 -61.45 -29.30 17.42
C GLY I 485 -61.36 -28.91 15.95
N PHE I 486 -62.39 -28.22 15.47
CA PHE I 486 -62.40 -27.70 14.10
C PHE I 486 -61.71 -26.34 14.09
N ASN I 487 -60.83 -26.15 13.10
CA ASN I 487 -59.95 -24.98 12.94
C ASN I 487 -59.04 -24.77 14.15
N CYS I 488 -58.75 -25.84 14.90
CA CYS I 488 -57.88 -25.76 16.08
C CYS I 488 -57.06 -27.04 16.05
N TYR I 489 -55.84 -26.97 15.52
CA TYR I 489 -55.11 -28.19 15.22
C TYR I 489 -54.00 -28.41 16.24
N PHE I 490 -53.69 -29.68 16.51
CA PHE I 490 -52.49 -29.99 17.27
C PHE I 490 -51.26 -29.79 16.39
N PRO I 491 -50.26 -29.03 16.83
CA PRO I 491 -49.19 -28.63 15.91
C PRO I 491 -48.19 -29.73 15.58
N LEU I 492 -48.15 -30.81 16.37
CA LEU I 492 -47.14 -31.85 16.23
C LEU I 492 -47.73 -33.11 15.61
N GLN I 493 -47.11 -33.59 14.54
CA GLN I 493 -47.47 -34.86 13.93
C GLN I 493 -46.42 -35.92 14.29
N SER I 494 -46.87 -37.15 14.43
CA SER I 494 -46.00 -38.26 14.81
C SER I 494 -45.53 -39.01 13.57
N TYR I 495 -44.22 -39.23 13.48
CA TYR I 495 -43.66 -40.20 12.56
C TYR I 495 -44.02 -41.61 13.01
N GLY I 496 -44.95 -42.26 12.31
CA GLY I 496 -45.10 -43.69 12.46
C GLY I 496 -43.90 -44.38 11.85
N PHE I 497 -43.32 -45.34 12.60
CA PHE I 497 -42.15 -46.07 12.12
C PHE I 497 -42.38 -47.57 12.21
N GLN I 498 -42.33 -48.25 11.06
CA GLN I 498 -42.28 -49.70 11.03
C GLN I 498 -40.95 -50.15 10.41
N PRO I 499 -40.44 -51.31 10.78
CA PRO I 499 -39.19 -51.81 10.15
C PRO I 499 -39.35 -52.25 8.70
N THR I 500 -40.58 -52.43 8.21
CA THR I 500 -40.86 -52.90 6.86
C THR I 500 -40.86 -51.73 5.87
N TYR I 501 -40.62 -50.52 6.36
CA TYR I 501 -40.61 -49.31 5.53
C TYR I 501 -39.50 -49.31 4.49
N GLY I 502 -39.73 -48.58 3.41
CA GLY I 502 -38.70 -48.33 2.42
C GLY I 502 -37.76 -47.21 2.83
N VAL I 503 -36.69 -47.06 2.06
CA VAL I 503 -35.73 -46.00 2.30
C VAL I 503 -36.36 -44.65 1.96
N GLY I 504 -36.18 -43.67 2.84
CA GLY I 504 -36.85 -42.40 2.76
C GLY I 504 -38.01 -42.24 3.72
N TYR I 505 -38.55 -43.35 4.22
CA TYR I 505 -39.48 -43.36 5.34
C TYR I 505 -38.90 -43.97 6.60
N GLN I 506 -37.72 -44.58 6.51
CA GLN I 506 -37.07 -45.15 7.67
C GLN I 506 -36.50 -44.04 8.55
N PRO I 507 -36.37 -44.28 9.86
CA PRO I 507 -35.78 -43.24 10.72
C PRO I 507 -34.29 -43.06 10.47
N TYR I 508 -33.85 -41.80 10.58
CA TYR I 508 -32.45 -41.43 10.39
C TYR I 508 -32.04 -40.57 11.58
N ARG I 509 -31.00 -41.00 12.30
CA ARG I 509 -30.46 -40.20 13.38
C ARG I 509 -29.47 -39.20 12.82
N VAL I 510 -29.66 -37.92 13.18
CA VAL I 510 -28.86 -36.82 12.67
C VAL I 510 -28.20 -36.12 13.85
N VAL I 511 -26.89 -35.94 13.77
CA VAL I 511 -26.12 -35.10 14.67
C VAL I 511 -25.48 -33.99 13.84
N VAL I 512 -25.76 -32.75 14.22
CA VAL I 512 -25.24 -31.57 13.55
C VAL I 512 -24.20 -30.97 14.47
N LEU I 513 -22.93 -31.00 14.05
CA LEU I 513 -21.84 -30.40 14.79
C LEU I 513 -21.60 -29.00 14.26
N SER I 514 -21.80 -27.99 15.10
CA SER I 514 -21.58 -26.60 14.75
C SER I 514 -20.38 -26.12 15.56
N PHE I 515 -19.25 -25.94 14.88
CA PHE I 515 -18.03 -25.45 15.52
C PHE I 515 -18.10 -23.93 15.53
N GLU I 516 -18.33 -23.33 16.69
CA GLU I 516 -18.40 -21.88 16.75
C GLU I 516 -17.23 -21.34 17.58
N LEU I 517 -16.69 -20.21 17.11
CA LEU I 517 -15.42 -19.66 17.57
C LEU I 517 -15.65 -18.22 17.99
N LEU I 518 -16.01 -18.03 19.27
CA LEU I 518 -16.02 -16.72 19.89
C LEU I 518 -14.63 -16.39 20.39
N HIS I 519 -14.37 -15.10 20.64
CA HIS I 519 -13.04 -14.65 20.99
C HIS I 519 -12.68 -14.90 22.47
N ALA I 520 -13.44 -15.75 23.15
CA ALA I 520 -12.97 -16.45 24.33
C ALA I 520 -11.88 -17.44 23.90
N PRO I 521 -10.98 -17.82 24.83
CA PRO I 521 -9.94 -18.80 24.49
C PRO I 521 -10.48 -20.14 24.02
N ALA I 522 -9.91 -20.64 22.93
CA ALA I 522 -10.36 -21.88 22.31
C ALA I 522 -9.91 -23.08 23.12
N THR I 523 -10.84 -24.01 23.38
CA THR I 523 -10.53 -25.19 24.17
C THR I 523 -10.87 -26.51 23.48
N VAL I 524 -11.35 -26.48 22.25
CA VAL I 524 -11.61 -27.69 21.49
C VAL I 524 -10.60 -27.77 20.35
N CYS I 525 -9.72 -28.76 20.41
CA CYS I 525 -8.69 -28.97 19.40
C CYS I 525 -8.69 -30.43 19.01
N GLY I 526 -7.87 -30.77 18.02
CA GLY I 526 -7.69 -32.15 17.62
C GLY I 526 -6.64 -32.86 18.46
N PRO I 527 -6.35 -34.12 18.12
CA PRO I 527 -5.25 -34.83 18.78
C PRO I 527 -3.91 -34.30 18.30
N LYS I 528 -3.08 -33.86 19.23
CA LYS I 528 -1.71 -33.43 18.95
C LYS I 528 -0.83 -34.66 18.73
N LYS I 529 -0.49 -34.91 17.46
CA LYS I 529 0.29 -36.10 17.08
C LYS I 529 1.68 -36.08 17.74
N SER I 530 2.14 -37.25 18.15
CA SER I 530 3.46 -37.39 18.74
C SER I 530 4.22 -38.54 18.09
N THR I 531 5.54 -38.40 18.07
CA THR I 531 6.44 -39.39 17.49
C THR I 531 7.50 -39.75 18.52
N ASN I 532 8.14 -40.91 18.30
CA ASN I 532 9.11 -41.46 19.25
C ASN I 532 10.30 -40.53 19.43
N LEU I 533 10.73 -40.39 20.69
CA LEU I 533 11.82 -39.48 21.03
C LEU I 533 13.15 -40.08 20.62
N VAL I 534 13.96 -39.32 19.88
CA VAL I 534 15.29 -39.74 19.45
C VAL I 534 16.30 -38.83 20.15
N LYS I 535 17.24 -39.44 20.85
CA LYS I 535 18.26 -38.70 21.59
C LYS I 535 19.62 -38.82 20.90
N ASN I 536 20.54 -37.95 21.35
CA ASN I 536 21.95 -37.90 20.93
C ASN I 536 22.12 -37.67 19.43
N LYS I 537 21.15 -37.02 18.79
CA LYS I 537 21.25 -36.69 17.37
C LYS I 537 20.76 -35.28 17.12
N CYS I 538 21.34 -34.64 16.12
CA CYS I 538 20.96 -33.28 15.74
C CYS I 538 19.62 -33.35 15.02
N VAL I 539 18.54 -33.07 15.74
CA VAL I 539 17.19 -33.18 15.21
C VAL I 539 16.48 -31.83 15.38
N ASN I 540 15.39 -31.67 14.63
CA ASN I 540 14.51 -30.51 14.77
C ASN I 540 13.43 -30.85 15.79
N PHE I 541 13.51 -30.23 16.95
CA PHE I 541 12.58 -30.54 18.04
C PHE I 541 11.44 -29.52 18.06
N ASN I 542 10.25 -30.01 18.37
CA ASN I 542 9.06 -29.18 18.54
C ASN I 542 8.37 -29.68 19.81
N PHE I 543 8.62 -29.00 20.92
CA PHE I 543 8.11 -29.39 22.24
C PHE I 543 7.13 -28.31 22.68
N ASN I 544 5.83 -28.63 22.61
CA ASN I 544 4.73 -27.80 23.10
C ASN I 544 4.71 -26.41 22.47
N GLY I 545 5.03 -26.35 21.17
CA GLY I 545 5.09 -25.09 20.48
C GLY I 545 6.44 -24.42 20.48
N LEU I 546 7.39 -24.92 21.26
CA LEU I 546 8.76 -24.40 21.26
C LEU I 546 9.56 -25.23 20.27
N THR I 547 9.99 -24.60 19.19
CA THR I 547 10.69 -25.30 18.12
C THR I 547 12.16 -24.88 18.08
N GLY I 548 12.96 -25.74 17.46
CA GLY I 548 14.37 -25.45 17.29
C GLY I 548 15.10 -26.63 16.71
N THR I 549 16.43 -26.51 16.66
CA THR I 549 17.31 -27.55 16.17
C THR I 549 18.39 -27.80 17.21
N GLY I 550 18.63 -29.05 17.55
CA GLY I 550 19.64 -29.34 18.56
C GLY I 550 19.82 -30.84 18.77
N VAL I 551 20.81 -31.15 19.60
CA VAL I 551 21.05 -32.50 20.09
C VAL I 551 20.43 -32.62 21.48
N LEU I 552 19.53 -33.57 21.64
CA LEU I 552 18.78 -33.76 22.87
C LEU I 552 19.42 -34.88 23.67
N THR I 553 20.09 -34.53 24.76
CA THR I 553 20.76 -35.50 25.61
C THR I 553 20.09 -35.51 26.98
N GLU I 554 20.45 -36.51 27.79
CA GLU I 554 19.93 -36.58 29.15
C GLU I 554 20.50 -35.47 30.01
N SER I 555 19.68 -34.97 30.94
CA SER I 555 20.03 -33.82 31.75
C SER I 555 20.01 -34.17 33.23
N ASN I 556 20.94 -33.60 33.98
CA ASN I 556 20.99 -33.72 35.43
C ASN I 556 20.29 -32.58 36.16
N LYS I 557 19.71 -31.62 35.43
CA LYS I 557 18.95 -30.54 36.04
C LYS I 557 17.60 -31.04 36.51
N LYS I 558 17.33 -30.90 37.79
CA LYS I 558 16.06 -31.34 38.38
C LYS I 558 15.09 -30.17 38.37
N PHE I 559 14.11 -30.22 37.46
CA PHE I 559 13.12 -29.17 37.34
C PHE I 559 12.13 -29.25 38.51
N LEU I 560 11.53 -28.12 38.84
CA LEU I 560 10.33 -28.16 39.66
C LEU I 560 9.16 -28.59 38.78
N PRO I 561 8.14 -29.24 39.34
CA PRO I 561 7.10 -29.89 38.50
C PRO I 561 6.26 -28.93 37.66
N PHE I 562 6.21 -27.65 37.98
CA PHE I 562 5.45 -26.71 37.16
C PHE I 562 6.26 -26.14 36.01
N GLN I 563 7.57 -26.36 35.99
CA GLN I 563 8.46 -25.76 34.99
C GLN I 563 8.67 -26.74 33.84
N GLN I 564 8.75 -26.19 32.63
CA GLN I 564 8.79 -27.00 31.42
C GLN I 564 10.06 -26.78 30.61
N PHE I 565 10.49 -25.55 30.42
CA PHE I 565 11.68 -25.25 29.63
C PHE I 565 12.75 -24.65 30.53
N GLY I 566 13.96 -24.58 30.00
CA GLY I 566 15.07 -24.00 30.73
C GLY I 566 15.87 -23.03 29.89
N ARG I 567 16.28 -21.93 30.52
CA ARG I 567 17.02 -20.87 29.86
C ARG I 567 18.29 -20.59 30.65
N ASP I 568 19.33 -20.19 29.94
CA ASP I 568 20.58 -19.75 30.54
C ASP I 568 20.53 -18.24 30.77
N ILE I 569 21.70 -17.64 31.02
CA ILE I 569 21.80 -16.19 31.20
C ILE I 569 21.40 -15.47 29.92
N ALA I 570 21.83 -15.98 28.78
CA ALA I 570 21.60 -15.33 27.49
C ALA I 570 20.24 -15.65 26.88
N ASP I 571 19.29 -16.14 27.68
CA ASP I 571 17.89 -16.38 27.30
C ASP I 571 17.74 -17.35 26.13
N THR I 572 18.59 -18.38 26.09
CA THR I 572 18.49 -19.41 25.07
C THR I 572 18.03 -20.71 25.74
N THR I 573 17.13 -21.42 25.08
CA THR I 573 16.56 -22.64 25.65
C THR I 573 17.60 -23.75 25.61
N ASP I 574 18.16 -24.08 26.78
CA ASP I 574 19.14 -25.17 26.86
C ASP I 574 18.66 -26.39 27.63
N ALA I 575 17.51 -26.32 28.28
CA ALA I 575 16.92 -27.45 28.98
C ALA I 575 15.43 -27.48 28.73
N VAL I 576 14.85 -28.68 28.70
CA VAL I 576 13.44 -28.83 28.38
C VAL I 576 12.94 -30.10 29.05
N ARG I 577 11.63 -30.18 29.27
CA ARG I 577 10.98 -31.37 29.80
C ARG I 577 10.15 -32.02 28.71
N ASP I 578 10.33 -33.32 28.54
CA ASP I 578 9.50 -34.06 27.60
C ASP I 578 8.09 -34.20 28.17
N PRO I 579 7.06 -33.91 27.38
CA PRO I 579 5.69 -33.94 27.92
C PRO I 579 5.15 -35.35 28.09
N GLN I 580 5.61 -36.29 27.25
CA GLN I 580 5.15 -37.67 27.35
C GLN I 580 5.66 -38.32 28.63
N THR I 581 6.97 -38.42 28.77
CA THR I 581 7.61 -38.92 29.99
C THR I 581 8.33 -37.75 30.65
N LEU I 582 8.02 -37.51 31.93
CA LEU I 582 8.53 -36.33 32.63
C LEU I 582 10.01 -36.53 32.94
N GLU I 583 10.83 -36.27 31.93
CA GLU I 583 12.28 -36.33 32.03
C GLU I 583 12.86 -35.05 31.44
N ILE I 584 14.05 -34.71 31.91
CA ILE I 584 14.70 -33.45 31.56
C ILE I 584 15.78 -33.73 30.52
N LEU I 585 15.77 -32.96 29.43
CA LEU I 585 16.72 -33.13 28.34
C LEU I 585 17.48 -31.82 28.13
N ASP I 586 18.80 -31.92 28.02
CA ASP I 586 19.64 -30.81 27.61
C ASP I 586 19.67 -30.70 26.10
N ILE I 587 19.57 -29.46 25.61
CA ILE I 587 19.57 -29.20 24.17
C ILE I 587 20.88 -28.57 23.75
N THR I 588 21.88 -29.39 23.49
CA THR I 588 23.15 -28.87 22.98
C THR I 588 22.94 -28.36 21.56
N PRO I 589 23.52 -27.22 21.19
CA PRO I 589 23.43 -26.77 19.79
C PRO I 589 24.17 -27.72 18.87
N CYS I 590 23.65 -27.89 17.65
CA CYS I 590 24.31 -28.74 16.67
C CYS I 590 25.67 -28.14 16.33
N SER I 591 26.67 -29.00 16.15
CA SER I 591 28.04 -28.54 15.97
C SER I 591 28.23 -27.69 14.73
N PHE I 592 28.93 -26.57 14.90
CA PHE I 592 29.30 -25.66 13.83
C PHE I 592 30.74 -25.25 14.08
N GLY I 593 31.42 -24.82 13.04
CA GLY I 593 32.82 -24.50 13.21
C GLY I 593 33.46 -24.02 11.92
N GLY I 594 34.55 -23.28 12.09
CA GLY I 594 35.30 -22.81 10.95
C GLY I 594 36.12 -23.94 10.33
N VAL I 595 36.22 -23.90 9.01
CA VAL I 595 37.05 -24.84 8.26
C VAL I 595 38.25 -24.05 7.78
N SER I 596 39.42 -24.40 8.31
CA SER I 596 40.68 -23.75 7.99
C SER I 596 41.57 -24.72 7.24
N VAL I 597 42.32 -24.20 6.27
CA VAL I 597 43.20 -25.00 5.45
C VAL I 597 44.64 -24.65 5.80
N ILE I 598 45.41 -25.65 6.21
CA ILE I 598 46.81 -25.49 6.58
C ILE I 598 47.64 -26.02 5.44
N THR I 599 48.45 -25.16 4.84
CA THR I 599 49.23 -25.57 3.69
C THR I 599 50.60 -24.90 3.74
N PRO I 600 51.61 -25.53 3.15
CA PRO I 600 52.81 -24.79 2.77
C PRO I 600 52.58 -24.01 1.49
N GLY I 601 53.64 -23.41 0.95
CA GLY I 601 53.53 -22.73 -0.32
C GLY I 601 53.24 -23.68 -1.46
N THR I 602 52.48 -23.20 -2.44
CA THR I 602 52.22 -23.99 -3.63
C THR I 602 53.46 -24.18 -4.49
N ASN I 603 54.47 -23.31 -4.32
CA ASN I 603 55.78 -23.57 -4.88
C ASN I 603 56.42 -24.79 -4.23
N THR I 604 56.11 -25.05 -2.96
CA THR I 604 56.69 -26.20 -2.26
C THR I 604 55.89 -27.47 -2.51
N SER I 605 54.61 -27.47 -2.17
CA SER I 605 53.79 -28.68 -2.28
C SER I 605 52.32 -28.30 -2.36
N ASN I 606 51.51 -29.25 -2.83
CA ASN I 606 50.07 -29.08 -2.92
C ASN I 606 49.33 -29.82 -1.81
N GLN I 607 50.06 -30.41 -0.87
CA GLN I 607 49.43 -31.12 0.24
C GLN I 607 48.84 -30.14 1.25
N VAL I 608 47.62 -30.41 1.71
CA VAL I 608 46.93 -29.56 2.66
C VAL I 608 46.43 -30.41 3.82
N ALA I 609 46.12 -29.73 4.92
CA ALA I 609 45.44 -30.31 6.06
C ALA I 609 44.24 -29.45 6.39
N VAL I 610 43.20 -30.05 6.96
CA VAL I 610 41.96 -29.36 7.24
C VAL I 610 41.73 -29.35 8.75
N LEU I 611 41.50 -28.17 9.31
CA LEU I 611 41.17 -28.00 10.70
C LEU I 611 39.70 -27.61 10.81
N TYR I 612 38.92 -28.43 11.51
CA TYR I 612 37.54 -28.13 11.84
C TYR I 612 37.54 -27.61 13.28
N GLN I 613 37.31 -26.31 13.43
CA GLN I 613 37.47 -25.66 14.72
C GLN I 613 36.31 -25.98 15.64
N ASP I 614 36.63 -26.36 16.90
CA ASP I 614 35.67 -26.71 17.95
C ASP I 614 34.72 -27.84 17.53
N VAL I 615 35.23 -28.77 16.72
CA VAL I 615 34.45 -29.89 16.22
C VAL I 615 35.17 -31.17 16.62
N ASN I 616 34.44 -32.07 17.29
CA ASN I 616 35.01 -33.36 17.66
C ASN I 616 35.23 -34.20 16.41
N CYS I 617 36.22 -35.08 16.49
CA CYS I 617 36.67 -35.85 15.32
C CYS I 617 35.69 -36.93 14.91
N THR I 618 34.74 -37.29 15.77
CA THR I 618 33.72 -38.27 15.46
C THR I 618 32.49 -37.67 14.78
N GLU I 619 32.47 -36.34 14.58
CA GLU I 619 31.31 -35.67 14.00
C GLU I 619 31.61 -35.03 12.66
N VAL I 620 32.64 -35.51 11.96
CA VAL I 620 32.98 -34.96 10.65
C VAL I 620 32.80 -36.01 9.57
N ASN I 641 45.01 -40.28 9.28
CA ASN I 641 45.63 -39.03 9.69
C ASN I 641 44.60 -38.08 10.31
N VAL I 642 43.94 -38.55 11.36
CA VAL I 642 42.93 -37.77 12.07
C VAL I 642 43.42 -37.58 13.49
N PHE I 643 43.53 -36.32 13.92
CA PHE I 643 44.08 -35.99 15.22
C PHE I 643 43.15 -35.01 15.92
N GLN I 644 42.96 -35.20 17.22
CA GLN I 644 42.11 -34.33 18.02
C GLN I 644 42.97 -33.34 18.78
N THR I 645 42.74 -32.05 18.53
CA THR I 645 43.40 -30.97 19.24
C THR I 645 42.37 -30.20 20.06
N ARG I 646 42.89 -29.31 20.92
CA ARG I 646 42.00 -28.40 21.62
C ARG I 646 41.45 -27.32 20.70
N ALA I 647 42.14 -27.01 19.61
CA ALA I 647 41.61 -26.09 18.61
C ALA I 647 40.50 -26.73 17.79
N GLY I 648 40.56 -28.04 17.60
CA GLY I 648 39.56 -28.74 16.81
C GLY I 648 40.13 -30.03 16.26
N CYS I 649 39.44 -30.57 15.26
CA CYS I 649 39.87 -31.81 14.62
C CYS I 649 40.74 -31.48 13.41
N LEU I 650 41.92 -32.09 13.35
CA LEU I 650 42.87 -31.85 12.27
C LEU I 650 43.01 -33.12 11.45
N ILE I 651 42.63 -33.04 10.17
CA ILE I 651 42.65 -34.17 9.26
C ILE I 651 43.68 -33.91 8.18
N GLY I 652 44.57 -34.88 7.97
CA GLY I 652 45.60 -34.76 6.96
C GLY I 652 46.98 -34.44 7.47
N ALA I 653 47.16 -34.36 8.80
CA ALA I 653 48.45 -34.08 9.39
C ALA I 653 48.82 -35.22 10.34
N GLU I 654 50.05 -35.70 10.24
CA GLU I 654 50.53 -36.79 11.08
C GLU I 654 51.09 -36.21 12.38
N HIS I 655 50.46 -36.57 13.49
CA HIS I 655 50.90 -36.09 14.79
C HIS I 655 52.16 -36.82 15.22
N VAL I 656 53.18 -36.06 15.65
CA VAL I 656 54.45 -36.63 16.07
C VAL I 656 54.70 -36.24 17.52
N ASN I 657 55.54 -37.03 18.17
CA ASN I 657 55.89 -36.80 19.57
C ASN I 657 57.06 -35.85 19.74
N ASN I 658 57.75 -35.50 18.66
CA ASN I 658 58.88 -34.57 18.75
C ASN I 658 58.39 -33.13 18.78
N SER I 659 59.21 -32.26 19.36
CA SER I 659 58.92 -30.84 19.47
C SER I 659 59.88 -30.04 18.61
N TYR I 660 59.34 -29.18 17.76
CA TYR I 660 60.11 -28.30 16.90
C TYR I 660 59.67 -26.87 17.13
N GLU I 661 60.28 -25.95 16.39
CA GLU I 661 59.81 -24.57 16.38
C GLU I 661 58.52 -24.46 15.58
N CYS I 662 57.73 -23.44 15.91
CA CYS I 662 56.43 -23.26 15.26
C CYS I 662 56.62 -22.71 13.87
N ASP I 663 56.10 -23.44 12.87
CA ASP I 663 56.14 -23.00 11.48
C ASP I 663 54.80 -22.41 11.06
N ILE I 664 53.74 -23.19 11.14
CA ILE I 664 52.38 -22.74 10.90
C ILE I 664 51.59 -22.89 12.20
N PRO I 665 51.10 -21.80 12.80
CA PRO I 665 50.40 -21.92 14.08
C PRO I 665 49.01 -22.53 13.91
N ILE I 666 48.73 -23.55 14.72
CA ILE I 666 47.39 -24.12 14.80
C ILE I 666 46.65 -23.58 16.01
N GLY I 667 47.32 -23.54 17.16
CA GLY I 667 46.69 -23.03 18.36
C GLY I 667 46.77 -24.04 19.50
N ALA I 668 46.60 -23.54 20.73
CA ALA I 668 46.67 -24.33 21.97
C ALA I 668 47.97 -25.10 22.08
N GLY I 669 49.07 -24.48 21.63
CA GLY I 669 50.37 -25.11 21.64
C GLY I 669 50.65 -26.02 20.48
N ILE I 670 49.69 -26.19 19.57
CA ILE I 670 49.87 -27.05 18.40
C ILE I 670 50.34 -26.19 17.24
N CYS I 671 51.35 -26.69 16.51
CA CYS I 671 51.83 -26.05 15.29
C CYS I 671 52.01 -27.12 14.22
N ALA I 672 51.98 -26.68 12.97
CA ALA I 672 52.14 -27.58 11.84
C ALA I 672 53.35 -27.17 11.02
N SER I 673 53.96 -28.15 10.36
CA SER I 673 55.13 -27.92 9.53
C SER I 673 55.15 -28.94 8.40
N TYR I 674 55.97 -28.66 7.40
CA TYR I 674 56.13 -29.54 6.25
C TYR I 674 57.53 -30.12 6.25
N GLN I 675 57.62 -31.45 6.16
CA GLN I 675 58.90 -32.13 6.16
C GLN I 675 58.82 -33.45 5.39
N SER I 691 55.66 -34.60 3.92
CA SER I 691 54.30 -34.61 4.43
C SER I 691 54.11 -33.50 5.47
N ILE I 692 52.86 -33.29 5.87
CA ILE I 692 52.51 -32.26 6.85
C ILE I 692 52.41 -32.93 8.21
N ILE I 693 53.18 -32.43 9.16
CA ILE I 693 53.17 -32.94 10.52
C ILE I 693 52.63 -31.87 11.46
N ALA I 694 52.05 -32.33 12.56
CA ALA I 694 51.52 -31.47 13.60
C ALA I 694 52.14 -31.89 14.91
N TYR I 695 52.46 -30.92 15.77
CA TYR I 695 53.22 -31.22 16.96
C TYR I 695 52.96 -30.17 18.02
N THR I 696 53.31 -30.51 19.25
CA THR I 696 53.39 -29.52 20.31
C THR I 696 54.70 -28.78 20.13
N MET I 697 54.64 -27.45 20.12
CA MET I 697 55.81 -26.70 19.74
C MET I 697 56.77 -26.55 20.91
N SER I 698 57.95 -26.04 20.61
CA SER I 698 59.02 -25.87 21.58
C SER I 698 59.39 -24.39 21.58
N LEU I 699 59.47 -23.83 22.80
CA LEU I 699 59.77 -22.41 22.93
C LEU I 699 61.20 -22.10 22.51
N GLY I 700 62.15 -22.93 22.93
CA GLY I 700 63.55 -22.69 22.62
C GLY I 700 64.38 -23.86 23.09
N ALA I 701 65.66 -23.80 22.74
CA ALA I 701 66.62 -24.75 23.29
C ALA I 701 66.87 -24.43 24.76
N GLU I 702 66.89 -25.46 25.60
CA GLU I 702 67.22 -25.24 27.00
C GLU I 702 68.69 -24.86 27.12
N ASN I 703 68.97 -23.81 27.88
CA ASN I 703 70.34 -23.36 28.11
C ASN I 703 70.54 -23.24 29.63
N SER I 704 71.16 -24.25 30.23
CA SER I 704 71.32 -24.25 31.67
C SER I 704 72.52 -23.37 31.99
N VAL I 705 72.29 -22.26 32.68
CA VAL I 705 73.38 -21.37 33.04
C VAL I 705 74.17 -21.97 34.18
N ALA I 706 75.49 -22.07 34.01
CA ALA I 706 76.38 -22.68 35.00
C ALA I 706 76.59 -21.71 36.16
N TYR I 707 75.56 -21.59 36.99
CA TYR I 707 75.62 -20.69 38.12
C TYR I 707 76.39 -21.33 39.28
N SER I 708 77.25 -20.54 39.89
CA SER I 708 77.80 -20.84 41.21
C SER I 708 78.12 -19.51 41.87
N ASN I 709 78.37 -19.57 43.18
CA ASN I 709 78.43 -18.37 43.98
C ASN I 709 79.75 -17.62 43.88
N ASN I 710 80.73 -18.16 43.15
CA ASN I 710 82.03 -17.49 43.05
C ASN I 710 82.63 -17.55 41.64
N SER I 711 81.82 -17.80 40.62
CA SER I 711 82.29 -17.88 39.25
C SER I 711 81.57 -16.84 38.39
N ILE I 712 82.31 -16.22 37.48
CA ILE I 712 81.77 -15.22 36.58
C ILE I 712 82.21 -15.57 35.16
N ALA I 713 81.44 -15.11 34.19
CA ALA I 713 81.79 -15.25 32.77
C ALA I 713 82.06 -13.87 32.20
N ILE I 714 83.24 -13.68 31.64
CA ILE I 714 83.67 -12.39 31.11
C ILE I 714 83.89 -12.55 29.62
N PRO I 715 83.33 -11.66 28.78
CA PRO I 715 83.56 -11.75 27.34
C PRO I 715 84.99 -11.38 26.97
N THR I 716 85.56 -12.11 26.01
CA THR I 716 86.87 -11.82 25.49
C THR I 716 86.84 -11.25 24.08
N ASN I 717 85.66 -11.11 23.48
CA ASN I 717 85.56 -10.64 22.10
C ASN I 717 84.18 -10.03 21.91
N PHE I 718 83.94 -9.50 20.72
CA PHE I 718 82.69 -8.82 20.44
C PHE I 718 82.32 -8.95 18.97
N THR I 719 81.04 -8.72 18.69
CA THR I 719 80.50 -8.71 17.35
C THR I 719 79.76 -7.39 17.16
N ILE I 720 80.11 -6.69 16.09
CA ILE I 720 79.38 -5.48 15.69
C ILE I 720 78.21 -5.93 14.83
N SER I 721 77.00 -5.87 15.39
CA SER I 721 75.82 -6.43 14.75
C SER I 721 74.90 -5.29 14.30
N VAL I 722 74.53 -5.32 13.02
CA VAL I 722 73.60 -4.34 12.46
C VAL I 722 72.29 -5.06 12.18
N THR I 723 71.20 -4.54 12.72
CA THR I 723 69.87 -5.12 12.56
C THR I 723 68.92 -4.12 11.94
N THR I 724 67.91 -4.62 11.26
CA THR I 724 66.91 -3.77 10.60
C THR I 724 65.68 -3.64 11.46
N GLU I 725 65.07 -2.47 11.46
CA GLU I 725 63.77 -2.24 12.09
C GLU I 725 62.92 -1.41 11.17
N ILE I 726 61.81 -1.97 10.68
CA ILE I 726 60.94 -1.31 9.72
C ILE I 726 59.72 -0.77 10.48
N LEU I 727 59.46 0.52 10.35
CA LEU I 727 58.32 1.15 11.02
C LEU I 727 57.51 1.97 10.03
N PRO I 728 56.21 1.70 9.88
CA PRO I 728 55.37 2.56 9.03
C PRO I 728 55.19 3.93 9.65
N VAL I 729 55.08 4.94 8.78
CA VAL I 729 54.99 6.33 9.19
C VAL I 729 53.66 6.95 8.77
N SER I 730 53.29 6.80 7.51
CA SER I 730 52.08 7.43 6.99
C SER I 730 51.33 6.45 6.10
N MET I 731 50.11 6.82 5.74
CA MET I 731 49.32 6.07 4.78
C MET I 731 49.13 6.89 3.51
N THR I 732 48.43 6.29 2.55
CA THR I 732 47.94 7.02 1.39
C THR I 732 46.82 7.96 1.80
N LYS I 733 46.95 9.23 1.46
CA LYS I 733 45.93 10.23 1.78
C LYS I 733 44.78 10.08 0.80
N THR I 734 43.69 9.47 1.26
CA THR I 734 42.51 9.26 0.44
C THR I 734 41.39 10.21 0.86
N SER I 735 40.72 10.79 -0.13
CA SER I 735 39.57 11.63 0.10
C SER I 735 38.41 11.10 -0.74
N VAL I 736 37.22 11.06 -0.16
CA VAL I 736 36.04 10.56 -0.84
C VAL I 736 34.99 11.66 -0.88
N ASP I 737 34.59 12.04 -2.09
CA ASP I 737 33.45 12.93 -2.27
C ASP I 737 32.19 12.14 -1.92
N CYS I 738 31.59 12.46 -0.77
CA CYS I 738 30.47 11.70 -0.24
C CYS I 738 29.24 11.82 -1.14
N THR I 739 28.95 13.03 -1.62
CA THR I 739 27.81 13.23 -2.51
C THR I 739 27.99 12.51 -3.84
N MET I 740 29.21 12.55 -4.40
CA MET I 740 29.47 11.87 -5.66
C MET I 740 29.51 10.36 -5.49
N TYR I 741 30.01 9.88 -4.34
CA TYR I 741 30.04 8.45 -4.09
C TYR I 741 28.63 7.88 -3.93
N ILE I 742 27.77 8.57 -3.16
CA ILE I 742 26.42 8.05 -2.96
C ILE I 742 25.58 8.23 -4.22
N CYS I 743 25.70 9.36 -4.90
CA CYS I 743 24.73 9.73 -5.91
C CYS I 743 25.29 9.99 -7.30
N GLY I 744 26.55 10.36 -7.43
CA GLY I 744 27.07 10.68 -8.75
C GLY I 744 26.54 12.01 -9.23
N ASP I 745 25.94 12.01 -10.42
CA ASP I 745 25.40 13.23 -11.03
C ASP I 745 23.89 13.32 -10.93
N SER I 746 23.24 12.45 -10.15
CA SER I 746 21.79 12.45 -10.04
C SER I 746 21.35 13.57 -9.10
N THR I 747 20.51 14.47 -9.60
CA THR I 747 20.03 15.59 -8.78
C THR I 747 18.97 15.14 -7.78
N GLU I 748 18.12 14.18 -8.17
CA GLU I 748 17.09 13.68 -7.27
C GLU I 748 17.71 12.93 -6.09
N CYS I 749 18.78 12.19 -6.34
CA CYS I 749 19.49 11.50 -5.29
C CYS I 749 20.11 12.48 -4.30
N SER I 750 20.68 13.58 -4.80
CA SER I 750 21.26 14.57 -3.88
C SER I 750 20.18 15.32 -3.12
N ASN I 751 19.02 15.55 -3.75
CA ASN I 751 17.90 16.17 -3.05
C ASN I 751 17.39 15.27 -1.93
N LEU I 752 17.35 13.96 -2.15
CA LEU I 752 16.98 13.04 -1.08
C LEU I 752 18.09 12.90 -0.05
N LEU I 753 19.35 13.07 -0.47
CA LEU I 753 20.48 12.95 0.44
C LEU I 753 20.57 14.15 1.38
N LEU I 754 20.08 15.31 0.95
CA LEU I 754 20.06 16.49 1.82
C LEU I 754 19.08 16.34 2.99
N GLN I 755 18.17 15.36 2.93
CA GLN I 755 17.26 15.12 4.05
C GLN I 755 17.98 14.50 5.25
N TYR I 756 19.12 13.86 5.03
CA TYR I 756 19.88 13.23 6.10
C TYR I 756 20.85 14.18 6.79
N GLY I 757 21.00 15.41 6.31
CA GLY I 757 21.76 16.38 7.05
C GLY I 757 23.22 16.43 6.70
N SER I 758 24.08 16.55 7.72
CA SER I 758 25.51 16.80 7.54
C SER I 758 26.35 15.55 7.77
N PHE I 759 25.86 14.39 7.32
CA PHE I 759 26.69 13.18 7.37
C PHE I 759 27.88 13.29 6.44
N CYS I 760 27.66 13.81 5.24
CA CYS I 760 28.74 13.93 4.25
C CYS I 760 29.81 14.91 4.70
N THR I 761 29.40 15.99 5.37
CA THR I 761 30.35 16.94 5.94
C THR I 761 31.20 16.29 7.02
N GLN I 762 30.58 15.44 7.86
CA GLN I 762 31.31 14.70 8.88
C GLN I 762 32.34 13.76 8.27
N LEU I 763 31.94 13.02 7.22
CA LEU I 763 32.86 12.06 6.61
C LEU I 763 34.00 12.76 5.90
N ASN I 764 33.72 13.87 5.20
CA ASN I 764 34.77 14.63 4.53
C ASN I 764 35.71 15.28 5.54
N ARG I 765 35.18 15.75 6.67
CA ARG I 765 36.02 16.34 7.71
C ARG I 765 36.92 15.30 8.36
N ALA I 766 36.39 14.08 8.59
CA ALA I 766 37.20 13.01 9.15
C ALA I 766 38.31 12.58 8.20
N LEU I 767 38.00 12.47 6.90
CA LEU I 767 39.01 12.10 5.92
C LEU I 767 40.06 13.20 5.76
N THR I 768 39.64 14.47 5.86
CA THR I 768 40.59 15.58 5.81
C THR I 768 41.51 15.59 7.03
N GLY I 769 40.96 15.27 8.20
CA GLY I 769 41.78 15.15 9.40
C GLY I 769 42.80 14.03 9.31
N ILE I 770 42.41 12.89 8.73
CA ILE I 770 43.34 11.79 8.49
C ILE I 770 44.43 12.22 7.50
N ALA I 771 44.03 12.94 6.44
CA ALA I 771 44.97 13.35 5.39
C ALA I 771 46.00 14.34 5.93
N VAL I 772 45.59 15.27 6.78
CA VAL I 772 46.58 16.18 7.37
C VAL I 772 47.37 15.50 8.49
N GLU I 773 46.81 14.47 9.12
CA GLU I 773 47.53 13.75 10.16
C GLU I 773 48.69 12.94 9.58
N GLN I 774 48.54 12.43 8.35
CA GLN I 774 49.64 11.72 7.70
C GLN I 774 50.84 12.64 7.43
N ASP I 775 50.56 13.86 6.96
CA ASP I 775 51.63 14.83 6.73
C ASP I 775 52.26 15.28 8.04
N LYS I 776 51.45 15.41 9.10
CA LYS I 776 51.99 15.72 10.42
C LYS I 776 52.88 14.60 10.93
N ASN I 777 52.52 13.35 10.66
CA ASN I 777 53.34 12.21 11.05
C ASN I 777 54.69 12.22 10.32
N THR I 778 54.67 12.54 9.02
CA THR I 778 55.92 12.57 8.26
C THR I 778 56.81 13.74 8.71
N GLN I 779 56.21 14.89 9.04
CA GLN I 779 56.96 15.99 9.64
C GLN I 779 57.58 15.61 10.97
N GLU I 780 56.82 14.90 11.82
CA GLU I 780 57.33 14.55 13.13
C GLU I 780 58.44 13.51 13.05
N VAL I 781 58.37 12.60 12.09
CA VAL I 781 59.41 11.58 11.99
C VAL I 781 60.66 12.14 11.35
N PHE I 782 60.54 12.74 10.15
CA PHE I 782 61.73 13.02 9.35
C PHE I 782 62.28 14.42 9.50
N ALA I 783 61.45 15.42 9.80
CA ALA I 783 61.91 16.80 9.85
C ALA I 783 62.22 17.20 11.29
N GLN I 784 63.26 16.56 11.83
CA GLN I 784 63.75 16.89 13.16
C GLN I 784 65.00 17.75 13.16
N VAL I 785 65.51 18.11 11.97
CA VAL I 785 66.68 18.98 11.86
C VAL I 785 66.33 20.13 10.91
N LYS I 786 66.74 21.33 11.30
CA LYS I 786 66.56 22.50 10.44
C LYS I 786 67.82 22.83 9.64
N GLN I 787 68.88 22.04 9.77
CA GLN I 787 70.09 22.21 8.99
C GLN I 787 70.30 21.00 8.11
N ILE I 788 70.58 21.23 6.83
CA ILE I 788 70.82 20.15 5.88
C ILE I 788 72.33 19.90 5.86
N TYR I 789 72.75 18.91 6.63
CA TYR I 789 74.16 18.58 6.72
C TYR I 789 74.60 17.74 5.52
N LYS I 790 75.85 17.92 5.11
CA LYS I 790 76.41 17.17 3.99
C LYS I 790 77.72 16.53 4.43
N THR I 791 77.98 15.34 3.89
CA THR I 791 79.24 14.67 4.14
C THR I 791 80.38 15.36 3.39
N PRO I 792 81.61 15.26 3.89
CA PRO I 792 82.75 15.77 3.13
C PRO I 792 82.98 14.95 1.87
N PRO I 793 83.57 15.54 0.83
CA PRO I 793 83.84 14.77 -0.40
C PRO I 793 84.81 13.61 -0.22
N ILE I 794 85.75 13.73 0.73
CA ILE I 794 86.68 12.64 1.01
C ILE I 794 86.10 11.78 2.12
N LYS I 795 85.90 10.50 1.84
CA LYS I 795 85.26 9.57 2.77
C LYS I 795 86.32 8.83 3.59
N ASP I 796 87.10 9.59 4.35
CA ASP I 796 88.14 9.05 5.22
C ASP I 796 87.58 9.02 6.65
N PHE I 797 86.97 7.89 7.01
CA PHE I 797 86.37 7.71 8.33
C PHE I 797 87.11 6.66 9.16
N GLY I 798 88.40 6.47 8.92
CA GLY I 798 89.18 5.49 9.65
C GLY I 798 88.82 4.05 9.37
N GLY I 799 88.53 3.72 8.12
CA GLY I 799 88.21 2.36 7.71
C GLY I 799 86.74 2.06 7.65
N PHE I 800 85.89 2.93 8.17
CA PHE I 800 84.45 2.71 8.17
C PHE I 800 83.88 3.06 6.81
N ASN I 801 83.11 2.13 6.24
CA ASN I 801 82.51 2.29 4.92
C ASN I 801 81.03 2.55 5.09
N PHE I 802 80.56 3.67 4.54
CA PHE I 802 79.15 4.04 4.59
C PHE I 802 78.53 4.17 3.20
N SER I 803 79.13 3.53 2.19
CA SER I 803 78.68 3.72 0.82
C SER I 803 77.31 3.10 0.58
N GLN I 804 76.96 2.07 1.35
CA GLN I 804 75.65 1.44 1.21
C GLN I 804 74.53 2.24 1.86
N ILE I 805 74.87 3.21 2.71
CA ILE I 805 73.85 4.03 3.36
C ILE I 805 73.93 5.49 2.95
N LEU I 806 75.06 5.97 2.44
CA LEU I 806 75.12 7.32 1.91
C LEU I 806 74.48 7.38 0.52
N PRO I 807 73.97 8.54 0.11
CA PRO I 807 73.34 8.64 -1.22
C PRO I 807 74.31 8.40 -2.36
N ASP I 808 73.80 7.75 -3.40
CA ASP I 808 74.58 7.46 -4.60
C ASP I 808 74.52 8.64 -5.55
N PRO I 809 75.64 9.26 -5.92
CA PRO I 809 75.59 10.37 -6.88
C PRO I 809 75.17 9.95 -8.28
N SER I 810 75.38 8.69 -8.65
CA SER I 810 75.03 8.22 -9.99
C SER I 810 73.53 8.06 -10.18
N LYS I 811 72.77 7.92 -9.09
CA LYS I 811 71.33 7.76 -9.22
C LYS I 811 70.64 9.12 -9.27
N PRO I 812 69.68 9.30 -10.19
CA PRO I 812 68.96 10.57 -10.25
C PRO I 812 68.06 10.82 -9.06
N SER I 813 67.64 9.78 -8.34
CA SER I 813 66.78 9.94 -7.17
C SER I 813 67.55 10.35 -5.93
N LYS I 814 68.90 10.35 -6.00
CA LYS I 814 69.81 10.69 -4.90
C LYS I 814 69.58 9.82 -3.67
N ARG I 815 69.26 8.55 -3.90
CA ARG I 815 69.03 7.61 -2.81
C ARG I 815 70.27 6.77 -2.55
N SER I 816 70.32 6.19 -1.36
CA SER I 816 71.31 5.19 -1.03
C SER I 816 70.99 3.89 -1.76
N PRO I 817 71.97 2.99 -1.94
CA PRO I 817 71.67 1.66 -2.48
C PRO I 817 70.68 0.87 -1.64
N ILE I 818 70.76 0.99 -0.32
CA ILE I 818 69.79 0.35 0.56
C ILE I 818 68.40 0.96 0.38
N GLU I 819 68.32 2.29 0.30
CA GLU I 819 67.03 2.95 0.10
C GLU I 819 66.47 2.66 -1.29
N ASP I 820 67.34 2.55 -2.29
CA ASP I 820 66.90 2.19 -3.63
C ASP I 820 66.35 0.77 -3.66
N LEU I 821 66.98 -0.15 -2.92
CA LEU I 821 66.47 -1.52 -2.84
C LEU I 821 65.15 -1.56 -2.07
N LEU I 822 65.01 -0.73 -1.03
CA LEU I 822 63.75 -0.64 -0.29
C LEU I 822 62.63 -0.12 -1.15
N PHE I 823 62.91 0.89 -1.99
CA PHE I 823 61.89 1.40 -2.90
C PHE I 823 61.59 0.44 -4.03
N ASN I 824 62.54 -0.41 -4.41
CA ASN I 824 62.23 -1.44 -5.39
C ASN I 824 61.43 -2.59 -4.79
N LYS I 825 61.59 -2.87 -3.50
CA LYS I 825 60.92 -4.02 -2.91
C LYS I 825 59.48 -3.74 -2.48
N VAL I 826 59.03 -2.50 -2.53
CA VAL I 826 57.67 -2.14 -2.13
C VAL I 826 56.87 -1.82 -3.38
N THR I 827 55.82 -2.58 -3.62
CA THR I 827 54.98 -2.40 -4.80
C THR I 827 53.55 -2.04 -4.41
N ASN I 856 34.83 7.25 -8.89
CA ASN I 856 33.54 7.33 -8.21
C ASN I 856 33.64 8.25 -6.99
N GLY I 857 34.33 9.37 -7.14
CA GLY I 857 34.47 10.34 -6.07
C GLY I 857 35.68 10.13 -5.19
N LEU I 858 36.52 9.15 -5.51
CA LEU I 858 37.73 8.88 -4.75
C LEU I 858 38.90 9.66 -5.36
N THR I 859 39.69 10.30 -4.51
CA THR I 859 40.89 11.01 -4.92
C THR I 859 42.03 10.64 -3.98
N VAL I 860 43.24 10.64 -4.51
CA VAL I 860 44.45 10.42 -3.75
C VAL I 860 45.22 11.73 -3.71
N LEU I 861 45.32 12.32 -2.54
CA LEU I 861 46.10 13.53 -2.36
C LEU I 861 47.58 13.18 -2.28
N PRO I 862 48.44 13.88 -3.03
CA PRO I 862 49.87 13.61 -2.92
C PRO I 862 50.41 14.05 -1.58
N PRO I 863 51.43 13.39 -1.06
CA PRO I 863 52.05 13.83 0.20
C PRO I 863 52.79 15.14 0.03
N LEU I 864 52.86 15.90 1.13
CA LEU I 864 53.56 17.19 1.12
C LEU I 864 55.05 17.01 0.88
N LEU I 865 55.66 16.02 1.52
CA LEU I 865 57.06 15.68 1.29
C LEU I 865 57.14 14.57 0.27
N THR I 866 57.80 14.85 -0.85
CA THR I 866 58.07 13.83 -1.85
C THR I 866 59.21 12.92 -1.37
N ASP I 867 59.43 11.84 -2.12
CA ASP I 867 60.37 10.81 -1.70
C ASP I 867 61.81 11.30 -1.76
N GLU I 868 62.14 12.17 -2.72
CA GLU I 868 63.50 12.70 -2.76
C GLU I 868 63.77 13.68 -1.62
N MET I 869 62.76 14.43 -1.18
CA MET I 869 62.98 15.32 -0.03
C MET I 869 63.06 14.54 1.28
N ILE I 870 62.32 13.44 1.39
CA ILE I 870 62.45 12.56 2.56
C ILE I 870 63.83 11.91 2.55
N ALA I 871 64.31 11.52 1.37
CA ALA I 871 65.67 10.99 1.24
C ALA I 871 66.71 12.05 1.56
N GLN I 872 66.43 13.31 1.22
CA GLN I 872 67.32 14.41 1.59
C GLN I 872 67.36 14.62 3.10
N TYR I 873 66.20 14.48 3.77
CA TYR I 873 66.16 14.55 5.23
C TYR I 873 66.97 13.44 5.87
N THR I 874 66.82 12.21 5.36
CA THR I 874 67.59 11.09 5.89
C THR I 874 69.09 11.24 5.61
N SER I 875 69.43 11.81 4.45
CA SER I 875 70.83 12.07 4.13
C SER I 875 71.43 13.12 5.06
N ALA I 876 70.64 14.15 5.40
CA ALA I 876 71.09 15.16 6.35
C ALA I 876 71.29 14.54 7.74
N LEU I 877 70.39 13.66 8.15
CA LEU I 877 70.53 12.98 9.43
C LEU I 877 71.75 12.07 9.45
N LEU I 878 72.01 11.36 8.35
CA LEU I 878 73.19 10.50 8.25
C LEU I 878 74.47 11.31 8.28
N ALA I 879 74.50 12.44 7.57
CA ALA I 879 75.69 13.29 7.57
C ALA I 879 75.93 13.89 8.94
N GLY I 880 74.85 14.27 9.64
CA GLY I 880 75.00 14.79 10.99
C GLY I 880 75.51 13.75 11.97
N THR I 881 74.96 12.53 11.91
CA THR I 881 75.39 11.52 12.87
C THR I 881 76.75 10.93 12.51
N ILE I 882 77.21 11.08 11.27
CA ILE I 882 78.54 10.61 10.92
C ILE I 882 79.59 11.65 11.26
N THR I 883 79.37 12.90 10.86
CA THR I 883 80.39 13.92 11.04
C THR I 883 80.39 14.55 12.42
N SER I 884 79.29 14.48 13.16
CA SER I 884 79.17 15.22 14.41
C SER I 884 78.70 14.38 15.59
N GLY I 885 78.35 13.13 15.39
CA GLY I 885 77.89 12.31 16.51
C GLY I 885 76.49 12.70 16.94
N TRP I 886 76.29 12.83 18.25
CA TRP I 886 75.02 13.27 18.79
C TRP I 886 74.98 14.76 19.08
N THR I 887 76.01 15.51 18.69
CA THR I 887 76.08 16.92 19.03
C THR I 887 75.09 17.75 18.22
N PHE I 888 74.81 17.34 16.98
CA PHE I 888 73.90 18.10 16.14
C PHE I 888 72.45 17.96 16.59
N GLY I 889 72.11 16.90 17.32
CA GLY I 889 70.78 16.75 17.88
C GLY I 889 70.50 17.55 19.12
N ALA I 890 71.53 18.10 19.75
CA ALA I 890 71.37 18.89 20.97
C ALA I 890 71.75 20.35 20.80
N GLY I 891 72.18 20.77 19.62
CA GLY I 891 72.58 22.13 19.39
C GLY I 891 73.32 22.29 18.08
N PRO I 892 74.37 23.11 18.08
CA PRO I 892 75.21 23.22 16.89
C PRO I 892 75.98 21.94 16.63
N ALA I 893 76.21 21.65 15.36
CA ALA I 893 76.94 20.46 14.97
C ALA I 893 78.42 20.66 15.22
N LEU I 894 78.98 19.89 16.14
CA LEU I 894 80.40 19.96 16.49
C LEU I 894 81.10 18.79 15.81
N GLN I 895 82.06 19.10 14.95
CA GLN I 895 82.75 18.05 14.23
C GLN I 895 83.65 17.25 15.16
N ILE I 896 83.84 15.99 14.83
CA ILE I 896 84.61 15.06 15.64
C ILE I 896 85.04 13.92 14.70
N PRO I 897 86.26 13.41 14.82
CA PRO I 897 86.64 12.21 14.05
C PRO I 897 85.77 11.02 14.41
N PHE I 898 85.43 10.24 13.39
CA PHE I 898 84.55 9.09 13.61
C PHE I 898 85.11 8.01 14.53
N PRO I 899 86.41 7.65 14.51
CA PRO I 899 86.89 6.70 15.54
C PRO I 899 86.74 7.26 16.95
N MET I 900 86.98 8.55 17.15
CA MET I 900 86.80 9.14 18.47
C MET I 900 85.33 9.11 18.89
N GLN I 901 84.42 9.37 17.94
CA GLN I 901 82.99 9.29 18.21
C GLN I 901 82.60 7.87 18.59
N MET I 902 83.15 6.88 17.87
CA MET I 902 82.88 5.48 18.17
C MET I 902 83.40 5.12 19.55
N ALA I 903 84.57 5.68 19.92
CA ALA I 903 85.13 5.47 21.26
C ALA I 903 84.20 6.05 22.33
N TYR I 904 83.61 7.22 22.05
CA TYR I 904 82.65 7.82 22.97
C TYR I 904 81.43 6.91 23.13
N ARG I 905 80.95 6.33 22.03
CA ARG I 905 79.83 5.40 22.08
C ARG I 905 80.22 4.14 22.86
N PHE I 906 81.47 3.69 22.70
CA PHE I 906 81.98 2.56 23.47
C PHE I 906 81.97 2.87 24.96
N ASN I 907 82.25 4.11 25.32
CA ASN I 907 82.28 4.47 26.73
C ASN I 907 80.87 4.62 27.27
N GLY I 908 79.94 4.97 26.39
CA GLY I 908 78.53 5.00 26.76
C GLY I 908 77.99 3.63 27.17
N ILE I 909 78.47 2.57 26.54
CA ILE I 909 78.03 1.22 26.92
C ILE I 909 79.00 0.60 27.92
N GLY I 910 79.90 1.40 28.48
CA GLY I 910 80.77 0.92 29.53
C GLY I 910 82.00 0.15 29.12
N VAL I 911 82.50 0.34 27.90
CA VAL I 911 83.75 -0.27 27.47
C VAL I 911 84.76 0.84 27.23
N THR I 912 85.98 0.63 27.71
CA THR I 912 87.04 1.65 27.66
C THR I 912 87.43 1.99 26.23
N GLN I 913 87.94 3.22 26.05
CA GLN I 913 88.34 3.72 24.74
C GLN I 913 89.45 2.90 24.11
N ASN I 914 90.38 2.37 24.93
CA ASN I 914 91.54 1.65 24.44
C ASN I 914 91.11 0.43 23.63
N VAL I 915 90.04 -0.23 24.05
CA VAL I 915 89.55 -1.43 23.36
C VAL I 915 89.17 -1.07 21.93
N LEU I 916 88.47 0.06 21.76
CA LEU I 916 88.09 0.54 20.44
C LEU I 916 89.33 0.88 19.59
N TYR I 917 90.27 1.61 20.17
CA TYR I 917 91.44 2.04 19.40
C TYR I 917 92.34 0.88 19.00
N GLU I 918 92.58 -0.07 19.91
CA GLU I 918 93.45 -1.21 19.63
C GLU I 918 92.85 -2.11 18.55
N ASN I 919 91.54 -2.29 18.56
CA ASN I 919 90.85 -3.20 17.64
C ASN I 919 90.00 -2.43 16.65
N GLN I 920 90.53 -1.34 16.10
CA GLN I 920 89.74 -0.47 15.25
C GLN I 920 89.57 -1.05 13.84
N LYS I 921 90.63 -1.67 13.30
CA LYS I 921 90.54 -2.32 12.00
C LYS I 921 89.54 -3.48 12.04
N LEU I 922 89.54 -4.26 13.13
CA LEU I 922 88.59 -5.35 13.27
C LEU I 922 87.17 -4.85 13.42
N ILE I 923 86.97 -3.73 14.11
CA ILE I 923 85.63 -3.19 14.30
C ILE I 923 85.09 -2.63 12.99
N ALA I 924 85.95 -1.94 12.24
CA ALA I 924 85.55 -1.41 10.94
C ALA I 924 85.23 -2.54 9.96
N ASN I 925 86.03 -3.61 9.97
CA ASN I 925 85.77 -4.75 9.10
C ASN I 925 84.45 -5.45 9.46
N GLN I 926 84.19 -5.61 10.76
CA GLN I 926 82.94 -6.21 11.21
C GLN I 926 81.74 -5.35 10.84
N PHE I 927 81.89 -4.03 10.96
CA PHE I 927 80.80 -3.11 10.61
C PHE I 927 80.50 -3.15 9.11
N ASN I 928 81.55 -3.17 8.27
CA ASN I 928 81.35 -3.24 6.83
C ASN I 928 80.72 -4.58 6.42
N SER I 929 81.16 -5.66 7.06
CA SER I 929 80.58 -6.98 6.78
C SER I 929 79.12 -7.05 7.20
N ALA I 930 78.78 -6.44 8.33
CA ALA I 930 77.39 -6.44 8.79
C ALA I 930 76.50 -5.59 7.89
N ILE I 931 77.01 -4.45 7.40
CA ILE I 931 76.24 -3.61 6.48
C ILE I 931 76.00 -4.34 5.15
N GLY I 932 77.03 -5.06 4.66
CA GLY I 932 76.84 -5.88 3.47
C GLY I 932 75.87 -7.02 3.68
N LYS I 933 75.90 -7.63 4.87
CA LYS I 933 74.94 -8.69 5.16
C LYS I 933 73.52 -8.15 5.26
N ILE I 934 73.37 -6.90 5.72
CA ILE I 934 72.06 -6.25 5.75
C ILE I 934 71.51 -6.07 4.33
N GLN I 935 72.38 -5.60 3.43
CA GLN I 935 71.94 -5.42 2.03
C GLN I 935 71.63 -6.76 1.38
N ASP I 936 72.43 -7.79 1.64
CA ASP I 936 72.17 -9.12 1.08
C ASP I 936 70.89 -9.73 1.65
N SER I 937 70.64 -9.55 2.95
CA SER I 937 69.44 -10.09 3.58
C SER I 937 68.18 -9.37 3.08
N LEU I 938 68.27 -8.06 2.84
CA LEU I 938 67.12 -7.36 2.27
C LEU I 938 66.89 -7.77 0.82
N SER I 939 67.97 -7.99 0.07
CA SER I 939 67.83 -8.39 -1.33
C SER I 939 67.43 -9.86 -1.49
N SER I 940 67.56 -10.67 -0.44
CA SER I 940 67.26 -12.10 -0.53
C SER I 940 66.01 -12.53 0.23
N THR I 941 65.32 -11.63 0.92
CA THR I 941 64.13 -12.01 1.67
C THR I 941 62.91 -11.29 1.11
N PRO I 942 61.89 -12.00 0.65
CA PRO I 942 60.69 -11.31 0.13
C PRO I 942 59.80 -10.71 1.21
N SER I 943 59.78 -11.31 2.40
CA SER I 943 58.88 -10.88 3.47
C SER I 943 59.56 -9.96 4.48
N ALA I 944 60.67 -9.32 4.08
CA ALA I 944 61.35 -8.41 4.98
C ALA I 944 60.55 -7.13 5.21
N LEU I 945 59.91 -6.63 4.16
CA LEU I 945 59.18 -5.37 4.19
C LEU I 945 57.67 -5.58 4.36
N GLY I 946 57.28 -6.57 5.17
CA GLY I 946 55.88 -6.93 5.27
C GLY I 946 55.04 -5.93 6.04
N LYS I 947 55.67 -5.11 6.89
CA LYS I 947 54.91 -4.16 7.70
C LYS I 947 54.37 -3.01 6.87
N LEU I 948 55.15 -2.51 5.91
CA LEU I 948 54.66 -1.46 5.02
C LEU I 948 53.65 -2.02 4.02
N GLN I 949 53.94 -3.22 3.50
CA GLN I 949 53.07 -3.85 2.51
C GLN I 949 51.73 -4.24 3.12
N ASP I 950 51.70 -4.53 4.42
CA ASP I 950 50.45 -4.82 5.11
C ASP I 950 49.55 -3.58 5.14
N VAL I 951 50.12 -2.42 5.42
CA VAL I 951 49.37 -1.16 5.45
C VAL I 951 48.87 -0.81 4.05
N VAL I 952 49.74 -0.97 3.04
CA VAL I 952 49.36 -0.69 1.66
C VAL I 952 48.23 -1.62 1.20
N ASN I 953 48.33 -2.91 1.53
CA ASN I 953 47.31 -3.87 1.14
C ASN I 953 45.99 -3.62 1.86
N GLN I 954 46.04 -3.23 3.14
CA GLN I 954 44.81 -2.92 3.87
C GLN I 954 44.11 -1.70 3.30
N ASN I 955 44.87 -0.65 2.95
CA ASN I 955 44.25 0.55 2.39
C ASN I 955 43.69 0.29 1.00
N ALA I 956 44.41 -0.46 0.17
CA ALA I 956 43.91 -0.79 -1.17
C ALA I 956 42.70 -1.71 -1.11
N GLN I 957 42.67 -2.62 -0.14
CA GLN I 957 41.54 -3.52 0.02
C GLN I 957 40.31 -2.78 0.54
N ALA I 958 40.52 -1.79 1.43
CA ALA I 958 39.41 -0.97 1.88
C ALA I 958 38.82 -0.13 0.75
N LEU I 959 39.68 0.45 -0.09
CA LEU I 959 39.19 1.18 -1.26
C LEU I 959 38.45 0.26 -2.25
N ASN I 960 38.98 -0.95 -2.47
CA ASN I 960 38.33 -1.87 -3.39
C ASN I 960 36.98 -2.35 -2.86
N THR I 961 36.88 -2.57 -1.55
CA THR I 961 35.61 -2.94 -0.94
C THR I 961 34.60 -1.79 -1.03
N LEU I 962 35.05 -0.55 -0.80
CA LEU I 962 34.16 0.60 -0.87
C LEU I 962 33.66 0.83 -2.30
N VAL I 963 34.51 0.61 -3.30
CA VAL I 963 34.07 0.71 -4.68
C VAL I 963 33.12 -0.44 -5.04
N LYS I 964 33.43 -1.65 -4.55
CA LYS I 964 32.62 -2.83 -4.82
C LYS I 964 31.22 -2.73 -4.20
N GLN I 965 31.08 -1.99 -3.10
CA GLN I 965 29.79 -1.84 -2.44
C GLN I 965 28.78 -1.04 -3.26
N LEU I 966 29.24 -0.31 -4.29
CA LEU I 966 28.31 0.35 -5.20
C LEU I 966 27.55 -0.64 -6.09
N SER I 967 28.08 -1.84 -6.30
CA SER I 967 27.42 -2.84 -7.13
C SER I 967 26.27 -3.52 -6.42
N SER I 968 26.10 -3.30 -5.12
CA SER I 968 25.01 -3.91 -4.36
C SER I 968 23.79 -3.01 -4.37
N ASN I 969 22.62 -3.63 -4.54
CA ASN I 969 21.36 -2.89 -4.59
C ASN I 969 20.76 -2.63 -3.22
N PHE I 970 21.22 -3.35 -2.18
CA PHE I 970 20.77 -3.19 -0.79
C PHE I 970 19.26 -3.37 -0.64
N GLY I 971 18.71 -4.33 -1.39
CA GLY I 971 17.29 -4.58 -1.37
C GLY I 971 16.48 -3.86 -2.42
N ALA I 972 17.08 -2.93 -3.15
CA ALA I 972 16.37 -2.25 -4.23
C ALA I 972 16.33 -3.13 -5.47
N ILE I 973 15.61 -2.66 -6.49
CA ILE I 973 15.47 -3.44 -7.71
C ILE I 973 16.76 -3.43 -8.53
N SER I 974 17.59 -2.40 -8.39
CA SER I 974 18.84 -2.32 -9.13
C SER I 974 19.83 -1.48 -8.36
N SER I 975 21.11 -1.70 -8.65
CA SER I 975 22.19 -0.92 -8.06
C SER I 975 22.55 0.31 -8.89
N VAL I 976 21.97 0.47 -10.08
CA VAL I 976 22.25 1.60 -10.95
C VAL I 976 21.18 2.65 -10.76
N LEU I 977 21.60 3.90 -10.49
CA LEU I 977 20.65 4.97 -10.25
C LEU I 977 19.93 5.39 -11.52
N ASN I 978 20.61 5.35 -12.66
CA ASN I 978 20.01 5.75 -13.92
C ASN I 978 18.92 4.77 -14.36
N ASP I 979 19.09 3.48 -14.05
CA ASP I 979 18.07 2.49 -14.37
C ASP I 979 16.79 2.73 -13.57
N ILE I 980 16.94 3.05 -12.28
CA ILE I 980 15.78 3.36 -11.44
C ILE I 980 15.10 4.64 -11.90
N LEU I 981 15.91 5.67 -12.21
CA LEU I 981 15.33 6.94 -12.65
C LEU I 981 14.70 6.87 -14.04
N SER I 982 15.13 5.93 -14.88
CA SER I 982 14.53 5.76 -16.19
C SER I 982 13.42 4.71 -16.24
N ARG I 983 13.29 3.88 -15.20
CA ARG I 983 12.25 2.85 -15.19
C ARG I 983 11.02 3.22 -14.38
N LEU I 984 11.16 4.06 -13.36
CA LEU I 984 10.11 4.23 -12.36
C LEU I 984 9.69 5.68 -12.23
N ASP I 985 8.44 5.87 -11.82
CA ASP I 985 7.95 7.18 -11.43
C ASP I 985 8.62 7.63 -10.13
N PRO I 986 8.76 8.93 -9.93
CA PRO I 986 9.44 9.47 -8.71
C PRO I 986 8.83 9.05 -7.37
N PRO I 987 7.50 8.80 -7.23
CA PRO I 987 7.04 8.26 -5.91
C PRO I 987 7.65 6.92 -5.49
N GLU I 988 7.91 5.99 -6.40
CA GLU I 988 8.56 4.75 -6.00
C GLU I 988 10.06 4.77 -6.25
N ALA I 989 10.52 5.58 -7.21
CA ALA I 989 11.95 5.80 -7.38
C ALA I 989 12.56 6.51 -6.17
N GLU I 990 11.77 7.32 -5.46
CA GLU I 990 12.24 7.92 -4.22
C GLU I 990 12.55 6.86 -3.17
N VAL I 991 11.70 5.83 -3.08
CA VAL I 991 11.92 4.74 -2.14
C VAL I 991 13.15 3.92 -2.53
N GLN I 992 13.28 3.59 -3.82
CA GLN I 992 14.44 2.82 -4.29
C GLN I 992 15.75 3.58 -4.10
N ILE I 993 15.75 4.87 -4.44
CA ILE I 993 16.92 5.72 -4.23
C ILE I 993 17.22 5.87 -2.75
N ASP I 994 16.19 5.91 -1.90
CA ASP I 994 16.41 5.97 -0.46
C ASP I 994 17.09 4.72 0.08
N ARG I 995 16.68 3.54 -0.42
CA ARG I 995 17.35 2.30 -0.05
C ARG I 995 18.81 2.29 -0.49
N LEU I 996 19.08 2.75 -1.73
CA LEU I 996 20.45 2.84 -2.21
C LEU I 996 21.27 3.84 -1.39
N ILE I 997 20.65 4.95 -1.00
CA ILE I 997 21.34 5.99 -0.24
C ILE I 997 21.72 5.47 1.15
N THR I 998 20.79 4.79 1.83
CA THR I 998 21.10 4.32 3.17
C THR I 998 22.13 3.17 3.14
N GLY I 999 22.09 2.33 2.10
CA GLY I 999 23.12 1.30 1.97
C GLY I 999 24.50 1.89 1.71
N ARG I 1000 24.59 2.85 0.79
CA ARG I 1000 25.89 3.44 0.47
C ARG I 1000 26.40 4.31 1.60
N LEU I 1001 25.51 4.96 2.34
CA LEU I 1001 25.91 5.77 3.49
C LEU I 1001 26.42 4.88 4.63
N GLN I 1002 25.78 3.73 4.84
CA GLN I 1002 26.28 2.78 5.83
C GLN I 1002 27.66 2.25 5.44
N SER I 1003 27.85 1.95 4.15
CA SER I 1003 29.16 1.49 3.67
C SER I 1003 30.23 2.57 3.85
N LEU I 1004 29.90 3.82 3.55
CA LEU I 1004 30.87 4.91 3.66
C LEU I 1004 31.22 5.20 5.11
N GLN I 1005 30.22 5.16 6.01
CA GLN I 1005 30.48 5.35 7.43
C GLN I 1005 31.34 4.24 8.00
N THR I 1006 31.12 3.00 7.54
CA THR I 1006 31.97 1.88 7.96
C THR I 1006 33.41 2.08 7.49
N TYR I 1007 33.59 2.50 6.23
CA TYR I 1007 34.91 2.74 5.69
C TYR I 1007 35.65 3.83 6.45
N VAL I 1008 34.94 4.91 6.77
CA VAL I 1008 35.53 6.00 7.55
C VAL I 1008 35.87 5.54 8.98
N THR I 1009 35.07 4.62 9.55
CA THR I 1009 35.35 4.12 10.89
C THR I 1009 36.65 3.32 10.94
N GLN I 1010 36.82 2.32 10.05
CA GLN I 1010 38.11 1.64 10.07
C GLN I 1010 39.25 2.51 9.54
N GLN I 1011 38.99 3.52 8.71
CA GLN I 1011 40.06 4.44 8.33
C GLN I 1011 40.54 5.25 9.52
N LEU I 1012 39.63 5.68 10.39
CA LEU I 1012 40.04 6.40 11.59
C LEU I 1012 40.79 5.50 12.58
N ILE I 1013 40.36 4.24 12.69
CA ILE I 1013 41.07 3.30 13.56
C ILE I 1013 42.48 3.02 13.04
N ARG I 1014 42.62 2.80 11.72
CA ARG I 1014 43.93 2.60 11.13
C ARG I 1014 44.78 3.86 11.19
N ALA I 1015 44.15 5.04 11.14
CA ALA I 1015 44.88 6.29 11.30
C ALA I 1015 45.44 6.43 12.71
N ALA I 1016 44.67 6.00 13.72
CA ALA I 1016 45.18 5.99 15.08
C ALA I 1016 46.34 5.02 15.24
N GLU I 1017 46.24 3.84 14.62
CA GLU I 1017 47.33 2.86 14.69
C GLU I 1017 48.60 3.39 14.00
N ILE I 1018 48.45 3.99 12.83
CA ILE I 1018 49.59 4.54 12.09
C ILE I 1018 50.18 5.74 12.82
N ARG I 1019 49.34 6.54 13.50
CA ARG I 1019 49.85 7.65 14.30
C ARG I 1019 50.66 7.15 15.50
N ALA I 1020 50.20 6.07 16.14
CA ALA I 1020 50.98 5.47 17.22
C ALA I 1020 52.31 4.92 16.72
N SER I 1021 52.31 4.27 15.56
CA SER I 1021 53.54 3.76 14.97
C SER I 1021 54.48 4.90 14.56
N ALA I 1022 53.93 6.01 14.09
CA ALA I 1022 54.75 7.14 13.69
C ALA I 1022 55.32 7.87 14.90
N ASN I 1023 54.57 7.93 16.00
CA ASN I 1023 55.11 8.48 17.24
C ASN I 1023 56.24 7.61 17.77
N LEU I 1024 56.08 6.29 17.67
CA LEU I 1024 57.17 5.38 18.02
C LEU I 1024 58.39 5.59 17.12
N ALA I 1025 58.17 5.77 15.81
CA ALA I 1025 59.27 5.98 14.87
C ALA I 1025 59.98 7.30 15.14
N ALA I 1026 59.24 8.34 15.51
CA ALA I 1026 59.85 9.62 15.86
C ALA I 1026 60.65 9.50 17.15
N THR I 1027 60.16 8.71 18.11
CA THR I 1027 60.91 8.45 19.33
C THR I 1027 62.20 7.70 19.04
N LYS I 1028 62.14 6.70 18.15
CA LYS I 1028 63.36 5.98 17.76
C LYS I 1028 64.33 6.86 16.99
N MET I 1029 63.81 7.78 16.17
CA MET I 1029 64.69 8.71 15.46
C MET I 1029 65.37 9.67 16.42
N SER I 1030 64.64 10.13 17.45
CA SER I 1030 65.24 11.03 18.42
C SER I 1030 66.25 10.32 19.31
N GLU I 1031 65.95 9.09 19.75
CA GLU I 1031 66.75 8.47 20.79
C GLU I 1031 67.81 7.50 20.28
N CYS I 1032 67.62 6.90 19.10
CA CYS I 1032 68.62 5.97 18.58
C CYS I 1032 69.53 6.61 17.54
N VAL I 1033 69.01 7.52 16.72
CA VAL I 1033 69.82 8.16 15.68
C VAL I 1033 70.50 9.42 16.22
N LEU I 1034 69.76 10.27 16.90
CA LEU I 1034 70.30 11.54 17.40
C LEU I 1034 71.00 11.39 18.74
N GLY I 1035 71.07 10.18 19.28
CA GLY I 1035 71.77 9.96 20.54
C GLY I 1035 72.00 8.47 20.73
N GLN I 1036 72.67 8.15 21.83
CA GLN I 1036 72.89 6.77 22.23
C GLN I 1036 71.97 6.43 23.39
N SER I 1037 71.22 5.35 23.25
CA SER I 1037 70.15 5.02 24.18
C SER I 1037 70.59 3.92 25.14
N LYS I 1038 70.32 4.14 26.43
CA LYS I 1038 70.54 3.12 27.45
C LYS I 1038 69.36 2.17 27.58
N ARG I 1039 68.27 2.41 26.87
CA ARG I 1039 67.08 1.56 26.98
C ARG I 1039 67.33 0.23 26.28
N VAL I 1040 67.07 -0.85 27.00
CA VAL I 1040 67.36 -2.20 26.51
C VAL I 1040 66.32 -2.58 25.46
N ASP I 1041 66.80 -3.03 24.30
CA ASP I 1041 66.05 -3.51 23.14
C ASP I 1041 65.19 -2.44 22.49
N PHE I 1042 65.38 -1.16 22.85
CA PHE I 1042 64.70 -0.09 22.15
C PHE I 1042 65.35 0.22 20.80
N CYS I 1043 66.66 0.05 20.70
CA CYS I 1043 67.40 0.32 19.47
C CYS I 1043 68.20 -0.90 19.06
N GLY I 1044 67.54 -2.05 19.01
CA GLY I 1044 68.15 -3.27 18.53
C GLY I 1044 68.54 -4.20 19.66
N LYS I 1045 68.93 -5.41 19.27
CA LYS I 1045 69.34 -6.43 20.22
C LYS I 1045 70.82 -6.27 20.53
N GLY I 1046 71.13 -6.16 21.81
CA GLY I 1046 72.48 -5.96 22.28
C GLY I 1046 72.67 -4.56 22.85
N TYR I 1047 73.93 -4.26 23.17
CA TYR I 1047 74.28 -2.93 23.66
C TYR I 1047 74.33 -1.96 22.49
N HIS I 1048 73.45 -0.97 22.51
CA HIS I 1048 73.26 -0.09 21.36
C HIS I 1048 74.43 0.87 21.22
N LEU I 1049 75.02 0.92 20.02
CA LEU I 1049 76.08 1.87 19.73
C LEU I 1049 75.52 3.09 18.98
N MET I 1050 74.96 2.88 17.80
CA MET I 1050 74.40 4.00 17.04
C MET I 1050 73.37 3.46 16.06
N SER I 1051 72.76 4.36 15.29
CA SER I 1051 71.72 3.94 14.36
C SER I 1051 71.73 4.82 13.13
N PHE I 1052 71.23 4.26 12.03
CA PHE I 1052 71.14 4.95 10.76
C PHE I 1052 69.70 4.96 10.27
N PRO I 1053 69.16 6.11 9.89
CA PRO I 1053 67.83 6.13 9.26
C PRO I 1053 67.89 5.96 7.76
N GLN I 1054 66.90 5.25 7.21
CA GLN I 1054 66.76 5.08 5.77
C GLN I 1054 65.29 5.29 5.42
N SER I 1055 65.04 6.07 4.38
CA SER I 1055 63.68 6.28 3.91
C SER I 1055 63.15 5.03 3.23
N ALA I 1056 61.85 4.80 3.37
CA ALA I 1056 61.16 3.68 2.77
C ALA I 1056 59.80 4.18 2.32
N PRO I 1057 59.17 3.52 1.32
CA PRO I 1057 57.82 3.95 0.90
C PRO I 1057 56.80 3.85 2.01
N HIS I 1058 56.33 5.03 2.45
CA HIS I 1058 55.48 5.24 3.62
C HIS I 1058 56.10 4.66 4.90
N GLY I 1059 57.42 4.73 5.04
CA GLY I 1059 58.00 4.18 6.25
C GLY I 1059 59.45 4.56 6.44
N VAL I 1060 60.01 4.07 7.54
CA VAL I 1060 61.40 4.33 7.89
C VAL I 1060 62.03 2.99 8.28
N VAL I 1061 63.30 2.81 7.91
CA VAL I 1061 64.07 1.63 8.28
C VAL I 1061 65.27 2.09 9.09
N PHE I 1062 65.36 1.60 10.32
CA PHE I 1062 66.49 1.89 11.19
C PHE I 1062 67.49 0.76 11.12
N LEU I 1063 68.73 1.09 10.76
CA LEU I 1063 69.84 0.15 10.85
C LEU I 1063 70.51 0.39 12.20
N HIS I 1064 70.23 -0.49 13.15
CA HIS I 1064 70.78 -0.39 14.49
C HIS I 1064 72.13 -1.10 14.55
N VAL I 1065 73.19 -0.33 14.80
CA VAL I 1065 74.52 -0.87 15.03
C VAL I 1065 74.69 -1.05 16.53
N THR I 1066 74.87 -2.29 16.96
CA THR I 1066 74.94 -2.66 18.36
C THR I 1066 76.18 -3.51 18.60
N TYR I 1067 76.55 -3.58 19.88
CA TYR I 1067 77.71 -4.32 20.35
C TYR I 1067 77.21 -5.58 21.05
N VAL I 1068 77.65 -6.74 20.57
CA VAL I 1068 77.26 -8.02 21.15
C VAL I 1068 78.50 -8.65 21.78
N PRO I 1069 78.47 -9.00 23.06
CA PRO I 1069 79.59 -9.74 23.65
C PRO I 1069 79.70 -11.14 23.07
N ALA I 1070 80.93 -11.64 23.00
CA ALA I 1070 81.17 -12.95 22.41
C ALA I 1070 82.44 -13.55 22.98
N GLN I 1071 82.57 -14.88 22.84
CA GLN I 1071 83.71 -15.66 23.29
C GLN I 1071 83.98 -15.49 24.78
N GLU I 1072 82.95 -15.72 25.59
CA GLU I 1072 83.07 -15.56 27.03
C GLU I 1072 83.92 -16.68 27.64
N LYS I 1073 84.50 -16.37 28.80
CA LYS I 1073 85.41 -17.28 29.48
C LYS I 1073 85.10 -17.25 30.97
N ASN I 1074 85.17 -18.43 31.60
CA ASN I 1074 85.00 -18.56 33.04
C ASN I 1074 86.17 -17.95 33.79
N PHE I 1075 85.87 -17.33 34.93
CA PHE I 1075 86.86 -16.87 35.88
C PHE I 1075 86.30 -17.05 37.28
N THR I 1076 87.20 -17.21 38.26
CA THR I 1076 86.80 -17.27 39.67
C THR I 1076 86.78 -15.86 40.24
N THR I 1077 85.66 -15.44 40.80
CA THR I 1077 85.48 -14.05 41.19
C THR I 1077 85.26 -13.92 42.68
N ALA I 1078 85.52 -12.72 43.19
CA ALA I 1078 85.37 -12.38 44.60
C ALA I 1078 84.78 -10.98 44.71
N PRO I 1079 84.01 -10.71 45.77
CA PRO I 1079 83.48 -9.35 45.94
C PRO I 1079 84.52 -8.34 46.37
N ALA I 1080 85.55 -8.75 47.12
CA ALA I 1080 86.52 -7.81 47.65
C ALA I 1080 87.85 -8.51 47.86
N ILE I 1081 88.90 -7.70 48.00
CA ILE I 1081 90.25 -8.20 48.25
C ILE I 1081 90.65 -7.78 49.66
N CYS I 1082 91.09 -8.73 50.47
CA CYS I 1082 91.55 -8.44 51.82
C CYS I 1082 93.06 -8.21 51.78
N HIS I 1083 93.48 -7.05 52.24
CA HIS I 1083 94.90 -6.72 52.27
C HIS I 1083 95.15 -5.73 53.39
N ASP I 1084 96.13 -6.08 54.26
CA ASP I 1084 96.56 -5.26 55.40
C ASP I 1084 95.40 -4.96 56.35
N GLY I 1085 94.51 -5.93 56.51
CA GLY I 1085 93.34 -5.74 57.35
C GLY I 1085 92.29 -4.84 56.76
N LYS I 1086 92.35 -4.56 55.46
CA LYS I 1086 91.41 -3.64 54.82
C LYS I 1086 90.75 -4.35 53.64
N ALA I 1087 89.49 -3.98 53.38
CA ALA I 1087 88.73 -4.51 52.26
C ALA I 1087 88.83 -3.56 51.08
N HIS I 1088 89.16 -4.10 49.91
CA HIS I 1088 89.35 -3.33 48.69
C HIS I 1088 88.27 -3.75 47.69
N PHE I 1089 87.62 -2.75 47.09
CA PHE I 1089 86.55 -2.96 46.14
C PHE I 1089 86.90 -2.26 44.84
N PRO I 1090 86.51 -2.81 43.69
CA PRO I 1090 86.89 -2.19 42.41
C PRO I 1090 86.15 -0.87 42.18
N ARG I 1091 86.85 0.10 41.61
CA ARG I 1091 86.22 1.38 41.33
C ARG I 1091 85.21 1.27 40.20
N GLU I 1092 85.58 0.58 39.11
CA GLU I 1092 84.69 0.41 37.98
C GLU I 1092 84.62 -1.02 37.45
N GLY I 1093 85.54 -1.89 37.85
CA GLY I 1093 85.62 -3.22 37.28
C GLY I 1093 85.17 -4.33 38.21
N VAL I 1094 85.87 -5.45 38.15
CA VAL I 1094 85.48 -6.66 38.85
C VAL I 1094 86.74 -7.51 39.04
N PHE I 1095 86.86 -8.11 40.22
CA PHE I 1095 87.98 -8.98 40.51
C PHE I 1095 87.77 -10.35 39.86
N VAL I 1096 88.77 -10.80 39.11
CA VAL I 1096 88.73 -12.09 38.45
C VAL I 1096 90.01 -12.84 38.76
N SER I 1097 89.95 -14.16 38.63
CA SER I 1097 91.11 -15.01 38.82
C SER I 1097 91.09 -16.11 37.77
N ASN I 1098 92.24 -16.31 37.13
CA ASN I 1098 92.42 -17.36 36.14
C ASN I 1098 92.87 -18.68 36.78
N GLY I 1099 92.94 -18.73 38.10
CA GLY I 1099 93.30 -19.96 38.79
C GLY I 1099 94.37 -19.77 39.84
N THR I 1100 95.34 -18.90 39.57
CA THR I 1100 96.42 -18.66 40.53
C THR I 1100 96.58 -17.18 40.87
N HIS I 1101 96.28 -16.29 39.92
CA HIS I 1101 96.55 -14.88 40.10
C HIS I 1101 95.26 -14.07 39.99
N TRP I 1102 95.20 -12.99 40.77
CA TRP I 1102 94.03 -12.14 40.84
C TRP I 1102 94.27 -10.86 40.06
N PHE I 1103 93.24 -10.44 39.31
CA PHE I 1103 93.30 -9.23 38.50
C PHE I 1103 91.98 -8.49 38.66
N VAL I 1104 91.94 -7.27 38.14
CA VAL I 1104 90.71 -6.50 38.03
C VAL I 1104 90.50 -6.16 36.56
N THR I 1105 89.28 -6.31 36.08
CA THR I 1105 88.97 -6.07 34.69
C THR I 1105 87.66 -5.30 34.56
N GLN I 1106 87.49 -4.66 33.41
CA GLN I 1106 86.21 -4.06 33.10
C GLN I 1106 85.18 -5.15 32.82
N ARG I 1107 83.91 -4.81 33.04
CA ARG I 1107 82.87 -5.84 33.16
C ARG I 1107 82.45 -6.43 31.83
N ASN I 1108 82.51 -5.67 30.74
CA ASN I 1108 81.98 -6.11 29.46
C ASN I 1108 83.06 -6.58 28.50
N PHE I 1109 84.32 -6.64 28.94
CA PHE I 1109 85.41 -7.06 28.07
C PHE I 1109 86.56 -7.54 28.95
N TYR I 1110 87.17 -8.65 28.59
CA TYR I 1110 88.27 -9.18 29.41
C TYR I 1110 89.53 -8.39 29.12
N GLU I 1111 89.98 -7.62 30.12
CA GLU I 1111 91.23 -6.88 30.04
C GLU I 1111 91.83 -6.89 31.43
N PRO I 1112 92.63 -7.92 31.76
CA PRO I 1112 93.14 -8.04 33.13
C PRO I 1112 94.23 -7.03 33.44
N GLN I 1113 94.13 -6.43 34.62
CA GLN I 1113 95.10 -5.46 35.10
C GLN I 1113 95.46 -5.80 36.54
N ILE I 1114 96.64 -5.35 36.95
CA ILE I 1114 97.13 -5.60 38.31
C ILE I 1114 96.27 -4.83 39.30
N ILE I 1115 95.85 -5.52 40.36
CA ILE I 1115 95.04 -4.91 41.41
C ILE I 1115 95.91 -3.93 42.18
N THR I 1116 95.67 -2.64 42.02
CA THR I 1116 96.43 -1.59 42.66
C THR I 1116 95.51 -0.73 43.53
N THR I 1117 96.09 0.27 44.18
CA THR I 1117 95.32 1.26 44.91
C THR I 1117 94.67 2.29 44.00
N ASP I 1118 95.09 2.37 42.74
CA ASP I 1118 94.52 3.34 41.80
C ASP I 1118 93.21 2.87 41.18
N ASN I 1119 92.96 1.56 41.11
CA ASN I 1119 91.71 1.05 40.59
C ASN I 1119 90.84 0.40 41.65
N THR I 1120 91.21 0.51 42.92
CA THR I 1120 90.40 0.00 44.02
C THR I 1120 90.21 1.11 45.06
N PHE I 1121 89.20 0.93 45.90
CA PHE I 1121 88.95 1.82 47.02
C PHE I 1121 88.71 1.00 48.28
N VAL I 1122 89.02 1.59 49.42
CA VAL I 1122 89.06 0.90 50.71
C VAL I 1122 87.82 1.29 51.50
N SER I 1123 87.10 0.30 52.01
CA SER I 1123 85.96 0.55 52.89
C SER I 1123 85.86 -0.59 53.89
N GLY I 1124 86.16 -0.30 55.16
CA GLY I 1124 86.01 -1.27 56.22
C GLY I 1124 87.11 -2.30 56.25
N ASN I 1125 86.96 -3.24 57.18
CA ASN I 1125 87.89 -4.34 57.34
C ASN I 1125 87.39 -5.57 56.60
N CYS I 1126 88.06 -6.70 56.81
CA CYS I 1126 87.75 -7.94 56.10
C CYS I 1126 86.74 -8.82 56.85
N ASP I 1127 86.25 -8.38 58.00
CA ASP I 1127 85.42 -9.24 58.83
C ASP I 1127 83.95 -9.23 58.41
N VAL I 1128 83.53 -8.30 57.57
CA VAL I 1128 82.12 -8.08 57.28
C VAL I 1128 81.73 -8.67 55.94
N VAL I 1129 82.55 -8.49 54.91
CA VAL I 1129 82.20 -8.89 53.56
C VAL I 1129 82.28 -10.41 53.43
N ILE I 1130 81.18 -11.02 52.99
CA ILE I 1130 81.10 -12.47 52.82
C ILE I 1130 81.78 -12.85 51.52
N GLY I 1131 82.77 -13.73 51.60
CA GLY I 1131 83.48 -14.17 50.42
C GLY I 1131 84.71 -13.37 50.06
N ILE I 1132 85.22 -12.56 50.97
CA ILE I 1132 86.44 -11.80 50.70
C ILE I 1132 87.63 -12.75 50.70
N VAL I 1133 88.56 -12.52 49.77
CA VAL I 1133 89.72 -13.40 49.62
C VAL I 1133 90.98 -12.59 49.89
N ASN I 1134 92.06 -13.31 50.19
CA ASN I 1134 93.35 -12.71 50.49
C ASN I 1134 94.18 -12.59 49.23
N ASN I 1135 94.61 -11.38 48.91
CA ASN I 1135 95.52 -11.13 47.80
C ASN I 1135 96.25 -9.83 48.08
N THR I 1136 97.44 -9.69 47.51
CA THR I 1136 98.19 -8.46 47.69
C THR I 1136 97.60 -7.35 46.82
N VAL I 1137 97.81 -6.12 47.26
CA VAL I 1137 97.41 -4.93 46.51
C VAL I 1137 98.67 -4.10 46.26
N TYR I 1138 99.04 -3.96 45.00
CA TYR I 1138 100.26 -3.26 44.65
C TYR I 1138 100.09 -1.75 44.88
N ASP I 1139 101.18 -1.11 45.28
CA ASP I 1139 101.21 0.34 45.43
C ASP I 1139 102.24 0.92 44.47
N PRO I 1140 101.83 1.76 43.52
CA PRO I 1140 102.82 2.39 42.62
C PRO I 1140 103.77 3.34 43.32
N LEU I 1141 103.38 3.91 44.46
CA LEU I 1141 104.24 4.84 45.18
C LEU I 1141 105.32 4.13 45.98
N GLN I 1142 105.16 2.83 46.22
CA GLN I 1142 106.11 2.07 47.04
C GLN I 1142 107.53 1.99 46.47
N PRO I 1143 107.78 1.73 45.17
CA PRO I 1143 109.17 1.83 44.68
C PRO I 1143 109.72 3.25 44.67
N GLU I 1144 108.88 4.28 44.76
CA GLU I 1144 109.39 5.64 44.73
C GLU I 1144 110.07 6.01 46.05
N LEU I 1145 109.48 5.65 47.19
CA LEU I 1145 110.21 5.84 48.44
C LEU I 1145 111.12 4.68 48.78
N ASP I 1146 111.00 3.54 48.09
CA ASP I 1146 112.01 2.51 48.19
C ASP I 1146 113.33 3.00 47.59
N SER I 1147 113.27 3.69 46.45
CA SER I 1147 114.46 4.26 45.84
C SER I 1147 114.83 5.58 46.49
C1 NAG J . -30.19 -8.42 52.13
C2 NAG J . -31.50 -8.73 51.39
C3 NAG J . -31.47 -8.14 49.97
C4 NAG J . -31.14 -6.66 50.01
C5 NAG J . -29.83 -6.43 50.77
C6 NAG J . -29.48 -4.97 50.94
C7 NAG J . -33.01 -10.64 51.52
C8 NAG J . -33.13 -12.13 51.46
N2 NAG J . -31.78 -10.15 51.35
O3 NAG J . -32.71 -8.37 49.34
O4 NAG J . -31.03 -6.14 48.69
O5 NAG J . -29.92 -6.99 52.09
O6 NAG J . -30.52 -4.27 51.60
O7 NAG J . -33.99 -9.92 51.71
C1 NAG J . -32.13 -5.25 48.40
C2 NAG J . -31.89 -4.57 47.05
C3 NAG J . -33.07 -3.66 46.70
C4 NAG J . -34.37 -4.43 46.76
C5 NAG J . -34.53 -5.11 48.12
C6 NAG J . -35.75 -6.00 48.20
C7 NAG J . -29.56 -4.17 46.37
C8 NAG J . -28.37 -3.28 46.50
N2 NAG J . -30.65 -3.81 47.07
O3 NAG J . -32.87 -3.12 45.40
O4 NAG J . -35.48 -3.55 46.56
O5 NAG J . -33.40 -5.95 48.38
O6 NAG J . -36.90 -5.35 47.66
O7 NAG J . -29.55 -5.18 45.66
C1 NAG K . 68.34 0.34 58.98
C2 NAG K . 68.88 0.18 60.40
C3 NAG K . 68.76 -1.28 60.85
C4 NAG K . 67.33 -1.79 60.69
C5 NAG K . 66.87 -1.57 59.25
C6 NAG K . 65.41 -1.93 59.02
C7 NAG K . 70.59 1.85 60.89
C8 NAG K . 72.06 2.16 60.93
N2 NAG K . 70.26 0.63 60.49
O3 NAG K . 69.18 -1.38 62.21
O4 NAG K . 67.29 -3.18 61.00
O5 NAG K . 66.99 -0.19 58.90
O6 NAG K . 65.01 -1.67 57.69
O7 NAG K . 69.75 2.69 61.22
C1 NAG K . 66.53 -3.41 62.20
C2 NAG K . 66.14 -4.90 62.23
C3 NAG K . 65.35 -5.21 63.50
C4 NAG K . 66.13 -4.77 64.73
C5 NAG K . 66.52 -3.29 64.62
C6 NAG K . 67.42 -2.83 65.74
C7 NAG K . 65.85 -6.04 60.08
C8 NAG K . 64.92 -6.31 58.94
N2 NAG K . 65.37 -5.26 61.05
O3 NAG K . 65.10 -6.61 63.56
O4 NAG K . 65.34 -4.94 65.90
O5 NAG K . 67.25 -3.09 63.39
O6 NAG K . 68.79 -3.02 65.43
O7 NAG K . 66.98 -6.51 60.13
C1 NAG L . 62.63 -19.49 51.39
C2 NAG L . 63.15 -20.29 52.61
C3 NAG L . 62.23 -21.48 52.90
C4 NAG L . 60.78 -21.03 53.03
C5 NAG L . 60.36 -20.23 51.79
C6 NAG L . 58.98 -19.64 51.89
C7 NAG L . 65.06 -21.52 51.52
C8 NAG L . 66.54 -21.77 51.64
N2 NAG L . 64.54 -20.71 52.47
O3 NAG L . 62.66 -22.11 54.10
O4 NAG L . 59.92 -22.17 53.15
O5 NAG L . 61.27 -19.13 51.60
O6 NAG L . 58.97 -18.51 52.77
O7 NAG L . 64.39 -22.03 50.64
C1 NAG L . 59.33 -22.23 54.47
C2 NAG L . 57.93 -22.83 54.35
C3 NAG L . 57.29 -22.95 55.74
C4 NAG L . 58.19 -23.71 56.68
C5 NAG L . 59.58 -23.09 56.71
C6 NAG L . 60.58 -23.89 57.53
C7 NAG L . 56.62 -22.50 52.30
C8 NAG L . 55.77 -21.54 51.51
N2 NAG L . 57.09 -22.04 53.46
O3 NAG L . 56.03 -23.59 55.62
O4 NAG L . 57.64 -23.70 58.00
O5 NAG L . 60.12 -23.02 55.38
O6 NAG L . 61.10 -24.98 56.79
O7 NAG L . 56.88 -23.62 51.90
C1 NAG M . 66.38 19.48 59.72
C2 NAG M . 65.36 18.48 60.24
C3 NAG M . 63.95 19.05 60.06
C4 NAG M . 63.82 20.45 60.67
C5 NAG M . 64.95 21.35 60.17
C6 NAG M . 65.00 22.70 60.88
C7 NAG M . 65.72 16.06 60.21
C8 NAG M . 65.82 14.83 59.35
N2 NAG M . 65.48 17.21 59.56
O3 NAG M . 63.00 18.18 60.67
O4 NAG M . 62.57 21.02 60.27
O5 NAG M . 66.22 20.73 60.39
O6 NAG M . 65.97 22.70 61.91
O7 NAG M . 65.85 16.02 61.43
C1 NAG M . 61.68 21.18 61.39
C2 NAG M . 60.57 22.13 60.97
C3 NAG M . 59.58 22.33 62.11
C4 NAG M . 59.05 20.98 62.62
C5 NAG M . 60.22 20.07 62.97
C6 NAG M . 59.78 18.66 63.34
C7 NAG M . 61.10 23.80 59.25
C8 NAG M . 61.69 25.14 58.97
N2 NAG M . 61.10 23.41 60.52
O3 NAG M . 58.48 23.13 61.66
O4 NAG M . 58.24 21.17 63.76
O5 NAG M . 61.12 19.93 61.85
O6 NAG M . 58.94 18.12 62.34
O7 NAG M . 60.63 23.10 58.35
C1 NAG N . 81.53 14.86 63.87
C2 NAG N . 81.45 14.90 65.40
C3 NAG N . 82.85 14.80 66.00
C4 NAG N . 83.58 13.56 65.48
C5 NAG N . 83.56 13.53 63.95
C6 NAG N . 84.11 12.25 63.37
C7 NAG N . 79.51 16.15 66.25
C8 NAG N . 79.00 17.48 66.68
N2 NAG N . 80.79 16.12 65.85
O3 NAG N . 82.75 14.74 67.42
O4 NAG N . 84.93 13.57 65.94
O5 NAG N . 82.21 13.66 63.46
O6 NAG N . 83.25 11.15 63.65
O7 NAG N . 78.82 15.14 66.25
C1 NAG N . 85.18 12.49 66.86
C2 NAG N . 86.65 12.54 67.28
C3 NAG N . 86.95 11.42 68.27
C4 NAG N . 85.99 11.48 69.45
C5 NAG N . 84.54 11.48 68.97
C6 NAG N . 83.54 11.66 70.08
C7 NAG N . 88.31 13.47 65.73
C8 NAG N . 89.16 13.20 64.52
N2 NAG N . 87.53 12.46 66.13
O3 NAG N . 88.29 11.55 68.74
O4 NAG N . 86.20 10.35 70.30
O5 NAG N . 84.34 12.55 68.04
O6 NAG N . 83.92 12.74 70.93
O7 NAG N . 88.35 14.54 66.33
C1 NAG O . 89.28 31.56 54.78
C2 NAG O . 88.76 32.74 55.60
C3 NAG O . 89.09 34.06 54.90
C4 NAG O . 90.58 34.15 54.58
C5 NAG O . 91.03 32.91 53.80
C6 NAG O . 92.52 32.86 53.56
C7 NAG O . 86.81 32.20 56.99
C8 NAG O . 85.32 32.15 57.05
N2 NAG O . 87.33 32.63 55.83
O3 NAG O . 88.70 35.14 55.73
O4 NAG O . 90.83 35.32 53.80
O5 NAG O . 90.69 31.73 54.53
O6 NAG O . 93.19 32.25 54.65
O7 NAG O . 87.52 31.87 57.94
C1 NAG O . 91.60 36.27 54.57
C2 NAG O . 92.34 37.20 53.60
C3 NAG O . 93.11 38.26 54.38
C4 NAG O . 92.20 39.01 55.33
C5 NAG O . 91.45 38.04 56.23
C6 NAG O . 90.42 38.70 57.11
C7 NAG O . 92.89 36.03 51.51
C8 NAG O . 93.93 35.26 50.77
N2 NAG O . 93.23 36.44 52.74
O3 NAG O . 93.72 39.17 53.46
O4 NAG O . 92.96 39.91 56.13
O5 NAG O . 90.74 37.07 55.44
O6 NAG O . 89.11 38.50 56.62
O7 NAG O . 91.78 36.29 51.03
C1 NAG P . -1.51 54.92 -26.04
C2 NAG P . -2.98 54.75 -26.45
C3 NAG P . -3.35 53.27 -26.49
C4 NAG P . -2.40 52.50 -27.39
C5 NAG P . -0.96 52.73 -26.94
C6 NAG P . 0.07 52.08 -27.84
C7 NAG P . -4.94 56.16 -26.02
C8 NAG P . -5.76 56.86 -24.97
N2 NAG P . -3.87 55.49 -25.57
O3 NAG P . -4.70 53.13 -26.95
O4 NAG P . -2.71 51.11 -27.37
O5 NAG P . -0.66 54.13 -26.92
O6 NAG P . -0.06 52.55 -29.19
O7 NAG P . -5.24 56.19 -27.20
C1 NAG P . -3.26 50.69 -28.64
C2 NAG P . -3.42 49.17 -28.64
C3 NAG P . -4.03 48.70 -29.96
C4 NAG P . -5.34 49.45 -30.25
C5 NAG P . -5.10 50.95 -30.19
C6 NAG P . -6.37 51.76 -30.34
C7 NAG P . -1.86 47.85 -27.29
C8 NAG P . -0.49 47.22 -27.22
N2 NAG P . -2.14 48.51 -28.42
O3 NAG P . -4.28 47.31 -29.90
O4 NAG P . -5.84 49.10 -31.53
O5 NAG P . -4.53 51.32 -28.92
O6 NAG P . -7.19 51.24 -31.38
O7 NAG P . -2.65 47.77 -26.36
C1 NAG Q . 79.24 33.44 27.38
C2 NAG Q . 80.24 34.60 27.48
C3 NAG Q . 79.68 35.71 28.38
C4 NAG Q . 78.31 36.15 27.89
C5 NAG Q . 77.38 34.94 27.79
C6 NAG Q . 76.02 35.27 27.21
C7 NAG Q . 82.53 33.80 27.20
C8 NAG Q . 83.77 33.33 27.89
N2 NAG Q . 81.51 34.14 27.99
O3 NAG Q . 80.58 36.81 28.37
O4 NAG Q . 77.76 37.10 28.81
O5 NAG Q . 77.96 33.96 26.94
O6 NAG Q . 75.20 34.12 27.11
O7 NAG Q . 82.46 33.87 25.97
C1 NAG Q . 77.65 38.41 28.19
C2 NAG Q . 76.69 39.25 29.05
C3 NAG Q . 76.57 40.66 28.46
C4 NAG Q . 77.94 41.29 28.30
C5 NAG Q . 78.87 40.37 27.49
C6 NAG Q . 80.28 40.89 27.42
C7 NAG Q . 74.92 38.06 30.25
C8 NAG Q . 73.55 37.45 30.16
N2 NAG Q . 75.39 38.61 29.13
O3 NAG Q . 75.76 41.45 29.32
O4 NAG Q . 77.83 42.55 27.64
O5 NAG Q . 78.93 39.08 28.10
O6 NAG Q . 81.05 40.44 28.52
O7 NAG Q . 75.56 38.06 31.30
C1 NAG R . 62.13 38.11 40.36
C2 NAG R . 62.71 39.39 40.97
C3 NAG R . 61.60 40.43 41.19
C4 NAG R . 60.80 40.66 39.92
C5 NAG R . 60.28 39.32 39.38
C6 NAG R . 59.59 39.45 38.04
C7 NAG R . 63.04 38.63 43.34
C8 NAG R . 64.07 38.51 44.42
N2 NAG R . 63.49 39.16 42.19
O3 NAG R . 62.19 41.66 41.63
O4 NAG R . 59.69 41.51 40.19
O5 NAG R . 61.37 38.42 39.19
O6 NAG R . 60.53 39.58 36.99
O7 NAG R . 61.88 38.28 43.53
C1 NAG R . 59.84 42.78 39.54
C2 NAG R . 58.46 43.30 39.13
C3 NAG R . 58.58 44.68 38.48
C4 NAG R . 59.33 45.63 39.37
C5 NAG R . 60.68 45.04 39.77
C6 NAG R . 61.43 45.90 40.77
C7 NAG R . 56.67 41.70 38.59
C8 NAG R . 56.11 40.78 37.56
N2 NAG R . 57.79 42.36 38.25
O3 NAG R . 57.27 45.18 38.20
O4 NAG R . 59.55 46.87 38.69
O5 NAG R . 60.48 43.76 40.39
O6 NAG R . 60.95 45.68 42.09
O7 NAG R . 56.15 41.85 39.69
C1 NAG S . 87.05 25.17 11.87
C2 NAG S . 86.07 26.34 11.82
C3 NAG S . 85.20 26.25 10.58
C4 NAG S . 86.03 26.10 9.31
C5 NAG S . 87.06 24.97 9.47
C6 NAG S . 88.05 24.89 8.34
C7 NAG S . 85.20 27.44 13.84
C8 NAG S . 84.30 27.30 15.03
N2 NAG S . 85.25 26.38 13.03
O3 NAG S . 84.38 27.42 10.48
O4 NAG S . 85.19 25.80 8.22
O5 NAG S . 87.83 25.15 10.67
O6 NAG S . 89.28 25.51 8.68
O7 NAG S . 85.85 28.45 13.63
C1 NAG S . 85.14 26.87 7.25
C2 NAG S . 84.55 26.32 5.95
C3 NAG S . 84.46 27.42 4.91
C4 NAG S . 83.69 28.61 5.45
C5 NAG S . 84.30 29.09 6.78
C6 NAG S . 83.49 30.18 7.43
C7 NAG S . 84.92 23.94 5.50
C8 NAG S . 85.85 22.91 4.95
N2 NAG S . 85.34 25.20 5.46
O3 NAG S . 83.81 26.92 3.74
O4 NAG S . 83.73 29.69 4.52
O5 NAG S . 84.35 27.99 7.71
O6 NAG S . 82.12 29.83 7.53
O7 NAG S . 83.83 23.62 5.97
C1 NAG T . 98.18 27.37 23.68
C2 NAG T . 98.85 28.66 23.21
C3 NAG T . 100.13 28.90 24.00
C4 NAG T . 99.85 28.89 25.50
C5 NAG T . 99.11 27.62 25.90
C6 NAG T . 98.65 27.62 27.34
C7 NAG T . 98.40 29.25 20.88
C8 NAG T . 98.83 29.09 19.45
N2 NAG T . 99.14 28.62 21.78
O3 NAG T . 100.69 30.15 23.62
O4 NAG T . 101.08 28.97 26.22
O5 NAG T . 97.94 27.44 25.09
O6 NAG T . 97.65 28.60 27.56
O7 NAG T . 97.42 29.92 21.18
C1 NAG T . 101.18 30.22 26.94
C2 NAG T . 102.51 30.22 27.71
C3 NAG T . 102.67 31.53 28.47
C4 NAG T . 102.53 32.72 27.54
C5 NAG T . 101.22 32.63 26.75
C6 NAG T . 101.09 33.71 25.70
C7 NAG T . 103.45 28.08 28.46
C8 NAG T . 103.38 27.00 29.49
N2 NAG T . 102.58 29.09 28.62
O3 NAG T . 103.94 31.56 29.10
O4 NAG T . 102.55 33.93 28.27
O5 NAG T . 101.14 31.37 26.06
O6 NAG T . 102.30 33.85 24.95
O7 NAG T . 104.24 28.05 27.52
C1 NAG U . 107.38 9.79 18.54
C2 NAG U . 107.94 10.02 17.13
C3 NAG U . 108.47 8.71 16.55
C4 NAG U . 109.46 8.05 17.51
C5 NAG U . 108.84 7.90 18.89
C6 NAG U . 109.81 7.39 19.93
C7 NAG U . 106.90 11.90 15.95
C8 NAG U . 105.79 12.32 15.03
N2 NAG U . 106.93 10.60 16.26
O3 NAG U . 109.08 8.97 15.29
O4 NAG U . 109.82 6.77 17.01
O5 NAG U . 108.38 9.17 19.36
O6 NAG U . 110.54 8.45 20.53
O7 NAG U . 107.72 12.69 16.39
C1 NAG U . 111.21 6.77 16.58
C2 NAG U . 111.73 5.33 16.61
C3 NAG U . 113.17 5.29 16.11
C4 NAG U . 113.29 5.94 14.74
C5 NAG U . 112.72 7.35 14.77
C6 NAG U . 112.68 8.01 13.41
C7 NAG U . 110.60 4.01 18.34
C8 NAG U . 110.66 3.52 19.75
N2 NAG U . 111.63 4.77 17.95
O3 NAG U . 113.60 3.94 16.04
O4 NAG U . 114.65 6.01 14.35
O5 NAG U . 111.35 7.32 15.25
O6 NAG U . 111.36 7.99 12.86
O7 NAG U . 109.66 3.74 17.59
C1 NAG V . 12.04 -48.43 -34.85
C2 NAG V . 10.66 -48.35 -35.53
C3 NAG V . 9.68 -47.56 -34.67
C4 NAG V . 9.60 -48.17 -33.28
C5 NAG V . 11.00 -48.24 -32.66
C6 NAG V . 11.03 -48.92 -31.31
C7 NAG V . 10.08 -48.20 -37.91
C8 NAG V . 10.30 -47.49 -39.21
N2 NAG V . 10.77 -47.76 -36.86
O3 NAG V . 8.41 -47.58 -35.29
O4 NAG V . 8.73 -47.40 -32.44
O5 NAG V . 11.88 -48.98 -33.51
O6 NAG V . 10.52 -50.24 -31.39
O7 NAG V . 9.30 -49.15 -37.82
C1 NAG V . 7.53 -48.14 -32.16
C2 NAG V . 6.71 -47.36 -31.13
C3 NAG V . 5.39 -48.10 -30.84
C4 NAG V . 4.63 -48.39 -32.13
C5 NAG V . 5.53 -49.13 -33.11
C6 NAG V . 4.88 -49.34 -34.46
C7 NAG V . 7.90 -45.96 -29.50
C8 NAG V . 8.65 -45.93 -28.22
N2 NAG V . 7.46 -47.16 -29.90
O3 NAG V . 4.59 -47.31 -29.97
O4 NAG V . 3.49 -49.18 -31.85
O5 NAG V . 6.73 -48.38 -33.35
O6 NAG V . 3.53 -49.77 -34.33
O7 NAG V . 7.69 -44.94 -30.16
C1 NAG W . 87.69 -11.84 17.86
C2 NAG W . 89.01 -12.56 17.62
C3 NAG W . 89.55 -12.23 16.22
C4 NAG W . 88.50 -12.54 15.15
C5 NAG W . 87.20 -11.81 15.48
C6 NAG W . 86.06 -12.14 14.54
C7 NAG W . 90.23 -12.94 19.71
C8 NAG W . 91.27 -12.42 20.65
N2 NAG W . 89.99 -12.20 18.62
O3 NAG W . 90.73 -12.99 15.98
O4 NAG W . 88.98 -12.11 13.88
O5 NAG W . 86.77 -12.17 16.80
O6 NAG W . 84.88 -11.44 14.89
O7 NAG W . 89.63 -14.00 19.92
C1 NAG W . 89.22 -13.24 13.02
C2 NAG W . 89.29 -12.72 11.58
C3 NAG W . 89.58 -13.88 10.62
C4 NAG W . 90.82 -14.65 11.05
C5 NAG W . 90.69 -15.09 12.51
C6 NAG W . 91.95 -15.73 13.04
C7 NAG W . 88.00 -10.71 11.04
C8 NAG W . 86.65 -10.17 10.65
N2 NAG W . 88.06 -12.04 11.20
O3 NAG W . 89.75 -13.36 9.30
O4 NAG W . 91.00 -15.79 10.23
O5 NAG W . 90.43 -13.94 13.35
O6 NAG W . 92.86 -14.76 13.53
O7 NAG W . 88.97 -9.98 11.20
C1 NAG X . 83.32 0.77 0.40
C2 NAG X . 84.64 0.51 -0.35
C3 NAG X . 84.42 0.44 -1.86
C4 NAG X . 83.31 -0.56 -2.20
C5 NAG X . 82.04 -0.23 -1.41
C6 NAG X . 80.94 -1.25 -1.59
C7 NAG X . 85.67 2.79 -0.19
C8 NAG X . 86.90 3.52 0.28
N2 NAG X . 85.69 1.46 0.00
O3 NAG X . 85.63 0.06 -2.50
O4 NAG X . 83.01 -0.48 -3.59
O5 NAG X . 82.34 -0.21 -0.01
O6 NAG X . 81.13 -2.37 -0.74
O7 NAG X . 84.73 3.39 -0.70
C1 NAG X . 83.41 -1.69 -4.27
C2 NAG X . 82.43 -1.96 -5.41
C3 NAG X . 82.84 -3.22 -6.17
C4 NAG X . 84.29 -3.11 -6.64
C5 NAG X . 85.21 -2.80 -5.46
C6 NAG X . 86.63 -2.55 -5.87
C7 NAG X . 80.10 -1.22 -5.21
C8 NAG X . 78.75 -1.50 -4.61
N2 NAG X . 81.07 -2.09 -4.92
O3 NAG X . 81.98 -3.40 -7.30
O4 NAG X . 84.69 -4.34 -7.24
O5 NAG X . 84.75 -1.61 -4.80
O6 NAG X . 86.81 -1.25 -6.40
O7 NAG X . 80.30 -0.24 -5.93
C1 NAG Y . 82.25 -22.66 32.80
C2 NAG Y . 82.05 -23.03 31.34
C3 NAG Y . 80.76 -23.84 31.17
C4 NAG Y . 80.72 -25.03 32.13
C5 NAG Y . 81.02 -24.58 33.56
C6 NAG Y . 81.18 -25.73 34.53
C7 NAG Y . 82.86 -21.66 29.47
C8 NAG Y . 82.70 -20.38 28.71
N2 NAG Y . 82.02 -21.85 30.49
O3 NAG Y . 80.66 -24.29 29.83
O4 NAG Y . 79.41 -25.59 32.10
O5 NAG Y . 82.25 -23.84 33.60
O6 NAG Y . 82.55 -26.04 34.74
O7 NAG Y . 83.73 -22.49 29.18
C1 NAG Y . 79.43 -26.93 31.53
C2 NAG Y . 78.10 -27.60 31.90
C3 NAG Y . 78.05 -29.01 31.30
C4 NAG Y . 78.29 -28.96 29.80
C5 NAG Y . 79.59 -28.22 29.49
C6 NAG Y . 79.81 -28.02 28.01
C7 NAG Y . 77.05 -26.91 34.00
C8 NAG Y . 77.01 -27.07 35.50
N2 NAG Y . 77.94 -27.66 33.35
O3 NAG Y . 76.78 -29.59 31.59
O4 NAG Y . 78.37 -30.28 29.28
O5 NAG Y . 79.57 -26.91 30.09
O6 NAG Y . 78.65 -27.50 27.38
O7 NAG Y . 76.31 -26.12 33.42
C1 NAG Z . 97.19 -16.43 35.12
C2 NAG Z . 98.07 -17.62 34.72
C3 NAG Z . 99.51 -17.37 35.14
C4 NAG Z . 100.02 -16.04 34.58
C5 NAG Z . 99.07 -14.91 34.95
C6 NAG Z . 99.42 -13.59 34.29
C7 NAG Z . 96.87 -19.75 34.62
C8 NAG Z . 96.44 -20.97 35.38
N2 NAG Z . 97.58 -18.86 35.31
O3 NAG Z . 100.33 -18.43 34.68
O4 NAG Z . 101.32 -15.77 35.11
O5 NAG Z . 97.73 -15.22 34.55
O6 NAG Z . 99.21 -13.65 32.88
O7 NAG Z . 96.58 -19.59 33.43
C1 NAG Z . 102.33 -15.80 34.06
C2 NAG Z . 103.68 -15.45 34.70
C3 NAG Z . 104.77 -15.49 33.63
C4 NAG Z . 104.78 -16.85 32.91
C5 NAG Z . 103.38 -17.16 32.36
C6 NAG Z . 103.28 -18.53 31.76
C7 NAG Z . 103.74 -14.00 36.66
C8 NAG Z . 103.68 -12.58 37.17
N2 NAG Z . 103.63 -14.15 35.34
O3 NAG Z . 106.04 -15.28 34.25
O4 NAG Z . 105.71 -16.82 31.84
O5 NAG Z . 102.40 -17.09 33.42
O6 NAG Z . 103.89 -19.51 32.60
O7 NAG Z . 103.86 -14.94 37.43
C1 NAG AA . 93.39 -14.29 55.15
C2 NAG AA . 93.25 -15.72 55.68
C3 NAG AA . 92.75 -15.71 57.13
C4 NAG AA . 93.64 -14.83 58.00
C5 NAG AA . 93.76 -13.43 57.38
C6 NAG AA . 94.73 -12.53 58.12
C7 NAG AA . 92.80 -17.41 53.96
C8 NAG AA . 91.73 -18.12 53.17
N2 NAG AA . 92.36 -16.49 54.83
O3 NAG AA . 92.73 -17.04 57.62
O4 NAG AA . 93.07 -14.72 59.30
O5 NAG AA . 94.24 -13.53 56.04
O6 NAG AA . 96.06 -12.71 57.65
O7 NAG AA . 93.98 -17.65 53.82
C1 NAG AA . 93.90 -15.40 60.27
C2 NAG AA . 93.64 -14.80 61.65
C3 NAG AA . 94.46 -15.53 62.70
C4 NAG AA . 94.20 -17.03 62.64
C5 NAG AA . 94.43 -17.56 61.23
C6 NAG AA . 94.06 -19.02 61.07
C7 NAG AA . 93.01 -12.44 61.48
C8 NAG AA . 93.50 -11.01 61.53
N2 NAG AA . 93.94 -13.38 61.66
O3 NAG AA . 94.12 -15.04 64.00
O4 NAG AA . 95.07 -17.72 63.55
O5 NAG AA . 93.62 -16.82 60.29
O6 NAG AA . 92.81 -19.16 60.40
O7 NAG AA . 91.83 -12.71 61.29
C1 NAG BA . -2.70 2.47 54.81
C2 NAG BA . -1.69 3.40 55.51
C3 NAG BA . -2.36 4.11 56.69
C4 NAG BA . -3.62 4.83 56.24
C5 NAG BA . -4.56 3.86 55.54
C6 NAG BA . -5.79 4.53 54.95
C7 NAG BA . 0.73 2.98 55.59
C8 NAG BA . 1.81 2.12 56.14
N2 NAG BA . -0.52 2.67 55.97
O3 NAG BA . -1.45 5.04 57.26
O4 NAG BA . -4.29 5.40 57.36
O5 NAG BA . -3.88 3.22 54.44
O6 NAG BA . -5.89 4.28 53.55
O7 NAG BA . 0.96 3.91 54.84
C1 NAG CA . -20.12 -29.54 46.76
C2 NAG CA . -21.26 -30.45 47.23
C3 NAG CA . -21.59 -31.47 46.15
C4 NAG CA . -21.92 -30.77 44.84
C5 NAG CA . -20.78 -29.82 44.44
C6 NAG CA . -21.13 -28.97 43.23
C7 NAG CA . -21.44 -30.75 49.66
C8 NAG CA . -20.99 -31.54 50.85
N2 NAG CA . -20.91 -31.12 48.48
O3 NAG CA . -22.70 -32.25 46.57
O4 NAG CA . -22.11 -31.73 43.81
O5 NAG CA . -20.50 -28.90 45.51
O6 NAG CA . -22.29 -28.18 43.48
O7 NAG CA . -22.24 -29.83 49.75
C1 NAG DA . -29.22 -16.50 28.97
C2 NAG DA . -29.53 -16.75 27.50
C3 NAG DA . -30.87 -16.12 27.11
C4 NAG DA . -31.98 -16.59 28.05
C5 NAG DA . -31.59 -16.35 29.51
C6 NAG DA . -32.58 -16.92 30.49
C7 NAG DA . -27.48 -17.01 26.17
C8 NAG DA . -26.47 -16.32 25.30
N2 NAG DA . -28.47 -16.25 26.65
O3 NAG DA . -31.19 -16.46 25.78
O4 NAG DA . -33.18 -15.89 27.77
O5 NAG DA . -30.32 -16.98 29.79
O6 NAG DA . -32.28 -18.26 30.83
O7 NAG DA . -27.41 -18.21 26.41
C1 NAG EA . -15.27 -4.42 31.74
C2 NAG EA . -15.53 -3.56 30.49
C3 NAG EA . -15.21 -2.10 30.78
C4 NAG EA . -15.99 -1.61 32.00
C5 NAG EA . -15.70 -2.51 33.20
C6 NAG EA . -16.52 -2.16 34.41
C7 NAG EA . -15.30 -4.24 28.14
C8 NAG EA . -14.37 -4.73 27.09
N2 NAG EA . -14.77 -4.04 29.35
O3 NAG EA . -15.54 -1.30 29.64
O4 NAG EA . -15.60 -0.27 32.31
O5 NAG EA . -16.00 -3.87 32.86
O6 NAG EA . -17.86 -2.61 34.28
O7 NAG EA . -16.49 -4.01 27.91
C1 NAG FA . 19.33 -27.62 46.89
C2 NAG FA . 19.46 -27.03 48.30
C3 NAG FA . 20.45 -27.86 49.12
C4 NAG FA . 20.06 -29.33 49.12
C5 NAG FA . 19.89 -29.84 47.69
C6 NAG FA . 19.37 -31.25 47.62
C7 NAG FA . 19.15 -24.64 48.76
C8 NAG FA . 19.74 -23.27 48.61
N2 NAG FA . 19.88 -25.64 48.25
O3 NAG FA . 20.48 -27.36 50.46
O4 NAG FA . 21.05 -30.10 49.78
O5 NAG FA . 18.95 -29.01 46.99
O6 NAG FA . 18.79 -31.53 46.35
O7 NAG FA . 18.07 -24.84 49.31
C1 NAG GA . -3.15 44.21 23.47
C2 NAG GA . -2.16 45.16 22.82
C3 NAG GA . -1.23 45.75 23.89
C4 NAG GA . -2.07 46.43 24.97
C5 NAG GA . -3.06 45.43 25.56
C6 NAG GA . -3.98 46.04 26.58
C7 NAG GA . -1.02 45.06 20.64
C8 NAG GA . -0.22 44.20 19.70
N2 NAG GA . -1.39 44.47 21.80
O3 NAG GA . -0.35 46.68 23.28
O4 NAG GA . -1.21 46.92 26.00
O5 NAG GA . -3.88 44.91 24.51
O6 NAG GA . -5.32 45.61 26.39
O7 NAG GA . -1.31 46.22 20.38
C1 NAG HA . -27.55 43.23 16.75
C2 NAG HA . -26.44 42.20 16.95
C3 NAG HA . -26.69 41.39 18.22
C4 NAG HA . -26.89 42.31 19.42
C5 NAG HA . -27.96 43.37 19.13
C6 NAG HA . -28.07 44.41 20.22
C7 NAG HA . -25.17 41.09 15.13
C8 NAG HA . -23.94 41.79 15.65
N2 NAG HA . -26.32 41.33 15.79
O3 NAG HA . -25.59 40.52 18.45
O4 NAG HA . -27.29 41.54 20.55
O5 NAG HA . -27.64 44.07 17.91
O6 NAG HA . -27.16 45.47 20.01
O7 NAG HA . -25.13 40.34 14.16
C1 NAG IA . 72.99 31.83 52.85
C2 NAG IA . 74.12 32.65 52.24
C3 NAG IA . 74.82 33.45 53.33
C4 NAG IA . 73.83 34.29 54.11
C5 NAG IA . 72.67 33.43 54.62
C6 NAG IA . 71.57 34.23 55.27
C7 NAG IA . 75.02 31.59 50.23
C8 NAG IA . 76.06 30.67 49.66
N2 NAG IA . 75.07 31.79 51.54
O3 NAG IA . 75.81 34.28 52.73
O4 NAG IA . 74.47 34.93 55.20
O5 NAG IA . 72.08 32.70 53.54
O6 NAG IA . 70.51 33.40 55.70
O7 NAG IA . 74.19 32.13 49.52
C1 NAG JA . 25.35 45.45 -17.58
C2 NAG JA . 26.87 45.37 -17.82
C3 NAG JA . 27.26 46.17 -19.06
C4 NAG JA . 26.44 45.71 -20.27
C5 NAG JA . 24.96 45.82 -19.96
C6 NAG JA . 24.08 45.27 -21.06
C7 NAG JA . 28.50 45.08 -16.00
C8 NAG JA . 29.17 45.73 -14.83
N2 NAG JA . 27.61 45.84 -16.66
O3 NAG JA . 28.65 46.00 -19.31
O4 NAG JA . 26.74 46.54 -21.39
O5 NAG JA . 24.65 45.04 -18.78
O6 NAG JA . 23.22 44.25 -20.59
O7 NAG JA . 28.74 43.93 -16.34
C1 NAG KA . -6.43 58.37 -2.81
C2 NAG KA . -7.47 59.47 -2.96
C3 NAG KA . -8.71 59.14 -2.15
C4 NAG KA . -9.25 57.77 -2.54
C5 NAG KA . -8.15 56.71 -2.43
C6 NAG KA . -8.59 55.36 -2.97
C7 NAG KA . -6.59 61.70 -3.48
C8 NAG KA . -6.06 62.98 -2.93
N2 NAG KA . -6.93 60.78 -2.59
O3 NAG KA . -9.71 60.13 -2.38
O4 NAG KA . -10.33 57.40 -1.69
O5 NAG KA . -7.00 57.10 -3.20
O6 NAG KA . -8.99 55.44 -4.32
O7 NAG KA . -6.72 61.52 -4.69
C1 NAG LA . -15.61 39.18 -13.59
C2 NAG LA . -16.67 38.13 -13.22
C3 NAG LA . -17.54 37.81 -14.42
C4 NAG LA . -18.14 39.09 -15.01
C5 NAG LA . -17.04 40.10 -15.32
C6 NAG LA . -17.58 41.44 -15.77
C7 NAG LA . -15.90 36.67 -11.41
C8 NAG LA . -15.23 35.36 -11.07
N2 NAG LA . -16.05 36.92 -12.71
O3 NAG LA . -18.59 36.93 -14.03
O4 NAG LA . -18.86 38.79 -16.20
O5 NAG LA . -16.26 40.35 -14.14
O6 NAG LA . -17.82 42.30 -14.67
O7 NAG LA . -16.28 37.44 -10.55
C1 NAG MA . 1.76 32.36 -14.47
C2 NAG MA . 1.36 30.96 -14.95
C3 NAG MA . 2.42 30.40 -15.91
C4 NAG MA . 2.65 31.37 -17.06
C5 NAG MA . 3.03 32.75 -16.52
C6 NAG MA . 3.16 33.80 -17.60
C7 NAG MA . 0.11 29.25 -13.72
C8 NAG MA . 0.06 28.39 -12.50
N2 NAG MA . 1.17 30.06 -13.84
O3 NAG MA . 1.99 29.15 -16.42
O4 NAG MA . 3.71 30.90 -17.89
O5 NAG MA . 2.00 33.22 -15.62
O6 NAG MA . 1.88 34.22 -18.08
O7 NAG MA . -0.78 29.21 -14.57
C1 NAG NA . 23.91 48.40 20.41
C2 NAG NA . 24.96 49.27 19.72
C3 NAG NA . 25.69 50.14 20.74
C4 NAG NA . 24.71 50.93 21.57
C5 NAG NA . 23.67 50.02 22.20
C6 NAG NA . 22.58 50.76 22.93
C7 NAG NA . 26.06 48.55 17.64
C8 NAG NA . 27.09 47.62 17.04
N2 NAG NA . 25.91 48.45 18.97
O3 NAG NA . 26.59 51.01 20.07
O4 NAG NA . 25.40 51.64 22.60
O5 NAG NA . 23.02 49.23 21.18
O6 NAG NA . 21.42 49.96 23.10
O7 NAG NA . 25.41 49.33 16.96
C1 NAG OA . 29.50 -1.17 -40.62
C2 NAG OA . 30.38 -2.42 -40.54
C3 NAG OA . 31.85 -2.02 -40.66
C4 NAG OA . 32.07 -1.26 -41.97
C5 NAG OA . 31.15 -0.05 -42.00
C6 NAG OA . 31.22 0.72 -43.30
C7 NAG OA . 30.15 -4.45 -39.18
C8 NAG OA . 29.89 -5.00 -37.80
N2 NAG OA . 30.15 -3.12 -39.27
O3 NAG OA . 32.66 -3.19 -40.64
O4 NAG OA . 33.42 -0.82 -42.06
O5 NAG OA . 29.79 -0.48 -41.85
O6 NAG OA . 29.94 1.09 -43.77
O7 NAG OA . 30.33 -5.18 -40.14
C1 NAG PA . 7.68 -0.65 -53.46
C2 NAG PA . 8.13 -0.26 -52.06
C3 NAG PA . 8.17 1.27 -51.95
C4 NAG PA . 9.02 1.89 -53.05
C5 NAG PA . 8.57 1.37 -54.43
C6 NAG PA . 9.50 1.80 -55.54
C7 NAG PA . 7.69 -1.53 -49.99
C8 NAG PA . 9.17 -1.73 -49.87
N2 NAG PA . 7.26 -0.83 -51.05
O3 NAG PA . 8.69 1.63 -50.67
O4 NAG PA . 8.90 3.30 -53.03
O5 NAG PA . 8.56 -0.06 -54.43
O6 NAG PA . 10.58 0.90 -55.69
O7 NAG PA . 6.90 -1.99 -49.16
C1 NAG QA . 94.47 11.81 8.63
C2 NAG QA . 95.40 10.63 8.90
C3 NAG QA . 96.82 11.00 8.47
C4 NAG QA . 96.84 11.46 7.02
C5 NAG QA . 95.83 12.58 6.80
C6 NAG QA . 95.69 12.99 5.35
C7 NAG QA . 94.62 9.24 10.76
C8 NAG QA . 94.69 8.99 12.23
N2 NAG QA . 95.37 10.25 10.30
O3 NAG QA . 97.67 9.86 8.63
O4 NAG QA . 98.15 11.93 6.67
O5 NAG QA . 94.53 12.17 7.24
O6 NAG QA . 94.72 14.00 5.18
O7 NAG QA . 93.92 8.57 10.01
C1 NAG RA . 31.68 -42.96 -13.23
C2 NAG RA . 32.66 -43.46 -12.16
C3 NAG RA . 32.72 -44.99 -12.18
C4 NAG RA . 31.33 -45.59 -12.05
C5 NAG RA . 30.41 -45.03 -13.14
C6 NAG RA . 28.98 -45.49 -13.00
C7 NAG RA . 34.60 -42.18 -11.39
C8 NAG RA . 35.96 -41.67 -11.75
N2 NAG RA . 33.98 -42.90 -12.33
O3 NAG RA . 33.54 -45.44 -11.11
O4 NAG RA . 31.39 -47.00 -12.18
O5 NAG RA . 30.39 -43.60 -13.06
O6 NAG RA . 28.09 -44.38 -12.91
O7 NAG RA . 34.09 -41.96 -10.30
C1 NAG SA . 21.09 -29.43 -46.40
C2 NAG SA . 20.75 -29.86 -47.82
C3 NAG SA . 20.07 -28.72 -48.56
C4 NAG SA . 18.84 -28.24 -47.79
C5 NAG SA . 19.22 -27.90 -46.35
C6 NAG SA . 18.01 -27.58 -45.50
C7 NAG SA . 22.20 -31.60 -48.78
C8 NAG SA . 23.47 -31.89 -49.53
N2 NAG SA . 21.95 -30.31 -48.53
O3 NAG SA . 19.70 -29.16 -49.86
O4 NAG SA . 18.28 -27.10 -48.42
O5 NAG SA . 19.89 -29.00 -45.72
O6 NAG SA . 17.10 -28.67 -45.45
O7 NAG SA . 21.45 -32.49 -48.41
C1 NAG TA . 0.15 -26.97 -35.23
C2 NAG TA . -0.93 -25.89 -35.22
C3 NAG TA . -2.31 -26.55 -35.23
C4 NAG TA . -2.44 -27.53 -36.40
C5 NAG TA . -1.30 -28.54 -36.38
C6 NAG TA . -1.30 -29.45 -37.58
C7 NAG TA . -0.19 -23.84 -34.12
C8 NAG TA . -0.14 -23.07 -32.84
N2 NAG TA . -0.80 -25.02 -34.07
O3 NAG TA . -3.32 -25.54 -35.33
O4 NAG TA . -3.69 -28.21 -36.32
O5 NAG TA . -0.03 -27.85 -36.37
O6 NAG TA . -0.54 -28.90 -38.64
O7 NAG TA . 0.31 -23.40 -35.16
C1 NAG UA . 9.50 -28.43 -19.11
C2 NAG UA . 8.32 -28.05 -18.21
C3 NAG UA . 8.39 -28.84 -16.90
C4 NAG UA . 8.47 -30.33 -17.17
C5 NAG UA . 9.65 -30.63 -18.09
C6 NAG UA . 9.71 -32.08 -18.50
C7 NAG UA . 7.18 -25.89 -18.06
C8 NAG UA . 7.32 -24.42 -17.76
N2 NAG UA . 8.29 -26.62 -17.95
O3 NAG UA . 7.24 -28.54 -16.10
O4 NAG UA . 8.64 -31.04 -15.95
O5 NAG UA . 9.54 -29.86 -19.30
O6 NAG UA . 8.75 -32.39 -19.51
O7 NAG UA . 6.09 -26.38 -18.37
C1 NAG VA . 50.15 -12.12 -25.98
C2 NAG VA . 51.00 -13.39 -25.79
C3 NAG VA . 52.44 -13.13 -26.23
C4 NAG VA . 52.49 -12.59 -27.65
C5 NAG VA . 51.57 -11.36 -27.78
C6 NAG VA . 51.47 -10.86 -29.21
C7 NAG VA . 50.49 -15.03 -24.04
C8 NAG VA . 50.53 -15.33 -22.58
N2 NAG VA . 50.96 -13.83 -24.41
O3 NAG VA . 53.19 -14.34 -26.14
O4 NAG VA . 53.82 -12.23 -28.00
O5 NAG VA . 50.25 -11.69 -27.35
O6 NAG VA . 50.31 -10.07 -29.38
O7 NAG VA . 50.05 -15.83 -24.86
C1 NAG WA . 2.04 -40.48 29.64
C2 NAG WA . 2.14 -40.01 31.08
C3 NAG WA . 3.36 -40.66 31.74
C4 NAG WA . 3.27 -42.17 31.65
C5 NAG WA . 3.14 -42.57 30.18
C6 NAG WA . 2.93 -44.05 29.98
C7 NAG WA . 1.66 -37.83 32.10
C8 NAG WA . 1.86 -36.35 32.01
N2 NAG WA . 2.24 -38.56 31.15
O3 NAG WA . 3.44 -40.26 33.10
O4 NAG WA . 4.44 -42.77 32.19
O5 NAG WA . 1.98 -41.92 29.61
O6 NAG WA . 1.88 -44.33 29.08
O7 NAG WA . 1.01 -38.33 33.00
C1 NAG XA . -20.13 -46.42 18.89
C2 NAG XA . -18.93 -45.55 18.53
C3 NAG XA . -18.15 -46.21 17.39
C4 NAG XA . -17.76 -47.64 17.76
C5 NAG XA . -18.98 -48.44 18.21
C6 NAG XA . -18.63 -49.80 18.75
C7 NAG XA . -18.86 -43.08 18.66
C8 NAG XA . -17.78 -43.23 19.70
N2 NAG XA . -19.36 -44.21 18.15
O3 NAG XA . -16.98 -45.44 17.12
O4 NAG XA . -17.17 -48.28 16.64
O5 NAG XA . -19.67 -47.73 19.27
O6 NAG XA . -18.30 -49.73 20.14
O7 NAG XA . -19.26 -41.98 18.29
C1 NAG YA . 80.01 -20.59 48.10
C2 NAG YA . 80.27 -20.03 49.49
C3 NAG YA . 81.29 -20.91 50.22
C4 NAG YA . 80.83 -22.36 50.24
C5 NAG YA . 80.50 -22.84 48.82
C6 NAG YA . 79.89 -24.22 48.79
C7 NAG YA . 79.93 -17.60 49.57
C8 NAG YA . 80.58 -16.26 49.46
N2 NAG YA . 80.74 -18.65 49.42
O3 NAG YA . 81.46 -20.44 51.55
O4 NAG YA . 81.85 -23.19 50.78
O5 NAG YA . 79.55 -21.96 48.21
O6 NAG YA . 79.57 -24.61 47.47
O7 NAG YA . 78.73 -17.73 49.80
#